data_9QXS
#
_entry.id   9QXS
#
_cell.length_a   1.00
_cell.length_b   1.00
_cell.length_c   1.00
_cell.angle_alpha   90.00
_cell.angle_beta   90.00
_cell.angle_gamma   90.00
#
_symmetry.space_group_name_H-M   'P 1'
#
loop_
_entity.id
_entity.type
_entity.pdbx_description
1 polymer JetB
2 polymer JetA
3 polymer JetC
4 polymer 'Biotinylated circular plasmid DNA (1894-MER)'
5 non-polymer "ADENOSINE-5'-DIPHOSPHATE"
6 non-polymer 'MAGNESIUM ION'
7 non-polymer 'BERYLLIUM TRIFLUORIDE ION'
#
loop_
_entity_poly.entity_id
_entity_poly.type
_entity_poly.pdbx_seq_one_letter_code
_entity_poly.pdbx_strand_id
1 'polypeptide(L)'
;MAGFFDKLINRSVTANAGCEPEPSDEEVTDESVEDSLASSETRTLQKIREATQELLKYGLLEEASKPNLYRIVLSHPEEV
TRILEPLDLDIGIDEIRGLLYVKVRLDETPAQDEWAHPLVRRQRLNLEQSLLVAILRQHFVAWEQESGTGASQAQIAIDD
LLPQLQIYLGDPGSESKERTRLLTLLDQLKGHGLVTSPDAHERIVIRPIIAHLADPINLQALLAWLREQIAQQTSPNDAP
EKDSSEEDVG
;
C,D,H,I
2 'polypeptide(L)'
;GPAAMEENTRQRTENYISAKNQHPAWILLATRRAPLVLSCLKTLFEKSHDGIPLEEAIQSLSSILIEHVSQEQYDINQDN
PFLQASRELREWIKRRLIVERDGRIFATDALEVAITFVESLDNRFMTSTASRLSTVQREIENLETRLNPNPANRVATLRR
RISELERELQEAEAGHIEVLETHQAVEHIRDVYNLASSLRADFRRVEDSWREADRALRQSIIGEQYHRGDIVERLLNDQD
ALLNTPEGRVFDSFQQQLRQSSELKAMSERLRVILSHPSASDALNRLQRHDLRWLVKRLVDESQTVLQARARSERDVRGF
MKTGLAAEHHRVGHLLNEFLNLALKLDWQRQMIRKQEVPLPAVGVAVTGIPAIERLRFKEVDDEAEQTLDLSNHAADLTQ
IGDDFWDAFNGLDREVLIQQTLQLLAKENRPVGLAELAELLPPAHDLETFAVWIGMAREAGIEVIDSQREFAELSDGEGR
RWRFNLPTTGLESQALMDIDWEG
;
E,j
3 'polypeptide(L)'
;MNQVSGLAGKESFILTRIELFNWGGFHGLHQAAIHQDGTAVIGPTGSGKTTLVDALMTLLCANPRYNLASTGGHESDRDL
ISYVRGVSGPGDGGEGQSHIARPGKTVTGIAATLEREGKQVRLGALLWFDSTSSSVTDMKRLWLFSDNPGQTLEHWLNVY
HEGGTRLLRQMEKEAIGLWTYPNKKQYLARLRDFFEVGENAFTLLNRAAGLKQLNSIDEIFRELVLDDHSAFDRAAEVAN
SFDGLTEIHQELETARKQQQSLQPVALSWEKYQKQERQLADWLTLESLLPLWFAQQASHLWREKINLLNARLAEAQTSEE
QLQSQLDLQKKVVSDCMQRYLQVGGANIDELNERIKDWQKTLGSREALARQYQQLTRNLGLPSDLSQPQLEANQHEAEAR
CEQIAVDIKLKQEEAYQKGALSHHITEELRERENERAEIARRPDSNLPAHYQAFRSELAKALNVDESELPFVAELIQVKP
EEAQWRGAIERAVGSNRLRILVAPESAQEALRWVNQRNNRLHVRLLEVKLPHSPARFFDDGFTRKLLWKDHPWREAVKAL
LAESDRHCVDSPEQLHDTPHAMTVQGLMSGKQRFYDKHDQKRLDEDWLTGFDNRDRLNFLAKEIATLQEQVKTANAAFEF
AKGEVGLLQNQAASFQKIEQIDFDSIDVPGAKSQLDALRERLENLTRPDSDASVAKAKLDEAQTIESELDKQLRAANKVT
NVLDTELTLARAAERKAQQTAQQGMKEEERELCASHFPVVTLEQLPDIRDLERQHERGIQHEIERVKAELHRLNIELTKR
MSEAKRVDTGALVEAGADLDDIPVYLQRLQELTEEALPEKLNRFLDYLNRSSDDGVTQLLSHIEHEVLVIEERLNELNET
MFRVDFQPDRYLRLDTKKVVHESLRTLEKAQRQLNAARFVDDNGESHYKALQVLVAQLRDACERNRTLGAKALLDPRFRL
EFAVSVMDRQSGNVIESRTGSQGGSGGEKEIIASYVLTASLSYALCPAGSRYPLFGTIILDEAFSRSSHAVAGRIIAALR
EFGLHAVFITPNKEMRLLRDHTRSAIVVHRRGQNSNMASLSWEELERHYQRRGNAG
;
A,B,F,G
4 'polydeoxyribonucleotide'
;(DA)(DT)(DA)(DT)(DA)(DT)(DA)(DT)(DA)(DT)(DA)(DT)(DA)(DT)(DA)(DT)(DA)(DT)(DA)(DT)
(DA)(DT)(DA)(DT)(DA)(DT)(DA)(DT)(DA)(DT)(DA)(DT)(DA)(DT)(DA)(DT)(DA)(DT)(DA)(DT)
(DA)(DT)(DA)(DT)(DA)(DT)(DA)(DT)(DA)(DT)(DA)(DT)(DA)(DT)(DA)(DT)(DA)(DT)(DA)(DT)
;
P,Q
#
# COMPACT_ATOMS: atom_id res chain seq x y z
N SER A 40 12.98 31.91 80.39
CA SER A 40 13.38 30.60 79.79
C SER A 40 12.66 30.37 78.48
N GLU A 41 11.44 29.83 78.55
CA GLU A 41 10.65 29.57 77.36
C GLU A 41 9.94 30.84 76.92
N THR A 42 10.06 31.18 75.63
CA THR A 42 9.43 32.36 75.07
C THR A 42 8.57 31.94 73.90
N ARG A 43 7.27 32.19 74.00
CA ARG A 43 6.32 31.90 72.93
C ARG A 43 5.98 33.19 72.19
N THR A 44 6.06 33.15 70.87
CA THR A 44 5.58 34.26 70.07
C THR A 44 4.11 34.53 70.41
N LEU A 45 3.72 35.79 70.31
CA LEU A 45 2.37 36.18 70.70
C LEU A 45 1.36 35.29 69.98
N GLN A 46 0.45 34.69 70.75
CA GLN A 46 -0.47 33.70 70.19
C GLN A 46 -1.21 34.26 68.99
N LYS A 47 -1.56 35.54 69.02
CA LYS A 47 -2.22 36.16 67.88
C LYS A 47 -1.34 36.10 66.64
N ILE A 48 -0.05 36.41 66.80
CA ILE A 48 0.87 36.36 65.67
C ILE A 48 1.00 34.93 65.15
N ARG A 49 1.05 33.95 66.05
CA ARG A 49 1.12 32.56 65.60
C ARG A 49 -0.11 32.20 64.77
N GLU A 50 -1.29 32.58 65.26
CA GLU A 50 -2.50 32.28 64.50
C GLU A 50 -2.47 32.94 63.13
N ALA A 51 -2.08 34.21 63.08
CA ALA A 51 -2.08 34.93 61.82
C ALA A 51 -1.10 34.33 60.84
N THR A 52 0.12 34.03 61.28
CA THR A 52 1.12 33.48 60.38
C THR A 52 0.76 32.07 59.95
N GLN A 53 0.15 31.26 60.83
CA GLN A 53 -0.28 29.93 60.42
C GLN A 53 -1.35 30.02 59.35
N GLU A 54 -2.35 30.89 59.51
CA GLU A 54 -3.35 31.05 58.47
C GLU A 54 -2.72 31.54 57.17
N LEU A 55 -1.80 32.50 57.28
CA LEU A 55 -1.16 33.07 56.09
C LEU A 55 -0.39 32.00 55.34
N LEU A 56 0.32 31.13 56.05
CA LEU A 56 1.03 30.04 55.39
C LEU A 56 0.05 29.02 54.81
N LYS A 57 -1.05 28.75 55.51
CA LYS A 57 -2.01 27.76 55.01
C LYS A 57 -2.58 28.19 53.66
N TYR A 58 -3.09 29.41 53.58
CA TYR A 58 -3.74 29.85 52.34
C TYR A 58 -2.77 30.37 51.30
N GLY A 59 -1.61 30.86 51.72
CA GLY A 59 -0.65 31.43 50.80
C GLY A 59 -0.79 32.93 50.61
N LEU A 60 -1.97 33.48 50.93
CA LEU A 60 -2.17 34.92 50.86
C LEU A 60 -3.34 35.28 51.77
N LEU A 61 -3.38 36.55 52.16
CA LEU A 61 -4.34 37.04 53.12
C LEU A 61 -4.85 38.39 52.65
N GLU A 62 -6.05 38.76 53.09
CA GLU A 62 -6.69 39.99 52.63
C GLU A 62 -7.47 40.64 53.77
N GLU A 63 -7.61 41.95 53.68
CA GLU A 63 -8.52 42.66 54.59
C GLU A 63 -9.97 42.51 54.14
N ALA A 64 -10.19 42.16 52.88
CA ALA A 64 -11.55 42.04 52.37
C ALA A 64 -12.24 40.79 52.88
N SER A 65 -11.50 39.83 53.42
CA SER A 65 -12.07 38.59 53.92
C SER A 65 -11.70 38.25 55.34
N LYS A 66 -10.47 38.58 55.77
CA LYS A 66 -9.99 38.23 57.12
C LYS A 66 -9.33 39.46 57.74
N PRO A 67 -10.10 40.53 57.96
CA PRO A 67 -9.48 41.76 58.49
C PRO A 67 -8.78 41.57 59.82
N ASN A 68 -9.36 40.78 60.72
CA ASN A 68 -8.79 40.63 62.05
C ASN A 68 -7.39 40.05 62.01
N LEU A 69 -7.05 39.29 60.96
CA LEU A 69 -5.71 38.74 60.81
C LEU A 69 -4.85 39.63 59.93
N TYR A 70 -5.43 40.27 58.92
CA TYR A 70 -4.67 41.16 58.06
C TYR A 70 -4.08 42.31 58.86
N ARG A 71 -4.89 42.91 59.75
CA ARG A 71 -4.36 43.96 60.60
C ARG A 71 -3.25 43.43 61.51
N ILE A 72 -3.47 42.24 62.09
CA ILE A 72 -2.48 41.69 63.01
C ILE A 72 -1.14 41.52 62.31
N VAL A 73 -1.14 40.99 61.10
CA VAL A 73 0.11 40.83 60.37
C VAL A 73 0.69 42.19 60.00
N LEU A 74 -0.19 43.13 59.60
CA LEU A 74 0.28 44.42 59.13
C LEU A 74 0.85 45.28 60.24
N SER A 75 0.67 44.88 61.51
CA SER A 75 1.21 45.63 62.63
C SER A 75 2.55 45.10 63.12
N HIS A 76 2.96 43.91 62.68
CA HIS A 76 4.19 43.30 63.16
C HIS A 76 4.95 42.67 62.01
N PRO A 77 5.18 43.40 60.92
CA PRO A 77 5.85 42.77 59.75
C PRO A 77 7.23 42.23 60.06
N GLU A 78 7.98 42.85 60.97
CA GLU A 78 9.30 42.32 61.31
C GLU A 78 9.20 40.93 61.90
N GLU A 79 8.26 40.73 62.82
CA GLU A 79 8.12 39.42 63.46
C GLU A 79 7.77 38.35 62.43
N VAL A 80 6.82 38.65 61.55
CA VAL A 80 6.42 37.66 60.55
C VAL A 80 7.56 37.39 59.58
N THR A 81 8.31 38.42 59.20
CA THR A 81 9.43 38.22 58.29
C THR A 81 10.48 37.32 58.90
N ARG A 82 10.79 37.54 60.19
CA ARG A 82 11.82 36.73 60.82
C ARG A 82 11.34 35.31 61.08
N ILE A 83 10.05 35.14 61.38
CA ILE A 83 9.52 33.79 61.54
C ILE A 83 9.56 33.04 60.21
N LEU A 84 9.22 33.70 59.11
CA LEU A 84 9.26 33.08 57.80
C LEU A 84 10.65 33.03 57.21
N GLU A 85 11.62 33.72 57.81
CA GLU A 85 12.96 33.77 57.25
C GLU A 85 13.64 32.41 57.13
N PRO A 86 13.63 31.57 58.16
CA PRO A 86 14.31 30.26 58.03
C PRO A 86 13.81 29.42 56.88
N LEU A 87 12.50 29.44 56.62
CA LEU A 87 11.92 28.59 55.59
C LEU A 87 12.21 29.09 54.18
N ASP A 88 13.00 30.16 54.04
CA ASP A 88 13.20 30.80 52.73
C ASP A 88 11.86 31.26 52.16
N LEU A 89 11.05 31.88 53.01
CA LEU A 89 9.81 32.53 52.63
C LEU A 89 9.77 33.92 53.25
N ASP A 90 9.25 34.89 52.50
CA ASP A 90 9.30 36.27 52.91
C ASP A 90 7.98 36.96 52.54
N ILE A 91 7.51 37.80 53.44
CA ILE A 91 6.24 38.48 53.23
C ILE A 91 6.42 39.56 52.17
N GLY A 92 5.31 39.96 51.57
CA GLY A 92 5.27 41.08 50.67
C GLY A 92 3.95 41.81 50.85
N ILE A 93 4.01 43.09 51.19
CA ILE A 93 2.86 43.82 51.70
C ILE A 93 2.25 44.66 50.59
N ASP A 94 0.95 44.93 50.70
CA ASP A 94 0.21 45.77 49.76
C ASP A 94 -0.86 46.50 50.56
N GLU A 95 -0.55 47.72 51.00
CA GLU A 95 -1.55 48.51 51.72
C GLU A 95 -2.58 49.10 50.78
N ILE A 96 -2.20 49.41 49.53
CA ILE A 96 -3.10 50.09 48.62
C ILE A 96 -4.36 49.25 48.38
N ARG A 97 -4.20 47.94 48.22
CA ARG A 97 -5.31 47.06 47.89
C ARG A 97 -5.79 46.21 49.06
N GLY A 98 -5.00 46.10 50.12
CA GLY A 98 -5.36 45.23 51.22
C GLY A 98 -4.96 43.79 50.99
N LEU A 99 -3.72 43.54 50.58
CA LEU A 99 -3.24 42.22 50.22
C LEU A 99 -1.89 41.94 50.85
N LEU A 100 -1.77 40.76 51.45
CA LEU A 100 -0.50 40.24 51.95
C LEU A 100 -0.26 38.90 51.30
N TYR A 101 0.98 38.62 50.92
CA TYR A 101 1.31 37.36 50.28
C TYR A 101 2.73 36.96 50.63
N VAL A 102 3.00 35.67 50.53
CA VAL A 102 4.32 35.10 50.82
C VAL A 102 4.98 34.72 49.51
N LYS A 103 6.29 34.99 49.42
CA LYS A 103 7.05 34.80 48.20
C LYS A 103 8.39 34.16 48.51
N VAL A 104 8.96 33.49 47.51
CA VAL A 104 10.23 32.80 47.69
C VAL A 104 11.34 33.81 47.95
N ARG A 105 12.44 33.34 48.53
CA ARG A 105 13.65 34.14 48.67
C ARG A 105 14.80 33.44 47.96
N LEU A 106 15.65 34.24 47.31
CA LEU A 106 16.95 33.78 46.83
C LEU A 106 18.10 34.52 47.49
N ASP A 107 17.82 35.45 48.39
CA ASP A 107 18.85 36.28 48.99
C ASP A 107 19.87 35.43 49.75
N GLU A 108 21.14 35.73 49.54
CA GLU A 108 22.25 35.10 50.25
C GLU A 108 22.34 33.60 49.98
N THR A 109 21.60 33.12 48.98
CA THR A 109 21.83 31.80 48.39
C THR A 109 21.37 31.87 46.94
N PRO A 110 21.94 32.80 46.15
CA PRO A 110 21.30 33.18 44.89
C PRO A 110 21.42 32.15 43.78
N ALA A 111 20.88 32.49 42.61
CA ALA A 111 21.04 31.69 41.40
C ALA A 111 20.40 30.30 41.55
N GLN A 112 19.14 30.30 41.96
CA GLN A 112 18.35 29.09 42.06
C GLN A 112 16.95 29.35 41.54
N ASP A 113 16.43 28.41 40.76
CA ASP A 113 15.07 28.53 40.26
C ASP A 113 14.09 28.53 41.42
N GLU A 114 13.12 29.45 41.38
CA GLU A 114 12.20 29.62 42.50
C GLU A 114 11.38 28.36 42.73
N TRP A 115 10.91 27.72 41.67
CA TRP A 115 9.98 26.61 41.81
C TRP A 115 10.65 25.32 42.26
N ALA A 116 11.98 25.23 42.20
CA ALA A 116 12.67 24.07 42.74
C ALA A 116 12.76 24.11 44.26
N HIS A 117 12.41 25.24 44.87
CA HIS A 117 12.33 25.32 46.32
C HIS A 117 11.53 24.12 46.87
N PRO A 118 11.92 23.59 48.02
CA PRO A 118 11.32 22.32 48.45
C PRO A 118 9.86 22.42 48.85
N LEU A 119 9.43 23.53 49.46
CA LEU A 119 8.08 23.61 50.00
C LEU A 119 7.03 24.03 48.98
N VAL A 120 7.42 24.58 47.83
CA VAL A 120 6.45 25.02 46.84
C VAL A 120 5.65 23.81 46.38
N ARG A 121 4.35 23.80 46.68
CA ARG A 121 3.53 22.60 46.53
C ARG A 121 2.82 22.51 45.19
N ARG A 122 2.98 23.49 44.31
CA ARG A 122 2.24 23.53 43.06
C ARG A 122 3.21 23.73 41.89
N GLN A 123 2.73 23.38 40.70
CA GLN A 123 3.59 23.28 39.53
C GLN A 123 3.88 24.64 38.93
N ARG A 124 4.89 24.67 38.07
CA ARG A 124 5.27 25.89 37.36
C ARG A 124 4.19 26.27 36.36
N LEU A 125 3.99 27.58 36.17
CA LEU A 125 2.88 28.04 35.36
C LEU A 125 2.99 27.53 33.92
N ASN A 126 1.84 27.23 33.34
CA ASN A 126 1.76 26.73 31.97
C ASN A 126 1.45 27.87 31.01
N LEU A 127 1.93 27.74 29.77
CA LEU A 127 1.83 28.83 28.80
C LEU A 127 0.38 29.26 28.61
N GLU A 128 -0.50 28.32 28.32
CA GLU A 128 -1.91 28.67 28.12
C GLU A 128 -2.50 29.29 29.38
N GLN A 129 -2.00 28.91 30.56
CA GLN A 129 -2.46 29.55 31.78
C GLN A 129 -1.99 31.00 31.85
N SER A 130 -0.75 31.25 31.42
CA SER A 130 -0.24 32.62 31.44
C SER A 130 -0.97 33.50 30.44
N LEU A 131 -1.45 32.91 29.34
CA LEU A 131 -2.27 33.69 28.40
C LEU A 131 -3.54 34.20 29.07
N LEU A 132 -4.27 33.32 29.75
CA LEU A 132 -5.44 33.74 30.49
C LEU A 132 -5.07 34.71 31.61
N VAL A 133 -3.88 34.54 32.19
CA VAL A 133 -3.42 35.48 33.21
C VAL A 133 -3.26 36.87 32.60
N ALA A 134 -2.70 36.94 31.40
CA ALA A 134 -2.54 38.23 30.73
C ALA A 134 -3.88 38.87 30.44
N ILE A 135 -4.83 38.08 29.95
CA ILE A 135 -6.16 38.65 29.68
C ILE A 135 -6.80 39.15 30.98
N LEU A 136 -6.72 38.36 32.04
CA LEU A 136 -7.27 38.77 33.33
C LEU A 136 -6.61 40.06 33.80
N ARG A 137 -5.29 40.16 33.64
CA ARG A 137 -4.58 41.35 34.08
C ARG A 137 -5.00 42.57 33.27
N GLN A 138 -5.26 42.37 31.97
CA GLN A 138 -5.77 43.47 31.15
C GLN A 138 -7.10 43.96 31.67
N HIS A 139 -8.02 43.05 31.94
CA HIS A 139 -9.31 43.45 32.50
C HIS A 139 -9.13 44.14 33.85
N PHE A 140 -8.20 43.64 34.66
CA PHE A 140 -7.97 44.23 35.97
C PHE A 140 -7.43 45.64 35.88
N VAL A 141 -6.50 45.89 34.96
CA VAL A 141 -5.98 47.24 34.80
C VAL A 141 -7.07 48.18 34.32
N ALA A 142 -7.92 47.69 33.39
CA ALA A 142 -9.03 48.54 32.96
C ALA A 142 -9.93 48.90 34.13
N TRP A 143 -10.35 47.91 34.91
CA TRP A 143 -11.23 48.17 36.05
C TRP A 143 -10.54 49.07 37.07
N GLU A 144 -9.26 48.84 37.33
CA GLU A 144 -8.52 49.58 38.33
C GLU A 144 -8.39 51.06 37.94
N GLN A 145 -8.09 51.33 36.67
CA GLN A 145 -7.97 52.71 36.24
C GLN A 145 -9.34 53.37 36.05
N GLU A 146 -10.41 52.58 35.93
CA GLU A 146 -11.73 53.18 35.89
C GLU A 146 -12.21 53.58 37.28
N SER A 147 -12.11 52.68 38.25
CA SER A 147 -12.59 52.94 39.60
C SER A 147 -11.49 53.41 40.56
N GLY A 148 -10.27 53.56 40.07
CA GLY A 148 -9.18 53.99 40.94
C GLY A 148 -8.66 52.84 41.79
N THR A 149 -7.34 52.79 42.00
CA THR A 149 -6.76 51.78 42.87
C THR A 149 -7.37 51.88 44.26
N GLY A 150 -7.88 50.77 44.77
CA GLY A 150 -8.44 50.79 46.11
C GLY A 150 -9.44 49.66 46.31
N ALA A 151 -10.57 50.02 46.92
CA ALA A 151 -11.52 49.04 47.42
C ALA A 151 -12.39 48.51 46.27
N SER A 152 -13.41 47.74 46.66
CA SER A 152 -14.28 47.05 45.72
C SER A 152 -13.51 45.96 44.99
N GLN A 153 -14.22 45.04 44.34
CA GLN A 153 -13.61 43.89 43.68
C GLN A 153 -13.73 44.06 42.18
N ALA A 154 -12.72 43.58 41.44
CA ALA A 154 -12.74 43.64 40.00
C ALA A 154 -13.43 42.40 39.42
N GLN A 155 -14.72 42.50 39.17
CA GLN A 155 -15.49 41.38 38.67
C GLN A 155 -15.50 41.36 37.14
N ILE A 156 -15.53 40.16 36.58
CA ILE A 156 -15.61 39.96 35.14
C ILE A 156 -16.59 38.82 34.87
N ALA A 157 -17.39 38.97 33.82
CA ALA A 157 -18.36 37.96 33.47
C ALA A 157 -17.72 36.90 32.56
N ILE A 158 -18.11 35.65 32.76
CA ILE A 158 -17.55 34.55 31.98
C ILE A 158 -17.75 34.79 30.50
N ASP A 159 -18.83 35.49 30.13
CA ASP A 159 -19.12 35.71 28.72
C ASP A 159 -17.96 36.43 28.04
N ASP A 160 -17.36 37.41 28.71
CA ASP A 160 -16.33 38.21 28.08
C ASP A 160 -15.04 37.44 27.85
N LEU A 161 -14.84 36.31 28.53
CA LEU A 161 -13.58 35.57 28.40
C LEU A 161 -13.62 34.53 27.29
N LEU A 162 -14.78 33.95 26.99
CA LEU A 162 -14.83 32.97 25.91
C LEU A 162 -14.39 33.56 24.59
N PRO A 163 -14.89 34.72 24.15
CA PRO A 163 -14.38 35.28 22.88
C PRO A 163 -12.89 35.53 22.89
N GLN A 164 -12.34 36.03 24.00
CA GLN A 164 -10.92 36.37 24.02
C GLN A 164 -10.06 35.17 23.70
N LEU A 165 -10.32 34.03 24.34
CA LEU A 165 -9.55 32.82 24.06
C LEU A 165 -9.85 32.28 22.67
N GLN A 166 -11.03 32.55 22.13
CA GLN A 166 -11.41 31.99 20.84
C GLN A 166 -10.39 32.36 19.77
N ILE A 167 -9.72 33.51 19.90
CA ILE A 167 -8.75 33.92 18.91
C ILE A 167 -7.52 33.02 18.95
N TYR A 168 -6.97 32.79 20.15
CA TYR A 168 -5.69 32.10 20.29
C TYR A 168 -5.83 30.59 20.24
N LEU A 169 -6.72 30.02 21.05
CA LEU A 169 -6.79 28.58 21.24
C LEU A 169 -7.58 27.89 20.14
N GLY A 170 -8.13 28.63 19.19
CA GLY A 170 -8.92 28.01 18.14
C GLY A 170 -10.34 27.77 18.57
N ASP A 171 -11.22 27.42 17.63
CA ASP A 171 -12.62 27.20 17.91
C ASP A 171 -12.99 25.76 17.59
N PRO A 172 -13.38 24.94 18.57
CA PRO A 172 -13.82 23.58 18.28
C PRO A 172 -15.29 23.45 17.88
N GLY A 173 -15.97 24.57 17.63
CA GLY A 173 -17.35 24.52 17.20
C GLY A 173 -18.29 23.85 18.18
N SER A 174 -18.07 24.02 19.48
CA SER A 174 -18.94 23.40 20.47
C SER A 174 -18.84 24.25 21.75
N GLU A 175 -19.87 25.06 21.99
CA GLU A 175 -19.83 25.94 23.16
C GLU A 175 -19.60 25.15 24.43
N SER A 176 -20.15 23.93 24.51
CA SER A 176 -19.93 23.11 25.69
C SER A 176 -18.45 22.82 25.90
N LYS A 177 -17.75 22.41 24.84
CA LYS A 177 -16.35 22.04 24.98
C LYS A 177 -15.46 23.22 25.34
N GLU A 178 -15.64 24.37 24.68
CA GLU A 178 -14.80 25.52 25.00
C GLU A 178 -15.16 26.09 26.37
N ARG A 179 -16.42 26.00 26.77
CA ARG A 179 -16.79 26.39 28.13
C ARG A 179 -16.10 25.50 29.15
N THR A 180 -16.08 24.19 28.89
CA THR A 180 -15.36 23.28 29.78
C THR A 180 -13.88 23.63 29.82
N ARG A 181 -13.29 23.96 28.68
CA ARG A 181 -11.87 24.33 28.65
C ARG A 181 -11.61 25.58 29.49
N LEU A 182 -12.45 26.60 29.33
CA LEU A 182 -12.28 27.84 30.08
C LEU A 182 -12.44 27.59 31.57
N LEU A 183 -13.44 26.79 31.96
CA LEU A 183 -13.64 26.51 33.37
C LEU A 183 -12.48 25.70 33.94
N THR A 184 -11.92 24.78 33.15
CA THR A 184 -10.74 24.04 33.61
C THR A 184 -9.57 24.98 33.83
N LEU A 185 -9.35 25.91 32.91
CA LEU A 185 -8.26 26.88 33.09
C LEU A 185 -8.49 27.72 34.34
N LEU A 186 -9.71 28.21 34.54
CA LEU A 186 -9.99 29.01 35.73
C LEU A 186 -9.76 28.20 37.00
N ASP A 187 -10.20 26.94 37.01
CA ASP A 187 -9.98 26.08 38.17
C ASP A 187 -8.49 25.90 38.45
N GLN A 188 -7.71 25.66 37.40
CA GLN A 188 -6.27 25.55 37.58
C GLN A 188 -5.67 26.84 38.11
N LEU A 189 -6.26 27.98 37.76
CA LEU A 189 -5.78 29.25 38.31
C LEU A 189 -6.24 29.45 39.75
N LYS A 190 -7.37 28.84 40.15
CA LYS A 190 -7.76 28.92 41.54
C LYS A 190 -6.75 28.22 42.43
N GLY A 191 -6.04 27.22 41.89
CA GLY A 191 -4.96 26.59 42.63
C GLY A 191 -3.79 27.51 42.88
N HIS A 192 -3.68 28.61 42.12
CA HIS A 192 -2.66 29.63 42.34
C HIS A 192 -3.18 30.81 43.14
N GLY A 193 -4.48 30.88 43.39
CA GLY A 193 -5.04 31.97 44.16
C GLY A 193 -5.22 33.26 43.39
N LEU A 194 -5.43 33.19 42.08
CA LEU A 194 -5.65 34.40 41.29
C LEU A 194 -7.13 34.72 41.11
N VAL A 195 -8.02 33.73 41.21
CA VAL A 195 -9.44 33.94 40.94
C VAL A 195 -10.26 33.01 41.83
N THR A 196 -11.46 33.46 42.17
CA THR A 196 -12.44 32.58 42.79
C THR A 196 -13.10 31.71 41.72
N SER A 197 -13.88 30.73 42.16
CA SER A 197 -14.64 29.92 41.23
C SER A 197 -15.86 30.69 40.75
N PRO A 198 -16.43 30.30 39.61
CA PRO A 198 -17.65 30.96 39.15
C PRO A 198 -18.75 30.85 40.20
N ASP A 199 -19.47 31.95 40.39
CA ASP A 199 -20.58 32.00 41.33
C ASP A 199 -21.89 31.88 40.54
N ALA A 200 -23.02 32.09 41.23
CA ALA A 200 -24.32 31.79 40.63
C ALA A 200 -24.54 32.49 39.30
N HIS A 201 -24.07 33.73 39.14
CA HIS A 201 -24.35 34.49 37.93
C HIS A 201 -23.28 34.29 36.86
N GLU A 202 -22.45 33.27 37.00
CA GLU A 202 -21.35 33.02 36.06
C GLU A 202 -20.40 34.22 36.01
N ARG A 203 -19.96 34.68 37.18
CA ARG A 203 -18.96 35.75 37.29
C ARG A 203 -17.81 35.26 38.17
N ILE A 204 -16.65 35.88 38.00
CA ILE A 204 -15.47 35.52 38.76
C ILE A 204 -14.77 36.78 39.22
N VAL A 205 -14.33 36.77 40.48
CA VAL A 205 -13.58 37.88 41.05
C VAL A 205 -12.11 37.65 40.77
N ILE A 206 -11.44 38.65 40.21
CA ILE A 206 -10.01 38.57 39.97
C ILE A 206 -9.29 39.02 41.23
N ARG A 207 -8.76 38.06 41.99
CA ARG A 207 -8.10 38.39 43.24
C ARG A 207 -6.95 39.37 42.97
N PRO A 208 -6.79 40.40 43.80
CA PRO A 208 -5.81 41.44 43.49
C PRO A 208 -4.37 40.96 43.43
N ILE A 209 -4.07 39.74 43.89
CA ILE A 209 -2.69 39.26 43.84
C ILE A 209 -2.19 39.24 42.40
N ILE A 210 -3.09 39.20 41.43
CA ILE A 210 -2.67 39.16 40.03
C ILE A 210 -1.81 40.35 39.70
N ALA A 211 -2.08 41.50 40.32
CA ALA A 211 -1.29 42.69 40.04
C ALA A 211 0.20 42.45 40.30
N HIS A 212 0.53 41.59 41.26
CA HIS A 212 1.91 41.29 41.59
C HIS A 212 2.47 40.13 40.78
N LEU A 213 1.64 39.18 40.39
CA LEU A 213 2.13 38.03 39.65
C LEU A 213 2.64 38.45 38.28
N ALA A 214 1.99 39.43 37.66
CA ALA A 214 2.36 39.94 36.35
C ALA A 214 2.60 41.44 36.48
N ASP A 215 3.84 41.81 36.81
CA ASP A 215 4.24 43.22 36.91
C ASP A 215 5.38 43.47 35.92
N PRO A 216 5.84 44.71 35.78
CA PRO A 216 6.75 45.02 34.66
C PRO A 216 7.98 44.14 34.56
N ILE A 217 8.65 43.81 35.67
CA ILE A 217 9.89 43.04 35.57
C ILE A 217 9.60 41.64 35.05
N ASN A 218 8.61 40.97 35.64
CA ASN A 218 8.26 39.62 35.24
C ASN A 218 7.75 39.61 33.80
N LEU A 219 6.97 40.61 33.42
CA LEU A 219 6.49 40.69 32.03
C LEU A 219 7.65 40.89 31.06
N GLN A 220 8.64 41.70 31.44
CA GLN A 220 9.81 41.87 30.58
C GLN A 220 10.54 40.56 30.40
N ALA A 221 10.75 39.82 31.49
CA ALA A 221 11.40 38.52 31.37
C ALA A 221 10.58 37.57 30.51
N LEU A 222 9.25 37.56 30.68
CA LEU A 222 8.39 36.69 29.90
C LEU A 222 8.46 37.06 28.42
N LEU A 223 8.46 38.35 28.11
CA LEU A 223 8.55 38.78 26.72
C LEU A 223 9.87 38.34 26.11
N ALA A 224 10.98 38.50 26.85
CA ALA A 224 12.27 38.07 26.34
C ALA A 224 12.25 36.58 26.04
N TRP A 225 11.73 35.79 26.97
CA TRP A 225 11.69 34.34 26.77
C TRP A 225 10.81 33.97 25.58
N LEU A 226 9.67 34.65 25.43
CA LEU A 226 8.78 34.33 24.32
C LEU A 226 9.42 34.70 22.98
N ARG A 227 10.12 35.83 22.94
CA ARG A 227 10.83 36.19 21.71
C ARG A 227 11.92 35.16 21.40
N GLU A 228 12.61 34.67 22.43
CA GLU A 228 13.59 33.62 22.21
C GLU A 228 12.95 32.38 21.63
N GLN A 229 11.79 31.99 22.15
CA GLN A 229 11.09 30.83 21.62
C GLN A 229 10.68 31.05 20.17
N ILE A 230 10.15 32.23 19.86
CA ILE A 230 9.79 32.53 18.48
C ILE A 230 11.01 32.46 17.57
N ALA A 231 12.15 32.98 18.02
CA ALA A 231 13.36 32.89 17.23
C ALA A 231 13.76 31.44 16.99
N GLN A 232 13.67 30.61 18.03
CA GLN A 232 13.93 29.19 17.84
C GLN A 232 13.00 28.60 16.78
N GLN A 233 11.73 29.00 16.80
CA GLN A 233 10.77 28.48 15.84
C GLN A 233 11.16 28.81 14.41
N THR A 234 11.90 29.90 14.18
CA THR A 234 12.29 30.30 12.84
C THR A 234 13.52 29.52 12.38
N SER B 40 22.94 42.57 55.33
CA SER B 40 22.70 43.42 56.53
C SER B 40 22.41 42.55 57.76
N GLU B 41 21.14 42.19 57.94
CA GLU B 41 20.75 41.36 59.07
C GLU B 41 21.30 39.95 58.93
N THR B 42 21.52 39.31 60.08
CA THR B 42 22.00 37.94 60.07
C THR B 42 20.96 37.01 59.44
N ARG B 43 21.46 35.97 58.77
CA ARG B 43 20.61 34.94 58.18
C ARG B 43 20.87 33.62 58.89
N THR B 44 19.80 32.86 59.10
CA THR B 44 19.92 31.55 59.73
C THR B 44 20.85 30.67 58.89
N LEU B 45 21.72 29.93 59.58
CA LEU B 45 22.76 29.18 58.91
C LEU B 45 22.16 28.31 57.81
N GLN B 46 22.95 28.02 56.78
CA GLN B 46 22.43 27.42 55.56
C GLN B 46 21.87 26.02 55.82
N LYS B 47 22.71 25.13 56.33
CA LYS B 47 22.30 23.73 56.46
C LYS B 47 21.12 23.55 57.41
N ILE B 48 20.97 24.41 58.42
CA ILE B 48 19.78 24.31 59.26
C ILE B 48 18.53 24.73 58.50
N ARG B 49 18.63 25.76 57.65
CA ARG B 49 17.50 26.09 56.78
C ARG B 49 17.14 24.90 55.89
N GLU B 50 18.16 24.26 55.33
CA GLU B 50 17.93 23.08 54.50
C GLU B 50 17.24 21.98 55.31
N ALA B 51 17.72 21.74 56.52
CA ALA B 51 17.13 20.70 57.36
C ALA B 51 15.67 21.00 57.66
N THR B 52 15.37 22.23 58.06
CA THR B 52 13.99 22.57 58.40
C THR B 52 13.08 22.42 57.20
N GLN B 53 13.52 22.92 56.04
CA GLN B 53 12.68 22.81 54.85
C GLN B 53 12.44 21.36 54.47
N GLU B 54 13.48 20.54 54.47
CA GLU B 54 13.31 19.13 54.14
C GLU B 54 12.41 18.42 55.15
N LEU B 55 12.58 18.73 56.44
CA LEU B 55 11.82 18.06 57.48
C LEU B 55 10.36 18.45 57.43
N LEU B 56 10.06 19.67 57.00
CA LEU B 56 8.67 20.06 56.77
C LEU B 56 8.13 19.59 55.42
N LYS B 57 9.00 19.18 54.50
CA LYS B 57 8.50 18.58 53.26
C LYS B 57 8.12 17.12 53.47
N TYR B 58 9.00 16.34 54.08
CA TYR B 58 8.74 14.91 54.27
C TYR B 58 8.20 14.54 55.64
N GLY B 59 8.62 15.23 56.69
CA GLY B 59 8.24 14.87 58.04
C GLY B 59 9.12 13.83 58.68
N LEU B 60 10.08 13.27 57.95
CA LEU B 60 10.97 12.25 58.48
C LEU B 60 12.41 12.59 58.11
N LEU B 61 13.31 12.42 59.08
CA LEU B 61 14.74 12.42 58.83
C LEU B 61 15.33 11.16 59.47
N GLU B 62 16.24 10.50 58.76
CA GLU B 62 16.84 9.26 59.23
C GLU B 62 18.34 9.32 59.09
N GLU B 63 19.05 8.93 60.15
CA GLU B 63 20.50 8.81 60.07
C GLU B 63 20.90 7.86 58.95
N ALA B 64 20.07 6.86 58.66
CA ALA B 64 20.39 5.86 57.66
C ALA B 64 20.25 6.37 56.24
N SER B 65 19.64 7.54 56.03
CA SER B 65 19.43 8.06 54.69
C SER B 65 19.81 9.52 54.51
N LYS B 66 20.21 10.23 55.55
CA LYS B 66 20.61 11.62 55.42
C LYS B 66 21.51 11.98 56.60
N PRO B 67 22.63 11.28 56.76
CA PRO B 67 23.39 11.39 58.02
C PRO B 67 23.83 12.79 58.37
N ASN B 68 24.30 13.57 57.38
CA ASN B 68 24.80 14.90 57.69
C ASN B 68 23.70 15.77 58.30
N LEU B 69 22.54 15.81 57.66
CA LEU B 69 21.45 16.67 58.13
C LEU B 69 20.98 16.24 59.52
N TYR B 70 20.88 14.93 59.75
CA TYR B 70 20.49 14.43 61.05
C TYR B 70 21.48 14.87 62.12
N ARG B 71 22.78 14.74 61.82
CA ARG B 71 23.79 15.16 62.78
C ARG B 71 23.69 16.64 63.07
N ILE B 72 23.50 17.47 62.04
CA ILE B 72 23.39 18.91 62.28
C ILE B 72 22.18 19.21 63.15
N VAL B 73 21.04 18.59 62.84
CA VAL B 73 19.82 18.92 63.58
C VAL B 73 19.97 18.50 65.05
N LEU B 74 20.65 17.38 65.30
CA LEU B 74 20.86 16.99 66.69
C LEU B 74 21.94 17.82 67.38
N SER B 75 22.86 18.42 66.61
CA SER B 75 23.89 19.24 67.23
C SER B 75 23.41 20.65 67.56
N HIS B 76 22.25 21.05 67.05
CA HIS B 76 21.64 22.35 67.34
C HIS B 76 20.21 22.14 67.79
N PRO B 77 19.98 21.38 68.86
CA PRO B 77 18.61 21.04 69.24
C PRO B 77 17.76 22.26 69.57
N GLU B 78 18.33 23.31 70.16
CA GLU B 78 17.51 24.45 70.56
C GLU B 78 17.15 25.32 69.37
N GLU B 79 18.07 25.47 68.41
CA GLU B 79 17.81 26.37 67.29
C GLU B 79 16.64 25.89 66.43
N VAL B 80 16.59 24.60 66.12
CA VAL B 80 15.52 24.09 65.28
C VAL B 80 14.19 24.19 66.01
N THR B 81 14.16 23.81 67.29
CA THR B 81 12.92 23.93 68.04
C THR B 81 12.48 25.38 68.19
N ARG B 82 13.42 26.32 68.15
CA ARG B 82 13.06 27.73 68.18
C ARG B 82 12.51 28.20 66.84
N ILE B 83 13.06 27.68 65.74
CA ILE B 83 12.54 28.04 64.42
C ILE B 83 11.15 27.48 64.23
N LEU B 84 10.89 26.27 64.74
CA LEU B 84 9.61 25.62 64.54
C LEU B 84 8.56 26.03 65.56
N GLU B 85 8.97 26.67 66.65
CA GLU B 85 8.02 27.02 67.70
C GLU B 85 6.93 27.98 67.24
N PRO B 86 7.22 29.01 66.42
CA PRO B 86 6.15 29.95 66.05
C PRO B 86 4.99 29.29 65.33
N LEU B 87 5.22 28.20 64.64
CA LEU B 87 4.20 27.53 63.84
C LEU B 87 3.40 26.50 64.65
N ASP B 88 3.64 26.39 65.96
CA ASP B 88 3.08 25.34 66.78
C ASP B 88 3.58 23.96 66.36
N LEU B 89 4.74 23.89 65.74
CA LEU B 89 5.37 22.62 65.39
C LEU B 89 6.60 22.41 66.27
N ASP B 90 6.98 21.14 66.40
CA ASP B 90 8.07 20.76 67.29
C ASP B 90 8.52 19.35 66.93
N ILE B 91 9.81 19.10 67.05
CA ILE B 91 10.40 17.82 66.67
C ILE B 91 10.54 16.93 67.89
N GLY B 92 10.14 15.67 67.75
CA GLY B 92 10.43 14.65 68.75
C GLY B 92 11.55 13.77 68.25
N ILE B 93 12.58 13.63 69.07
CA ILE B 93 13.83 12.97 68.68
C ILE B 93 13.83 11.56 69.24
N ASP B 94 14.09 10.59 68.38
CA ASP B 94 14.17 9.17 68.75
C ASP B 94 15.60 8.73 68.49
N GLU B 95 16.47 8.90 69.50
CA GLU B 95 17.87 8.54 69.33
C GLU B 95 18.04 7.04 69.11
N ILE B 96 17.20 6.21 69.75
CA ILE B 96 17.39 4.77 69.69
C ILE B 96 17.28 4.29 68.25
N ARG B 97 16.28 4.76 67.52
CA ARG B 97 16.11 4.41 66.12
C ARG B 97 16.74 5.40 65.16
N GLY B 98 17.35 6.47 65.66
CA GLY B 98 17.99 7.45 64.80
C GLY B 98 17.01 8.09 63.83
N LEU B 99 15.88 8.55 64.35
CA LEU B 99 14.81 9.12 63.54
C LEU B 99 14.27 10.38 64.18
N LEU B 100 13.94 11.36 63.33
CA LEU B 100 13.23 12.55 63.75
C LEU B 100 11.88 12.61 63.03
N TYR B 101 10.95 13.37 63.60
CA TYR B 101 9.62 13.51 63.02
C TYR B 101 8.96 14.74 63.59
N VAL B 102 8.11 15.38 62.79
CA VAL B 102 7.42 16.59 63.22
C VAL B 102 6.12 16.22 63.89
N LYS B 103 5.92 16.72 65.10
CA LYS B 103 4.72 16.48 65.88
C LYS B 103 4.12 17.82 66.29
N VAL B 104 2.81 17.82 66.47
CA VAL B 104 2.10 19.06 66.82
C VAL B 104 2.44 19.45 68.25
N ARG B 105 2.69 20.73 68.46
CA ARG B 105 3.20 21.26 69.72
C ARG B 105 2.12 21.75 70.67
N LEU B 106 0.84 21.67 70.29
CA LEU B 106 -0.20 22.42 70.99
C LEU B 106 -0.17 22.22 72.50
N ASP B 107 -0.80 23.14 73.23
CA ASP B 107 -0.49 23.41 74.62
C ASP B 107 -0.67 22.20 75.54
N GLU B 108 -0.23 22.35 76.78
CA GLU B 108 -0.26 21.27 77.77
C GLU B 108 -1.69 21.05 78.24
N THR B 109 -2.33 20.01 77.73
CA THR B 109 -3.69 19.60 78.08
C THR B 109 -4.61 20.80 78.31
N PRO B 110 -4.84 21.63 77.28
CA PRO B 110 -5.82 22.72 77.42
C PRO B 110 -7.24 22.18 77.42
N ALA B 111 -8.23 23.08 77.41
CA ALA B 111 -9.62 22.63 77.36
C ALA B 111 -9.90 21.79 76.12
N GLN B 112 -9.09 21.94 75.08
CA GLN B 112 -9.23 21.12 73.87
C GLN B 112 -8.61 19.76 74.12
N ASP B 113 -9.44 18.74 74.30
CA ASP B 113 -8.92 17.39 74.50
C ASP B 113 -8.19 16.90 73.25
N GLU B 114 -8.70 17.24 72.08
CA GLU B 114 -8.09 16.85 70.81
C GLU B 114 -7.53 18.08 70.11
N TRP B 115 -6.28 17.99 69.69
CA TRP B 115 -5.63 19.11 69.02
C TRP B 115 -6.23 19.33 67.63
N ALA B 116 -6.23 20.59 67.20
CA ALA B 116 -6.61 20.95 65.84
C ALA B 116 -5.61 21.98 65.34
N HIS B 117 -5.10 21.77 64.13
CA HIS B 117 -4.03 22.59 63.60
C HIS B 117 -4.37 23.00 62.18
N PRO B 118 -3.94 24.19 61.73
CA PRO B 118 -4.31 24.60 60.37
C PRO B 118 -3.51 23.91 59.28
N LEU B 119 -2.26 23.55 59.54
CA LEU B 119 -1.41 22.91 58.54
C LEU B 119 -1.55 21.40 58.53
N VAL B 120 -1.55 20.77 59.70
CA VAL B 120 -1.60 19.31 59.79
C VAL B 120 -3.02 18.84 59.54
N ARG B 121 -3.32 18.52 58.29
CA ARG B 121 -4.66 18.07 57.90
C ARG B 121 -4.79 16.59 58.23
N ARG B 122 -5.69 16.26 59.16
CA ARG B 122 -5.86 14.88 59.58
C ARG B 122 -6.49 14.04 58.48
N GLN B 123 -5.97 12.83 58.31
CA GLN B 123 -6.41 11.90 57.27
C GLN B 123 -6.75 10.57 57.91
N ARG B 124 -7.80 9.92 57.39
CA ARG B 124 -8.16 8.57 57.79
C ARG B 124 -7.92 7.63 56.60
N LEU B 125 -7.06 6.64 56.80
CA LEU B 125 -6.75 5.68 55.76
C LEU B 125 -7.98 4.84 55.43
N ASN B 126 -8.06 4.40 54.18
CA ASN B 126 -9.12 3.48 53.79
C ASN B 126 -8.79 2.07 54.30
N LEU B 127 -9.75 1.16 54.14
CA LEU B 127 -9.66 -0.14 54.81
C LEU B 127 -8.36 -0.86 54.44
N GLU B 128 -8.08 -0.97 53.14
CA GLU B 128 -6.91 -1.72 52.70
C GLU B 128 -5.63 -1.15 53.29
N GLN B 129 -5.50 0.18 53.26
CA GLN B 129 -4.31 0.81 53.82
C GLN B 129 -4.18 0.51 55.30
N SER B 130 -5.30 0.54 56.02
CA SER B 130 -5.26 0.24 57.45
C SER B 130 -4.77 -1.17 57.71
N LEU B 131 -5.30 -2.15 56.96
CA LEU B 131 -4.88 -3.53 57.17
C LEU B 131 -3.41 -3.71 56.82
N LEU B 132 -2.96 -3.08 55.73
CA LEU B 132 -1.55 -3.21 55.35
C LEU B 132 -0.65 -2.59 56.41
N VAL B 133 -1.03 -1.43 56.94
CA VAL B 133 -0.24 -0.79 57.98
C VAL B 133 -0.21 -1.66 59.22
N ALA B 134 -1.33 -2.31 59.55
CA ALA B 134 -1.34 -3.21 60.70
C ALA B 134 -0.38 -4.37 60.49
N ILE B 135 -0.38 -4.95 59.30
CA ILE B 135 0.52 -6.06 59.00
C ILE B 135 1.97 -5.62 59.17
N LEU B 136 2.32 -4.47 58.60
CA LEU B 136 3.69 -3.98 58.71
C LEU B 136 4.06 -3.69 60.15
N ARG B 137 3.12 -3.10 60.91
CA ARG B 137 3.36 -2.83 62.32
C ARG B 137 3.68 -4.12 63.07
N GLN B 138 2.87 -5.16 62.84
CA GLN B 138 3.12 -6.42 63.53
C GLN B 138 4.46 -7.02 63.13
N HIS B 139 4.82 -6.96 61.84
CA HIS B 139 6.11 -7.50 61.42
C HIS B 139 7.26 -6.75 62.09
N PHE B 140 7.17 -5.42 62.14
CA PHE B 140 8.23 -4.63 62.77
C PHE B 140 8.36 -4.96 64.24
N VAL B 141 7.22 -5.04 64.94
CA VAL B 141 7.26 -5.34 66.38
C VAL B 141 7.84 -6.73 66.62
N ALA B 142 7.43 -7.71 65.80
CA ALA B 142 7.94 -9.06 65.97
C ALA B 142 9.45 -9.11 65.75
N TRP B 143 9.93 -8.44 64.70
CA TRP B 143 11.37 -8.45 64.44
C TRP B 143 12.13 -7.77 65.57
N GLU B 144 11.60 -6.66 66.09
CA GLU B 144 12.24 -6.00 67.21
C GLU B 144 12.24 -6.88 68.45
N GLN B 145 11.22 -7.71 68.62
CA GLN B 145 11.17 -8.60 69.77
C GLN B 145 12.35 -9.57 69.77
N GLU B 146 12.91 -9.87 68.61
CA GLU B 146 14.00 -10.83 68.48
C GLU B 146 15.36 -10.14 68.39
N SER B 147 15.53 -9.26 67.39
CA SER B 147 16.81 -8.60 67.19
C SER B 147 17.01 -7.39 68.09
N GLY B 148 15.96 -6.89 68.73
CA GLY B 148 16.06 -5.77 69.62
C GLY B 148 15.38 -4.53 69.07
N THR B 149 15.43 -3.46 69.86
CA THR B 149 14.88 -2.18 69.45
C THR B 149 15.89 -1.41 68.61
N GLY B 150 15.50 -1.08 67.38
CA GLY B 150 16.38 -0.37 66.48
C GLY B 150 17.26 -1.22 65.61
N ALA B 151 17.17 -2.54 65.72
CA ALA B 151 17.98 -3.41 64.88
C ALA B 151 17.62 -3.21 63.42
N SER B 152 18.63 -3.32 62.55
CA SER B 152 18.40 -3.15 61.12
C SER B 152 17.29 -4.08 60.66
N GLN B 153 16.30 -3.52 59.98
CA GLN B 153 15.10 -4.27 59.66
C GLN B 153 15.37 -5.29 58.54
N ALA B 154 14.92 -6.52 58.77
CA ALA B 154 15.05 -7.54 57.74
C ALA B 154 14.05 -7.30 56.61
N GLN B 155 14.54 -7.38 55.38
CA GLN B 155 13.68 -7.16 54.23
C GLN B 155 12.65 -8.26 54.11
N ILE B 156 11.40 -7.87 53.83
CA ILE B 156 10.30 -8.80 53.66
C ILE B 156 9.91 -8.82 52.19
N ALA B 157 9.84 -10.03 51.63
CA ALA B 157 9.54 -10.17 50.21
C ALA B 157 8.10 -9.78 49.90
N ILE B 158 7.91 -9.21 48.72
CA ILE B 158 6.56 -8.89 48.26
C ILE B 158 5.71 -10.14 48.24
N ASP B 159 6.27 -11.25 47.78
CA ASP B 159 5.54 -12.52 47.78
C ASP B 159 5.04 -12.88 49.16
N ASP B 160 5.82 -12.57 50.21
CA ASP B 160 5.40 -12.91 51.56
C ASP B 160 4.14 -12.18 51.96
N LEU B 161 3.97 -10.93 51.52
CA LEU B 161 2.84 -10.13 51.95
C LEU B 161 1.54 -10.58 51.29
N LEU B 162 1.58 -11.02 50.04
CA LEU B 162 0.35 -11.30 49.31
C LEU B 162 -0.52 -12.34 50.02
N PRO B 163 0.00 -13.48 50.48
CA PRO B 163 -0.85 -14.40 51.23
C PRO B 163 -1.46 -13.76 52.47
N GLN B 164 -0.72 -12.89 53.14
CA GLN B 164 -1.20 -12.30 54.38
C GLN B 164 -2.34 -11.32 54.14
N LEU B 165 -2.29 -10.57 53.03
CA LEU B 165 -3.43 -9.75 52.66
C LEU B 165 -4.59 -10.59 52.15
N GLN B 166 -4.27 -11.74 51.55
CA GLN B 166 -5.31 -12.63 51.05
C GLN B 166 -6.16 -13.19 52.19
N ILE B 167 -5.63 -13.19 53.41
CA ILE B 167 -6.42 -13.69 54.54
C ILE B 167 -7.61 -12.77 54.79
N TYR B 168 -7.42 -11.47 54.64
CA TYR B 168 -8.45 -10.50 54.96
C TYR B 168 -9.17 -9.95 53.73
N LEU B 169 -8.66 -10.20 52.52
CA LEU B 169 -9.22 -9.66 51.30
C LEU B 169 -9.52 -10.72 50.25
N GLY B 170 -9.14 -11.98 50.49
CA GLY B 170 -9.36 -13.01 49.49
C GLY B 170 -8.50 -12.80 48.25
N ASP B 171 -8.96 -13.39 47.15
CA ASP B 171 -8.29 -13.27 45.86
C ASP B 171 -9.12 -12.37 44.96
N PRO B 172 -8.62 -11.20 44.55
CA PRO B 172 -9.46 -10.29 43.74
C PRO B 172 -9.76 -10.79 42.34
N GLY B 173 -9.13 -11.87 41.89
CA GLY B 173 -9.44 -12.43 40.59
C GLY B 173 -8.24 -12.96 39.85
N SER B 174 -7.06 -12.41 40.11
CA SER B 174 -5.86 -12.83 39.42
C SER B 174 -4.64 -12.45 40.24
N GLU B 175 -3.53 -13.16 40.00
CA GLU B 175 -2.28 -12.81 40.66
C GLU B 175 -1.80 -11.44 40.22
N SER B 176 -1.96 -11.12 38.94
CA SER B 176 -1.56 -9.80 38.45
C SER B 176 -2.32 -8.69 39.17
N LYS B 177 -3.63 -8.84 39.33
CA LYS B 177 -4.43 -7.81 39.98
C LYS B 177 -3.99 -7.62 41.43
N GLU B 178 -3.82 -8.72 42.17
CA GLU B 178 -3.43 -8.61 43.57
C GLU B 178 -2.04 -8.01 43.71
N ARG B 179 -1.10 -8.41 42.85
CA ARG B 179 0.25 -7.85 42.94
C ARG B 179 0.25 -6.37 42.60
N THR B 180 -0.54 -5.97 41.60
CA THR B 180 -0.64 -4.55 41.28
C THR B 180 -1.23 -3.77 42.45
N ARG B 181 -2.26 -4.34 43.09
CA ARG B 181 -2.86 -3.70 44.25
C ARG B 181 -1.83 -3.54 45.38
N LEU B 182 -1.07 -4.60 45.64
CA LEU B 182 -0.07 -4.53 46.71
C LEU B 182 1.00 -3.49 46.38
N LEU B 183 1.45 -3.46 45.12
CA LEU B 183 2.48 -2.49 44.75
C LEU B 183 1.97 -1.06 44.86
N THR B 184 0.73 -0.81 44.42
CA THR B 184 0.20 0.54 44.52
C THR B 184 -0.02 0.94 45.98
N LEU B 185 -0.42 0.00 46.83
CA LEU B 185 -0.56 0.33 48.25
C LEU B 185 0.80 0.62 48.88
N LEU B 186 1.82 -0.15 48.51
CA LEU B 186 3.16 0.14 49.03
C LEU B 186 3.65 1.50 48.55
N ASP B 187 3.36 1.85 47.30
CA ASP B 187 3.72 3.18 46.81
C ASP B 187 2.98 4.27 47.56
N GLN B 188 1.69 4.05 47.85
CA GLN B 188 0.92 5.02 48.61
C GLN B 188 1.52 5.21 50.01
N LEU B 189 1.88 4.11 50.65
CA LEU B 189 2.44 4.21 52.00
C LEU B 189 3.82 4.84 51.99
N LYS B 190 4.61 4.61 50.93
CA LYS B 190 5.91 5.26 50.84
C LYS B 190 5.77 6.77 50.93
N GLY B 191 4.64 7.32 50.49
CA GLY B 191 4.43 8.75 50.63
C GLY B 191 4.46 9.20 52.07
N HIS B 192 3.84 8.44 52.97
CA HIS B 192 3.86 8.74 54.39
C HIS B 192 5.19 8.38 55.04
N GLY B 193 6.09 7.72 54.32
CA GLY B 193 7.38 7.37 54.86
C GLY B 193 7.42 6.11 55.69
N LEU B 194 6.38 5.28 55.63
CA LEU B 194 6.37 4.06 56.42
C LEU B 194 7.29 2.99 55.86
N VAL B 195 7.49 2.98 54.53
CA VAL B 195 8.23 1.90 53.88
C VAL B 195 9.13 2.46 52.80
N THR B 196 10.13 1.67 52.43
CA THR B 196 11.00 1.99 51.30
C THR B 196 10.41 1.42 50.01
N SER B 197 10.89 1.93 48.88
CA SER B 197 10.47 1.38 47.61
C SER B 197 11.04 -0.03 47.44
N PRO B 198 10.31 -0.93 46.78
CA PRO B 198 10.84 -2.29 46.60
C PRO B 198 12.13 -2.28 45.78
N ASP B 199 13.05 -3.16 46.17
CA ASP B 199 14.30 -3.31 45.43
C ASP B 199 14.05 -4.11 44.14
N ALA B 200 15.14 -4.34 43.40
CA ALA B 200 15.03 -5.08 42.15
C ALA B 200 14.60 -6.52 42.37
N HIS B 201 14.94 -7.11 43.52
CA HIS B 201 14.51 -8.46 43.86
C HIS B 201 13.11 -8.49 44.45
N GLU B 202 12.42 -7.35 44.51
CA GLU B 202 11.05 -7.27 45.00
C GLU B 202 10.96 -7.65 46.48
N ARG B 203 11.73 -6.94 47.30
CA ARG B 203 11.58 -6.95 48.75
C ARG B 203 11.51 -5.51 49.24
N ILE B 204 11.05 -5.33 50.48
CA ILE B 204 10.85 -4.00 51.03
C ILE B 204 11.40 -3.96 52.46
N VAL B 205 11.68 -2.74 52.92
CA VAL B 205 12.15 -2.49 54.28
C VAL B 205 11.11 -1.66 55.00
N ILE B 206 11.06 -1.77 56.32
CA ILE B 206 10.08 -1.05 57.12
C ILE B 206 10.77 0.14 57.79
N ARG B 207 10.37 1.33 57.41
CA ARG B 207 10.96 2.55 57.95
C ARG B 207 10.70 2.62 59.46
N PRO B 208 11.65 3.16 60.24
CA PRO B 208 11.46 3.21 61.70
C PRO B 208 10.26 4.03 62.12
N ILE B 209 9.73 4.87 61.23
CA ILE B 209 8.65 5.77 61.60
C ILE B 209 7.45 5.01 62.14
N ILE B 210 7.23 3.77 61.67
CA ILE B 210 6.00 3.06 61.98
C ILE B 210 5.80 2.85 63.47
N ALA B 211 6.85 3.02 64.27
CA ALA B 211 6.71 2.80 65.71
C ALA B 211 5.87 3.90 66.36
N HIS B 212 5.93 5.13 65.83
CA HIS B 212 5.29 6.28 66.44
C HIS B 212 3.94 6.62 65.80
N LEU B 213 3.23 5.63 65.29
CA LEU B 213 1.92 5.92 64.73
C LEU B 213 1.01 6.49 65.80
N ALA B 214 -0.13 7.05 65.38
CA ALA B 214 -0.95 7.82 66.29
C ALA B 214 -1.44 6.98 67.46
N ASP B 215 -2.22 5.94 67.19
CA ASP B 215 -2.80 5.08 68.22
C ASP B 215 -2.66 3.64 67.78
N PRO B 216 -1.55 2.98 68.15
CA PRO B 216 -1.32 1.61 67.65
C PRO B 216 -2.36 0.61 68.15
N ILE B 217 -3.13 0.95 69.19
CA ILE B 217 -4.12 0.01 69.70
C ILE B 217 -5.23 -0.21 68.68
N ASN B 218 -5.44 0.74 67.78
CA ASN B 218 -6.45 0.57 66.75
C ASN B 218 -6.08 -0.54 65.77
N LEU B 219 -4.81 -0.64 65.40
CA LEU B 219 -4.40 -1.67 64.45
C LEU B 219 -4.60 -3.06 65.03
N GLN B 220 -4.09 -3.30 66.24
CA GLN B 220 -4.18 -4.63 66.84
C GLN B 220 -5.64 -5.06 66.95
N ALA B 221 -6.50 -4.17 67.45
CA ALA B 221 -7.89 -4.54 67.70
C ALA B 221 -8.61 -4.87 66.40
N LEU B 222 -8.50 -3.99 65.39
CA LEU B 222 -9.19 -4.24 64.12
C LEU B 222 -8.66 -5.50 63.45
N LEU B 223 -7.34 -5.67 63.45
CA LEU B 223 -6.76 -6.84 62.82
C LEU B 223 -7.27 -8.12 63.48
N ALA B 224 -7.22 -8.18 64.81
CA ALA B 224 -7.71 -9.36 65.51
C ALA B 224 -9.19 -9.56 65.28
N TRP B 225 -9.95 -8.46 65.19
CA TRP B 225 -11.39 -8.56 65.01
C TRP B 225 -11.73 -9.20 63.67
N LEU B 226 -11.10 -8.74 62.59
CA LEU B 226 -11.34 -9.36 61.29
C LEU B 226 -10.82 -10.79 61.26
N ARG B 227 -9.66 -11.03 61.87
CA ARG B 227 -9.11 -12.38 61.90
C ARG B 227 -10.06 -13.34 62.59
N GLU B 228 -10.75 -12.88 63.63
CA GLU B 228 -11.72 -13.71 64.32
C GLU B 228 -13.01 -13.85 63.53
N GLN B 229 -13.42 -12.79 62.83
CA GLN B 229 -14.64 -12.87 62.03
C GLN B 229 -14.51 -13.89 60.92
N ILE B 230 -13.34 -13.92 60.26
CA ILE B 230 -13.16 -14.87 59.17
C ILE B 230 -13.23 -16.31 59.69
N ALA B 231 -12.64 -16.56 60.86
CA ALA B 231 -12.76 -17.88 61.47
C ALA B 231 -14.20 -18.20 61.86
N GLN B 232 -14.95 -17.20 62.34
CA GLN B 232 -16.35 -17.43 62.66
C GLN B 232 -17.14 -17.84 61.42
N GLN B 233 -16.94 -17.16 60.30
CA GLN B 233 -17.74 -17.43 59.11
C GLN B 233 -17.34 -18.71 58.40
N THR B 234 -16.04 -19.02 58.34
CA THR B 234 -15.56 -20.17 57.60
C THR B 234 -16.02 -21.47 58.25
N MET C 5 -13.68 38.77 -14.59
CA MET C 5 -12.20 39.01 -14.54
C MET C 5 -11.46 37.88 -15.23
N GLU C 6 -10.56 38.24 -16.15
CA GLU C 6 -9.89 37.25 -16.98
C GLU C 6 -8.92 36.40 -16.17
N GLU C 7 -8.30 36.97 -15.15
CA GLU C 7 -7.40 36.19 -14.29
C GLU C 7 -8.13 35.07 -13.56
N ASN C 8 -9.46 35.01 -13.65
CA ASN C 8 -10.20 33.90 -13.07
C ASN C 8 -9.82 32.58 -13.73
N THR C 9 -9.40 32.62 -15.01
CA THR C 9 -9.10 31.40 -15.73
C THR C 9 -7.96 30.62 -15.09
N ARG C 10 -7.06 31.31 -14.38
CA ARG C 10 -5.96 30.68 -13.67
C ARG C 10 -6.23 30.55 -12.18
N GLN C 11 -6.84 31.57 -11.57
CA GLN C 11 -7.15 31.53 -10.15
C GLN C 11 -8.12 30.40 -9.82
N ARG C 12 -8.90 29.94 -10.80
CA ARG C 12 -9.95 28.97 -10.52
C ARG C 12 -9.36 27.63 -10.10
N THR C 13 -8.31 27.18 -10.78
CA THR C 13 -7.73 25.89 -10.41
C THR C 13 -7.13 25.93 -9.01
N GLU C 14 -6.51 27.03 -8.63
CA GLU C 14 -6.03 27.16 -7.26
C GLU C 14 -7.18 27.15 -6.27
N ASN C 15 -8.26 27.89 -6.58
CA ASN C 15 -9.42 27.90 -5.71
C ASN C 15 -9.96 26.50 -5.49
N TYR C 16 -10.07 25.71 -6.57
CA TYR C 16 -10.60 24.36 -6.43
C TYR C 16 -9.63 23.46 -5.70
N ILE C 17 -8.33 23.54 -6.02
CA ILE C 17 -7.37 22.69 -5.33
C ILE C 17 -7.40 22.97 -3.84
N SER C 18 -7.66 24.21 -3.44
CA SER C 18 -7.80 24.50 -2.02
C SER C 18 -9.10 23.95 -1.46
N ALA C 19 -10.20 24.10 -2.21
CA ALA C 19 -11.50 23.67 -1.72
C ALA C 19 -11.55 22.15 -1.52
N LYS C 20 -11.00 21.40 -2.47
CA LYS C 20 -11.04 19.95 -2.39
C LYS C 20 -10.29 19.43 -1.18
N ASN C 21 -9.44 20.26 -0.57
CA ASN C 21 -8.66 19.85 0.57
C ASN C 21 -9.20 20.40 1.89
N GLN C 22 -10.06 21.40 1.86
CA GLN C 22 -10.45 22.08 3.10
C GLN C 22 -11.94 22.06 3.39
N HIS C 23 -12.78 22.34 2.40
CA HIS C 23 -14.20 22.53 2.69
C HIS C 23 -14.79 21.25 3.27
N PRO C 24 -15.55 21.32 4.37
CA PRO C 24 -16.07 20.08 4.97
C PRO C 24 -16.90 19.26 4.00
N ALA C 25 -17.71 19.89 3.16
CA ALA C 25 -18.59 19.14 2.27
C ALA C 25 -17.78 18.25 1.34
N TRP C 26 -16.79 18.83 0.66
CA TRP C 26 -16.03 18.07 -0.32
C TRP C 26 -15.22 16.96 0.34
N ILE C 27 -14.57 17.26 1.46
CA ILE C 27 -13.83 16.23 2.18
C ILE C 27 -14.76 15.10 2.57
N LEU C 28 -15.97 15.45 3.04
CA LEU C 28 -16.94 14.44 3.44
C LEU C 28 -17.33 13.57 2.25
N LEU C 29 -17.61 14.19 1.11
CA LEU C 29 -18.02 13.41 -0.06
C LEU C 29 -16.89 12.52 -0.56
N ALA C 30 -15.65 12.92 -0.33
CA ALA C 30 -14.52 12.14 -0.82
C ALA C 30 -14.26 10.87 -0.02
N THR C 31 -14.61 10.85 1.26
CA THR C 31 -14.27 9.71 2.10
C THR C 31 -14.92 8.43 1.59
N ARG C 32 -14.52 7.31 2.19
CA ARG C 32 -15.08 6.01 1.87
C ARG C 32 -16.31 5.69 2.71
N ARG C 33 -16.75 6.63 3.55
CA ARG C 33 -17.88 6.43 4.44
C ARG C 33 -19.02 7.42 4.19
N ALA C 34 -18.92 8.23 3.15
CA ALA C 34 -19.86 9.33 2.96
C ALA C 34 -21.33 8.90 2.91
N PRO C 35 -21.71 7.83 2.21
CA PRO C 35 -23.14 7.50 2.13
C PRO C 35 -23.78 7.28 3.50
N LEU C 36 -23.13 6.49 4.37
CA LEU C 36 -23.70 6.22 5.68
C LEU C 36 -23.83 7.49 6.50
N VAL C 37 -22.78 8.32 6.51
CA VAL C 37 -22.82 9.54 7.30
C VAL C 37 -23.93 10.46 6.81
N LEU C 38 -24.03 10.62 5.49
CA LEU C 38 -25.06 11.50 4.95
C LEU C 38 -26.45 10.98 5.23
N SER C 39 -26.68 9.67 5.09
CA SER C 39 -27.99 9.14 5.42
C SER C 39 -28.32 9.38 6.89
N CYS C 40 -27.35 9.12 7.78
CA CYS C 40 -27.59 9.32 9.20
C CYS C 40 -27.95 10.76 9.51
N LEU C 41 -27.15 11.71 9.02
CA LEU C 41 -27.41 13.11 9.32
C LEU C 41 -28.73 13.57 8.73
N LYS C 42 -29.01 13.21 7.47
CA LYS C 42 -30.28 13.59 6.88
C LYS C 42 -31.42 13.07 7.72
N THR C 43 -31.36 11.79 8.10
CA THR C 43 -32.42 11.24 8.94
C THR C 43 -32.56 12.02 10.24
N LEU C 44 -31.43 12.40 10.85
CA LEU C 44 -31.49 13.17 12.09
C LEU C 44 -32.27 14.47 11.88
N PHE C 45 -31.80 15.33 10.99
CA PHE C 45 -32.38 16.66 10.86
C PHE C 45 -33.64 16.68 9.99
N GLU C 46 -33.94 15.57 9.32
CA GLU C 46 -34.99 15.57 8.31
C GLU C 46 -36.36 15.90 8.90
N LYS C 47 -36.69 15.29 10.04
CA LYS C 47 -38.06 15.36 10.54
C LYS C 47 -38.43 16.77 10.98
N SER C 48 -37.51 17.48 11.64
CA SER C 48 -37.82 18.82 12.13
C SER C 48 -36.53 19.61 12.27
N HIS C 49 -36.40 20.67 11.49
CA HIS C 49 -35.22 21.55 11.56
C HIS C 49 -35.56 22.75 12.42
N ASP C 50 -35.18 22.69 13.70
CA ASP C 50 -35.25 23.84 14.58
C ASP C 50 -34.02 23.92 15.48
N GLY C 51 -32.98 23.14 15.20
CA GLY C 51 -31.98 22.82 16.19
C GLY C 51 -32.44 21.60 16.95
N ILE C 52 -31.51 20.77 17.40
CA ILE C 52 -31.84 19.50 18.02
C ILE C 52 -31.22 19.48 19.41
N PRO C 53 -32.00 19.32 20.49
CA PRO C 53 -31.38 19.13 21.80
C PRO C 53 -30.48 17.91 21.79
N LEU C 54 -29.35 18.02 22.50
CA LEU C 54 -28.28 17.04 22.33
C LEU C 54 -28.73 15.65 22.75
N GLU C 55 -29.45 15.53 23.87
CA GLU C 55 -29.86 14.21 24.34
C GLU C 55 -30.83 13.54 23.36
N GLU C 56 -31.80 14.30 22.84
CA GLU C 56 -32.67 13.74 21.83
C GLU C 56 -31.89 13.35 20.57
N ALA C 57 -30.87 14.14 20.21
CA ALA C 57 -30.04 13.79 19.07
C ALA C 57 -29.31 12.47 19.31
N ILE C 58 -28.78 12.28 20.52
CA ILE C 58 -28.13 11.02 20.85
C ILE C 58 -29.13 9.88 20.74
N GLN C 59 -30.32 10.07 21.28
CA GLN C 59 -31.36 9.03 21.20
C GLN C 59 -31.62 8.66 19.74
N SER C 60 -31.89 9.65 18.90
CA SER C 60 -32.25 9.37 17.51
C SER C 60 -31.10 8.72 16.76
N LEU C 61 -29.89 9.23 16.94
CA LEU C 61 -28.74 8.67 16.22
C LEU C 61 -28.45 7.25 16.68
N SER C 62 -28.59 6.97 17.99
CA SER C 62 -28.40 5.62 18.48
C SER C 62 -29.44 4.68 17.92
N SER C 63 -30.70 5.12 17.85
CA SER C 63 -31.73 4.28 17.28
C SER C 63 -31.46 4.00 15.80
N ILE C 64 -30.98 5.01 15.07
CA ILE C 64 -30.73 4.83 13.64
C ILE C 64 -29.57 3.86 13.42
N LEU C 65 -28.49 4.02 14.19
CA LEU C 65 -27.33 3.14 14.01
C LEU C 65 -27.71 1.67 14.16
N ILE C 66 -28.72 1.37 14.98
CA ILE C 66 -29.15 -0.01 15.16
C ILE C 66 -29.62 -0.61 13.85
N GLU C 67 -30.30 0.18 13.02
CA GLU C 67 -30.83 -0.30 11.75
C GLU C 67 -29.76 -0.44 10.68
N HIS C 68 -28.49 -0.37 11.03
CA HIS C 68 -27.39 -0.56 10.09
C HIS C 68 -26.31 -1.49 10.63
N VAL C 69 -26.57 -2.20 11.73
CA VAL C 69 -25.59 -3.13 12.28
C VAL C 69 -25.28 -4.24 11.30
N SER C 70 -26.25 -4.66 10.49
CA SER C 70 -26.01 -5.73 9.53
C SER C 70 -25.04 -5.32 8.43
N GLN C 71 -24.73 -4.03 8.32
CA GLN C 71 -23.74 -3.54 7.35
C GLN C 71 -22.34 -3.76 7.90
N GLU C 72 -21.89 -5.02 7.81
CA GLU C 72 -20.53 -5.35 8.20
C GLU C 72 -19.50 -4.80 7.22
N GLN C 73 -19.94 -4.27 6.08
CA GLN C 73 -19.01 -3.71 5.10
C GLN C 73 -18.25 -2.52 5.65
N TYR C 74 -18.72 -1.93 6.75
CA TYR C 74 -18.03 -0.81 7.41
C TYR C 74 -17.83 -1.07 8.89
N ASP C 75 -17.69 -2.34 9.27
CA ASP C 75 -17.32 -2.74 10.63
C ASP C 75 -18.26 -2.15 11.69
N ILE C 76 -19.55 -2.09 11.41
CA ILE C 76 -20.50 -1.60 12.40
C ILE C 76 -20.71 -2.67 13.45
N ASN C 77 -20.48 -2.32 14.71
CA ASN C 77 -20.51 -3.28 15.81
C ASN C 77 -21.80 -3.14 16.62
N GLN C 78 -21.88 -3.90 17.71
CA GLN C 78 -23.12 -4.06 18.46
C GLN C 78 -22.96 -3.79 19.96
N ASP C 79 -21.75 -3.49 20.44
CA ASP C 79 -21.51 -3.50 21.88
C ASP C 79 -22.41 -2.50 22.61
N ASN C 80 -22.47 -1.26 22.13
CA ASN C 80 -23.22 -0.22 22.84
C ASN C 80 -23.59 0.90 21.88
N PRO C 81 -24.81 0.89 21.34
CA PRO C 81 -25.20 1.97 20.41
C PRO C 81 -25.09 3.37 21.00
N PHE C 82 -25.45 3.54 22.27
CA PHE C 82 -25.42 4.87 22.86
C PHE C 82 -24.00 5.43 22.93
N LEU C 83 -23.03 4.61 23.31
CA LEU C 83 -21.64 5.07 23.34
C LEU C 83 -21.13 5.37 21.94
N GLN C 84 -21.52 4.54 20.96
CA GLN C 84 -21.11 4.81 19.58
C GLN C 84 -21.66 6.14 19.10
N ALA C 85 -22.91 6.45 19.44
CA ALA C 85 -23.46 7.77 19.13
C ALA C 85 -22.67 8.86 19.84
N SER C 86 -22.44 8.69 21.14
CA SER C 86 -21.68 9.68 21.89
C SER C 86 -20.32 9.93 21.26
N ARG C 87 -19.74 8.92 20.61
CA ARG C 87 -18.43 9.07 19.98
C ARG C 87 -18.54 9.81 18.64
N GLU C 88 -19.35 9.29 17.73
CA GLU C 88 -19.33 9.83 16.37
C GLU C 88 -20.12 11.13 16.22
N LEU C 89 -21.13 11.38 17.06
CA LEU C 89 -21.82 12.66 17.00
C LEU C 89 -20.90 13.81 17.39
N ARG C 90 -19.76 13.53 18.02
CA ARG C 90 -18.73 14.53 18.25
C ARG C 90 -17.57 14.41 17.27
N GLU C 91 -17.28 13.20 16.80
CA GLU C 91 -16.35 13.07 15.68
C GLU C 91 -16.77 13.96 14.53
N TRP C 92 -18.07 14.04 14.27
CA TRP C 92 -18.59 14.96 13.26
C TRP C 92 -18.40 16.42 13.67
N ILE C 93 -18.59 16.75 14.94
CA ILE C 93 -18.42 18.13 15.38
C ILE C 93 -17.00 18.60 15.15
N LYS C 94 -16.01 17.76 15.44
CA LYS C 94 -14.63 18.17 15.19
C LYS C 94 -14.32 18.25 13.71
N ARG C 95 -15.17 17.67 12.86
CA ARG C 95 -15.01 17.78 11.42
C ARG C 95 -15.83 18.92 10.83
N ARG C 96 -16.54 19.68 11.66
CA ARG C 96 -17.24 20.90 11.27
C ARG C 96 -18.42 20.64 10.36
N LEU C 97 -18.97 19.42 10.38
CA LEU C 97 -20.25 19.17 9.73
C LEU C 97 -21.40 19.66 10.59
N ILE C 98 -21.31 19.43 11.89
CA ILE C 98 -22.33 19.90 12.83
C ILE C 98 -21.64 20.71 13.92
N VAL C 99 -22.38 21.67 14.48
CA VAL C 99 -21.87 22.53 15.54
C VAL C 99 -22.93 22.66 16.62
N GLU C 100 -22.50 22.54 17.88
CA GLU C 100 -23.39 22.55 19.03
C GLU C 100 -23.26 23.87 19.77
N ARG C 101 -24.38 24.57 19.90
CA ARG C 101 -24.45 25.85 20.58
C ARG C 101 -25.70 25.88 21.44
N ASP C 102 -25.55 26.40 22.66
CA ASP C 102 -26.69 26.56 23.57
C ASP C 102 -27.32 25.21 23.92
N GLY C 103 -26.54 24.13 23.80
CA GLY C 103 -27.02 22.80 24.10
C GLY C 103 -27.65 22.06 22.94
N ARG C 104 -27.86 22.73 21.81
CA ARG C 104 -28.45 22.12 20.63
C ARG C 104 -27.41 22.00 19.52
N ILE C 105 -27.50 20.93 18.75
CA ILE C 105 -26.67 20.82 17.56
C ILE C 105 -27.35 21.53 16.40
N PHE C 106 -26.56 21.80 15.36
CA PHE C 106 -27.08 22.37 14.12
C PHE C 106 -26.25 21.85 12.96
N ALA C 107 -26.77 22.05 11.76
CA ALA C 107 -26.04 21.69 10.55
C ALA C 107 -25.42 22.93 9.94
N THR C 108 -24.09 23.00 9.94
CA THR C 108 -23.42 24.13 9.32
C THR C 108 -23.70 24.14 7.82
N ASP C 109 -23.34 25.25 7.19
CA ASP C 109 -23.55 25.38 5.75
C ASP C 109 -22.80 24.30 4.97
N ALA C 110 -21.62 23.92 5.44
CA ALA C 110 -20.82 22.91 4.78
C ALA C 110 -21.50 21.54 4.78
N LEU C 111 -22.62 21.39 5.47
CA LEU C 111 -23.46 20.21 5.35
C LEU C 111 -24.75 20.49 4.60
N GLU C 112 -25.27 21.72 4.72
CA GLU C 112 -26.41 22.10 3.91
C GLU C 112 -26.12 21.86 2.43
N VAL C 113 -24.96 22.33 1.97
CA VAL C 113 -24.61 22.17 0.56
C VAL C 113 -24.48 20.69 0.21
N ALA C 114 -23.78 19.93 1.05
CA ALA C 114 -23.55 18.53 0.75
C ALA C 114 -24.86 17.76 0.65
N ILE C 115 -25.79 18.01 1.57
CA ILE C 115 -27.07 17.33 1.49
C ILE C 115 -27.88 17.83 0.29
N THR C 116 -27.73 19.10 -0.08
CA THR C 116 -28.35 19.57 -1.30
C THR C 116 -27.80 18.82 -2.50
N PHE C 117 -26.58 18.28 -2.39
CA PHE C 117 -25.96 17.57 -3.50
C PHE C 117 -26.54 16.17 -3.70
N VAL C 118 -26.38 15.29 -2.71
CA VAL C 118 -26.71 13.89 -2.91
C VAL C 118 -28.21 13.72 -3.16
N GLU C 119 -29.04 14.45 -2.44
CA GLU C 119 -30.48 14.36 -2.65
C GLU C 119 -30.87 14.84 -4.03
N SER C 120 -30.08 15.70 -4.66
CA SER C 120 -30.36 16.19 -6.00
C SER C 120 -29.70 15.35 -7.08
N LEU C 121 -29.12 14.20 -6.72
CA LEU C 121 -28.48 13.35 -7.71
C LEU C 121 -29.51 12.75 -8.67
N ASP C 122 -30.59 12.19 -8.13
CA ASP C 122 -31.47 11.32 -8.93
C ASP C 122 -32.86 11.92 -9.13
N ASN C 123 -33.56 12.32 -8.06
CA ASN C 123 -34.98 12.63 -8.15
C ASN C 123 -35.27 14.09 -7.78
N ARG C 124 -34.44 15.02 -8.24
CA ARG C 124 -34.67 16.42 -7.91
C ARG C 124 -35.90 16.95 -8.64
N PHE C 125 -36.61 17.86 -7.99
CA PHE C 125 -37.80 18.45 -8.60
C PHE C 125 -37.42 19.24 -9.84
N MET C 126 -38.31 19.25 -10.82
CA MET C 126 -38.06 19.95 -12.07
C MET C 126 -38.01 21.46 -11.87
N THR C 127 -37.03 22.09 -12.51
CA THR C 127 -36.94 23.53 -12.64
C THR C 127 -37.35 24.03 -14.02
N SER C 128 -37.25 23.16 -15.03
CA SER C 128 -37.63 23.50 -16.41
C SER C 128 -39.11 23.16 -16.58
N THR C 129 -39.96 24.01 -16.01
CA THR C 129 -41.38 23.75 -15.96
C THR C 129 -42.13 25.01 -16.39
N ALA C 130 -43.38 24.82 -16.81
CA ALA C 130 -44.19 25.96 -17.19
C ALA C 130 -44.25 27.00 -16.07
N SER C 131 -44.35 26.54 -14.82
CA SER C 131 -44.49 27.48 -13.72
C SER C 131 -43.28 28.40 -13.61
N ARG C 132 -42.07 27.86 -13.77
CA ARG C 132 -40.88 28.69 -13.69
C ARG C 132 -40.82 29.70 -14.82
N LEU C 133 -41.25 29.30 -16.02
CA LEU C 133 -41.23 30.21 -17.16
C LEU C 133 -42.46 31.10 -17.18
N SER C 134 -43.32 31.02 -16.17
CA SER C 134 -44.25 32.11 -15.90
C SER C 134 -43.73 33.03 -14.79
N THR C 135 -43.07 32.43 -13.79
CA THR C 135 -42.56 33.21 -12.67
C THR C 135 -41.47 34.18 -13.13
N VAL C 136 -40.54 33.69 -13.96
CA VAL C 136 -39.48 34.59 -14.44
C VAL C 136 -40.07 35.65 -15.35
N GLN C 137 -41.07 35.30 -16.16
CA GLN C 137 -41.77 36.30 -16.95
C GLN C 137 -42.25 37.44 -16.07
N ARG C 138 -43.08 37.12 -15.07
CA ARG C 138 -43.66 38.17 -14.24
C ARG C 138 -42.61 38.93 -13.46
N GLU C 139 -41.59 38.22 -12.95
CA GLU C 139 -40.54 38.89 -12.20
C GLU C 139 -39.77 39.86 -13.08
N ILE C 140 -39.48 39.46 -14.32
CA ILE C 140 -38.82 40.35 -15.25
C ILE C 140 -39.67 41.58 -15.49
N GLU C 141 -40.98 41.38 -15.69
CA GLU C 141 -41.88 42.51 -15.84
C GLU C 141 -41.79 43.47 -14.65
N ASN C 142 -41.86 42.93 -13.44
CA ASN C 142 -41.85 43.78 -12.26
C ASN C 142 -40.53 44.53 -12.12
N LEU C 143 -39.41 43.82 -12.32
CA LEU C 143 -38.11 44.47 -12.19
C LEU C 143 -37.96 45.59 -13.21
N GLU C 144 -38.38 45.34 -14.45
CA GLU C 144 -38.29 46.37 -15.47
C GLU C 144 -39.13 47.58 -15.10
N THR C 145 -40.39 47.35 -14.71
CA THR C 145 -41.24 48.47 -14.33
C THR C 145 -40.73 49.21 -13.10
N ARG C 146 -39.91 48.57 -12.26
CA ARG C 146 -39.39 49.23 -11.07
C ARG C 146 -38.07 49.95 -11.29
N LEU C 147 -37.25 49.53 -12.24
CA LEU C 147 -35.93 50.15 -12.39
C LEU C 147 -36.02 51.50 -13.12
N ASN C 148 -36.56 51.51 -14.33
CA ASN C 148 -36.61 52.75 -15.10
C ASN C 148 -37.48 53.76 -14.36
N PRO C 149 -36.96 54.93 -13.97
CA PRO C 149 -37.71 55.80 -13.06
C PRO C 149 -38.67 56.75 -13.74
N ASN C 150 -38.76 56.77 -15.05
CA ASN C 150 -39.61 57.75 -15.73
C ASN C 150 -41.06 57.55 -15.29
N PRO C 151 -41.70 58.58 -14.71
CA PRO C 151 -43.08 58.38 -14.21
C PRO C 151 -44.09 58.13 -15.32
N ALA C 152 -43.89 58.70 -16.51
CA ALA C 152 -44.83 58.46 -17.61
C ALA C 152 -44.90 56.99 -17.95
N ASN C 153 -43.75 56.32 -18.04
CA ASN C 153 -43.74 54.90 -18.31
C ASN C 153 -44.44 54.12 -17.21
N ARG C 154 -44.21 54.50 -15.95
CA ARG C 154 -44.87 53.84 -14.84
C ARG C 154 -46.38 53.96 -14.95
N VAL C 155 -46.89 55.15 -15.20
CA VAL C 155 -48.34 55.32 -15.27
C VAL C 155 -48.90 54.57 -16.46
N ALA C 156 -48.19 54.57 -17.59
CA ALA C 156 -48.67 53.84 -18.76
C ALA C 156 -48.75 52.35 -18.49
N THR C 157 -47.71 51.78 -17.87
CA THR C 157 -47.72 50.34 -17.61
C THR C 157 -48.76 49.99 -16.55
N LEU C 158 -48.94 50.84 -15.55
CA LEU C 158 -49.99 50.61 -14.58
C LEU C 158 -51.36 50.65 -15.24
N ARG C 159 -51.57 51.58 -16.17
CA ARG C 159 -52.85 51.65 -16.87
C ARG C 159 -53.10 50.40 -17.69
N ARG C 160 -52.08 49.94 -18.44
CA ARG C 160 -52.28 48.74 -19.25
C ARG C 160 -52.52 47.52 -18.37
N ARG C 161 -51.79 47.42 -17.26
CA ARG C 161 -51.97 46.29 -16.35
C ARG C 161 -53.36 46.30 -15.74
N ILE C 162 -53.83 47.48 -15.31
CA ILE C 162 -55.15 47.54 -14.67
C ILE C 162 -56.24 47.28 -15.69
N SER C 163 -56.04 47.71 -16.94
CA SER C 163 -57.03 47.39 -17.98
C SER C 163 -57.06 45.90 -18.26
N GLU C 164 -55.89 45.24 -18.28
CA GLU C 164 -55.87 43.80 -18.46
C GLU C 164 -56.59 43.10 -17.31
N LEU C 165 -56.34 43.56 -16.08
CA LEU C 165 -57.02 43.00 -14.93
C LEU C 165 -58.53 43.25 -15.00
N GLU C 166 -58.94 44.40 -15.54
CA GLU C 166 -60.35 44.67 -15.75
C GLU C 166 -60.95 43.70 -16.74
N ARG C 167 -60.22 43.40 -17.82
CA ARG C 167 -60.70 42.39 -18.77
C ARG C 167 -60.86 41.03 -18.08
N GLU C 168 -59.88 40.65 -17.27
CA GLU C 168 -59.99 39.39 -16.54
C GLU C 168 -61.19 39.38 -15.61
N LEU C 169 -61.42 40.50 -14.91
CA LEU C 169 -62.57 40.58 -14.01
C LEU C 169 -63.88 40.50 -14.79
N GLN C 170 -63.96 41.16 -15.94
CA GLN C 170 -65.18 41.10 -16.74
C GLN C 170 -65.45 39.68 -17.20
N GLU C 171 -64.41 38.96 -17.62
CA GLU C 171 -64.61 37.59 -18.06
C GLU C 171 -64.94 36.68 -16.88
N ALA C 172 -64.38 36.96 -15.71
CA ALA C 172 -64.66 36.13 -14.53
C ALA C 172 -66.09 36.32 -14.05
N GLU C 173 -66.58 37.56 -14.03
CA GLU C 173 -67.95 37.81 -13.63
C GLU C 173 -68.94 37.13 -14.57
N ALA C 174 -68.58 36.97 -15.83
CA ALA C 174 -69.44 36.28 -16.80
C ALA C 174 -69.47 34.77 -16.59
N GLY C 175 -68.75 34.26 -15.60
CA GLY C 175 -68.74 32.82 -15.36
C GLY C 175 -67.77 32.04 -16.22
N HIS C 176 -66.81 32.71 -16.85
CA HIS C 176 -65.82 32.02 -17.67
C HIS C 176 -64.66 31.53 -16.81
N ILE C 177 -64.98 30.78 -15.76
CA ILE C 177 -63.95 30.30 -14.85
C ILE C 177 -63.03 29.33 -15.59
N GLU C 178 -61.74 29.39 -15.25
CA GLU C 178 -60.77 28.43 -15.73
C GLU C 178 -59.79 28.14 -14.60
N VAL C 179 -59.57 26.84 -14.32
CA VAL C 179 -58.75 26.40 -13.21
C VAL C 179 -57.77 25.36 -13.69
N LEU C 180 -56.78 25.08 -12.85
CA LEU C 180 -55.74 24.12 -13.20
C LEU C 180 -56.30 22.71 -13.14
N GLU C 181 -55.90 21.87 -14.09
CA GLU C 181 -56.08 20.44 -13.93
C GLU C 181 -55.16 19.94 -12.82
N THR C 182 -55.26 18.64 -12.52
CA THR C 182 -54.27 18.05 -11.62
C THR C 182 -52.90 18.05 -12.26
N HIS C 183 -52.84 17.81 -13.57
CA HIS C 183 -51.58 17.75 -14.29
C HIS C 183 -50.78 19.03 -14.09
N GLN C 184 -51.44 20.18 -13.99
CA GLN C 184 -50.78 21.46 -13.79
C GLN C 184 -50.71 21.87 -12.32
N ALA C 185 -51.69 21.49 -11.52
CA ALA C 185 -51.65 21.80 -10.10
C ALA C 185 -50.46 21.13 -9.44
N VAL C 186 -50.18 19.87 -9.81
CA VAL C 186 -49.01 19.19 -9.28
C VAL C 186 -47.75 20.00 -9.57
N GLU C 187 -47.62 20.47 -10.81
CA GLU C 187 -46.41 21.18 -11.20
C GLU C 187 -46.27 22.51 -10.47
N HIS C 188 -47.37 23.26 -10.37
CA HIS C 188 -47.30 24.54 -9.66
C HIS C 188 -46.98 24.34 -8.19
N ILE C 189 -47.56 23.32 -7.56
CA ILE C 189 -47.25 23.05 -6.16
C ILE C 189 -45.77 22.70 -6.01
N ARG C 190 -45.26 21.86 -6.92
CA ARG C 190 -43.85 21.50 -6.85
C ARG C 190 -42.97 22.74 -6.99
N ASP C 191 -43.33 23.64 -7.92
CA ASP C 191 -42.53 24.84 -8.12
C ASP C 191 -42.54 25.72 -6.88
N VAL C 192 -43.74 26.02 -6.34
CA VAL C 192 -43.82 26.93 -5.20
C VAL C 192 -43.20 26.29 -3.96
N TYR C 193 -43.06 24.96 -3.94
CA TYR C 193 -42.25 24.37 -2.89
C TYR C 193 -40.77 24.58 -3.16
N ASN C 194 -40.35 24.43 -4.43
CA ASN C 194 -38.93 24.52 -4.73
C ASN C 194 -38.42 25.95 -4.59
N LEU C 195 -39.33 26.93 -4.55
CA LEU C 195 -38.92 28.29 -4.23
C LEU C 195 -38.92 28.52 -2.73
N ALA C 196 -40.03 28.18 -2.06
CA ALA C 196 -40.17 28.49 -0.64
C ALA C 196 -39.07 27.83 0.18
N SER C 197 -38.80 26.55 -0.06
CA SER C 197 -37.84 25.82 0.75
C SER C 197 -36.40 26.22 0.46
N SER C 198 -36.19 27.26 -0.35
CA SER C 198 -34.85 27.75 -0.57
C SER C 198 -34.52 28.92 0.35
N LEU C 199 -35.54 29.62 0.85
CA LEU C 199 -35.31 30.74 1.75
C LEU C 199 -34.44 30.34 2.93
N ARG C 200 -34.62 29.13 3.44
CA ARG C 200 -33.98 28.68 4.66
C ARG C 200 -32.51 28.32 4.46
N ALA C 201 -32.01 28.36 3.23
CA ALA C 201 -30.71 27.76 2.93
C ALA C 201 -29.54 28.62 3.39
N ASP C 202 -29.77 29.85 3.86
CA ASP C 202 -28.69 30.81 4.07
C ASP C 202 -28.48 31.23 5.51
N PHE C 203 -29.37 30.87 6.43
CA PHE C 203 -29.20 31.33 7.81
C PHE C 203 -27.90 30.83 8.40
N ARG C 204 -27.53 29.59 8.11
CA ARG C 204 -26.30 29.04 8.69
C ARG C 204 -25.04 29.52 8.01
N ARG C 205 -25.12 30.53 7.13
CA ARG C 205 -23.94 31.16 6.56
C ARG C 205 -23.78 32.61 7.00
N VAL C 206 -24.88 33.30 7.28
CA VAL C 206 -24.79 34.65 7.83
C VAL C 206 -24.02 34.63 9.14
N GLU C 207 -24.31 33.63 9.97
CA GLU C 207 -23.60 33.51 11.25
C GLU C 207 -22.11 33.27 11.03
N ASP C 208 -21.76 32.44 10.05
CA ASP C 208 -20.35 32.23 9.74
C ASP C 208 -19.69 33.52 9.30
N SER C 209 -20.36 34.31 8.46
CA SER C 209 -19.79 35.58 8.01
C SER C 209 -19.57 36.51 9.19
N TRP C 210 -20.55 36.61 10.09
CA TRP C 210 -20.39 37.49 11.25
C TRP C 210 -19.26 37.03 12.15
N ARG C 211 -19.15 35.72 12.40
CA ARG C 211 -18.06 35.23 13.24
C ARG C 211 -16.70 35.51 12.59
N GLU C 212 -16.58 35.32 11.28
CA GLU C 212 -15.33 35.62 10.61
C GLU C 212 -14.99 37.10 10.71
N ALA C 213 -15.99 37.98 10.52
CA ALA C 213 -15.75 39.40 10.67
C ALA C 213 -15.30 39.75 12.07
N ASP C 214 -15.91 39.14 13.08
CA ASP C 214 -15.52 39.41 14.47
C ASP C 214 -14.08 38.98 14.72
N ARG C 215 -13.70 37.80 14.23
CA ARG C 215 -12.32 37.35 14.43
C ARG C 215 -11.35 38.29 13.75
N ALA C 216 -11.66 38.72 12.53
CA ALA C 216 -10.78 39.66 11.84
C ALA C 216 -10.67 40.96 12.62
N LEU C 217 -11.79 41.45 13.13
CA LEU C 217 -11.80 42.70 13.88
C LEU C 217 -10.89 42.60 15.11
N ARG C 218 -11.01 41.51 15.87
CA ARG C 218 -10.21 41.40 17.08
C ARG C 218 -8.73 41.17 16.75
N GLN C 219 -8.44 40.43 15.68
CA GLN C 219 -7.05 40.28 15.29
C GLN C 219 -6.45 41.62 14.89
N SER C 220 -7.22 42.47 14.21
CA SER C 220 -6.74 43.82 13.91
C SER C 220 -6.54 44.63 15.17
N ILE C 221 -7.48 44.53 16.12
CA ILE C 221 -7.37 45.29 17.36
C ILE C 221 -6.09 44.92 18.09
N ILE C 222 -5.75 43.64 18.10
CA ILE C 222 -4.54 43.20 18.79
C ILE C 222 -3.29 43.54 17.98
N GLY C 223 -3.42 43.59 16.65
CA GLY C 223 -2.28 43.96 15.83
C GLY C 223 -1.86 45.41 16.02
N GLU C 224 -2.82 46.31 16.23
CA GLU C 224 -2.54 47.74 16.38
C GLU C 224 -2.00 48.00 17.79
N GLN C 225 -0.69 47.79 17.94
CA GLN C 225 -0.05 47.96 19.23
C GLN C 225 -0.02 49.41 19.68
N TYR C 226 0.08 50.34 18.73
CA TYR C 226 0.35 51.75 19.05
C TYR C 226 -0.80 52.68 18.68
N HIS C 227 -1.86 52.17 18.05
CA HIS C 227 -2.85 53.02 17.40
C HIS C 227 -4.16 53.01 18.18
N ARG C 228 -4.95 54.07 17.98
CA ARG C 228 -6.18 54.28 18.73
C ARG C 228 -7.36 54.53 17.78
N GLY C 229 -7.09 55.10 16.62
CA GLY C 229 -8.18 55.52 15.74
C GLY C 229 -9.10 54.39 15.37
N ASP C 230 -8.53 53.22 15.07
CA ASP C 230 -9.30 52.06 14.62
C ASP C 230 -10.26 51.53 15.69
N ILE C 231 -10.27 52.12 16.88
CA ILE C 231 -11.15 51.68 17.95
C ILE C 231 -12.19 52.75 18.23
N VAL C 232 -11.73 53.98 18.50
CA VAL C 232 -12.65 55.06 18.80
C VAL C 232 -13.53 55.37 17.60
N GLU C 233 -12.98 55.29 16.38
CA GLU C 233 -13.80 55.54 15.21
C GLU C 233 -14.99 54.59 15.17
N ARG C 234 -14.74 53.29 15.36
CA ARG C 234 -15.83 52.32 15.35
C ARG C 234 -16.79 52.56 16.52
N LEU C 235 -16.26 52.79 17.73
CA LEU C 235 -17.12 52.88 18.90
C LEU C 235 -18.02 54.10 18.84
N LEU C 236 -17.45 55.29 18.59
CA LEU C 236 -18.27 56.50 18.56
C LEU C 236 -19.35 56.42 17.50
N ASN C 237 -19.12 55.68 16.41
CA ASN C 237 -20.16 55.40 15.44
C ASN C 237 -21.11 54.37 16.06
N ASP C 238 -22.34 54.78 16.33
CA ASP C 238 -23.30 53.91 16.99
C ASP C 238 -23.75 52.76 16.11
N GLN C 239 -23.39 52.77 14.83
CA GLN C 239 -23.74 51.66 13.95
C GLN C 239 -23.16 50.36 14.48
N ASP C 240 -23.72 49.24 14.03
CA ASP C 240 -23.23 47.93 14.41
C ASP C 240 -21.73 47.84 14.25
N ALA C 241 -21.00 47.70 15.35
CA ALA C 241 -19.54 47.63 15.28
C ALA C 241 -19.07 46.39 14.56
N LEU C 242 -19.89 45.34 14.52
CA LEU C 242 -19.57 44.09 13.83
C LEU C 242 -20.23 44.02 12.46
N LEU C 243 -20.66 45.15 11.91
CA LEU C 243 -21.38 45.13 10.64
C LEU C 243 -20.53 44.45 9.56
N ASN C 244 -21.19 43.57 8.79
CA ASN C 244 -20.56 42.87 7.69
C ASN C 244 -21.55 42.88 6.52
N THR C 245 -21.42 43.90 5.68
CA THR C 245 -22.38 44.17 4.61
C THR C 245 -22.64 42.97 3.70
N PRO C 246 -21.61 42.30 3.17
CA PRO C 246 -21.84 41.35 2.06
C PRO C 246 -22.92 40.31 2.31
N GLU C 247 -23.26 40.01 3.57
CA GLU C 247 -24.41 39.14 3.84
C GLU C 247 -25.35 39.81 4.84
N GLY C 248 -24.78 40.58 5.76
CA GLY C 248 -25.58 41.24 6.76
C GLY C 248 -26.57 42.23 6.20
N ARG C 249 -26.15 43.02 5.20
CA ARG C 249 -27.03 44.04 4.66
C ARG C 249 -28.18 43.43 3.86
N VAL C 250 -27.96 42.25 3.28
CA VAL C 250 -29.05 41.52 2.63
C VAL C 250 -30.00 40.95 3.67
N PHE C 251 -29.44 40.28 4.68
CA PHE C 251 -30.27 39.62 5.67
C PHE C 251 -31.09 40.64 6.46
N ASP C 252 -30.57 41.85 6.64
CA ASP C 252 -31.30 42.86 7.39
C ASP C 252 -32.55 43.32 6.65
N SER C 253 -32.43 43.56 5.34
CA SER C 253 -33.61 43.91 4.56
C SER C 253 -34.58 42.73 4.51
N PHE C 254 -34.06 41.51 4.46
CA PHE C 254 -34.94 40.35 4.53
C PHE C 254 -35.74 40.35 5.83
N GLN C 255 -35.08 40.67 6.94
CA GLN C 255 -35.79 40.76 8.22
C GLN C 255 -36.82 41.88 8.19
N GLN C 256 -36.45 43.05 7.67
CA GLN C 256 -37.41 44.14 7.56
C GLN C 256 -38.61 43.73 6.74
N GLN C 257 -38.45 42.81 5.79
CA GLN C 257 -39.59 42.22 5.11
C GLN C 257 -40.37 41.27 6.01
N LEU C 258 -39.68 40.44 6.80
CA LEU C 258 -40.37 39.46 7.62
C LEU C 258 -41.31 40.10 8.64
N ARG C 259 -40.89 41.21 9.27
CA ARG C 259 -41.65 41.78 10.37
C ARG C 259 -42.89 42.54 9.92
N GLN C 260 -43.24 42.49 8.64
CA GLN C 260 -44.52 43.00 8.16
C GLN C 260 -45.56 41.88 8.29
N SER C 261 -45.99 41.67 9.53
CA SER C 261 -46.80 40.49 9.87
C SER C 261 -48.07 40.40 9.04
N SER C 262 -48.59 41.54 8.58
CA SER C 262 -49.84 41.53 7.84
C SER C 262 -49.75 40.62 6.63
N GLU C 263 -48.64 40.66 5.91
CA GLU C 263 -48.47 39.81 4.74
C GLU C 263 -48.16 38.37 5.14
N LEU C 264 -47.41 38.19 6.24
CA LEU C 264 -47.06 36.84 6.67
C LEU C 264 -48.29 36.03 7.04
N LYS C 265 -49.27 36.68 7.68
CA LYS C 265 -50.49 35.96 8.03
C LYS C 265 -51.21 35.45 6.79
N ALA C 266 -51.31 36.31 5.77
CA ALA C 266 -51.92 35.88 4.51
C ALA C 266 -51.14 34.74 3.88
N MET C 267 -49.81 34.82 3.93
CA MET C 267 -49.00 33.74 3.38
C MET C 267 -49.29 32.42 4.09
N SER C 268 -49.36 32.46 5.43
CA SER C 268 -49.63 31.23 6.17
C SER C 268 -51.01 30.66 5.84
N GLU C 269 -52.03 31.52 5.78
CA GLU C 269 -53.37 31.03 5.45
C GLU C 269 -53.41 30.43 4.05
N ARG C 270 -52.73 31.08 3.09
CA ARG C 270 -52.67 30.53 1.74
C ARG C 270 -51.96 29.18 1.74
N LEU C 271 -50.89 29.06 2.50
CA LEU C 271 -50.19 27.78 2.59
C LEU C 271 -51.13 26.69 3.08
N ARG C 272 -51.86 26.97 4.17
CA ARG C 272 -52.80 25.99 4.70
C ARG C 272 -53.83 25.60 3.64
N VAL C 273 -54.43 26.60 2.98
CA VAL C 273 -55.49 26.31 2.03
C VAL C 273 -54.96 25.48 0.86
N ILE C 274 -53.79 25.84 0.34
CA ILE C 274 -53.21 25.09 -0.76
C ILE C 274 -52.92 23.66 -0.34
N LEU C 275 -52.36 23.48 0.85
CA LEU C 275 -52.06 22.12 1.30
C LEU C 275 -53.32 21.31 1.52
N SER C 276 -54.45 21.94 1.80
CA SER C 276 -55.69 21.19 1.96
C SER C 276 -56.20 20.61 0.65
N HIS C 277 -55.77 21.15 -0.49
CA HIS C 277 -56.34 20.75 -1.77
C HIS C 277 -56.00 19.29 -2.07
N PRO C 278 -56.88 18.56 -2.75
CA PRO C 278 -56.60 17.13 -3.01
C PRO C 278 -55.31 16.87 -3.77
N SER C 279 -54.98 17.68 -4.78
CA SER C 279 -53.83 17.38 -5.63
C SER C 279 -52.51 17.52 -4.88
N ALA C 280 -52.51 18.26 -3.77
CA ALA C 280 -51.27 18.47 -3.03
C ALA C 280 -50.69 17.14 -2.56
N SER C 281 -51.53 16.26 -2.04
CA SER C 281 -51.04 15.00 -1.49
C SER C 281 -50.26 14.18 -2.51
N ASP C 282 -50.53 14.34 -3.80
CA ASP C 282 -49.83 13.60 -4.82
C ASP C 282 -48.56 14.30 -5.31
N ALA C 283 -48.50 15.63 -5.20
CA ALA C 283 -47.33 16.36 -5.68
C ALA C 283 -46.15 16.24 -4.72
N LEU C 284 -46.42 16.20 -3.42
CA LEU C 284 -45.39 16.23 -2.40
C LEU C 284 -45.63 15.12 -1.40
N ASN C 285 -44.56 14.40 -1.04
CA ASN C 285 -44.68 13.34 -0.04
C ASN C 285 -44.93 13.95 1.34
N ARG C 286 -45.04 13.09 2.35
CA ARG C 286 -45.44 13.53 3.67
C ARG C 286 -44.44 14.53 4.26
N LEU C 287 -43.14 14.20 4.15
CA LEU C 287 -42.12 15.06 4.75
C LEU C 287 -42.13 16.45 4.14
N GLN C 288 -42.21 16.53 2.81
CA GLN C 288 -42.25 17.83 2.16
C GLN C 288 -43.49 18.60 2.56
N ARG C 289 -44.63 17.93 2.67
CA ARG C 289 -45.84 18.61 3.11
C ARG C 289 -45.66 19.18 4.52
N HIS C 290 -45.08 18.39 5.43
CA HIS C 290 -44.85 18.89 6.78
C HIS C 290 -43.92 20.10 6.75
N ASP C 291 -42.80 19.99 6.03
CA ASP C 291 -41.84 21.09 5.99
C ASP C 291 -42.50 22.36 5.46
N LEU C 292 -43.17 22.25 4.31
CA LEU C 292 -43.80 23.42 3.72
C LEU C 292 -44.99 23.92 4.54
N ARG C 293 -45.51 23.10 5.46
CA ARG C 293 -46.63 23.54 6.28
C ARG C 293 -46.16 24.48 7.38
N TRP C 294 -44.99 24.24 7.94
CA TRP C 294 -44.48 25.00 9.07
C TRP C 294 -43.51 26.10 8.66
N LEU C 295 -43.59 26.59 7.42
CA LEU C 295 -42.56 27.49 6.92
C LEU C 295 -42.43 28.74 7.77
N VAL C 296 -43.54 29.49 7.91
CA VAL C 296 -43.44 30.80 8.55
C VAL C 296 -42.93 30.67 9.97
N LYS C 297 -43.44 29.68 10.71
CA LYS C 297 -43.04 29.53 12.11
C LYS C 297 -41.54 29.31 12.22
N ARG C 298 -41.00 28.34 11.47
CA ARG C 298 -39.58 28.04 11.60
C ARG C 298 -38.71 29.16 11.02
N LEU C 299 -39.20 29.87 10.00
CA LEU C 299 -38.47 31.05 9.54
C LEU C 299 -38.34 32.08 10.64
N VAL C 300 -39.45 32.40 11.31
CA VAL C 300 -39.38 33.43 12.35
C VAL C 300 -38.52 32.96 13.50
N ASP C 301 -38.63 31.68 13.89
CA ASP C 301 -37.80 31.17 14.97
C ASP C 301 -36.32 31.24 14.62
N GLU C 302 -35.95 30.84 13.41
CA GLU C 302 -34.54 30.87 13.03
C GLU C 302 -34.05 32.31 12.90
N SER C 303 -34.91 33.22 12.47
CA SER C 303 -34.54 34.63 12.44
C SER C 303 -34.25 35.14 13.85
N GLN C 304 -35.11 34.81 14.80
CA GLN C 304 -34.88 35.26 16.18
C GLN C 304 -33.75 34.53 16.83
N THR C 305 -33.27 33.43 16.28
CA THR C 305 -32.03 32.82 16.74
C THR C 305 -30.80 33.47 16.13
N VAL C 306 -30.83 33.80 14.83
CA VAL C 306 -29.69 34.46 14.21
C VAL C 306 -29.49 35.86 14.78
N LEU C 307 -30.58 36.60 14.95
CA LEU C 307 -30.47 37.93 15.54
C LEU C 307 -29.98 37.86 16.97
N GLN C 308 -30.38 36.84 17.73
CA GLN C 308 -29.83 36.65 19.07
C GLN C 308 -28.34 36.36 19.02
N ALA C 309 -27.90 35.55 18.05
CA ALA C 309 -26.48 35.28 17.90
C ALA C 309 -25.71 36.57 17.66
N ARG C 310 -26.22 37.42 16.78
CA ARG C 310 -25.54 38.70 16.56
C ARG C 310 -25.62 39.59 17.80
N ALA C 311 -26.73 39.54 18.53
CA ALA C 311 -26.83 40.35 19.73
C ALA C 311 -25.74 39.99 20.73
N ARG C 312 -25.47 38.69 20.88
CA ARG C 312 -24.37 38.28 21.74
C ARG C 312 -23.02 38.70 21.17
N SER C 313 -22.81 38.43 19.87
CA SER C 313 -21.51 38.69 19.26
C SER C 313 -21.14 40.16 19.31
N GLU C 314 -22.09 41.05 19.02
CA GLU C 314 -21.82 42.48 19.02
C GLU C 314 -21.62 43.01 20.43
N ARG C 315 -22.45 42.55 21.38
CA ARG C 315 -22.31 43.03 22.74
C ARG C 315 -20.97 42.59 23.35
N ASP C 316 -20.45 41.45 22.92
CA ASP C 316 -19.21 40.95 23.50
C ASP C 316 -17.97 41.46 22.77
N VAL C 317 -18.11 42.27 21.73
CA VAL C 317 -17.00 42.98 21.13
C VAL C 317 -17.05 44.47 21.45
N ARG C 318 -18.25 45.04 21.55
CA ARG C 318 -18.38 46.42 22.01
C ARG C 318 -17.86 46.56 23.44
N GLY C 319 -17.82 45.46 24.18
CA GLY C 319 -17.24 45.46 25.51
C GLY C 319 -15.74 45.27 25.48
N PHE C 320 -15.27 44.36 24.62
CA PHE C 320 -13.84 44.10 24.55
C PHE C 320 -13.06 45.34 24.15
N MET C 321 -13.61 46.14 23.24
CA MET C 321 -12.88 47.32 22.78
C MET C 321 -12.84 48.43 23.82
N LYS C 322 -13.82 48.50 24.72
CA LYS C 322 -13.70 49.44 25.82
C LYS C 322 -12.47 49.14 26.65
N THR C 323 -12.23 47.87 26.97
CA THR C 323 -10.92 47.45 27.43
C THR C 323 -9.93 47.54 26.28
N GLY C 324 -8.66 47.72 26.62
CA GLY C 324 -7.65 47.98 25.61
C GLY C 324 -7.46 49.47 25.42
N LEU C 325 -8.55 50.20 25.24
CA LEU C 325 -8.48 51.66 25.26
C LEU C 325 -7.97 52.16 26.61
N ALA C 326 -8.49 51.59 27.70
CA ALA C 326 -8.09 52.01 29.03
C ALA C 326 -6.68 51.59 29.40
N ALA C 327 -6.06 50.69 28.62
CA ALA C 327 -4.74 50.17 28.94
C ALA C 327 -3.70 50.42 27.87
N GLU C 328 -3.98 51.25 26.86
CA GLU C 328 -3.00 51.47 25.80
C GLU C 328 -1.78 52.21 26.31
N HIS C 329 -1.98 53.20 27.19
CA HIS C 329 -0.90 54.06 27.65
C HIS C 329 -0.40 53.70 29.04
N HIS C 330 -1.09 52.81 29.75
CA HIS C 330 -0.60 52.32 31.03
C HIS C 330 0.54 51.32 30.79
N ARG C 331 1.59 51.42 31.60
CA ARG C 331 2.83 50.70 31.30
C ARG C 331 2.58 49.20 31.21
N VAL C 332 1.98 48.62 32.26
CA VAL C 332 1.74 47.19 32.25
C VAL C 332 0.78 46.81 31.13
N GLY C 333 -0.19 47.68 30.83
CA GLY C 333 -1.05 47.44 29.69
C GLY C 333 -0.28 47.38 28.39
N HIS C 334 0.73 48.25 28.24
CA HIS C 334 1.52 48.25 27.03
C HIS C 334 2.32 46.97 26.88
N LEU C 335 2.99 46.55 27.96
CA LEU C 335 3.71 45.28 27.91
C LEU C 335 2.75 44.12 27.65
N LEU C 336 1.55 44.17 28.22
CA LEU C 336 0.58 43.10 28.02
C LEU C 336 0.13 43.04 26.58
N ASN C 337 -0.12 44.18 25.95
CA ASN C 337 -0.50 44.20 24.54
C ASN C 337 0.64 43.65 23.69
N GLU C 338 1.88 44.02 24.00
CA GLU C 338 3.01 43.45 23.28
C GLU C 338 3.01 41.92 23.39
N PHE C 339 2.85 41.41 24.60
CA PHE C 339 2.85 39.96 24.78
C PHE C 339 1.71 39.30 24.02
N LEU C 340 0.51 39.87 24.12
CA LEU C 340 -0.65 39.30 23.43
C LEU C 340 -0.39 39.25 21.93
N ASN C 341 0.13 40.33 21.36
CA ASN C 341 0.46 40.33 19.95
C ASN C 341 1.47 39.23 19.61
N LEU C 342 2.52 39.09 20.43
CA LEU C 342 3.50 38.05 20.16
C LEU C 342 2.90 36.66 20.28
N ALA C 343 1.78 36.52 20.98
CA ALA C 343 1.19 35.20 21.18
C ALA C 343 0.68 34.59 19.89
N LEU C 344 0.10 35.40 19.00
CA LEU C 344 -0.59 34.87 17.84
C LEU C 344 0.32 33.98 16.98
N LYS C 345 1.59 34.36 16.83
CA LYS C 345 2.49 33.60 15.96
C LYS C 345 2.57 32.13 16.35
N LEU C 346 2.47 31.82 17.65
CA LEU C 346 2.61 30.45 18.10
C LEU C 346 1.54 29.55 17.46
N ASP C 347 1.79 28.25 17.54
CA ASP C 347 0.87 27.24 17.00
C ASP C 347 0.20 26.53 18.16
N TRP C 348 -0.96 27.06 18.56
CA TRP C 348 -1.64 26.57 19.75
C TRP C 348 -2.25 25.18 19.56
N GLN C 349 -2.56 24.78 18.33
CA GLN C 349 -3.22 23.50 18.12
C GLN C 349 -2.41 22.35 18.68
N ARG C 350 -1.09 22.45 18.67
CA ARG C 350 -0.22 21.39 19.19
C ARG C 350 -0.24 21.44 20.70
N GLN C 351 -0.72 20.37 21.33
CA GLN C 351 -0.83 20.35 22.78
C GLN C 351 0.50 20.62 23.45
N MET C 352 1.61 20.21 22.82
CA MET C 352 2.92 20.36 23.46
C MET C 352 3.31 21.82 23.58
N ILE C 353 3.00 22.64 22.58
CA ILE C 353 3.40 24.04 22.61
C ILE C 353 2.66 24.80 23.70
N ARG C 354 1.38 24.46 23.92
CA ARG C 354 0.63 25.08 25.01
C ARG C 354 0.71 24.28 26.29
N LYS C 355 1.75 23.46 26.44
CA LYS C 355 2.11 22.87 27.73
C LYS C 355 3.54 23.21 28.12
N GLN C 356 4.13 24.23 27.51
CA GLN C 356 5.40 24.75 27.99
C GLN C 356 5.22 25.37 29.37
N GLU C 357 6.32 25.84 29.95
CA GLU C 357 6.33 26.35 31.31
C GLU C 357 7.03 27.71 31.32
N VAL C 358 6.25 28.77 31.41
CA VAL C 358 6.76 30.14 31.29
C VAL C 358 7.61 30.47 32.53
N PRO C 359 8.56 31.39 32.43
CA PRO C 359 9.39 31.72 33.60
C PRO C 359 8.78 32.79 34.48
N LEU C 360 7.50 32.64 34.83
CA LEU C 360 6.88 33.58 35.77
C LEU C 360 7.26 33.21 37.20
N PRO C 361 7.28 34.18 38.10
CA PRO C 361 7.70 33.90 39.48
C PRO C 361 6.64 33.12 40.25
N ALA C 362 7.02 32.72 41.45
CA ALA C 362 6.11 32.07 42.38
C ALA C 362 5.69 33.08 43.44
N VAL C 363 4.38 33.32 43.54
CA VAL C 363 3.83 34.19 44.57
C VAL C 363 2.65 33.48 45.21
N GLY C 364 2.32 33.88 46.43
CA GLY C 364 1.26 33.21 47.16
C GLY C 364 1.56 31.74 47.38
N VAL C 365 2.83 31.37 47.48
CA VAL C 365 3.21 29.98 47.72
C VAL C 365 2.62 29.53 49.05
N ALA C 366 1.87 28.44 49.02
CA ALA C 366 1.17 27.97 50.21
C ALA C 366 1.87 26.74 50.78
N VAL C 367 2.15 26.78 52.07
CA VAL C 367 2.73 25.64 52.78
C VAL C 367 1.60 24.96 53.55
N THR C 368 1.28 23.74 53.16
CA THR C 368 0.22 22.99 53.83
C THR C 368 0.49 21.50 53.62
N GLY C 369 -0.19 20.70 54.42
CA GLY C 369 -0.01 19.26 54.34
C GLY C 369 1.29 18.78 54.97
N ILE C 370 1.83 19.53 55.92
CA ILE C 370 2.99 19.07 56.68
C ILE C 370 2.70 17.63 57.09
N PRO C 371 3.43 16.64 56.58
CA PRO C 371 3.09 15.23 56.84
C PRO C 371 3.56 14.70 58.19
N ALA C 372 3.12 15.37 59.25
CA ALA C 372 3.37 14.87 60.60
C ALA C 372 2.78 13.46 60.72
N ILE C 373 3.56 12.54 61.26
CA ILE C 373 3.13 11.15 61.34
C ILE C 373 1.92 11.02 62.27
N GLU C 374 1.86 11.84 63.31
CA GLU C 374 0.76 11.77 64.26
C GLU C 374 -0.60 12.04 63.62
N ARG C 375 -0.63 12.69 62.47
CA ARG C 375 -1.90 13.14 61.91
C ARG C 375 -2.75 11.99 61.39
N LEU C 376 -2.20 10.80 61.27
CA LEU C 376 -2.94 9.70 60.65
C LEU C 376 -4.00 9.14 61.57
N ARG C 377 -5.04 8.56 60.97
CA ARG C 377 -6.04 7.78 61.67
C ARG C 377 -6.40 6.59 60.81
N PHE C 378 -6.94 5.56 61.45
CA PHE C 378 -7.16 4.27 60.79
C PHE C 378 -8.64 4.04 60.50
N LYS C 379 -8.90 3.01 59.70
CA LYS C 379 -10.26 2.78 59.20
C LYS C 379 -11.18 2.34 60.32
N GLU C 380 -12.43 2.79 60.27
CA GLU C 380 -13.45 2.43 61.24
C GLU C 380 -14.42 1.47 60.56
N VAL C 381 -14.19 0.17 60.76
CA VAL C 381 -15.04 -0.85 60.16
C VAL C 381 -16.25 -1.07 61.05
N ASP C 382 -17.45 -0.89 60.48
CA ASP C 382 -18.67 -1.01 61.25
C ASP C 382 -18.91 -2.46 61.66
N ASP C 383 -19.48 -2.63 62.86
CA ASP C 383 -19.90 -3.93 63.36
C ASP C 383 -21.41 -3.92 63.47
N GLU C 384 -22.07 -4.93 62.89
CA GLU C 384 -23.51 -4.96 62.78
C GLU C 384 -24.12 -6.34 62.98
N ALA C 385 -23.35 -7.31 63.46
CA ALA C 385 -23.85 -8.69 63.51
C ALA C 385 -24.96 -8.87 64.53
N GLU C 386 -24.84 -8.29 65.72
CA GLU C 386 -25.78 -8.58 66.79
C GLU C 386 -25.77 -7.44 67.79
N GLN C 387 -26.67 -7.53 68.77
CA GLN C 387 -26.83 -6.53 69.81
C GLN C 387 -26.73 -7.20 71.18
N THR C 388 -26.07 -6.51 72.12
CA THR C 388 -25.91 -7.02 73.48
C THR C 388 -27.01 -6.46 74.38
N LEU C 389 -28.24 -6.93 74.11
CA LEU C 389 -29.39 -6.48 74.89
C LEU C 389 -29.30 -6.90 76.35
N ASP C 390 -28.54 -7.97 76.65
CA ASP C 390 -28.52 -8.57 77.98
C ASP C 390 -28.22 -7.54 79.07
N LEU C 391 -29.12 -7.43 80.05
CA LEU C 391 -28.92 -6.59 81.22
C LEU C 391 -29.38 -7.31 82.49
N SER C 392 -29.02 -8.59 82.62
CA SER C 392 -29.44 -9.37 83.78
C SER C 392 -29.03 -8.69 85.07
N ASN C 393 -29.76 -8.99 86.15
CA ASN C 393 -29.51 -8.36 87.44
C ASN C 393 -28.22 -8.85 88.09
N HIS C 394 -27.59 -9.89 87.55
CA HIS C 394 -26.41 -10.50 88.18
C HIS C 394 -26.71 -10.91 89.61
N ALA C 395 -27.66 -11.84 89.75
CA ALA C 395 -27.99 -12.39 91.07
C ALA C 395 -26.89 -13.28 91.61
N ALA C 396 -25.88 -13.60 90.81
CA ALA C 396 -24.76 -14.42 91.27
C ALA C 396 -23.86 -13.68 92.27
N ASP C 397 -24.23 -12.47 92.69
CA ASP C 397 -23.45 -11.69 93.63
C ASP C 397 -23.59 -12.17 95.08
N LEU C 398 -24.16 -13.35 95.32
CA LEU C 398 -24.25 -13.87 96.68
C LEU C 398 -22.86 -14.02 97.28
N THR C 399 -22.73 -13.66 98.56
CA THR C 399 -21.44 -13.61 99.21
C THR C 399 -20.76 -14.99 99.23
N GLN C 400 -19.63 -15.10 98.52
CA GLN C 400 -18.78 -16.30 98.53
C GLN C 400 -17.34 -15.80 98.60
N ILE C 401 -16.84 -15.65 99.83
CA ILE C 401 -15.56 -14.97 100.08
C ILE C 401 -14.71 -15.84 100.99
N GLY C 402 -13.39 -15.61 100.92
CA GLY C 402 -12.45 -16.38 101.69
C GLY C 402 -12.43 -15.97 103.16
N ASP C 403 -11.48 -16.58 103.89
CA ASP C 403 -11.48 -16.46 105.34
C ASP C 403 -11.00 -15.09 105.81
N ASP C 404 -10.26 -14.35 104.97
CA ASP C 404 -9.71 -13.07 105.41
C ASP C 404 -10.80 -12.07 105.73
N PHE C 405 -11.85 -12.02 104.91
CA PHE C 405 -12.94 -11.08 105.13
C PHE C 405 -13.54 -11.27 106.52
N TRP C 406 -13.78 -12.52 106.90
CA TRP C 406 -14.46 -12.78 108.18
C TRP C 406 -13.48 -12.73 109.33
N ASP C 407 -12.20 -12.99 109.07
CA ASP C 407 -11.18 -12.78 110.08
C ASP C 407 -11.10 -11.32 110.47
N ALA C 408 -11.08 -10.42 109.48
CA ALA C 408 -11.13 -9.00 109.78
C ALA C 408 -12.47 -8.62 110.41
N PHE C 409 -13.56 -9.19 109.90
CA PHE C 409 -14.89 -8.90 110.46
C PHE C 409 -14.98 -9.34 111.91
N ASN C 410 -14.16 -10.31 112.31
CA ASN C 410 -14.07 -10.76 113.69
C ASN C 410 -12.97 -10.03 114.46
N GLY C 411 -12.66 -8.79 114.08
CA GLY C 411 -11.52 -8.11 114.66
C GLY C 411 -11.78 -7.66 116.08
N LEU C 412 -10.68 -7.35 116.77
CA LEU C 412 -10.75 -6.88 118.14
C LEU C 412 -11.50 -5.55 118.23
N ASP C 413 -12.26 -5.38 119.30
CA ASP C 413 -12.91 -4.11 119.59
C ASP C 413 -12.12 -3.44 120.72
N ARG C 414 -11.30 -2.46 120.36
CA ARG C 414 -10.37 -1.88 121.31
C ARG C 414 -11.08 -1.30 122.53
N GLU C 415 -12.14 -0.52 122.31
CA GLU C 415 -12.81 0.15 123.41
C GLU C 415 -13.41 -0.85 124.39
N VAL C 416 -13.94 -1.96 123.89
CA VAL C 416 -14.48 -2.99 124.77
C VAL C 416 -13.40 -3.50 125.72
N LEU C 417 -12.19 -3.73 125.19
CA LEU C 417 -11.10 -4.16 126.05
C LEU C 417 -10.68 -3.06 127.01
N ILE C 418 -10.73 -1.80 126.57
CA ILE C 418 -10.46 -0.69 127.50
C ILE C 418 -11.38 -0.80 128.71
N GLN C 419 -12.67 -0.94 128.44
CA GLN C 419 -13.66 -0.96 129.52
C GLN C 419 -13.49 -2.20 130.41
N GLN C 420 -13.28 -3.37 129.79
CA GLN C 420 -13.15 -4.59 130.57
C GLN C 420 -11.91 -4.56 131.45
N THR C 421 -10.79 -4.07 130.92
CA THR C 421 -9.59 -3.94 131.74
C THR C 421 -9.81 -2.96 132.87
N LEU C 422 -10.53 -1.86 132.61
CA LEU C 422 -10.84 -0.92 133.69
C LEU C 422 -11.67 -1.59 134.79
N GLN C 423 -12.67 -2.39 134.39
CA GLN C 423 -13.49 -3.07 135.40
C GLN C 423 -12.66 -4.07 136.19
N LEU C 424 -11.77 -4.80 135.52
CA LEU C 424 -10.92 -5.75 136.24
C LEU C 424 -10.01 -5.03 137.23
N LEU C 425 -9.43 -3.90 136.80
CA LEU C 425 -8.55 -3.15 137.68
C LEU C 425 -9.31 -2.59 138.87
N ALA C 426 -10.57 -2.18 138.65
CA ALA C 426 -11.41 -1.75 139.77
C ALA C 426 -11.67 -2.91 140.72
N LYS C 427 -11.94 -4.09 140.18
CA LYS C 427 -12.27 -5.24 141.04
C LYS C 427 -11.07 -5.65 141.89
N GLU C 428 -9.90 -5.82 141.28
CA GLU C 428 -8.73 -6.28 142.02
C GLU C 428 -8.12 -5.18 142.88
N ASN C 429 -8.04 -3.95 142.37
CA ASN C 429 -7.52 -2.81 143.11
C ASN C 429 -6.13 -3.10 143.67
N ARG C 430 -5.24 -3.56 142.79
CA ARG C 430 -3.87 -3.86 143.18
C ARG C 430 -3.02 -3.90 141.92
N PRO C 431 -1.70 -3.80 142.05
CA PRO C 431 -0.83 -3.99 140.88
C PRO C 431 -1.06 -5.36 140.27
N VAL C 432 -1.19 -5.39 138.94
CA VAL C 432 -1.50 -6.60 138.21
C VAL C 432 -0.57 -6.70 137.02
N GLY C 433 0.05 -7.87 136.84
CA GLY C 433 0.97 -8.07 135.75
C GLY C 433 0.26 -8.39 134.44
N LEU C 434 1.01 -8.28 133.34
CA LEU C 434 0.43 -8.55 132.02
C LEU C 434 0.00 -10.00 131.90
N ALA C 435 0.81 -10.93 132.40
CA ALA C 435 0.44 -12.34 132.34
C ALA C 435 -0.82 -12.59 133.15
N GLU C 436 -0.98 -11.90 134.28
CA GLU C 436 -2.19 -12.04 135.07
C GLU C 436 -3.41 -11.53 134.29
N LEU C 437 -3.25 -10.41 133.58
CA LEU C 437 -4.34 -9.92 132.75
C LEU C 437 -4.67 -10.90 131.65
N ALA C 438 -3.66 -11.55 131.08
CA ALA C 438 -3.90 -12.57 130.07
C ALA C 438 -4.69 -13.75 130.65
N GLU C 439 -4.30 -14.23 131.83
CA GLU C 439 -4.99 -15.35 132.44
C GLU C 439 -6.42 -15.00 132.81
N LEU C 440 -6.64 -13.81 133.38
CA LEU C 440 -7.97 -13.42 133.83
C LEU C 440 -8.84 -12.93 132.70
N LEU C 441 -8.24 -12.45 131.61
CA LEU C 441 -8.97 -11.94 130.44
C LEU C 441 -8.38 -12.58 129.20
N PRO C 442 -8.60 -13.87 129.00
CA PRO C 442 -7.99 -14.58 127.86
C PRO C 442 -8.37 -13.93 126.54
N PRO C 443 -7.40 -13.34 125.83
CA PRO C 443 -7.73 -12.66 124.58
C PRO C 443 -7.81 -13.61 123.40
N ALA C 444 -8.70 -13.29 122.46
CA ALA C 444 -8.74 -14.00 121.18
C ALA C 444 -7.85 -13.34 120.13
N HIS C 445 -7.28 -12.18 120.44
CA HIS C 445 -6.36 -11.47 119.56
C HIS C 445 -5.08 -11.18 120.33
N ASP C 446 -4.50 -12.22 120.94
CA ASP C 446 -3.50 -12.07 121.98
C ASP C 446 -2.49 -10.95 121.72
N LEU C 447 -1.84 -10.97 120.56
CA LEU C 447 -0.73 -10.05 120.33
C LEU C 447 -1.21 -8.60 120.32
N GLU C 448 -2.32 -8.33 119.62
CA GLU C 448 -2.83 -6.97 119.57
C GLU C 448 -3.34 -6.52 120.93
N THR C 449 -3.94 -7.43 121.70
CA THR C 449 -4.40 -7.08 123.03
C THR C 449 -3.23 -6.73 123.94
N PHE C 450 -2.13 -7.48 123.83
CA PHE C 450 -0.94 -7.14 124.61
C PHE C 450 -0.38 -5.80 124.19
N ALA C 451 -0.37 -5.52 122.89
CA ALA C 451 0.06 -4.20 122.43
C ALA C 451 -0.82 -3.11 123.03
N VAL C 452 -2.14 -3.32 123.03
CA VAL C 452 -3.05 -2.34 123.60
C VAL C 452 -2.76 -2.14 125.09
N TRP C 453 -2.50 -3.24 125.79
CA TRP C 453 -2.25 -3.18 127.23
C TRP C 453 -1.00 -2.38 127.53
N ILE C 454 0.09 -2.63 126.79
CA ILE C 454 1.30 -1.85 127.00
C ILE C 454 1.05 -0.39 126.61
N GLY C 455 0.19 -0.18 125.61
CA GLY C 455 -0.17 1.19 125.25
C GLY C 455 -0.84 1.94 126.39
N MET C 456 -1.83 1.31 127.02
CA MET C 456 -2.48 1.97 128.15
C MET C 456 -1.47 2.20 129.27
N ALA C 457 -0.63 1.20 129.53
CA ALA C 457 0.38 1.33 130.58
C ALA C 457 1.25 2.57 130.35
N ARG C 458 1.69 2.78 129.11
CA ARG C 458 2.57 3.92 128.84
C ARG C 458 1.81 5.22 128.79
N GLU C 459 0.55 5.19 128.37
CA GLU C 459 -0.24 6.43 128.26
C GLU C 459 -0.42 7.08 129.63
N ALA C 460 -0.66 6.27 130.66
CA ALA C 460 -0.82 6.79 132.01
C ALA C 460 0.51 7.11 132.68
N GLY C 461 1.63 6.81 132.02
CA GLY C 461 2.94 7.02 132.62
C GLY C 461 3.49 5.83 133.36
N ILE C 462 2.74 4.73 133.45
CA ILE C 462 3.20 3.53 134.14
C ILE C 462 4.32 2.93 133.29
N GLU C 463 5.55 3.04 133.78
CA GLU C 463 6.70 2.54 133.05
C GLU C 463 6.70 1.00 133.02
N VAL C 464 7.45 0.45 132.08
CA VAL C 464 7.58 -0.99 131.89
C VAL C 464 9.04 -1.36 132.01
N ILE C 465 9.33 -2.39 132.80
CA ILE C 465 10.69 -2.89 132.96
C ILE C 465 10.96 -3.89 131.83
N ASP C 466 11.53 -3.40 130.73
CA ASP C 466 11.80 -4.26 129.59
C ASP C 466 12.78 -5.37 129.95
N SER C 467 13.84 -5.05 130.67
CA SER C 467 14.89 -6.02 130.97
C SER C 467 14.39 -7.18 131.82
N GLN C 468 13.25 -7.04 132.49
CA GLN C 468 12.70 -8.09 133.33
C GLN C 468 11.62 -8.84 132.57
N ARG C 469 11.66 -10.17 132.63
CA ARG C 469 10.84 -11.03 131.77
C ARG C 469 9.84 -11.82 132.61
N GLU C 470 8.62 -11.91 132.10
CA GLU C 470 7.61 -12.82 132.61
C GLU C 470 7.00 -13.57 131.42
N PHE C 471 6.29 -14.67 131.70
CA PHE C 471 5.80 -15.54 130.64
C PHE C 471 4.30 -15.75 130.79
N ALA C 472 3.70 -16.38 129.77
CA ALA C 472 2.29 -16.71 129.79
C ALA C 472 2.02 -17.81 128.75
N GLU C 473 0.81 -18.35 128.80
CA GLU C 473 0.37 -19.39 127.86
C GLU C 473 -1.03 -19.08 127.36
N LEU C 474 -1.28 -19.34 126.08
CA LEU C 474 -2.56 -19.10 125.45
C LEU C 474 -2.82 -20.17 124.41
N SER C 475 -4.01 -20.13 123.81
CA SER C 475 -4.42 -21.11 122.82
C SER C 475 -5.39 -20.48 121.82
N ASP C 476 -5.56 -21.16 120.69
CA ASP C 476 -6.43 -20.71 119.63
C ASP C 476 -7.66 -21.62 119.52
N GLY C 477 -8.53 -21.29 118.56
CA GLY C 477 -9.73 -22.08 118.36
C GLY C 477 -9.46 -23.45 117.77
N GLU C 478 -8.31 -23.63 117.13
CA GLU C 478 -7.96 -24.88 116.49
C GLU C 478 -7.05 -25.76 117.33
N GLY C 479 -6.92 -25.46 118.63
CA GLY C 479 -6.11 -26.26 119.53
C GLY C 479 -4.66 -25.86 119.60
N ARG C 480 -4.18 -25.01 118.71
CA ARG C 480 -2.79 -24.58 118.75
C ARG C 480 -2.53 -23.80 120.03
N ARG C 481 -1.34 -23.97 120.59
CA ARG C 481 -0.96 -23.32 121.83
C ARG C 481 0.36 -22.58 121.65
N TRP C 482 0.46 -21.42 122.28
CA TRP C 482 1.62 -20.55 122.15
C TRP C 482 2.05 -20.07 123.52
N ARG C 483 3.36 -19.90 123.70
CA ARG C 483 3.92 -19.38 124.94
C ARG C 483 4.46 -17.99 124.68
N PHE C 484 3.93 -17.00 125.40
CA PHE C 484 4.25 -15.60 125.15
C PHE C 484 5.29 -15.12 126.14
N ASN C 485 6.37 -14.55 125.62
CA ASN C 485 7.39 -13.89 126.42
C ASN C 485 7.06 -12.40 126.47
N LEU C 486 6.98 -11.85 127.68
CA LEU C 486 6.48 -10.50 127.88
C LEU C 486 7.38 -9.71 128.82
N PRO C 487 7.25 -8.38 128.84
CA PRO C 487 7.98 -7.58 129.83
C PRO C 487 7.28 -7.61 131.19
N THR C 488 7.95 -7.02 132.16
CA THR C 488 7.45 -6.98 133.53
C THR C 488 6.93 -5.58 133.85
N THR C 489 5.64 -5.50 134.18
CA THR C 489 5.01 -4.24 134.54
C THR C 489 3.75 -4.52 135.33
N GLY C 490 3.27 -3.49 136.03
CA GLY C 490 2.07 -3.61 136.83
C GLY C 490 1.12 -2.44 136.65
N LEU C 491 -0.10 -2.73 136.20
CA LEU C 491 -1.09 -1.69 136.00
C LEU C 491 -1.68 -1.23 137.33
N GLU C 492 -2.13 0.02 137.35
CA GLU C 492 -2.77 0.60 138.53
C GLU C 492 -4.06 1.28 138.09
N SER C 493 -5.15 1.00 138.79
CA SER C 493 -6.46 1.49 138.36
C SER C 493 -6.52 3.01 138.37
N GLN C 494 -5.95 3.64 139.40
CA GLN C 494 -6.10 5.08 139.57
C GLN C 494 -5.51 5.84 138.38
N ALA C 495 -4.27 5.50 137.99
CA ALA C 495 -3.64 6.21 136.90
C ALA C 495 -4.38 6.02 135.58
N LEU C 496 -4.82 4.80 135.30
CA LEU C 496 -5.57 4.55 134.07
C LEU C 496 -6.89 5.32 134.06
N MET C 497 -7.61 5.34 135.17
CA MET C 497 -8.85 6.10 135.24
C MET C 497 -8.60 7.59 135.07
N ASP C 498 -7.53 8.12 135.66
CA ASP C 498 -7.24 9.55 135.53
C ASP C 498 -7.05 9.96 134.07
N ILE C 499 -6.62 9.03 133.22
CA ILE C 499 -6.43 9.33 131.81
C ILE C 499 -7.76 9.22 131.07
N ASP C 500 -8.07 10.23 130.25
CA ASP C 500 -9.25 10.22 129.42
C ASP C 500 -8.91 9.53 128.10
N TRP C 501 -9.63 8.46 127.80
CA TRP C 501 -9.28 7.61 126.67
C TRP C 501 -10.00 8.03 125.40
N GLU C 502 -9.42 7.66 124.26
CA GLU C 502 -9.97 8.00 122.96
C GLU C 502 -10.20 6.74 122.14
N MET D 1 -25.94 8.20 117.89
CA MET D 1 -25.31 8.75 116.66
C MET D 1 -26.36 9.37 115.73
N ASN D 2 -27.55 8.77 115.71
CA ASN D 2 -28.61 9.25 114.83
C ASN D 2 -29.03 10.67 115.16
N GLN D 3 -28.75 11.15 116.37
CA GLN D 3 -29.09 12.53 116.72
C GLN D 3 -28.34 13.52 115.83
N VAL D 4 -27.09 13.23 115.50
CA VAL D 4 -26.35 14.07 114.55
C VAL D 4 -26.77 13.75 113.12
N SER D 5 -27.26 12.52 112.88
CA SER D 5 -27.61 12.10 111.53
C SER D 5 -28.85 12.81 111.00
N GLY D 6 -29.59 13.52 111.86
CA GLY D 6 -30.75 14.25 111.40
C GLY D 6 -30.44 15.29 110.33
N LEU D 7 -29.21 15.79 110.30
CA LEU D 7 -28.83 16.75 109.26
C LEU D 7 -28.90 16.12 107.88
N ALA D 8 -28.45 14.88 107.75
CA ALA D 8 -28.45 14.21 106.45
C ALA D 8 -29.88 13.99 105.97
N GLY D 9 -30.10 14.21 104.67
CA GLY D 9 -31.40 14.03 104.08
C GLY D 9 -32.32 15.22 104.26
N LYS D 10 -32.14 15.94 105.37
CA LYS D 10 -33.00 17.10 105.65
C LYS D 10 -32.51 18.33 104.89
N GLU D 11 -31.23 18.68 105.05
CA GLU D 11 -30.72 19.92 104.49
C GLU D 11 -30.13 19.72 103.09
N SER D 12 -29.44 18.61 102.86
CA SER D 12 -28.59 18.44 101.70
C SER D 12 -28.90 17.16 100.95
N PHE D 13 -28.61 17.16 99.65
CA PHE D 13 -28.64 15.94 98.87
C PHE D 13 -27.63 14.95 99.40
N ILE D 14 -27.99 13.66 99.38
CA ILE D 14 -27.12 12.59 99.86
C ILE D 14 -27.14 11.46 98.83
N LEU D 15 -25.99 10.84 98.62
CA LEU D 15 -25.89 9.77 97.63
C LEU D 15 -26.59 8.52 98.17
N THR D 16 -27.35 7.86 97.30
CA THR D 16 -28.15 6.71 97.69
C THR D 16 -28.07 5.53 96.74
N ARG D 17 -27.54 5.71 95.53
CA ARG D 17 -27.51 4.62 94.56
C ARG D 17 -26.51 4.92 93.46
N ILE D 18 -25.88 3.87 92.95
CA ILE D 18 -25.00 3.94 91.80
C ILE D 18 -25.29 2.75 90.91
N GLU D 19 -25.41 2.99 89.61
CA GLU D 19 -25.74 1.96 88.64
C GLU D 19 -24.68 1.95 87.55
N LEU D 20 -24.11 0.76 87.31
CA LEU D 20 -23.04 0.58 86.34
C LEU D 20 -23.56 -0.27 85.19
N PHE D 21 -22.79 -0.30 84.11
CA PHE D 21 -23.03 -1.24 83.02
C PHE D 21 -21.77 -1.37 82.18
N ASN D 22 -21.18 -2.56 82.17
CA ASN D 22 -20.00 -2.82 81.36
C ASN D 22 -18.93 -1.75 81.58
N TRP D 23 -18.70 -1.43 82.86
CA TRP D 23 -17.75 -0.40 83.24
C TRP D 23 -16.61 -1.06 83.99
N GLY D 24 -15.48 -1.24 83.32
CA GLY D 24 -14.36 -1.94 83.94
C GLY D 24 -14.52 -3.43 83.79
N GLY D 25 -14.59 -4.13 84.92
CA GLY D 25 -14.87 -5.55 84.94
C GLY D 25 -16.32 -5.89 85.25
N PHE D 26 -17.18 -4.89 85.39
CA PHE D 26 -18.58 -5.10 85.76
C PHE D 26 -19.40 -5.39 84.49
N HIS D 27 -19.25 -6.61 83.98
CA HIS D 27 -20.03 -7.02 82.83
C HIS D 27 -21.51 -7.02 83.18
N GLY D 28 -22.33 -6.56 82.23
CA GLY D 28 -23.76 -6.47 82.48
C GLY D 28 -24.07 -5.32 83.42
N LEU D 29 -25.34 -5.25 83.84
CA LEU D 29 -25.79 -4.19 84.72
C LEU D 29 -25.50 -4.55 86.17
N HIS D 30 -25.40 -3.53 87.01
CA HIS D 30 -25.16 -3.71 88.44
C HIS D 30 -25.81 -2.55 89.18
N GLN D 31 -25.70 -2.59 90.51
CA GLN D 31 -26.22 -1.50 91.34
C GLN D 31 -25.76 -1.71 92.77
N ALA D 32 -25.54 -0.60 93.47
CA ALA D 32 -25.15 -0.61 94.88
C ALA D 32 -25.98 0.41 95.64
N ALA D 33 -26.34 0.05 96.87
CA ALA D 33 -27.16 0.91 97.71
C ALA D 33 -26.29 1.63 98.72
N ILE D 34 -26.53 2.93 98.89
CA ILE D 34 -25.82 3.76 99.85
C ILE D 34 -26.82 4.22 100.90
N HIS D 35 -26.54 3.90 102.16
CA HIS D 35 -27.40 4.34 103.25
C HIS D 35 -27.15 5.81 103.55
N GLN D 36 -28.24 6.53 103.84
CA GLN D 36 -28.13 7.97 104.04
C GLN D 36 -27.22 8.33 105.20
N ASP D 37 -27.00 7.41 106.13
CA ASP D 37 -26.19 7.68 107.32
C ASP D 37 -24.71 7.41 107.10
N GLY D 38 -24.33 6.77 105.99
CA GLY D 38 -22.94 6.46 105.73
C GLY D 38 -22.74 5.03 105.30
N THR D 39 -21.84 4.81 104.34
CA THR D 39 -21.58 3.49 103.78
C THR D 39 -20.09 3.22 103.75
N ALA D 40 -19.74 1.94 103.87
CA ALA D 40 -18.36 1.48 103.76
C ALA D 40 -18.26 0.38 102.71
N VAL D 41 -17.43 0.60 101.70
CA VAL D 41 -17.25 -0.34 100.60
C VAL D 41 -16.00 -1.15 100.90
N ILE D 42 -16.12 -2.47 100.90
CA ILE D 42 -15.05 -3.36 101.30
C ILE D 42 -14.90 -4.47 100.28
N GLY D 43 -13.73 -5.11 100.29
CA GLY D 43 -13.42 -6.19 99.37
C GLY D 43 -11.94 -6.45 99.34
N PRO D 44 -11.53 -7.55 98.70
CA PRO D 44 -10.10 -7.84 98.58
C PRO D 44 -9.43 -6.85 97.65
N THR D 45 -8.10 -6.79 97.77
CA THR D 45 -7.33 -5.84 96.96
C THR D 45 -7.56 -6.09 95.48
N GLY D 46 -7.79 -5.00 94.75
CA GLY D 46 -7.97 -5.09 93.32
C GLY D 46 -9.20 -5.87 92.90
N SER D 47 -10.38 -5.35 93.22
CA SER D 47 -11.62 -6.04 92.86
C SER D 47 -12.64 -5.15 92.16
N GLY D 48 -12.56 -3.83 92.30
CA GLY D 48 -13.52 -2.93 91.71
C GLY D 48 -13.97 -1.79 92.59
N LYS D 49 -13.37 -1.63 93.77
CA LYS D 49 -13.74 -0.51 94.62
C LYS D 49 -13.48 0.82 93.93
N THR D 50 -12.27 1.02 93.43
CA THR D 50 -11.96 2.27 92.74
C THR D 50 -12.59 2.31 91.37
N THR D 51 -12.85 1.15 90.76
CA THR D 51 -13.68 1.14 89.57
C THR D 51 -15.02 1.80 89.86
N LEU D 52 -15.61 1.50 91.02
CA LEU D 52 -16.89 2.12 91.39
C LEU D 52 -16.71 3.60 91.71
N VAL D 53 -15.66 3.94 92.45
CA VAL D 53 -15.45 5.33 92.82
C VAL D 53 -15.29 6.19 91.58
N ASP D 54 -14.56 5.68 90.58
CA ASP D 54 -14.39 6.44 89.34
C ASP D 54 -15.64 6.41 88.48
N ALA D 55 -16.39 5.30 88.50
CA ALA D 55 -17.69 5.30 87.84
C ALA D 55 -18.56 6.43 88.36
N LEU D 56 -18.52 6.67 89.67
CA LEU D 56 -19.23 7.82 90.24
C LEU D 56 -18.61 9.13 89.78
N MET D 57 -17.28 9.25 89.91
CA MET D 57 -16.62 10.54 89.72
C MET D 57 -16.64 11.00 88.27
N THR D 58 -16.79 10.09 87.31
CA THR D 58 -16.86 10.51 85.92
C THR D 58 -17.92 11.58 85.72
N LEU D 59 -19.01 11.50 86.48
CA LEU D 59 -20.10 12.45 86.34
C LEU D 59 -19.80 13.78 87.04
N LEU D 60 -19.07 13.73 88.16
CA LEU D 60 -18.98 14.90 89.02
C LEU D 60 -17.96 15.90 88.50
N CYS D 61 -16.69 15.50 88.42
CA CYS D 61 -15.61 16.43 88.10
C CYS D 61 -15.54 16.68 86.59
N ALA D 62 -14.97 17.82 86.22
CA ALA D 62 -14.86 18.17 84.81
C ALA D 62 -13.82 17.31 84.10
N ASN D 63 -12.58 17.30 84.61
CA ASN D 63 -11.48 16.52 84.05
C ASN D 63 -10.94 15.63 85.17
N PRO D 64 -11.50 14.44 85.34
CA PRO D 64 -11.20 13.65 86.54
C PRO D 64 -9.77 13.12 86.56
N ARG D 65 -9.32 12.79 87.77
CA ARG D 65 -8.04 12.10 87.98
C ARG D 65 -8.37 10.69 88.49
N TYR D 66 -8.54 9.75 87.56
CA TYR D 66 -8.94 8.40 87.94
C TYR D 66 -7.85 7.73 88.77
N ASN D 67 -8.26 6.79 89.61
CA ASN D 67 -7.35 5.98 90.41
C ASN D 67 -6.37 6.83 91.21
N LEU D 68 -6.77 8.06 91.56
CA LEU D 68 -5.83 9.01 92.13
C LEU D 68 -5.25 8.51 93.44
N ALA D 69 -6.10 7.97 94.32
CA ALA D 69 -5.64 7.64 95.67
C ALA D 69 -4.44 6.70 95.66
N SER D 70 -4.40 5.75 94.73
CA SER D 70 -3.28 4.81 94.71
C SER D 70 -1.96 5.51 94.46
N THR D 71 -1.94 6.46 93.51
CA THR D 71 -0.69 7.11 93.13
C THR D 71 -0.11 7.96 94.24
N GLY D 72 -0.88 8.27 95.28
CA GLY D 72 -0.41 9.09 96.38
C GLY D 72 -0.93 10.51 96.39
N GLY D 73 -1.51 10.99 95.29
CA GLY D 73 -2.19 12.27 95.28
C GLY D 73 -1.73 13.25 94.23
N HIS D 74 -0.80 12.91 93.34
CA HIS D 74 -0.30 13.89 92.38
C HIS D 74 -0.59 13.55 90.93
N GLU D 75 -0.73 12.27 90.57
CA GLU D 75 -0.91 11.90 89.18
C GLU D 75 -1.94 10.79 89.04
N SER D 76 -2.73 10.87 87.96
CA SER D 76 -3.65 9.82 87.57
C SER D 76 -3.05 8.99 86.45
N ASP D 77 -3.44 7.71 86.38
CA ASP D 77 -2.87 6.82 85.39
C ASP D 77 -3.93 5.93 84.73
N ARG D 78 -5.08 6.49 84.40
CA ARG D 78 -6.06 5.80 83.55
C ARG D 78 -6.86 6.84 82.77
N ASP D 79 -7.85 6.36 82.02
CA ASP D 79 -8.66 7.22 81.17
C ASP D 79 -10.01 6.57 80.96
N LEU D 80 -10.96 7.35 80.45
CA LEU D 80 -12.32 6.86 80.27
C LEU D 80 -12.36 5.66 79.33
N ILE D 81 -11.58 5.69 78.26
CA ILE D 81 -11.63 4.62 77.27
C ILE D 81 -11.22 3.29 77.90
N SER D 82 -10.17 3.31 78.72
CA SER D 82 -9.71 2.07 79.34
C SER D 82 -10.75 1.50 80.31
N TYR D 83 -11.72 2.32 80.71
CA TYR D 83 -12.82 1.79 81.53
C TYR D 83 -13.96 1.29 80.65
N VAL D 84 -14.37 2.07 79.65
CA VAL D 84 -15.45 1.64 78.78
C VAL D 84 -15.11 0.30 78.15
N ARG D 85 -13.90 0.18 77.61
CA ARG D 85 -13.44 -1.10 77.09
C ARG D 85 -13.09 -2.07 78.22
N GLY D 86 -12.82 -1.55 79.42
CA GLY D 86 -12.47 -2.40 80.55
C GLY D 86 -11.13 -3.08 80.37
N VAL D 87 -10.14 -2.35 79.86
CA VAL D 87 -8.79 -2.88 79.71
C VAL D 87 -8.34 -3.38 81.08
N SER D 88 -8.09 -4.68 81.19
CA SER D 88 -7.71 -5.27 82.46
C SER D 88 -6.29 -4.88 82.88
N GLY D 89 -5.39 -4.73 81.92
CA GLY D 89 -4.02 -4.40 82.22
C GLY D 89 -3.24 -4.02 80.98
N PRO D 90 -1.91 -3.97 81.08
CA PRO D 90 -1.09 -3.64 79.91
C PRO D 90 -1.00 -4.75 78.89
N GLY D 91 -1.65 -5.89 79.12
CA GLY D 91 -1.65 -6.97 78.16
C GLY D 91 -0.34 -7.74 78.15
N ASP D 92 -0.32 -8.78 77.32
CA ASP D 92 0.89 -9.58 77.17
C ASP D 92 2.01 -8.83 76.46
N GLY D 93 1.72 -7.68 75.86
CA GLY D 93 2.72 -6.89 75.17
C GLY D 93 2.97 -7.29 73.74
N GLY D 94 2.35 -8.36 73.27
CA GLY D 94 2.53 -8.80 71.89
C GLY D 94 1.24 -8.74 71.10
N GLU D 95 0.93 -9.82 70.39
CA GLU D 95 -0.26 -9.86 69.56
C GLU D 95 -1.55 -9.98 70.38
N GLY D 96 -1.47 -10.51 71.60
CA GLY D 96 -2.67 -10.90 72.31
C GLY D 96 -3.65 -9.77 72.51
N GLN D 97 -4.93 -10.14 72.47
CA GLN D 97 -6.02 -9.21 72.77
C GLN D 97 -6.93 -9.75 73.87
N SER D 98 -6.45 -10.68 74.68
CA SER D 98 -7.29 -11.28 75.70
C SER D 98 -7.64 -10.30 76.81
N HIS D 99 -6.75 -9.37 77.15
CA HIS D 99 -6.95 -8.51 78.30
C HIS D 99 -8.10 -7.52 78.13
N ILE D 100 -8.50 -7.21 76.90
CA ILE D 100 -9.55 -6.22 76.64
C ILE D 100 -10.90 -6.92 76.73
N ALA D 101 -11.81 -6.36 77.53
CA ALA D 101 -13.06 -7.05 77.84
C ALA D 101 -14.05 -7.01 76.70
N ARG D 102 -14.25 -5.86 76.06
CA ARG D 102 -15.33 -5.64 75.11
C ARG D 102 -14.78 -5.02 73.82
N PRO D 103 -13.91 -5.74 73.12
CA PRO D 103 -13.22 -5.14 71.97
C PRO D 103 -14.14 -4.63 70.87
N GLY D 104 -15.29 -5.26 70.66
CA GLY D 104 -16.18 -4.88 69.58
C GLY D 104 -17.09 -3.75 69.97
N LYS D 105 -18.00 -3.43 69.04
CA LYS D 105 -19.03 -2.43 69.31
C LYS D 105 -19.71 -2.72 70.64
N THR D 106 -19.57 -1.78 71.57
CA THR D 106 -20.10 -1.97 72.92
C THR D 106 -20.76 -0.68 73.38
N VAL D 107 -21.55 -0.79 74.44
CA VAL D 107 -22.23 0.34 75.05
C VAL D 107 -21.98 0.28 76.55
N THR D 108 -22.14 1.42 77.22
CA THR D 108 -21.90 1.52 78.64
C THR D 108 -22.66 2.71 79.19
N GLY D 109 -23.07 2.62 80.46
CA GLY D 109 -23.78 3.71 81.10
C GLY D 109 -23.51 3.72 82.59
N ILE D 110 -23.56 4.92 83.16
CA ILE D 110 -23.38 5.12 84.60
C ILE D 110 -24.39 6.16 85.05
N ALA D 111 -24.91 5.97 86.27
CA ALA D 111 -25.89 6.88 86.82
C ALA D 111 -25.77 6.87 88.34
N ALA D 112 -25.95 8.05 88.93
CA ALA D 112 -25.91 8.21 90.38
C ALA D 112 -27.20 8.88 90.83
N THR D 113 -27.79 8.38 91.91
CA THR D 113 -29.05 8.88 92.44
C THR D 113 -28.81 9.55 93.78
N LEU D 114 -29.11 10.84 93.86
CA LEU D 114 -29.01 11.62 95.08
C LEU D 114 -30.39 12.07 95.51
N GLU D 115 -30.65 12.03 96.81
CA GLU D 115 -31.98 12.24 97.35
C GLU D 115 -31.94 13.27 98.47
N ARG D 116 -32.90 14.20 98.45
CA ARG D 116 -33.11 15.13 99.55
C ARG D 116 -34.61 15.30 99.74
N GLU D 117 -35.09 15.01 100.95
CA GLU D 117 -36.50 15.17 101.28
C GLU D 117 -37.39 14.45 100.26
N GLY D 118 -36.95 13.26 99.85
CA GLY D 118 -37.68 12.47 98.88
C GLY D 118 -37.43 12.82 97.44
N LYS D 119 -37.12 14.08 97.13
CA LYS D 119 -36.85 14.46 95.76
C LYS D 119 -35.61 13.76 95.24
N GLN D 120 -35.70 13.19 94.04
CA GLN D 120 -34.61 12.44 93.43
C GLN D 120 -34.07 13.19 92.21
N VAL D 121 -32.76 13.40 92.18
CA VAL D 121 -32.06 13.89 91.01
C VAL D 121 -31.11 12.80 90.54
N ARG D 122 -31.40 12.23 89.38
CA ARG D 122 -30.65 11.08 88.86
C ARG D 122 -29.73 11.56 87.75
N LEU D 123 -28.43 11.59 88.04
CA LEU D 123 -27.43 11.82 87.00
C LEU D 123 -27.20 10.56 86.20
N GLY D 124 -26.77 10.74 84.96
CA GLY D 124 -26.58 9.62 84.05
C GLY D 124 -25.59 9.96 82.96
N ALA D 125 -25.14 8.92 82.27
CA ALA D 125 -24.18 9.08 81.19
C ALA D 125 -24.22 7.85 80.29
N LEU D 126 -24.00 8.08 79.00
CA LEU D 126 -23.97 7.02 78.00
C LEU D 126 -22.73 7.19 77.13
N LEU D 127 -22.05 6.07 76.88
CA LEU D 127 -20.85 6.04 76.06
C LEU D 127 -20.88 4.77 75.23
N TRP D 128 -20.51 4.86 73.95
CA TRP D 128 -20.54 3.70 73.09
C TRP D 128 -19.59 3.88 71.93
N PHE D 129 -19.21 2.75 71.33
CA PHE D 129 -18.40 2.71 70.12
C PHE D 129 -19.24 2.11 68.99
N ASP D 130 -18.96 2.55 67.76
CA ASP D 130 -19.55 1.94 66.58
C ASP D 130 -18.56 1.04 65.85
N SER D 131 -17.38 0.80 66.42
CA SER D 131 -16.38 -0.01 65.77
C SER D 131 -15.32 -0.40 66.81
N THR D 132 -14.26 -1.05 66.35
CA THR D 132 -13.16 -1.43 67.22
C THR D 132 -12.33 -0.24 67.67
N SER D 133 -12.42 0.89 66.96
CA SER D 133 -11.54 2.02 67.23
C SER D 133 -11.65 2.47 68.68
N SER D 134 -10.52 2.79 69.29
CA SER D 134 -10.43 3.15 70.70
C SER D 134 -9.86 4.56 70.84
N SER D 135 -9.98 5.37 69.79
CA SER D 135 -9.51 6.74 69.81
C SER D 135 -10.62 7.66 70.32
N VAL D 136 -10.23 8.71 71.04
CA VAL D 136 -11.21 9.51 71.77
C VAL D 136 -12.21 10.17 70.84
N THR D 137 -11.82 10.43 69.59
CA THR D 137 -12.72 11.13 68.67
C THR D 137 -13.79 10.23 68.09
N ASP D 138 -13.63 8.91 68.18
CA ASP D 138 -14.63 7.98 67.67
C ASP D 138 -15.59 7.50 68.75
N MET D 139 -15.24 7.63 70.02
CA MET D 139 -16.19 7.38 71.08
C MET D 139 -17.26 8.47 71.09
N LYS D 140 -18.52 8.06 71.02
CA LYS D 140 -19.65 8.98 71.00
C LYS D 140 -20.33 8.96 72.36
N ARG D 141 -20.62 10.15 72.88
CA ARG D 141 -21.04 10.31 74.26
C ARG D 141 -22.38 11.01 74.32
N LEU D 142 -23.08 10.82 75.43
CA LEU D 142 -24.33 11.53 75.69
C LEU D 142 -24.54 11.57 77.20
N TRP D 143 -24.22 12.72 77.81
CA TRP D 143 -24.44 12.92 79.23
C TRP D 143 -25.93 13.15 79.47
N LEU D 144 -26.40 12.82 80.66
CA LEU D 144 -27.81 12.93 81.00
C LEU D 144 -27.99 13.46 82.42
N PHE D 145 -28.98 14.31 82.60
CA PHE D 145 -29.37 14.86 83.89
C PHE D 145 -30.89 14.83 83.97
N SER D 146 -31.41 14.46 85.14
CA SER D 146 -32.85 14.33 85.29
C SER D 146 -33.23 14.50 86.75
N ASP D 147 -34.50 14.85 86.97
CA ASP D 147 -35.08 14.95 88.30
C ASP D 147 -36.40 14.19 88.39
N ASN D 148 -36.64 13.27 87.44
CA ASN D 148 -37.88 12.50 87.40
C ASN D 148 -37.60 11.09 87.89
N PRO D 149 -38.23 10.63 88.97
CA PRO D 149 -37.91 9.27 89.47
C PRO D 149 -38.10 8.17 88.44
N GLY D 150 -39.04 8.34 87.50
CA GLY D 150 -39.31 7.29 86.54
C GLY D 150 -38.19 7.01 85.56
N GLN D 151 -37.35 8.01 85.27
CA GLN D 151 -36.27 7.84 84.32
C GLN D 151 -35.12 7.09 84.99
N THR D 152 -34.72 5.97 84.41
CA THR D 152 -33.72 5.10 85.01
C THR D 152 -32.68 4.71 83.97
N LEU D 153 -31.55 4.20 84.45
CA LEU D 153 -30.47 3.78 83.56
C LEU D 153 -30.92 2.61 82.68
N GLU D 154 -31.65 1.66 83.25
CA GLU D 154 -32.17 0.55 82.46
C GLU D 154 -33.12 1.05 81.38
N HIS D 155 -33.96 2.03 81.72
CA HIS D 155 -34.82 2.65 80.73
C HIS D 155 -34.00 3.25 79.58
N TRP D 156 -32.93 3.96 79.93
CA TRP D 156 -32.07 4.56 78.90
C TRP D 156 -31.43 3.49 78.03
N LEU D 157 -30.95 2.42 78.64
CA LEU D 157 -30.31 1.36 77.86
C LEU D 157 -31.30 0.68 76.92
N ASN D 158 -32.51 0.42 77.40
CA ASN D 158 -33.52 -0.17 76.52
C ASN D 158 -33.85 0.78 75.37
N VAL D 159 -34.01 2.07 75.67
CA VAL D 159 -34.29 3.04 74.62
C VAL D 159 -33.16 3.03 73.59
N TYR D 160 -31.92 3.06 74.06
CA TYR D 160 -30.78 3.04 73.14
C TYR D 160 -30.78 1.79 72.29
N HIS D 161 -31.04 0.63 72.91
CA HIS D 161 -31.15 -0.60 72.14
C HIS D 161 -32.20 -0.49 71.05
N GLU D 162 -33.30 0.22 71.34
CA GLU D 162 -34.29 0.47 70.30
C GLU D 162 -33.72 1.35 69.18
N GLY D 163 -32.96 2.38 69.54
CA GLY D 163 -32.43 3.32 68.55
C GLY D 163 -31.32 4.19 69.11
N GLY D 164 -30.59 4.86 68.23
CA GLY D 164 -29.43 5.64 68.64
C GLY D 164 -29.76 6.96 69.30
N THR D 165 -28.90 7.95 69.09
CA THR D 165 -29.04 9.23 69.78
C THR D 165 -30.36 9.92 69.46
N ARG D 166 -30.77 9.88 68.18
CA ARG D 166 -31.98 10.58 67.77
C ARG D 166 -33.18 10.17 68.60
N LEU D 167 -33.29 8.88 68.92
CA LEU D 167 -34.39 8.42 69.75
C LEU D 167 -34.36 9.06 71.13
N LEU D 168 -33.16 9.15 71.72
CA LEU D 168 -33.05 9.78 73.03
C LEU D 168 -33.37 11.27 72.97
N ARG D 169 -32.96 11.93 71.88
CA ARG D 169 -33.33 13.33 71.71
C ARG D 169 -34.84 13.51 71.60
N GLN D 170 -35.50 12.62 70.87
CA GLN D 170 -36.97 12.67 70.81
C GLN D 170 -37.57 12.43 72.20
N MET D 171 -37.03 11.45 72.93
CA MET D 171 -37.51 11.20 74.29
C MET D 171 -37.32 12.42 75.17
N GLU D 172 -36.28 13.21 74.91
CA GLU D 172 -36.08 14.43 75.67
C GLU D 172 -37.25 15.39 75.51
N LYS D 173 -37.73 15.57 74.28
CA LYS D 173 -38.91 16.38 74.05
C LYS D 173 -40.14 15.73 74.70
N GLU D 174 -40.27 14.42 74.57
CA GLU D 174 -41.47 13.74 75.05
C GLU D 174 -41.60 13.82 76.57
N ALA D 175 -40.50 13.64 77.29
CA ALA D 175 -40.54 13.42 78.73
C ALA D 175 -40.24 14.71 79.48
N ILE D 176 -40.91 14.89 80.62
CA ILE D 176 -40.71 16.06 81.45
C ILE D 176 -39.62 15.77 82.48
N GLY D 177 -38.98 16.83 82.97
CA GLY D 177 -37.96 16.70 83.99
C GLY D 177 -36.76 15.90 83.53
N LEU D 178 -36.35 16.05 82.27
CA LEU D 178 -35.20 15.35 81.73
C LEU D 178 -34.40 16.31 80.87
N TRP D 179 -33.09 16.07 80.82
CA TRP D 179 -32.18 16.89 80.04
C TRP D 179 -31.04 16.01 79.54
N THR D 180 -30.52 16.36 78.37
CA THR D 180 -29.38 15.66 77.80
C THR D 180 -28.46 16.68 77.13
N TYR D 181 -27.19 16.32 76.99
CA TYR D 181 -26.19 17.22 76.46
C TYR D 181 -25.16 16.41 75.67
N PRO D 182 -24.94 16.73 74.40
CA PRO D 182 -23.99 15.93 73.61
C PRO D 182 -22.54 16.17 73.97
N ASN D 183 -22.24 17.17 74.79
CA ASN D 183 -20.88 17.41 75.25
C ASN D 183 -20.91 17.74 76.75
N LYS D 184 -19.80 17.45 77.42
CA LYS D 184 -19.77 17.49 78.87
C LYS D 184 -19.89 18.91 79.42
N LYS D 185 -19.55 19.92 78.62
CA LYS D 185 -19.46 21.28 79.17
C LYS D 185 -20.84 21.80 79.58
N GLN D 186 -21.83 21.68 78.69
CA GLN D 186 -23.17 22.15 79.02
C GLN D 186 -23.73 21.37 80.20
N TYR D 187 -23.46 20.06 80.25
CA TYR D 187 -23.91 19.26 81.39
C TYR D 187 -23.29 19.73 82.69
N LEU D 188 -21.99 20.06 82.67
CA LEU D 188 -21.35 20.56 83.88
C LEU D 188 -21.90 21.91 84.28
N ALA D 189 -22.24 22.74 83.29
CA ALA D 189 -22.91 24.00 83.60
C ALA D 189 -24.25 23.76 84.26
N ARG D 190 -25.00 22.75 83.79
CA ARG D 190 -26.25 22.40 84.43
C ARG D 190 -26.03 21.95 85.86
N LEU D 191 -25.00 21.14 86.09
CA LEU D 191 -24.69 20.72 87.46
C LEU D 191 -24.37 21.92 88.34
N ARG D 192 -23.60 22.86 87.80
CA ARG D 192 -23.25 24.06 88.57
C ARG D 192 -24.50 24.85 88.94
N ASP D 193 -25.37 25.12 87.96
CA ASP D 193 -26.54 25.93 88.26
C ASP D 193 -27.56 25.17 89.10
N PHE D 194 -27.45 23.85 89.15
CA PHE D 194 -28.35 23.07 90.00
C PHE D 194 -27.88 23.07 91.46
N PHE D 195 -26.60 22.82 91.69
CA PHE D 195 -26.07 22.74 93.04
C PHE D 195 -25.52 24.07 93.54
N GLU D 196 -25.57 25.13 92.73
CA GLU D 196 -25.14 26.46 93.13
C GLU D 196 -23.73 26.44 93.72
N VAL D 197 -22.75 26.06 92.90
CA VAL D 197 -21.35 26.02 93.33
C VAL D 197 -20.48 26.39 92.14
N GLY D 198 -19.39 27.09 92.42
CA GLY D 198 -18.41 27.37 91.39
C GLY D 198 -17.80 26.10 90.85
N GLU D 199 -17.26 26.18 89.64
CA GLU D 199 -16.78 24.98 88.96
C GLU D 199 -15.66 24.31 89.74
N ASN D 200 -14.92 25.06 90.55
CA ASN D 200 -13.77 24.50 91.24
C ASN D 200 -14.19 23.49 92.31
N ALA D 201 -15.44 23.54 92.78
CA ALA D 201 -15.84 22.70 93.90
C ALA D 201 -15.74 21.22 93.57
N PHE D 202 -16.26 20.82 92.41
CA PHE D 202 -16.25 19.40 92.07
C PHE D 202 -14.83 18.90 91.82
N THR D 203 -13.99 19.70 91.17
CA THR D 203 -12.59 19.32 91.01
C THR D 203 -11.92 19.17 92.37
N LEU D 204 -12.27 20.04 93.32
CA LEU D 204 -11.77 19.91 94.68
C LEU D 204 -12.20 18.57 95.27
N LEU D 205 -13.46 18.20 95.06
CA LEU D 205 -13.94 16.92 95.54
C LEU D 205 -13.12 15.77 94.96
N ASN D 206 -12.90 15.80 93.64
CA ASN D 206 -12.15 14.73 93.00
C ASN D 206 -10.77 14.57 93.61
N ARG D 207 -10.01 15.65 93.71
CA ARG D 207 -8.65 15.55 94.23
C ARG D 207 -8.66 15.31 95.73
N ALA D 208 -9.81 15.45 96.38
CA ALA D 208 -9.93 15.11 97.79
C ALA D 208 -10.12 13.62 98.02
N ALA D 209 -10.58 12.88 96.99
CA ALA D 209 -10.75 11.44 97.14
C ALA D 209 -9.46 10.76 97.58
N GLY D 210 -8.32 11.32 97.22
CA GLY D 210 -7.04 10.85 97.71
C GLY D 210 -6.29 12.02 98.31
N LEU D 211 -5.09 12.29 97.81
CA LEU D 211 -4.35 13.49 98.19
C LEU D 211 -4.13 13.53 99.70
N LYS D 212 -3.54 12.46 100.22
CA LYS D 212 -3.29 12.33 101.66
C LYS D 212 -2.00 13.01 102.09
N GLN D 213 -1.44 13.91 101.28
CA GLN D 213 -0.17 14.54 101.60
C GLN D 213 -0.35 16.00 102.03
N LEU D 214 -0.98 16.82 101.19
CA LEU D 214 -1.02 18.27 101.39
C LEU D 214 0.41 18.80 101.50
N ASN D 215 1.13 18.69 100.38
CA ASN D 215 2.54 19.04 100.37
C ASN D 215 2.75 20.55 100.50
N SER D 216 1.81 21.34 100.01
CA SER D 216 1.94 22.81 100.08
C SER D 216 0.55 23.41 100.16
N ILE D 217 0.25 24.06 101.29
CA ILE D 217 -1.05 24.70 101.46
C ILE D 217 -1.28 25.74 100.39
N ASP D 218 -0.24 26.48 100.02
CA ASP D 218 -0.39 27.53 99.02
C ASP D 218 -0.95 26.97 97.72
N GLU D 219 -0.38 25.87 97.25
CA GLU D 219 -0.82 25.29 95.98
C GLU D 219 -2.26 24.80 96.08
N ILE D 220 -2.62 24.16 97.18
CA ILE D 220 -3.98 23.65 97.33
C ILE D 220 -4.98 24.81 97.30
N PHE D 221 -4.72 25.84 98.09
CA PHE D 221 -5.67 26.95 98.16
C PHE D 221 -5.66 27.78 96.89
N ARG D 222 -4.61 27.68 96.07
CA ARG D 222 -4.56 28.47 94.85
C ARG D 222 -5.22 27.75 93.69
N GLU D 223 -5.13 26.42 93.64
CA GLU D 223 -5.58 25.67 92.48
C GLU D 223 -6.84 24.84 92.72
N LEU D 224 -7.23 24.60 93.97
CA LEU D 224 -8.28 23.64 94.28
C LEU D 224 -9.39 24.18 95.16
N VAL D 225 -9.28 25.42 95.65
CA VAL D 225 -10.24 25.93 96.62
C VAL D 225 -10.84 27.23 96.11
N LEU D 226 -9.98 28.19 95.78
CA LEU D 226 -10.40 29.54 95.47
C LEU D 226 -10.85 29.65 94.02
N ASP D 227 -12.01 30.27 93.81
CA ASP D 227 -12.56 30.39 92.46
C ASP D 227 -11.66 31.26 91.60
N ASP D 228 -11.74 31.03 90.28
CA ASP D 228 -10.92 31.76 89.32
C ASP D 228 -11.55 33.14 89.07
N HIS D 229 -10.83 34.18 89.48
CA HIS D 229 -11.24 35.56 89.22
C HIS D 229 -10.13 36.35 88.54
N SER D 230 -9.21 35.67 87.88
CA SER D 230 -8.11 36.35 87.20
C SER D 230 -8.66 37.31 86.15
N ALA D 231 -8.02 38.48 86.04
CA ALA D 231 -8.43 39.52 85.12
C ALA D 231 -7.73 39.42 83.78
N PHE D 232 -7.34 38.21 83.36
CA PHE D 232 -6.62 38.06 82.10
C PHE D 232 -7.40 38.66 80.94
N ASP D 233 -8.70 38.41 80.88
CA ASP D 233 -9.51 38.98 79.79
C ASP D 233 -9.50 40.51 79.85
N ARG D 234 -9.55 41.08 81.06
CA ARG D 234 -9.52 42.54 81.17
C ARG D 234 -8.19 43.09 80.70
N ALA D 235 -7.09 42.43 81.05
CA ALA D 235 -5.77 42.87 80.59
C ALA D 235 -5.66 42.77 79.08
N ALA D 236 -6.20 41.70 78.50
CA ALA D 236 -6.20 41.59 77.05
C ALA D 236 -7.00 42.71 76.41
N GLU D 237 -8.15 43.04 76.99
CA GLU D 237 -8.95 44.14 76.45
C GLU D 237 -8.18 45.46 76.53
N VAL D 238 -7.53 45.72 77.67
CA VAL D 238 -6.79 46.97 77.83
C VAL D 238 -5.68 47.08 76.79
N ALA D 239 -4.95 45.98 76.58
CA ALA D 239 -3.87 45.99 75.59
C ALA D 239 -4.42 46.26 74.19
N ASN D 240 -5.57 45.69 73.86
CA ASN D 240 -6.16 45.90 72.54
C ASN D 240 -6.61 47.34 72.33
N SER D 241 -6.82 48.09 73.41
CA SER D 241 -7.20 49.50 73.27
C SER D 241 -6.12 50.30 72.56
N PHE D 242 -4.87 49.87 72.64
CA PHE D 242 -3.74 50.59 72.05
C PHE D 242 -3.42 50.11 70.64
N ASP D 243 -4.23 49.21 70.08
CA ASP D 243 -3.95 48.69 68.74
C ASP D 243 -3.97 49.80 67.69
N GLY D 244 -4.92 50.73 67.79
CA GLY D 244 -4.98 51.81 66.82
C GLY D 244 -3.70 52.63 66.81
N LEU D 245 -3.17 52.94 67.99
CA LEU D 245 -1.92 53.68 68.06
C LEU D 245 -0.79 52.90 67.40
N THR D 246 -0.73 51.60 67.63
CA THR D 246 0.31 50.79 67.00
C THR D 246 0.18 50.82 65.48
N GLU D 247 -1.04 50.69 64.97
CA GLU D 247 -1.24 50.70 63.52
C GLU D 247 -0.82 52.05 62.93
N ILE D 248 -1.22 53.15 63.58
CA ILE D 248 -0.88 54.47 63.06
C ILE D 248 0.63 54.68 63.09
N HIS D 249 1.28 54.30 64.18
CA HIS D 249 2.72 54.46 64.28
C HIS D 249 3.44 53.63 63.23
N GLN D 250 2.99 52.39 63.01
CA GLN D 250 3.61 51.55 62.00
C GLN D 250 3.43 52.14 60.61
N GLU D 251 2.25 52.69 60.33
CA GLU D 251 2.02 53.32 59.03
C GLU D 251 2.97 54.50 58.83
N LEU D 252 3.11 55.34 59.86
CA LEU D 252 4.04 56.47 59.76
C LEU D 252 5.46 55.98 59.56
N GLU D 253 5.86 54.92 60.29
CA GLU D 253 7.22 54.43 60.18
C GLU D 253 7.48 53.87 58.80
N THR D 254 6.52 53.16 58.22
CA THR D 254 6.69 52.67 56.86
C THR D 254 6.77 53.81 55.86
N ALA D 255 5.96 54.86 56.06
CA ALA D 255 6.07 56.02 55.16
C ALA D 255 7.47 56.62 55.23
N ARG D 256 8.00 56.82 56.45
CA ARG D 256 9.33 57.38 56.59
C ARG D 256 10.37 56.45 55.96
N LYS D 257 10.23 55.14 56.17
CA LYS D 257 11.16 54.19 55.58
C LYS D 257 11.16 54.28 54.07
N GLN D 258 9.97 54.39 53.48
CA GLN D 258 9.87 54.50 52.03
C GLN D 258 10.52 55.78 51.53
N GLN D 259 10.28 56.89 52.23
CA GLN D 259 10.91 58.14 51.87
C GLN D 259 12.43 58.01 51.90
N GLN D 260 12.95 57.46 52.99
CA GLN D 260 14.39 57.26 53.12
C GLN D 260 14.93 56.41 51.98
N SER D 261 14.24 55.31 51.67
CA SER D 261 14.70 54.46 50.58
C SER D 261 14.70 55.18 49.24
N LEU D 262 13.74 56.07 49.03
CA LEU D 262 13.63 56.75 47.73
C LEU D 262 14.55 57.97 47.63
N GLN D 263 15.08 58.46 48.75
CA GLN D 263 16.00 59.59 48.68
C GLN D 263 17.19 59.37 47.76
N PRO D 264 17.96 58.29 47.89
CA PRO D 264 19.13 58.13 47.01
C PRO D 264 18.79 58.03 45.54
N VAL D 265 17.59 57.53 45.20
CA VAL D 265 17.23 57.43 43.78
C VAL D 265 17.20 58.80 43.14
N ALA D 266 16.62 59.79 43.83
CA ALA D 266 16.57 61.14 43.27
C ALA D 266 17.96 61.71 43.07
N LEU D 267 18.84 61.54 44.06
CA LEU D 267 20.19 62.07 43.95
C LEU D 267 20.94 61.42 42.79
N SER D 268 20.80 60.11 42.65
CA SER D 268 21.48 59.42 41.56
C SER D 268 20.90 59.83 40.20
N TRP D 269 19.58 60.06 40.14
CA TRP D 269 18.98 60.56 38.91
C TRP D 269 19.54 61.93 38.54
N GLU D 270 19.69 62.80 39.55
CA GLU D 270 20.26 64.12 39.29
C GLU D 270 21.71 63.99 38.81
N LYS D 271 22.48 63.09 39.41
CA LYS D 271 23.84 62.85 38.97
C LYS D 271 23.87 62.38 37.51
N TYR D 272 22.95 61.48 37.17
CA TYR D 272 22.87 60.99 35.80
C TYR D 272 22.52 62.11 34.83
N GLN D 273 21.60 62.98 35.21
CA GLN D 273 21.27 64.14 34.37
C GLN D 273 22.48 65.05 34.19
N LYS D 274 23.22 65.28 35.27
CA LYS D 274 24.44 66.09 35.19
C LYS D 274 25.42 65.50 34.19
N GLN D 275 25.69 64.20 34.33
CA GLN D 275 26.62 63.53 33.40
C GLN D 275 26.11 63.59 31.97
N GLU D 276 24.80 63.39 31.78
CA GLU D 276 24.24 63.38 30.43
C GLU D 276 24.37 64.75 29.77
N ARG D 277 24.06 65.82 30.51
CA ARG D 277 24.15 67.15 29.91
C ARG D 277 25.61 67.54 29.68
N GLN D 278 26.52 67.12 30.57
CA GLN D 278 27.94 67.34 30.31
C GLN D 278 28.38 66.64 29.03
N LEU D 279 27.95 65.38 28.86
CA LEU D 279 28.31 64.65 27.66
C LEU D 279 27.70 65.30 26.42
N ALA D 280 26.49 65.83 26.55
CA ALA D 280 25.88 66.53 25.42
C ALA D 280 26.69 67.76 25.04
N ASP D 281 27.12 68.54 26.03
CA ASP D 281 27.93 69.72 25.75
C ASP D 281 29.24 69.33 25.07
N TRP D 282 29.89 68.27 25.56
CA TRP D 282 31.18 67.90 24.99
C TRP D 282 31.02 67.26 23.61
N LEU D 283 29.89 66.59 23.36
CA LEU D 283 29.59 66.11 22.02
C LEU D 283 29.37 67.28 21.07
N THR D 284 28.69 68.33 21.54
CA THR D 284 28.53 69.53 20.73
C THR D 284 29.89 70.14 20.40
N LEU D 285 30.79 70.18 21.39
CA LEU D 285 32.14 70.66 21.12
C LEU D 285 32.85 69.78 20.10
N GLU D 286 32.71 68.47 20.22
CA GLU D 286 33.32 67.56 19.26
C GLU D 286 32.82 67.85 17.85
N SER D 287 31.51 68.08 17.71
CA SER D 287 30.96 68.37 16.39
C SER D 287 31.41 69.73 15.87
N LEU D 288 31.57 70.71 16.76
CA LEU D 288 31.93 72.06 16.36
C LEU D 288 33.43 72.26 16.18
N LEU D 289 34.25 71.28 16.56
CA LEU D 289 35.70 71.42 16.51
C LEU D 289 36.24 71.87 15.15
N PRO D 290 35.79 71.31 14.02
CA PRO D 290 36.42 71.69 12.74
C PRO D 290 36.32 73.17 12.42
N LEU D 291 35.21 73.83 12.78
CA LEU D 291 34.98 75.20 12.34
C LEU D 291 35.93 76.18 13.03
N TRP D 292 36.17 75.98 14.33
CA TRP D 292 37.09 76.86 15.06
C TRP D 292 38.48 76.82 14.45
N PHE D 293 39.03 75.62 14.28
CA PHE D 293 40.36 75.49 13.69
C PHE D 293 40.37 75.98 12.25
N ALA D 294 39.26 75.79 11.53
CA ALA D 294 39.19 76.30 10.16
C ALA D 294 39.30 77.82 10.14
N GLN D 295 38.58 78.50 11.03
CA GLN D 295 38.67 79.95 11.09
C GLN D 295 40.07 80.41 11.46
N GLN D 296 40.67 79.75 12.46
CA GLN D 296 42.02 80.14 12.87
C GLN D 296 43.02 79.93 11.74
N ALA D 297 42.91 78.80 11.03
CA ALA D 297 43.79 78.54 9.90
C ALA D 297 43.58 79.57 8.81
N SER D 298 42.33 79.93 8.53
CA SER D 298 42.05 80.94 7.52
C SER D 298 42.72 82.26 7.89
N HIS D 299 42.57 82.69 9.14
CA HIS D 299 43.18 83.95 9.56
C HIS D 299 44.69 83.90 9.44
N LEU D 300 45.31 82.84 9.94
CA LEU D 300 46.77 82.79 9.96
C LEU D 300 47.34 82.65 8.56
N TRP D 301 46.69 81.86 7.69
CA TRP D 301 47.14 81.73 6.31
C TRP D 301 46.92 83.02 5.54
N ARG D 302 45.88 83.78 5.89
CA ARG D 302 45.70 85.08 5.25
C ARG D 302 46.79 86.05 5.67
N GLU D 303 47.21 85.99 6.94
CA GLU D 303 48.37 86.79 7.36
C GLU D 303 49.63 86.37 6.61
N LYS D 304 49.83 85.06 6.45
CA LYS D 304 50.95 84.55 5.67
C LYS D 304 50.91 85.09 4.25
N ILE D 305 49.73 85.08 3.64
CA ILE D 305 49.58 85.58 2.27
C ILE D 305 49.84 87.08 2.23
N ASN D 306 49.45 87.80 3.29
CA ASN D 306 49.72 89.23 3.35
C ASN D 306 51.22 89.50 3.33
N LEU D 307 51.98 88.75 4.13
CA LEU D 307 53.44 88.92 4.12
C LEU D 307 54.03 88.53 2.78
N LEU D 308 53.56 87.40 2.23
CA LEU D 308 54.15 86.89 1.00
C LEU D 308 53.83 87.78 -0.19
N ASN D 309 52.68 88.46 -0.17
CA ASN D 309 52.36 89.39 -1.24
C ASN D 309 53.38 90.53 -1.29
N ALA D 310 53.70 91.11 -0.14
CA ALA D 310 54.70 92.18 -0.11
C ALA D 310 56.07 91.67 -0.52
N ARG D 311 56.46 90.49 -0.01
CA ARG D 311 57.78 89.97 -0.36
C ARG D 311 57.87 89.68 -1.86
N LEU D 312 56.82 89.08 -2.43
CA LEU D 312 56.81 88.79 -3.85
C LEU D 312 56.78 90.06 -4.68
N ALA D 313 56.08 91.09 -4.21
CA ALA D 313 56.08 92.37 -4.91
C ALA D 313 57.47 92.98 -4.93
N GLU D 314 58.18 92.92 -3.81
CA GLU D 314 59.55 93.43 -3.78
C GLU D 314 60.45 92.65 -4.72
N ALA D 315 60.34 91.32 -4.70
CA ALA D 315 61.16 90.51 -5.61
C ALA D 315 60.83 90.81 -7.07
N GLN D 316 59.55 90.98 -7.38
CA GLN D 316 59.14 91.30 -8.74
C GLN D 316 59.67 92.67 -9.15
N THR D 317 59.66 93.64 -8.24
CA THR D 317 60.23 94.94 -8.55
C THR D 317 61.72 94.82 -8.86
N SER D 318 62.45 94.05 -8.04
CA SER D 318 63.87 93.86 -8.29
C SER D 318 64.11 93.21 -9.66
N GLU D 319 63.35 92.14 -9.95
CA GLU D 319 63.53 91.45 -11.22
C GLU D 319 63.19 92.36 -12.39
N GLU D 320 62.11 93.13 -12.28
CA GLU D 320 61.70 94.02 -13.35
C GLU D 320 62.73 95.12 -13.58
N GLN D 321 63.28 95.68 -12.50
CA GLN D 321 64.30 96.71 -12.65
C GLN D 321 65.56 96.14 -13.30
N LEU D 322 65.97 94.94 -12.90
CA LEU D 322 67.14 94.31 -13.52
C LEU D 322 66.88 94.04 -15.00
N GLN D 323 65.68 93.54 -15.33
CA GLN D 323 65.36 93.27 -16.72
C GLN D 323 65.32 94.55 -17.54
N SER D 324 64.78 95.63 -16.97
CA SER D 324 64.74 96.90 -17.66
C SER D 324 66.14 97.44 -17.92
N GLN D 325 67.03 97.32 -16.93
CA GLN D 325 68.41 97.74 -17.14
C GLN D 325 69.09 96.90 -18.20
N LEU D 326 68.85 95.59 -18.20
CA LEU D 326 69.43 94.72 -19.23
C LEU D 326 68.93 95.09 -20.61
N ASP D 327 67.62 95.34 -20.73
CA ASP D 327 67.05 95.71 -22.03
C ASP D 327 67.53 97.08 -22.48
N LEU D 328 67.75 98.00 -21.54
CA LEU D 328 68.34 99.29 -21.89
C LEU D 328 69.77 99.11 -22.39
N GLN D 329 70.53 98.21 -21.75
CA GLN D 329 71.87 97.90 -22.24
C GLN D 329 71.80 97.35 -23.66
N LYS D 330 70.83 96.47 -23.92
CA LYS D 330 70.61 96.01 -25.29
C LYS D 330 70.16 97.16 -26.18
N LYS D 331 69.41 98.12 -25.62
CA LYS D 331 68.86 99.21 -26.42
C LYS D 331 69.95 100.21 -26.81
N VAL D 332 71.03 100.29 -26.04
CA VAL D 332 72.14 101.16 -26.40
C VAL D 332 72.72 100.75 -27.73
N VAL D 333 72.55 99.48 -28.11
CA VAL D 333 72.98 99.03 -29.43
C VAL D 333 72.20 99.76 -30.51
N SER D 334 70.88 99.90 -30.34
CA SER D 334 70.08 100.61 -31.32
C SER D 334 70.33 102.10 -31.27
N ASP D 335 70.62 102.66 -30.09
CA ASP D 335 70.94 104.08 -29.98
C ASP D 335 72.20 104.41 -30.74
N CYS D 336 73.19 103.51 -30.71
CA CYS D 336 74.39 103.72 -31.50
C CYS D 336 74.08 103.75 -32.99
N MET D 337 73.17 102.88 -33.44
CA MET D 337 72.74 102.91 -34.83
C MET D 337 72.04 104.23 -35.16
N GLN D 338 71.20 104.71 -34.24
CA GLN D 338 70.51 105.97 -34.47
C GLN D 338 71.49 107.13 -34.60
N ARG D 339 72.51 107.15 -33.73
CA ARG D 339 73.52 108.19 -33.83
C ARG D 339 74.31 108.05 -35.13
N TYR D 340 74.64 106.82 -35.51
CA TYR D 340 75.38 106.60 -36.75
C TYR D 340 74.60 107.10 -37.95
N LEU D 341 73.28 106.89 -37.97
CA LEU D 341 72.45 107.40 -39.05
C LEU D 341 72.29 108.91 -38.97
N GLN D 342 72.30 109.47 -37.76
CA GLN D 342 72.04 110.90 -37.59
C GLN D 342 73.21 111.76 -38.04
N VAL D 343 74.44 111.32 -37.78
CA VAL D 343 75.62 112.12 -38.12
C VAL D 343 75.74 112.25 -39.63
N ASP D 689 88.54 107.52 -33.52
CA ASP D 689 87.42 107.75 -32.62
C ASP D 689 86.21 108.29 -33.37
N SER D 690 86.11 107.93 -34.66
CA SER D 690 84.97 108.34 -35.46
C SER D 690 83.68 107.81 -34.87
N ASP D 691 82.55 108.29 -35.41
CA ASP D 691 81.25 107.87 -34.89
C ASP D 691 81.06 106.37 -35.03
N ALA D 692 81.45 105.80 -36.19
CA ALA D 692 81.31 104.36 -36.38
C ALA D 692 82.17 103.57 -35.40
N SER D 693 83.41 104.03 -35.18
CA SER D 693 84.30 103.34 -34.24
C SER D 693 83.74 103.41 -32.82
N VAL D 694 83.19 104.56 -32.43
CA VAL D 694 82.60 104.69 -31.11
C VAL D 694 81.39 103.77 -30.98
N ALA D 695 80.57 103.69 -32.03
CA ALA D 695 79.43 102.78 -31.99
C ALA D 695 79.88 101.33 -31.84
N LYS D 696 80.95 100.96 -32.55
CA LYS D 696 81.48 99.60 -32.44
C LYS D 696 81.98 99.33 -31.02
N ALA D 697 82.74 100.28 -30.46
CA ALA D 697 83.25 100.10 -29.11
C ALA D 697 82.12 99.99 -28.11
N LYS D 698 81.08 100.81 -28.26
CA LYS D 698 79.97 100.78 -27.33
C LYS D 698 79.15 99.51 -27.45
N LEU D 699 78.95 99.00 -28.67
CA LEU D 699 78.26 97.74 -28.83
C LEU D 699 79.05 96.60 -28.19
N ASP D 700 80.36 96.57 -28.40
CA ASP D 700 81.18 95.55 -27.76
C ASP D 700 81.13 95.67 -26.24
N GLU D 701 81.18 96.90 -25.73
CA GLU D 701 81.11 97.12 -24.30
C GLU D 701 79.78 96.64 -23.72
N ALA D 702 78.69 96.93 -24.43
CA ALA D 702 77.37 96.49 -23.98
C ALA D 702 77.28 94.97 -23.96
N GLN D 703 77.78 94.32 -25.01
CA GLN D 703 77.74 92.87 -25.04
C GLN D 703 78.59 92.26 -23.94
N THR D 704 79.73 92.88 -23.63
CA THR D 704 80.56 92.39 -22.52
C THR D 704 79.85 92.58 -21.19
N ILE D 705 79.23 93.74 -20.97
CA ILE D 705 78.58 94.03 -19.70
C ILE D 705 77.31 93.17 -19.54
N GLU D 706 76.78 92.65 -20.65
CA GLU D 706 75.49 91.98 -20.60
C GLU D 706 75.52 90.76 -19.68
N SER D 707 76.67 90.09 -19.58
CA SER D 707 76.72 88.82 -18.85
C SER D 707 76.37 89.00 -17.37
N GLU D 708 76.98 89.98 -16.71
CA GLU D 708 76.76 90.15 -15.28
C GLU D 708 75.31 90.54 -15.00
N LEU D 709 74.74 91.43 -15.81
CA LEU D 709 73.34 91.80 -15.63
C LEU D 709 72.43 90.59 -15.85
N ASP D 710 72.76 89.73 -16.81
CA ASP D 710 71.96 88.54 -17.06
C ASP D 710 72.02 87.60 -15.86
N LYS D 711 73.21 87.42 -15.28
CA LYS D 711 73.33 86.56 -14.11
C LYS D 711 72.56 87.13 -12.92
N GLN D 712 72.63 88.46 -12.73
CA GLN D 712 71.87 89.08 -11.65
C GLN D 712 70.37 88.92 -11.87
N LEU D 713 69.93 89.03 -13.13
CA LEU D 713 68.51 88.78 -13.43
C LEU D 713 68.14 87.33 -13.17
N ARG D 714 69.05 86.39 -13.45
CA ARG D 714 68.78 84.99 -13.13
C ARG D 714 68.62 84.79 -11.62
N ALA D 715 69.48 85.43 -10.83
CA ALA D 715 69.33 85.35 -9.37
C ALA D 715 68.01 85.98 -8.92
N ALA D 716 67.65 87.12 -9.51
CA ALA D 716 66.38 87.76 -9.17
C ALA D 716 65.21 86.85 -9.52
N ASN D 717 65.28 86.17 -10.66
CA ASN D 717 64.23 85.23 -11.03
C ASN D 717 64.18 84.05 -10.07
N LYS D 718 65.35 83.58 -9.62
CA LYS D 718 65.37 82.55 -8.59
C LYS D 718 64.60 83.00 -7.35
N VAL D 719 64.90 84.19 -6.85
CA VAL D 719 64.23 84.70 -5.66
C VAL D 719 62.73 84.84 -5.92
N THR D 720 62.37 85.40 -7.08
CA THR D 720 60.97 85.62 -7.40
C THR D 720 60.21 84.29 -7.50
N ASN D 721 60.82 83.27 -8.11
CA ASN D 721 60.18 81.97 -8.18
C ASN D 721 60.02 81.35 -6.81
N VAL D 722 61.02 81.49 -5.93
CA VAL D 722 60.89 80.95 -4.57
C VAL D 722 59.71 81.62 -3.87
N LEU D 723 59.64 82.95 -3.96
CA LEU D 723 58.55 83.67 -3.30
C LEU D 723 57.20 83.34 -3.93
N ASP D 724 57.16 83.14 -5.24
CA ASP D 724 55.91 82.80 -5.90
C ASP D 724 55.43 81.41 -5.47
N THR D 725 56.35 80.46 -5.32
CA THR D 725 55.98 79.14 -4.80
C THR D 725 55.47 79.25 -3.38
N GLU D 726 56.13 80.08 -2.56
CA GLU D 726 55.65 80.30 -1.20
C GLU D 726 54.23 80.86 -1.20
N LEU D 727 53.99 81.86 -2.05
CA LEU D 727 52.66 82.46 -2.13
C LEU D 727 51.62 81.46 -2.62
N THR D 728 51.99 80.62 -3.60
CA THR D 728 51.07 79.60 -4.08
C THR D 728 50.71 78.62 -2.99
N LEU D 729 51.69 78.16 -2.21
CA LEU D 729 51.40 77.24 -1.12
C LEU D 729 50.51 77.89 -0.07
N ALA D 730 50.82 79.15 0.30
CA ALA D 730 49.99 79.85 1.28
C ALA D 730 48.57 80.03 0.76
N ARG D 731 48.42 80.37 -0.52
CA ARG D 731 47.10 80.54 -1.10
C ARG D 731 46.33 79.24 -1.13
N ALA D 732 47.01 78.13 -1.43
CA ALA D 732 46.34 76.83 -1.41
C ALA D 732 45.86 76.49 -0.01
N ALA D 733 46.70 76.72 1.00
CA ALA D 733 46.28 76.45 2.38
C ALA D 733 45.10 77.32 2.78
N GLU D 734 45.16 78.61 2.43
CA GLU D 734 44.07 79.53 2.75
C GLU D 734 42.78 79.11 2.04
N ARG D 735 42.88 78.68 0.78
CA ARG D 735 41.70 78.20 0.07
C ARG D 735 41.11 76.98 0.74
N LYS D 736 41.97 76.05 1.18
CA LYS D 736 41.48 74.88 1.90
C LYS D 736 40.74 75.30 3.16
N ALA D 737 41.28 76.26 3.89
CA ALA D 737 40.66 76.66 5.16
C ALA D 737 39.42 77.52 4.93
N GLN D 738 39.31 78.16 3.78
CA GLN D 738 38.30 79.20 3.57
C GLN D 738 36.89 78.63 3.64
N GLN D 739 36.61 77.58 2.85
CA GLN D 739 35.24 77.08 2.77
C GLN D 739 34.77 76.52 4.11
N THR D 740 35.67 75.91 4.87
CA THR D 740 35.29 75.36 6.16
C THR D 740 34.96 76.47 7.16
N ALA D 741 35.72 77.57 7.14
CA ALA D 741 35.52 78.63 8.13
C ALA D 741 34.30 79.49 7.81
N GLN D 742 33.84 79.48 6.56
CA GLN D 742 32.74 80.36 6.16
C GLN D 742 31.39 79.89 6.68
N GLN D 743 31.31 78.73 7.32
CA GLN D 743 30.03 78.20 7.75
C GLN D 743 29.28 79.17 8.65
N GLY D 744 30.01 79.96 9.44
CA GLY D 744 29.38 80.89 10.35
C GLY D 744 29.08 80.27 11.70
N MET D 745 28.92 81.09 12.73
CA MET D 745 28.69 80.61 14.09
C MET D 745 27.73 81.52 14.83
N LYS D 746 26.98 80.91 15.75
CA LYS D 746 26.27 81.66 16.77
C LYS D 746 27.23 81.97 17.91
N GLU D 747 26.89 82.97 18.73
CA GLU D 747 27.73 83.29 19.86
C GLU D 747 27.81 82.13 20.84
N GLU D 748 26.67 81.48 21.11
CA GLU D 748 26.66 80.33 22.00
C GLU D 748 27.49 79.17 21.46
N GLU D 749 27.82 79.16 20.18
CA GLU D 749 28.68 78.13 19.61
C GLU D 749 30.15 78.53 19.67
N ARG D 750 30.47 79.76 19.27
CA ARG D 750 31.87 80.20 19.28
C ARG D 750 32.41 80.29 20.70
N GLU D 751 31.64 80.89 21.62
CA GLU D 751 32.07 80.94 23.00
C GLU D 751 32.18 79.54 23.61
N LEU D 752 31.30 78.61 23.23
CA LEU D 752 31.46 77.23 23.66
C LEU D 752 32.78 76.67 23.16
N CYS D 753 33.11 76.92 21.90
CA CYS D 753 34.39 76.48 21.35
C CYS D 753 35.56 77.15 22.06
N ALA D 754 35.34 78.35 22.61
CA ALA D 754 36.41 79.03 23.33
C ALA D 754 36.80 78.31 24.62
N SER D 755 36.07 77.25 24.98
CA SER D 755 36.42 76.45 26.14
C SER D 755 37.67 75.62 25.83
N HIS D 756 38.83 76.15 26.21
CA HIS D 756 40.14 75.51 26.11
C HIS D 756 40.42 74.91 24.73
N PHE D 757 39.85 75.47 23.66
CA PHE D 757 40.45 75.27 22.35
C PHE D 757 41.70 76.13 22.23
N PRO D 758 42.72 75.67 21.53
CA PRO D 758 43.99 76.41 21.49
C PRO D 758 43.87 77.65 20.62
N VAL D 759 44.70 78.64 20.95
CA VAL D 759 44.82 79.85 20.14
C VAL D 759 46.08 79.66 19.30
N VAL D 760 45.90 79.08 18.12
CA VAL D 760 47.03 78.80 17.24
C VAL D 760 47.54 80.12 16.66
N THR D 761 48.86 80.22 16.52
CA THR D 761 49.51 81.42 16.01
C THR D 761 50.15 81.11 14.66
N LEU D 762 50.69 82.15 14.04
CA LEU D 762 51.25 82.00 12.69
C LEU D 762 52.44 81.05 12.68
N GLU D 763 53.31 81.14 13.70
CA GLU D 763 54.44 80.22 13.77
C GLU D 763 53.97 78.79 13.95
N GLN D 764 52.89 78.58 14.72
CA GLN D 764 52.32 77.26 14.90
C GLN D 764 51.36 76.87 13.78
N LEU D 765 51.12 77.76 12.82
CA LEU D 765 50.18 77.47 11.75
C LEU D 765 50.53 76.23 10.95
N PRO D 766 51.79 75.99 10.57
CA PRO D 766 52.10 74.75 9.85
C PRO D 766 51.72 73.49 10.62
N ASP D 767 51.73 73.55 11.95
CA ASP D 767 51.41 72.42 12.80
C ASP D 767 49.95 72.41 13.24
N ILE D 768 49.10 73.23 12.63
CA ILE D 768 47.72 73.37 13.08
C ILE D 768 46.96 72.06 12.95
N ARG D 769 47.25 71.27 11.91
CA ARG D 769 46.59 69.98 11.75
C ARG D 769 46.88 69.07 12.93
N ASP D 770 48.13 69.05 13.40
CA ASP D 770 48.49 68.24 14.56
C ASP D 770 47.71 68.69 15.80
N LEU D 771 47.58 70.00 16.00
CA LEU D 771 46.83 70.51 17.14
C LEU D 771 45.36 70.11 17.05
N GLU D 772 44.79 70.20 15.84
CA GLU D 772 43.39 69.82 15.66
C GLU D 772 43.19 68.35 15.98
N ARG D 773 44.11 67.50 15.50
CA ARG D 773 44.02 66.08 15.83
C ARG D 773 44.18 65.83 17.33
N GLN D 774 45.10 66.55 17.97
CA GLN D 774 45.32 66.37 19.40
C GLN D 774 44.07 66.73 20.19
N HIS D 775 43.41 67.83 19.84
CA HIS D 775 42.20 68.20 20.57
C HIS D 775 41.01 67.33 20.19
N GLU D 776 40.98 66.82 18.96
CA GLU D 776 40.02 65.79 18.60
C GLU D 776 40.13 64.60 19.55
N ARG D 777 41.36 64.11 19.74
CA ARG D 777 41.58 63.01 20.68
C ARG D 777 41.18 63.42 22.09
N GLY D 778 41.56 64.63 22.51
CA GLY D 778 41.25 65.06 23.86
C GLY D 778 39.76 65.06 24.15
N ILE D 779 38.97 65.59 23.23
CA ILE D 779 37.52 65.61 23.40
C ILE D 779 36.93 64.21 23.28
N GLN D 780 37.43 63.39 22.35
CA GLN D 780 36.88 62.05 22.15
C GLN D 780 37.09 61.19 23.38
N HIS D 781 38.30 61.22 23.95
CA HIS D 781 38.59 60.41 25.13
C HIS D 781 37.72 60.81 26.30
N GLU D 782 37.55 62.11 26.53
CA GLU D 782 36.70 62.55 27.63
C GLU D 782 35.25 62.20 27.37
N ILE D 783 34.80 62.29 26.12
CA ILE D 783 33.41 61.94 25.81
C ILE D 783 33.16 60.47 26.11
N GLU D 784 34.09 59.60 25.71
CA GLU D 784 33.87 58.18 25.97
C GLU D 784 34.02 57.85 27.46
N ARG D 785 34.91 58.56 28.16
CA ARG D 785 34.99 58.38 29.61
C ARG D 785 33.67 58.76 30.28
N VAL D 786 33.09 59.88 29.88
CA VAL D 786 31.81 60.29 30.44
C VAL D 786 30.71 59.31 30.04
N LYS D 787 30.82 58.73 28.85
CA LYS D 787 29.87 57.70 28.44
C LYS D 787 29.93 56.47 29.35
N ALA D 788 31.16 56.04 29.68
CA ALA D 788 31.31 54.92 30.60
C ALA D 788 30.76 55.27 31.98
N GLU D 789 31.03 56.51 32.43
CA GLU D 789 30.48 56.94 33.71
C GLU D 789 28.95 56.95 33.68
N LEU D 790 28.37 57.35 32.55
CA LEU D 790 26.92 57.33 32.40
C LEU D 790 26.37 55.91 32.47
N HIS D 791 27.08 54.97 31.84
CA HIS D 791 26.67 53.56 31.93
C HIS D 791 26.72 53.08 33.38
N ARG D 792 27.78 53.45 34.10
CA ARG D 792 27.88 53.08 35.50
C ARG D 792 26.72 53.67 36.31
N LEU D 793 26.39 54.94 36.04
CA LEU D 793 25.26 55.56 36.73
C LEU D 793 23.95 54.88 36.38
N ASN D 794 23.82 54.41 35.13
CA ASN D 794 22.66 53.63 34.73
C ASN D 794 22.54 52.37 35.59
N ILE D 795 23.66 51.67 35.76
CA ILE D 795 23.65 50.46 36.59
C ILE D 795 23.26 50.82 38.03
N GLU D 796 23.82 51.90 38.56
CA GLU D 796 23.48 52.32 39.91
C GLU D 796 22.01 52.63 40.03
N LEU D 797 21.45 53.31 39.03
CA LEU D 797 20.04 53.67 39.08
C LEU D 797 19.15 52.44 39.07
N THR D 798 19.45 51.48 38.19
CA THR D 798 18.62 50.27 38.17
C THR D 798 18.74 49.52 39.49
N LYS D 799 19.95 49.44 40.05
CA LYS D 799 20.13 48.78 41.34
C LYS D 799 19.27 49.43 42.42
N ARG D 800 19.39 50.75 42.57
CA ARG D 800 18.68 51.43 43.64
C ARG D 800 17.18 51.44 43.41
N MET D 801 16.74 51.48 42.15
CA MET D 801 15.32 51.38 41.85
C MET D 801 14.79 50.01 42.23
N SER D 802 15.56 48.95 41.95
CA SER D 802 15.14 47.62 42.34
C SER D 802 15.03 47.51 43.86
N GLU D 803 16.01 48.05 44.59
CA GLU D 803 15.93 48.01 46.05
C GLU D 803 14.72 48.79 46.55
N ALA D 804 14.48 49.98 45.99
CA ALA D 804 13.31 50.75 46.39
C ALA D 804 12.04 49.95 46.16
N LYS D 805 11.89 49.34 44.99
CA LYS D 805 10.77 48.44 44.74
C LYS D 805 10.66 47.39 45.83
N ARG D 806 11.77 46.75 46.17
CA ARG D 806 11.74 45.72 47.20
C ARG D 806 11.13 46.26 48.49
N VAL D 807 11.61 47.41 48.96
CA VAL D 807 11.04 47.96 50.19
C VAL D 807 9.66 48.53 49.94
N ASP D 808 9.33 48.86 48.70
CA ASP D 808 8.14 49.68 48.44
C ASP D 808 6.87 48.85 48.64
N THR D 809 5.86 49.47 49.22
CA THR D 809 4.64 48.79 49.63
C THR D 809 3.53 49.13 48.66
N GLY D 810 3.50 48.44 47.53
CA GLY D 810 2.31 48.41 46.70
C GLY D 810 2.12 49.60 45.77
N ALA D 811 2.50 50.79 46.22
CA ALA D 811 2.21 51.99 45.42
C ALA D 811 2.93 51.96 44.09
N LEU D 812 3.97 51.13 43.94
CA LEU D 812 4.78 51.08 42.73
C LEU D 812 4.72 49.72 42.04
N VAL D 813 3.67 48.93 42.29
CA VAL D 813 3.55 47.64 41.62
C VAL D 813 3.44 47.83 40.11
N GLU D 814 3.00 48.99 39.67
CA GLU D 814 2.80 49.28 38.25
C GLU D 814 3.98 50.01 37.63
N ALA D 815 5.20 49.76 38.11
CA ALA D 815 6.38 50.43 37.58
C ALA D 815 7.56 49.47 37.56
N GLY D 816 8.28 49.46 36.44
CA GLY D 816 9.42 48.58 36.27
C GLY D 816 10.69 49.18 36.80
N ALA D 817 11.80 48.53 36.46
CA ALA D 817 13.12 48.90 36.97
C ALA D 817 14.00 49.54 35.89
N ASP D 818 13.39 50.06 34.83
CA ASP D 818 14.13 50.71 33.77
C ASP D 818 14.07 52.22 33.94
N LEU D 819 14.96 52.91 33.22
CA LEU D 819 15.09 54.36 33.38
C LEU D 819 13.84 55.10 32.95
N ASP D 820 12.95 54.44 32.19
CA ASP D 820 11.74 55.10 31.74
C ASP D 820 10.86 55.52 32.90
N ASP D 821 10.84 54.72 33.97
CA ASP D 821 9.86 54.91 35.04
C ASP D 821 10.36 55.75 36.19
N ILE D 822 11.54 56.37 36.07
CA ILE D 822 12.11 57.20 37.12
C ILE D 822 11.11 58.27 37.53
N PRO D 823 10.40 58.90 36.61
CA PRO D 823 9.44 59.95 37.01
C PRO D 823 8.43 59.46 38.04
N VAL D 824 7.97 58.21 37.95
CA VAL D 824 7.02 57.70 38.93
C VAL D 824 7.65 57.68 40.32
N TYR D 825 8.90 57.23 40.41
CA TYR D 825 9.59 57.19 41.70
C TYR D 825 9.76 58.61 42.25
N LEU D 826 10.15 59.54 41.39
CA LEU D 826 10.29 60.91 41.85
C LEU D 826 8.96 61.48 42.33
N GLN D 827 7.88 61.16 41.62
CA GLN D 827 6.56 61.61 42.07
C GLN D 827 6.20 61.00 43.41
N ARG D 828 6.54 59.73 43.62
CA ARG D 828 6.25 59.10 44.90
C ARG D 828 7.00 59.80 46.03
N LEU D 829 8.29 60.08 45.81
CA LEU D 829 9.07 60.77 46.82
C LEU D 829 8.49 62.16 47.10
N GLN D 830 8.11 62.87 46.04
CA GLN D 830 7.52 64.20 46.21
C GLN D 830 6.23 64.12 47.02
N GLU D 831 5.38 63.14 46.70
CA GLU D 831 4.11 63.01 47.43
C GLU D 831 4.36 62.71 48.89
N LEU D 832 5.29 61.79 49.18
CA LEU D 832 5.60 61.48 50.57
C LEU D 832 6.10 62.71 51.30
N THR D 833 7.02 63.46 50.69
CA THR D 833 7.59 64.63 51.36
C THR D 833 6.54 65.70 51.58
N GLU D 834 5.62 65.88 50.63
CA GLU D 834 4.71 67.01 50.70
C GLU D 834 3.45 66.73 51.51
N GLU D 835 2.71 65.67 51.21
CA GLU D 835 1.38 65.53 51.78
C GLU D 835 1.21 64.33 52.69
N ALA D 836 1.54 63.13 52.20
CA ALA D 836 1.23 61.92 52.95
C ALA D 836 1.95 61.90 54.29
N LEU D 837 3.27 62.10 54.28
CA LEU D 837 4.05 62.01 55.51
C LEU D 837 3.61 63.00 56.56
N PRO D 838 3.47 64.31 56.28
CA PRO D 838 3.01 65.23 57.33
C PRO D 838 1.63 64.89 57.86
N GLU D 839 0.72 64.45 56.99
CA GLU D 839 -0.62 64.08 57.46
C GLU D 839 -0.54 62.90 58.42
N LYS D 840 0.22 61.87 58.06
CA LYS D 840 0.36 60.72 58.94
C LYS D 840 1.02 61.11 60.25
N LEU D 841 2.03 61.98 60.20
CA LEU D 841 2.66 62.42 61.44
C LEU D 841 1.69 63.19 62.31
N ASN D 842 0.87 64.05 61.71
CA ASN D 842 -0.13 64.79 62.48
C ASN D 842 -1.10 63.83 63.16
N ARG D 843 -1.58 62.84 62.41
CA ARG D 843 -2.48 61.85 63.00
C ARG D 843 -1.80 61.10 64.14
N PHE D 844 -0.54 60.72 63.94
CA PHE D 844 0.18 59.96 64.97
C PHE D 844 0.35 60.78 66.23
N LEU D 845 0.77 62.04 66.10
CA LEU D 845 0.94 62.89 67.27
C LEU D 845 -0.39 63.13 67.98
N ASP D 846 -1.45 63.40 67.21
CA ASP D 846 -2.75 63.61 67.82
C ASP D 846 -3.19 62.38 68.60
N TYR D 847 -3.08 61.20 67.99
CA TYR D 847 -3.46 59.98 68.69
C TYR D 847 -2.61 59.75 69.93
N LEU D 848 -1.30 59.99 69.83
CA LEU D 848 -0.40 59.72 70.94
C LEU D 848 -0.72 60.61 72.14
N ASN D 849 -0.98 61.89 71.90
CA ASN D 849 -1.38 62.79 72.98
C ASN D 849 -2.85 62.66 73.32
N ARG D 850 -3.60 61.85 72.55
CA ARG D 850 -5.04 61.74 72.74
C ARG D 850 -5.40 60.56 73.61
N SER D 851 -4.53 59.55 73.69
CA SER D 851 -4.81 58.36 74.46
C SER D 851 -4.36 58.52 75.91
N SER D 852 -4.65 57.51 76.72
CA SER D 852 -4.24 57.49 78.11
C SER D 852 -4.22 56.05 78.61
N ASP D 853 -3.54 55.84 79.73
CA ASP D 853 -3.36 54.51 80.31
C ASP D 853 -4.11 54.33 81.63
N ASP D 854 -5.19 55.09 81.85
CA ASP D 854 -5.96 54.94 83.08
C ASP D 854 -6.53 53.54 83.23
N GLY D 855 -6.67 52.82 82.12
CA GLY D 855 -7.19 51.46 82.20
C GLY D 855 -6.33 50.55 83.05
N VAL D 856 -5.01 50.73 82.98
CA VAL D 856 -4.11 49.91 83.80
C VAL D 856 -4.35 50.18 85.28
N THR D 857 -4.51 51.46 85.64
CA THR D 857 -4.78 51.80 87.03
C THR D 857 -6.11 51.21 87.50
N GLN D 858 -7.15 51.31 86.65
CA GLN D 858 -8.43 50.71 87.02
C GLN D 858 -8.29 49.20 87.20
N LEU D 859 -7.55 48.55 86.31
CA LEU D 859 -7.33 47.11 86.43
C LEU D 859 -6.66 46.78 87.75
N LEU D 860 -5.61 47.53 88.11
CA LEU D 860 -4.90 47.26 89.35
C LEU D 860 -5.80 47.46 90.56
N SER D 861 -6.62 48.51 90.53
CA SER D 861 -7.59 48.72 91.61
C SER D 861 -8.55 47.54 91.70
N HIS D 862 -8.97 47.02 90.55
CA HIS D 862 -9.85 45.85 90.54
C HIS D 862 -9.16 44.64 91.16
N ILE D 863 -7.87 44.44 90.86
CA ILE D 863 -7.15 43.33 91.45
C ILE D 863 -7.10 43.47 92.97
N GLU D 864 -6.81 44.68 93.45
CA GLU D 864 -6.74 44.88 94.90
C GLU D 864 -8.10 44.67 95.55
N HIS D 865 -9.17 45.12 94.89
CA HIS D 865 -10.52 44.87 95.38
C HIS D 865 -10.79 43.37 95.47
N GLU D 866 -10.38 42.62 94.45
CA GLU D 866 -10.54 41.17 94.48
C GLU D 866 -9.76 40.56 95.64
N VAL D 867 -8.57 41.09 95.91
CA VAL D 867 -7.78 40.58 97.03
C VAL D 867 -8.50 40.82 98.36
N LEU D 868 -9.09 42.00 98.51
CA LEU D 868 -9.86 42.28 99.72
C LEU D 868 -11.05 41.33 99.82
N VAL D 869 -11.71 41.06 98.69
CA VAL D 869 -12.87 40.17 98.70
C VAL D 869 -12.47 38.76 99.09
N ILE D 870 -11.35 38.27 98.56
CA ILE D 870 -10.86 36.94 98.94
C ILE D 870 -10.52 36.87 100.41
N GLU D 871 -9.90 37.92 100.95
CA GLU D 871 -9.63 37.91 102.40
C GLU D 871 -10.94 37.84 103.19
N GLU D 872 -11.92 38.65 102.80
CA GLU D 872 -13.22 38.59 103.46
C GLU D 872 -13.82 37.19 103.37
N ARG D 873 -13.70 36.58 102.20
CA ARG D 873 -14.22 35.22 102.01
C ARG D 873 -13.54 34.23 102.93
N LEU D 874 -12.20 34.31 103.02
CA LEU D 874 -11.46 33.40 103.89
C LEU D 874 -11.79 33.60 105.36
N ASN D 875 -12.26 34.80 105.73
CA ASN D 875 -12.74 34.96 107.10
C ASN D 875 -13.88 33.99 107.41
N GLU D 876 -14.77 33.75 106.45
CA GLU D 876 -15.84 32.78 106.65
C GLU D 876 -15.30 31.38 106.90
N LEU D 877 -14.31 30.95 106.09
CA LEU D 877 -13.69 29.66 106.31
C LEU D 877 -13.05 29.58 107.69
N ASN D 878 -12.36 30.65 108.10
CA ASN D 878 -11.76 30.69 109.43
C ASN D 878 -12.84 30.53 110.50
N GLU D 879 -13.99 31.14 110.29
CA GLU D 879 -15.11 30.97 111.22
C GLU D 879 -15.55 29.51 111.27
N THR D 880 -15.66 28.87 110.10
CA THR D 880 -16.21 27.51 110.05
C THR D 880 -15.33 26.53 110.82
N MET D 881 -14.00 26.62 110.65
CA MET D 881 -13.12 25.71 111.37
C MET D 881 -13.18 25.94 112.88
N PHE D 882 -13.57 27.14 113.30
CA PHE D 882 -13.65 27.44 114.73
C PHE D 882 -14.76 26.66 115.41
N ARG D 883 -15.64 26.03 114.65
CA ARG D 883 -16.74 25.25 115.23
C ARG D 883 -16.37 23.79 115.49
N VAL D 884 -15.17 23.36 115.10
CA VAL D 884 -14.77 21.97 115.22
C VAL D 884 -13.36 21.93 115.80
N ASP D 885 -13.12 20.98 116.70
CA ASP D 885 -11.80 20.83 117.29
C ASP D 885 -10.88 20.04 116.37
N PHE D 886 -9.71 20.61 116.09
CA PHE D 886 -8.67 19.83 115.42
C PHE D 886 -8.03 18.83 116.37
N GLN D 887 -7.86 19.22 117.63
CA GLN D 887 -7.35 18.37 118.70
C GLN D 887 -8.17 18.63 119.94
N PRO D 888 -8.01 17.81 120.98
CA PRO D 888 -8.86 17.95 122.17
C PRO D 888 -9.00 19.37 122.67
N ASP D 889 -7.99 20.23 122.49
CA ASP D 889 -8.09 21.61 122.94
C ASP D 889 -7.49 22.59 121.94
N ARG D 890 -7.46 22.25 120.65
CA ARG D 890 -6.85 23.10 119.64
C ARG D 890 -7.69 23.08 118.36
N TYR D 891 -7.55 24.15 117.58
CA TYR D 891 -8.20 24.27 116.29
C TYR D 891 -7.24 24.95 115.33
N LEU D 892 -7.72 25.24 114.12
CA LEU D 892 -6.88 25.76 113.05
C LEU D 892 -7.41 27.09 112.53
N ARG D 893 -6.49 27.89 111.98
CA ARG D 893 -6.81 29.19 111.40
C ARG D 893 -5.80 29.50 110.31
N LEU D 894 -6.24 30.23 109.29
CA LEU D 894 -5.44 30.51 108.12
C LEU D 894 -4.96 31.96 108.16
N ASP D 895 -3.65 32.15 108.00
CA ASP D 895 -3.02 33.46 108.01
C ASP D 895 -2.57 33.82 106.61
N THR D 896 -2.86 35.05 106.19
CA THR D 896 -2.56 35.53 104.85
C THR D 896 -1.55 36.66 104.91
N LYS D 897 -0.53 36.59 104.06
CA LYS D 897 0.48 37.63 103.93
C LYS D 897 0.35 38.27 102.56
N LYS D 898 0.49 39.59 102.50
CA LYS D 898 0.53 40.30 101.22
C LYS D 898 1.93 40.20 100.63
N VAL D 899 2.04 39.61 99.46
CA VAL D 899 3.32 39.41 98.77
C VAL D 899 3.24 40.08 97.42
N VAL D 900 4.02 41.13 97.22
CA VAL D 900 4.07 41.86 95.97
C VAL D 900 5.21 41.29 95.13
N HIS D 901 4.87 40.70 93.99
CA HIS D 901 5.86 40.05 93.15
C HIS D 901 6.61 41.08 92.32
N GLU D 902 7.82 40.69 91.89
CA GLU D 902 8.66 41.61 91.11
C GLU D 902 7.94 42.13 89.88
N SER D 903 7.04 41.33 89.30
CA SER D 903 6.37 41.75 88.07
C SER D 903 5.54 43.00 88.31
N LEU D 904 4.77 43.03 89.40
CA LEU D 904 3.96 44.21 89.68
C LEU D 904 4.85 45.42 89.97
N ARG D 905 5.98 45.21 90.64
CA ARG D 905 6.89 46.31 90.91
C ARG D 905 7.44 46.88 89.60
N THR D 906 7.84 46.02 88.68
CA THR D 906 8.35 46.50 87.39
C THR D 906 7.26 47.20 86.60
N LEU D 907 6.02 46.69 86.65
CA LEU D 907 4.94 47.36 85.96
C LEU D 907 4.67 48.74 86.56
N GLU D 908 4.77 48.85 87.89
CA GLU D 908 4.62 50.15 88.54
C GLU D 908 5.74 51.10 88.12
N LYS D 909 6.96 50.58 88.02
CA LYS D 909 8.08 51.41 87.56
C LYS D 909 7.83 51.91 86.15
N ALA D 910 7.35 51.04 85.26
CA ALA D 910 7.01 51.46 83.91
C ALA D 910 5.88 52.48 83.92
N GLN D 911 4.91 52.29 84.81
CA GLN D 911 3.82 53.26 84.94
C GLN D 911 4.37 54.64 85.27
N ARG D 912 5.24 54.73 86.27
CA ARG D 912 5.82 56.00 86.65
C ARG D 912 6.67 56.58 85.52
N GLN D 913 7.45 55.73 84.86
CA GLN D 913 8.30 56.19 83.75
C GLN D 913 7.44 56.80 82.64
N LEU D 914 6.35 56.13 82.28
CA LEU D 914 5.45 56.68 81.27
C LEU D 914 4.84 57.98 81.76
N ASN D 915 4.40 58.02 83.01
CA ASN D 915 3.78 59.23 83.54
C ASN D 915 4.73 60.42 83.43
N ALA D 916 6.01 60.21 83.75
CA ALA D 916 6.98 61.30 83.68
C ALA D 916 7.36 61.62 82.24
N ALA D 917 7.21 60.65 81.33
CA ALA D 917 7.69 60.81 79.97
C ALA D 917 6.67 61.48 79.04
N ARG D 918 5.46 61.76 79.53
CA ARG D 918 4.45 62.37 78.65
C ARG D 918 4.89 63.72 78.12
N PHE D 919 5.76 64.43 78.85
CA PHE D 919 5.99 65.84 78.61
C PHE D 919 7.25 66.13 77.79
N VAL D 920 8.10 65.14 77.54
CA VAL D 920 9.34 65.39 76.82
C VAL D 920 9.02 65.93 75.42
N ASP D 921 9.91 66.79 74.92
CA ASP D 921 9.68 67.49 73.65
C ASP D 921 10.38 66.75 72.53
N ASP D 922 9.59 66.05 71.72
CA ASP D 922 10.09 65.39 70.52
C ASP D 922 8.90 65.13 69.60
N ASN D 923 9.11 64.30 68.58
CA ASN D 923 8.05 63.89 67.68
C ASN D 923 7.11 62.87 68.31
N GLY D 924 7.13 62.69 69.62
CA GLY D 924 6.37 61.66 70.29
C GLY D 924 7.10 60.34 70.42
N GLU D 925 8.33 60.25 69.90
CA GLU D 925 9.06 58.99 69.90
C GLU D 925 9.16 58.39 71.30
N SER D 926 9.78 59.12 72.23
CA SER D 926 10.04 58.55 73.55
C SER D 926 8.76 58.24 74.30
N HIS D 927 7.74 59.09 74.18
CA HIS D 927 6.45 58.79 74.81
C HIS D 927 5.88 57.48 74.28
N TYR D 928 5.94 57.27 72.97
CA TYR D 928 5.44 56.03 72.39
C TYR D 928 6.28 54.85 72.87
N LYS D 929 7.60 55.03 72.95
CA LYS D 929 8.46 53.98 73.49
C LYS D 929 8.02 53.57 74.88
N ALA D 930 7.81 54.55 75.76
CA ALA D 930 7.39 54.24 77.12
C ALA D 930 6.04 53.55 77.13
N LEU D 931 5.07 54.07 76.38
CA LEU D 931 3.75 53.46 76.35
C LEU D 931 3.82 52.01 75.90
N GLN D 932 4.56 51.75 74.81
CA GLN D 932 4.67 50.38 74.31
C GLN D 932 5.37 49.48 75.32
N VAL D 933 6.41 49.98 75.98
CA VAL D 933 7.10 49.16 76.97
C VAL D 933 6.19 48.85 78.15
N LEU D 934 5.25 49.74 78.47
CA LEU D 934 4.25 49.41 79.49
C LEU D 934 3.37 48.24 79.01
N VAL D 935 2.81 48.36 77.81
CA VAL D 935 1.87 47.36 77.33
C VAL D 935 2.55 46.01 77.17
N ALA D 936 3.82 46.02 76.78
CA ALA D 936 4.53 44.76 76.54
C ALA D 936 4.49 43.87 77.77
N GLN D 937 4.48 44.45 78.97
CA GLN D 937 4.34 43.64 80.17
C GLN D 937 2.98 42.94 80.22
N LEU D 938 1.92 43.65 79.80
CA LEU D 938 0.60 43.03 79.77
C LEU D 938 0.55 41.86 78.80
N ARG D 939 1.01 42.07 77.56
CA ARG D 939 0.94 41.01 76.56
C ARG D 939 1.73 39.79 76.99
N ASP D 940 2.99 40.00 77.40
CA ASP D 940 3.82 38.90 77.86
C ASP D 940 3.14 38.15 79.00
N ALA D 941 2.54 38.88 79.93
CA ALA D 941 1.82 38.23 81.02
C ALA D 941 0.68 37.38 80.50
N CYS D 942 -0.09 37.89 79.53
CA CYS D 942 -1.24 37.15 79.02
C CYS D 942 -0.81 35.88 78.30
N GLU D 943 0.30 35.93 77.56
CA GLU D 943 0.69 34.80 76.72
C GLU D 943 1.16 33.61 77.56
N ARG D 944 2.01 33.88 78.55
CA ARG D 944 2.54 32.84 79.43
C ARG D 944 1.72 32.68 80.70
N ASN D 945 0.40 32.85 80.62
CA ASN D 945 -0.45 32.89 81.80
C ASN D 945 -0.32 31.66 82.69
N ARG D 946 0.33 30.60 82.23
CA ARG D 946 0.57 29.43 83.07
C ARG D 946 1.93 29.47 83.75
N THR D 947 2.52 30.65 83.92
CA THR D 947 3.78 30.81 84.63
C THR D 947 3.56 31.67 85.87
N LEU D 948 4.44 31.49 86.86
CA LEU D 948 4.25 32.16 88.14
C LEU D 948 4.24 33.67 88.01
N GLY D 949 5.06 34.22 87.10
CA GLY D 949 5.12 35.66 86.97
C GLY D 949 3.81 36.28 86.50
N ALA D 950 3.28 35.77 85.38
CA ALA D 950 2.02 36.29 84.87
C ALA D 950 0.90 36.09 85.87
N LYS D 951 0.89 34.96 86.55
CA LYS D 951 -0.10 34.72 87.59
C LYS D 951 -0.01 35.78 88.67
N ALA D 952 1.19 35.97 89.22
CA ALA D 952 1.37 36.98 90.26
C ALA D 952 0.90 38.35 89.79
N LEU D 953 1.14 38.68 88.52
CA LEU D 953 0.71 39.99 88.04
C LEU D 953 -0.81 40.09 87.92
N LEU D 954 -1.45 39.06 87.35
CA LEU D 954 -2.83 39.17 86.91
C LEU D 954 -3.76 38.13 87.53
N ASP D 955 -3.47 37.62 88.71
CA ASP D 955 -4.34 36.64 89.37
C ASP D 955 -4.49 37.03 90.83
N PRO D 956 -5.68 37.45 91.29
CA PRO D 956 -5.81 37.92 92.68
C PRO D 956 -5.36 36.91 93.72
N ARG D 957 -5.75 35.63 93.58
CA ARG D 957 -5.46 34.67 94.64
C ARG D 957 -4.02 34.20 94.61
N PHE D 958 -3.17 34.76 93.75
CA PHE D 958 -1.74 34.52 93.78
C PHE D 958 -0.96 35.68 94.38
N ARG D 959 -1.63 36.70 94.90
CA ARG D 959 -0.97 37.79 95.60
C ARG D 959 -0.88 37.55 97.10
N LEU D 960 -1.49 36.50 97.62
CA LEU D 960 -1.45 36.16 99.03
C LEU D 960 -0.83 34.78 99.22
N GLU D 961 0.26 34.72 99.96
CA GLU D 961 0.75 33.43 100.44
C GLU D 961 -0.13 32.96 101.58
N PHE D 962 -0.24 31.64 101.72
CA PHE D 962 -1.14 31.04 102.70
C PHE D 962 -0.36 30.17 103.68
N ALA D 963 -0.92 30.01 104.87
CA ALA D 963 -0.31 29.20 105.91
C ALA D 963 -1.40 28.73 106.87
N VAL D 964 -1.21 27.53 107.42
CA VAL D 964 -2.11 26.95 108.40
C VAL D 964 -1.42 26.98 109.75
N SER D 965 -2.12 27.53 110.75
CA SER D 965 -1.57 27.67 112.09
C SER D 965 -2.56 27.11 113.10
N VAL D 966 -2.05 26.31 114.03
CA VAL D 966 -2.88 25.82 115.13
C VAL D 966 -3.15 26.97 116.08
N MET D 967 -4.15 26.79 116.95
CA MET D 967 -4.58 27.83 117.87
C MET D 967 -5.09 27.20 119.15
N ASP D 968 -4.57 27.67 120.29
CA ASP D 968 -5.04 27.20 121.57
C ASP D 968 -6.46 27.66 121.81
N ARG D 969 -7.33 26.73 122.22
CA ARG D 969 -8.73 27.08 122.43
C ARG D 969 -8.89 28.12 123.52
N GLN D 970 -8.15 27.98 124.62
CA GLN D 970 -8.35 28.83 125.79
C GLN D 970 -7.77 30.23 125.58
N SER D 971 -6.45 30.32 125.37
CA SER D 971 -5.78 31.61 125.31
C SER D 971 -5.86 32.24 123.93
N GLY D 972 -6.05 31.45 122.88
CA GLY D 972 -5.99 31.97 121.54
C GLY D 972 -4.59 32.16 121.01
N ASN D 973 -3.57 31.68 121.74
CA ASN D 973 -2.19 31.82 121.29
C ASN D 973 -1.92 30.92 120.09
N VAL D 974 -1.26 31.48 119.08
CA VAL D 974 -0.88 30.69 117.91
C VAL D 974 0.10 29.60 118.32
N ILE D 975 -0.10 28.40 117.78
CA ILE D 975 0.74 27.25 118.10
C ILE D 975 1.07 26.52 116.80
N GLU D 976 2.31 26.05 116.70
CA GLU D 976 2.78 25.24 115.58
C GLU D 976 2.25 25.76 114.24
N SER D 977 2.59 27.00 113.93
CA SER D 977 2.32 27.53 112.61
C SER D 977 3.13 26.77 111.57
N ARG D 978 2.54 26.59 110.39
CA ARG D 978 3.17 25.81 109.34
C ARG D 978 2.58 26.22 107.99
N THR D 979 3.33 25.92 106.93
CA THR D 979 2.85 26.03 105.55
C THR D 979 3.18 24.70 104.88
N GLY D 980 2.16 24.02 104.38
CA GLY D 980 2.33 22.67 103.91
C GLY D 980 2.59 21.73 105.07
N SER D 981 2.46 20.42 104.85
CA SER D 981 2.62 19.42 105.90
C SER D 981 4.02 18.82 105.93
N GLN D 982 4.98 19.42 105.22
CA GLN D 982 6.32 18.85 105.17
C GLN D 982 6.87 18.63 106.58
N GLY D 983 7.66 17.57 106.72
CA GLY D 983 8.32 17.29 107.98
C GLY D 983 7.48 16.46 108.92
N GLY D 984 6.18 16.43 108.69
CA GLY D 984 5.29 15.67 109.56
C GLY D 984 5.41 14.18 109.34
N SER D 985 4.81 13.43 110.26
CA SER D 985 4.73 11.99 110.12
C SER D 985 3.64 11.62 109.11
N GLY D 986 3.55 10.32 108.82
CA GLY D 986 2.52 9.87 107.89
C GLY D 986 1.12 10.17 108.39
N GLY D 987 0.81 9.70 109.60
CA GLY D 987 -0.52 9.93 110.15
C GLY D 987 -0.80 11.39 110.43
N GLU D 988 0.20 12.13 110.92
CA GLU D 988 0.00 13.56 111.14
C GLU D 988 -0.34 14.27 109.84
N LYS D 989 0.39 13.96 108.78
CA LYS D 989 0.08 14.54 107.47
C LYS D 989 -1.32 14.15 107.03
N GLU D 990 -1.68 12.89 107.22
CA GLU D 990 -3.00 12.43 106.81
C GLU D 990 -4.09 13.21 107.52
N ILE D 991 -4.00 13.33 108.84
CA ILE D 991 -5.02 14.05 109.59
C ILE D 991 -5.05 15.52 109.18
N ILE D 992 -3.88 16.15 109.05
CA ILE D 992 -3.86 17.56 108.71
C ILE D 992 -4.54 17.78 107.37
N ALA D 993 -4.14 17.01 106.36
CA ALA D 993 -4.71 17.18 105.03
C ALA D 993 -6.20 16.89 105.02
N SER D 994 -6.61 15.81 105.67
CA SER D 994 -8.03 15.48 105.68
C SER D 994 -8.85 16.58 106.33
N TYR D 995 -8.41 17.06 107.49
CA TYR D 995 -9.16 18.11 108.18
C TYR D 995 -9.24 19.37 107.31
N VAL D 996 -8.09 19.83 106.80
CA VAL D 996 -8.08 21.08 106.04
C VAL D 996 -8.97 20.95 104.81
N LEU D 997 -8.82 19.85 104.07
CA LEU D 997 -9.56 19.70 102.83
C LEU D 997 -11.04 19.54 103.08
N THR D 998 -11.41 18.78 104.12
CA THR D 998 -12.84 18.62 104.43
C THR D 998 -13.46 19.94 104.84
N ALA D 999 -12.76 20.73 105.66
CA ALA D 999 -13.29 22.04 106.03
C ALA D 999 -13.46 22.92 104.80
N SER D 1000 -12.45 22.93 103.93
CA SER D 1000 -12.52 23.75 102.73
C SER D 1000 -13.69 23.32 101.85
N LEU D 1001 -13.86 22.02 101.65
CA LEU D 1001 -14.96 21.52 100.83
C LEU D 1001 -16.30 21.86 101.46
N SER D 1002 -16.42 21.72 102.78
CA SER D 1002 -17.67 22.02 103.46
C SER D 1002 -18.05 23.48 103.26
N TYR D 1003 -17.06 24.39 103.36
CA TYR D 1003 -17.34 25.78 103.05
C TYR D 1003 -17.74 25.94 101.59
N ALA D 1004 -17.00 25.30 100.69
CA ALA D 1004 -17.21 25.54 99.27
C ALA D 1004 -18.61 25.12 98.83
N LEU D 1005 -19.12 24.02 99.38
CA LEU D 1005 -20.40 23.49 98.94
C LEU D 1005 -21.59 24.15 99.62
N CYS D 1006 -21.38 25.10 100.52
CA CYS D 1006 -22.50 25.82 101.11
C CYS D 1006 -22.90 26.97 100.20
N PRO D 1007 -24.14 27.00 99.70
CA PRO D 1007 -24.56 28.15 98.89
C PRO D 1007 -24.48 29.43 99.69
N ALA D 1008 -24.27 30.54 98.99
CA ALA D 1008 -24.12 31.83 99.64
C ALA D 1008 -25.29 32.08 100.58
N GLY D 1009 -24.99 32.46 101.81
CA GLY D 1009 -26.01 32.68 102.81
C GLY D 1009 -26.63 31.42 103.38
N SER D 1010 -25.93 30.29 103.30
CA SER D 1010 -26.41 29.04 103.84
C SER D 1010 -25.29 28.37 104.64
N ARG D 1011 -25.68 27.74 105.75
CA ARG D 1011 -24.73 27.12 106.66
C ARG D 1011 -24.50 25.64 106.40
N TYR D 1012 -25.29 25.03 105.50
CA TYR D 1012 -25.16 23.60 105.22
C TYR D 1012 -24.94 23.37 103.73
N PRO D 1013 -24.01 22.50 103.36
CA PRO D 1013 -23.70 22.31 101.93
C PRO D 1013 -24.86 21.64 101.20
N LEU D 1014 -25.23 22.23 100.06
CA LEU D 1014 -26.30 21.64 99.25
C LEU D 1014 -25.93 20.23 98.80
N PHE D 1015 -24.65 19.98 98.54
CA PHE D 1015 -24.14 18.66 98.20
C PHE D 1015 -23.39 18.12 99.42
N GLY D 1016 -23.71 16.90 99.84
CA GLY D 1016 -23.23 16.40 101.10
C GLY D 1016 -22.29 15.21 101.02
N THR D 1017 -22.24 14.52 99.88
CA THR D 1017 -21.49 13.28 99.75
C THR D 1017 -20.03 13.58 99.50
N ILE D 1018 -19.15 13.11 100.40
CA ILE D 1018 -17.72 13.26 100.28
C ILE D 1018 -17.09 11.87 100.31
N ILE D 1019 -16.34 11.53 99.27
CA ILE D 1019 -15.71 10.23 99.18
C ILE D 1019 -14.37 10.26 99.91
N LEU D 1020 -13.89 9.09 100.31
CA LEU D 1020 -12.53 8.95 100.85
C LEU D 1020 -11.99 7.59 100.41
N ASP D 1021 -11.29 7.58 99.29
CA ASP D 1021 -10.53 6.42 98.86
C ASP D 1021 -9.27 6.29 99.72
N GLU D 1022 -8.88 5.05 100.01
CA GLU D 1022 -7.77 4.80 100.92
C GLU D 1022 -7.96 5.62 102.19
N ALA D 1023 -9.15 5.47 102.79
CA ALA D 1023 -9.60 6.41 103.81
C ALA D 1023 -8.59 6.55 104.95
N PHE D 1024 -8.14 5.43 105.49
CA PHE D 1024 -7.33 5.43 106.70
C PHE D 1024 -6.11 4.54 106.56
N SER D 1025 -5.43 4.62 105.41
CA SER D 1025 -4.33 3.70 105.14
C SER D 1025 -3.14 3.91 106.05
N ARG D 1026 -3.05 5.06 106.72
CA ARG D 1026 -1.90 5.38 107.56
C ARG D 1026 -2.27 5.82 108.97
N SER D 1027 -3.54 5.76 109.35
CA SER D 1027 -4.01 6.33 110.60
C SER D 1027 -4.50 5.23 111.53
N SER D 1028 -3.99 5.22 112.76
CA SER D 1028 -4.51 4.34 113.79
C SER D 1028 -5.90 4.81 114.22
N HIS D 1029 -6.56 3.99 115.04
CA HIS D 1029 -7.91 4.34 115.48
C HIS D 1029 -7.93 5.70 116.17
N ALA D 1030 -6.87 6.02 116.92
CA ALA D 1030 -6.84 7.30 117.64
C ALA D 1030 -6.99 8.48 116.69
N VAL D 1031 -6.42 8.39 115.50
CA VAL D 1031 -6.50 9.47 114.53
C VAL D 1031 -7.75 9.36 113.67
N ALA D 1032 -8.13 8.13 113.30
CA ALA D 1032 -9.29 7.93 112.45
C ALA D 1032 -10.57 8.36 113.14
N GLY D 1033 -10.64 8.16 114.46
CA GLY D 1033 -11.81 8.64 115.19
C GLY D 1033 -11.96 10.15 115.10
N ARG D 1034 -10.86 10.88 115.28
CA ARG D 1034 -10.91 12.33 115.13
C ARG D 1034 -11.27 12.71 113.69
N ILE D 1035 -10.73 11.99 112.72
CA ILE D 1035 -11.09 12.25 111.32
C ILE D 1035 -12.59 12.11 111.15
N ILE D 1036 -13.17 11.04 111.68
CA ILE D 1036 -14.60 10.80 111.53
C ILE D 1036 -15.40 11.90 112.22
N ALA D 1037 -14.97 12.28 113.42
CA ALA D 1037 -15.71 13.30 114.17
C ALA D 1037 -15.70 14.63 113.43
N ALA D 1038 -14.53 15.04 112.92
CA ALA D 1038 -14.46 16.28 112.16
C ALA D 1038 -15.27 16.19 110.87
N LEU D 1039 -15.20 15.04 110.19
CA LEU D 1039 -15.94 14.87 108.95
C LEU D 1039 -17.43 15.01 109.17
N ARG D 1040 -17.96 14.39 110.23
CA ARG D 1040 -19.38 14.51 110.53
C ARG D 1040 -19.73 15.90 111.03
N GLU D 1041 -18.80 16.54 111.75
CA GLU D 1041 -19.07 17.87 112.28
C GLU D 1041 -19.32 18.87 111.15
N PHE D 1042 -18.54 18.81 110.09
CA PHE D 1042 -18.69 19.75 108.98
C PHE D 1042 -19.93 19.48 108.15
N GLY D 1043 -20.80 18.55 108.56
CA GLY D 1043 -22.09 18.36 107.94
C GLY D 1043 -22.11 17.40 106.76
N LEU D 1044 -20.96 16.85 106.37
CA LEU D 1044 -20.93 15.97 105.22
C LEU D 1044 -21.33 14.55 105.62
N HIS D 1045 -21.94 13.84 104.67
CA HIS D 1045 -22.15 12.41 104.78
C HIS D 1045 -21.03 11.72 104.02
N ALA D 1046 -20.36 10.78 104.68
CA ALA D 1046 -19.09 10.26 104.22
C ALA D 1046 -19.26 8.86 103.66
N VAL D 1047 -18.69 8.64 102.48
CA VAL D 1047 -18.59 7.31 101.87
C VAL D 1047 -17.12 6.89 101.97
N PHE D 1048 -16.89 5.72 102.55
CA PHE D 1048 -15.54 5.24 102.81
C PHE D 1048 -15.23 4.00 101.98
N ILE D 1049 -13.95 3.84 101.64
CA ILE D 1049 -13.45 2.65 100.96
C ILE D 1049 -12.27 2.12 101.77
N THR D 1050 -12.25 0.81 102.01
CA THR D 1050 -11.13 0.19 102.70
C THR D 1050 -10.99 -1.24 102.20
N PRO D 1051 -9.76 -1.71 101.92
CA PRO D 1051 -9.55 -3.09 101.48
C PRO D 1051 -9.45 -4.07 102.65
N ASN D 1052 -10.50 -4.11 103.48
CA ASN D 1052 -10.62 -5.02 104.61
C ASN D 1052 -9.75 -4.60 105.79
N LYS D 1053 -9.40 -3.33 105.90
CA LYS D 1053 -8.61 -2.83 107.02
C LYS D 1053 -9.48 -2.03 107.98
N GLU D 1054 -9.18 -2.16 109.27
CA GLU D 1054 -9.91 -1.46 110.32
C GLU D 1054 -11.41 -1.70 110.21
N MET D 1055 -11.80 -2.95 109.96
CA MET D 1055 -13.21 -3.28 109.78
C MET D 1055 -14.05 -2.82 110.96
N ARG D 1056 -13.51 -2.93 112.17
CA ARG D 1056 -14.27 -2.57 113.36
C ARG D 1056 -14.68 -1.10 113.32
N LEU D 1057 -13.78 -0.24 112.86
CA LEU D 1057 -14.06 1.20 112.85
C LEU D 1057 -15.23 1.54 111.94
N LEU D 1058 -15.29 0.93 110.75
CA LEU D 1058 -16.40 1.20 109.85
C LEU D 1058 -17.72 0.80 110.48
N ARG D 1059 -17.75 -0.35 111.16
CA ARG D 1059 -18.97 -0.80 111.82
C ARG D 1059 -19.52 0.23 112.79
N ASP D 1060 -18.66 1.08 113.34
CA ASP D 1060 -19.07 1.98 114.41
C ASP D 1060 -19.59 3.33 113.92
N HIS D 1061 -19.46 3.63 112.62
CA HIS D 1061 -19.90 4.93 112.12
C HIS D 1061 -20.60 4.84 110.77
N THR D 1062 -20.97 3.65 110.32
CA THR D 1062 -21.74 3.50 109.09
C THR D 1062 -22.72 2.35 109.27
N ARG D 1063 -23.79 2.37 108.48
CA ARG D 1063 -24.89 1.45 108.67
C ARG D 1063 -25.04 0.41 107.58
N SER D 1064 -24.35 0.54 106.45
CA SER D 1064 -24.43 -0.45 105.39
C SER D 1064 -23.09 -0.53 104.68
N ALA D 1065 -22.82 -1.69 104.08
CA ALA D 1065 -21.56 -1.95 103.40
C ALA D 1065 -21.82 -2.59 102.05
N ILE D 1066 -20.97 -2.25 101.08
CA ILE D 1066 -21.02 -2.83 99.74
C ILE D 1066 -19.85 -3.78 99.62
N VAL D 1067 -20.13 -5.08 99.48
CA VAL D 1067 -19.10 -6.10 99.39
C VAL D 1067 -18.89 -6.43 97.92
N VAL D 1068 -17.68 -6.15 97.43
CA VAL D 1068 -17.32 -6.37 96.03
C VAL D 1068 -16.20 -7.40 95.97
N HIS D 1069 -16.36 -8.40 95.12
CA HIS D 1069 -15.40 -9.48 95.01
C HIS D 1069 -15.04 -9.71 93.55
N ARG D 1070 -13.81 -10.18 93.34
CA ARG D 1070 -13.30 -10.46 92.00
C ARG D 1070 -13.49 -11.92 91.65
N ARG D 1071 -13.69 -12.18 90.35
CA ARG D 1071 -13.79 -13.55 89.85
C ARG D 1071 -13.35 -13.53 88.38
N GLY D 1072 -12.12 -13.96 88.14
CA GLY D 1072 -11.59 -13.91 86.78
C GLY D 1072 -11.51 -12.48 86.29
N GLN D 1073 -12.12 -12.22 85.14
CA GLN D 1073 -12.15 -10.89 84.55
C GLN D 1073 -13.47 -10.16 84.77
N ASN D 1074 -14.32 -10.66 85.66
CA ASN D 1074 -15.59 -10.03 85.98
C ASN D 1074 -15.71 -9.81 87.48
N SER D 1075 -16.16 -8.63 87.87
CA SER D 1075 -16.31 -8.26 89.27
C SER D 1075 -17.79 -8.06 89.58
N ASN D 1076 -18.21 -8.60 90.72
CA ASN D 1076 -19.60 -8.51 91.16
C ASN D 1076 -19.69 -7.63 92.39
N MET D 1077 -20.83 -6.94 92.52
CA MET D 1077 -21.08 -6.07 93.65
C MET D 1077 -22.45 -6.37 94.26
N ALA D 1078 -22.50 -6.42 95.59
CA ALA D 1078 -23.74 -6.61 96.32
C ALA D 1078 -23.77 -5.65 97.50
N SER D 1079 -24.96 -5.20 97.86
CA SER D 1079 -25.16 -4.28 98.97
C SER D 1079 -25.89 -4.98 100.09
N LEU D 1080 -25.36 -4.85 101.30
CA LEU D 1080 -25.93 -5.49 102.49
C LEU D 1080 -25.85 -4.52 103.66
N SER D 1081 -26.59 -4.84 104.72
CA SER D 1081 -26.47 -4.11 105.97
C SER D 1081 -25.48 -4.81 106.89
N TRP D 1082 -25.02 -4.08 107.90
CA TRP D 1082 -24.08 -4.67 108.86
C TRP D 1082 -24.70 -5.90 109.55
N GLU D 1083 -25.98 -5.83 109.87
CA GLU D 1083 -26.63 -6.93 110.59
C GLU D 1083 -26.84 -8.14 109.68
N GLU D 1084 -27.19 -7.93 108.42
CA GLU D 1084 -27.29 -9.06 107.49
C GLU D 1084 -25.94 -9.74 107.32
N LEU D 1085 -24.87 -8.95 107.21
CA LEU D 1085 -23.54 -9.52 107.10
C LEU D 1085 -23.17 -10.26 108.39
N GLU D 1086 -23.58 -9.73 109.54
CA GLU D 1086 -23.32 -10.41 110.80
C GLU D 1086 -24.04 -11.75 110.84
N ARG D 1087 -25.28 -11.78 110.36
CA ARG D 1087 -26.00 -13.06 110.28
C ARG D 1087 -25.30 -14.02 109.33
N HIS D 1088 -24.78 -13.51 108.21
CA HIS D 1088 -24.04 -14.36 107.28
C HIS D 1088 -22.81 -14.95 107.96
N TYR D 1089 -22.09 -14.13 108.73
CA TYR D 1089 -20.94 -14.63 109.47
C TYR D 1089 -21.35 -15.68 110.49
N GLN D 1090 -22.48 -15.46 111.18
CA GLN D 1090 -22.99 -16.43 112.13
C GLN D 1090 -23.30 -17.76 111.44
N ARG D 1091 -23.82 -17.70 110.22
CA ARG D 1091 -24.03 -18.93 109.46
C ARG D 1091 -22.70 -19.66 109.24
N ARG D 1092 -21.65 -18.90 108.93
CA ARG D 1092 -20.31 -19.49 108.85
C ARG D 1092 -19.80 -19.88 110.23
N GLY D 1093 -20.40 -19.35 111.30
CA GLY D 1093 -20.07 -19.76 112.64
C GLY D 1093 -20.35 -21.23 112.93
N ASN D 1094 -21.19 -21.87 112.12
CA ASN D 1094 -21.41 -23.31 112.26
C ASN D 1094 -20.14 -24.10 112.00
N ALA D 1095 -19.23 -23.55 111.20
CA ALA D 1095 -17.96 -24.20 110.91
C ALA D 1095 -17.03 -24.09 112.12
N MET E 1 6.91 -21.86 106.04
CA MET E 1 7.64 -20.61 105.65
C MET E 1 8.51 -20.13 106.80
N ASN E 2 7.96 -20.12 108.00
CA ASN E 2 8.68 -19.58 109.16
C ASN E 2 9.92 -20.39 109.47
N GLN E 3 9.84 -21.71 109.37
CA GLN E 3 10.95 -22.58 109.75
C GLN E 3 12.14 -22.48 108.81
N VAL E 4 11.99 -21.80 107.66
CA VAL E 4 13.11 -21.64 106.74
C VAL E 4 14.15 -20.68 107.31
N SER E 5 13.86 -20.04 108.45
CA SER E 5 14.81 -19.11 109.04
C SER E 5 16.10 -19.79 109.48
N GLY E 6 16.10 -21.13 109.55
CA GLY E 6 17.31 -21.84 109.95
C GLY E 6 18.52 -21.49 109.12
N LEU E 7 18.32 -21.23 107.83
CA LEU E 7 19.42 -20.76 106.97
C LEU E 7 19.83 -19.34 107.29
N ALA E 8 18.89 -18.49 107.71
CA ALA E 8 19.24 -17.16 108.17
C ALA E 8 20.00 -17.23 109.48
N GLY E 9 21.00 -16.36 109.62
CA GLY E 9 21.90 -16.40 110.76
C GLY E 9 22.99 -17.42 110.65
N LYS E 10 22.98 -18.24 109.60
CA LYS E 10 24.03 -19.22 109.34
C LYS E 10 24.78 -18.91 108.04
N GLU E 11 24.04 -18.64 106.96
CA GLU E 11 24.64 -18.27 105.69
C GLU E 11 24.85 -16.77 105.54
N SER E 12 24.32 -15.96 106.47
CA SER E 12 24.37 -14.51 106.31
C SER E 12 24.19 -13.84 107.66
N PHE E 13 24.56 -12.56 107.71
CA PHE E 13 24.35 -11.74 108.89
C PHE E 13 22.95 -11.14 108.87
N ILE E 14 22.35 -11.02 110.05
CA ILE E 14 21.01 -10.46 110.20
C ILE E 14 20.99 -9.54 111.42
N LEU E 15 20.14 -8.52 111.36
CA LEU E 15 20.03 -7.57 112.45
C LEU E 15 19.37 -8.23 113.66
N THR E 16 19.90 -7.92 114.85
CA THR E 16 19.47 -8.57 116.08
C THR E 16 19.28 -7.61 117.25
N ARG E 17 19.77 -6.38 117.16
CA ARG E 17 19.61 -5.42 118.25
C ARG E 17 19.87 -4.02 117.71
N ILE E 18 19.22 -3.04 118.32
CA ILE E 18 19.40 -1.63 117.98
C ILE E 18 19.55 -0.84 119.27
N GLU E 19 20.20 0.31 119.19
CA GLU E 19 20.47 1.16 120.36
C GLU E 19 20.34 2.62 119.95
N LEU E 20 19.69 3.40 120.81
CA LEU E 20 19.48 4.82 120.56
C LEU E 20 19.90 5.63 121.78
N PHE E 21 20.20 6.90 121.54
CA PHE E 21 20.44 7.85 122.63
C PHE E 21 20.26 9.25 122.10
N ASN E 22 19.30 9.99 122.66
CA ASN E 22 19.06 11.38 122.27
C ASN E 22 18.85 11.52 120.77
N TRP E 23 18.13 10.56 120.19
CA TRP E 23 17.81 10.57 118.77
C TRP E 23 16.32 10.81 118.60
N GLY E 24 15.97 11.82 117.80
CA GLY E 24 14.57 12.14 117.61
C GLY E 24 13.90 12.46 118.93
N GLY E 25 12.73 11.87 119.15
CA GLY E 25 12.02 12.02 120.40
C GLY E 25 12.46 11.08 121.51
N PHE E 26 13.42 10.20 121.23
CA PHE E 26 13.90 9.22 122.20
C PHE E 26 14.98 9.86 123.06
N HIS E 27 14.55 10.50 124.14
CA HIS E 27 15.48 11.10 125.08
C HIS E 27 16.17 10.01 125.90
N GLY E 28 17.47 10.18 126.10
CA GLY E 28 18.22 9.22 126.86
C GLY E 28 18.42 7.90 126.12
N LEU E 29 18.99 6.94 126.84
CA LEU E 29 19.31 5.65 126.25
C LEU E 29 18.04 4.83 126.05
N HIS E 30 18.05 4.04 124.98
CA HIS E 30 16.95 3.13 124.69
C HIS E 30 17.50 1.93 123.95
N GLN E 31 16.80 0.80 124.03
CA GLN E 31 17.25 -0.44 123.42
C GLN E 31 16.06 -1.24 122.95
N ALA E 32 16.26 -1.99 121.86
CA ALA E 32 15.21 -2.84 121.29
C ALA E 32 15.86 -4.03 120.62
N ALA E 33 15.41 -5.23 120.99
CA ALA E 33 15.94 -6.46 120.40
C ALA E 33 15.08 -6.88 119.20
N ILE E 34 15.72 -7.58 118.27
CA ILE E 34 15.08 -8.07 117.05
C ILE E 34 15.30 -9.57 116.97
N HIS E 35 14.23 -10.30 116.68
CA HIS E 35 14.28 -11.75 116.70
C HIS E 35 14.73 -12.32 115.35
N GLN E 36 15.30 -13.52 115.40
CA GLN E 36 15.86 -14.12 114.18
C GLN E 36 14.80 -14.39 113.13
N ASP E 37 13.63 -14.87 113.55
CA ASP E 37 12.59 -15.32 112.63
C ASP E 37 11.67 -14.19 112.17
N GLY E 38 12.13 -12.95 112.24
CA GLY E 38 11.31 -11.83 111.81
C GLY E 38 10.59 -11.17 112.97
N THR E 39 10.24 -9.90 112.79
CA THR E 39 9.62 -9.10 113.83
C THR E 39 8.68 -8.08 113.20
N ALA E 40 8.00 -7.33 114.06
CA ALA E 40 7.15 -6.23 113.64
C ALA E 40 7.17 -5.14 114.71
N VAL E 41 7.28 -3.89 114.27
CA VAL E 41 7.25 -2.73 115.14
C VAL E 41 5.86 -2.11 115.04
N ILE E 42 5.23 -1.86 116.19
CA ILE E 42 3.83 -1.49 116.25
C ILE E 42 3.64 -0.37 117.26
N GLY E 43 2.76 0.57 116.90
CA GLY E 43 2.45 1.69 117.75
C GLY E 43 1.44 2.62 117.10
N PRO E 44 0.99 3.63 117.84
CA PRO E 44 0.02 4.57 117.28
C PRO E 44 0.67 5.59 116.36
N THR E 45 -0.16 6.46 115.80
CA THR E 45 0.31 7.49 114.89
C THR E 45 1.33 8.38 115.57
N GLY E 46 2.38 8.73 114.84
CA GLY E 46 3.40 9.61 115.38
C GLY E 46 4.12 9.04 116.58
N SER E 47 4.04 7.73 116.78
CA SER E 47 4.71 7.10 117.92
C SER E 47 6.22 7.31 117.87
N GLY E 48 6.83 7.07 116.71
CA GLY E 48 8.27 7.22 116.59
C GLY E 48 8.91 6.12 115.77
N LYS E 49 8.12 5.14 115.31
CA LYS E 49 8.70 3.97 114.65
C LYS E 49 9.46 4.36 113.38
N THR E 50 8.89 5.25 112.57
CA THR E 50 9.63 5.68 111.38
C THR E 50 10.91 6.41 111.77
N THR E 51 10.92 7.10 112.90
CA THR E 51 12.16 7.69 113.40
C THR E 51 13.18 6.61 113.74
N LEU E 52 12.73 5.50 114.34
CA LEU E 52 13.63 4.40 114.62
C LEU E 52 14.20 3.82 113.33
N VAL E 53 13.36 3.62 112.32
CA VAL E 53 13.83 3.10 111.05
C VAL E 53 14.87 4.05 110.44
N ASP E 54 14.57 5.36 110.47
CA ASP E 54 15.53 6.34 110.00
C ASP E 54 16.84 6.24 110.78
N ALA E 55 16.75 5.96 112.09
CA ALA E 55 17.95 5.79 112.89
C ALA E 55 18.79 4.64 112.37
N LEU E 56 18.13 3.52 112.06
CA LEU E 56 18.87 2.39 111.49
C LEU E 56 19.52 2.78 110.17
N MET E 57 18.78 3.50 109.32
CA MET E 57 19.25 3.76 107.96
C MET E 57 20.42 4.73 107.95
N THR E 58 20.55 5.55 109.00
CA THR E 58 21.67 6.49 109.05
C THR E 58 23.01 5.76 109.07
N LEU E 59 23.03 4.53 109.60
CA LEU E 59 24.27 3.76 109.64
C LEU E 59 24.66 3.20 108.28
N LEU E 60 23.71 3.03 107.36
CA LEU E 60 23.95 2.24 106.15
C LEU E 60 24.13 3.11 104.90
N CYS E 61 23.16 3.96 104.60
CA CYS E 61 23.18 4.70 103.34
C CYS E 61 24.18 5.85 103.39
N ALA E 62 24.69 6.23 102.22
CA ALA E 62 25.58 7.38 102.13
C ALA E 62 24.83 8.69 102.34
N ASN E 63 23.69 8.86 101.67
CA ASN E 63 22.86 10.05 101.81
C ASN E 63 21.42 9.59 102.00
N PRO E 64 21.06 9.12 103.18
CA PRO E 64 19.73 8.55 103.38
C PRO E 64 18.62 9.56 103.14
N ARG E 65 17.50 9.07 102.60
CA ARG E 65 16.29 9.86 102.42
C ARG E 65 15.35 9.55 103.57
N TYR E 66 15.39 10.38 104.61
CA TYR E 66 14.62 10.12 105.82
C TYR E 66 13.12 10.26 105.55
N ASN E 67 12.33 9.48 106.29
CA ASN E 67 10.88 9.57 106.22
C ASN E 67 10.36 9.29 104.81
N LEU E 68 11.04 8.41 104.09
CA LEU E 68 10.72 8.22 102.67
C LEU E 68 9.33 7.64 102.48
N ALA E 69 8.93 6.69 103.31
CA ALA E 69 7.68 5.96 103.07
C ALA E 69 6.46 6.88 103.11
N SER E 70 6.51 7.94 103.91
CA SER E 70 5.35 8.81 104.04
C SER E 70 4.98 9.45 102.70
N THR E 71 5.97 9.93 101.95
CA THR E 71 5.72 10.61 100.69
C THR E 71 5.57 9.65 99.51
N GLY E 72 5.47 8.35 99.77
CA GLY E 72 5.31 7.39 98.70
C GLY E 72 6.50 7.31 97.77
N GLY E 73 7.72 7.33 98.31
CA GLY E 73 8.91 7.23 97.50
C GLY E 73 9.28 8.48 96.73
N HIS E 74 8.61 9.60 96.99
CA HIS E 74 8.82 10.79 96.18
C HIS E 74 10.00 11.61 96.67
N GLU E 75 9.96 12.04 97.93
CA GLU E 75 10.95 12.96 98.46
C GLU E 75 11.14 12.73 99.95
N SER E 76 12.30 13.14 100.44
CA SER E 76 12.62 13.09 101.87
C SER E 76 12.34 14.45 102.49
N ASP E 77 11.81 14.44 103.72
CA ASP E 77 11.36 15.66 104.38
C ASP E 77 12.20 16.02 105.60
N ARG E 78 13.18 15.20 105.97
CA ARG E 78 13.94 15.40 107.19
C ARG E 78 15.43 15.19 106.93
N ASP E 79 16.25 15.72 107.83
CA ASP E 79 17.69 15.61 107.75
C ASP E 79 18.25 15.16 109.10
N LEU E 80 19.55 14.89 109.12
CA LEU E 80 20.17 14.30 110.31
C LEU E 80 20.17 15.29 111.47
N ILE E 81 20.48 16.56 111.21
CA ILE E 81 20.68 17.51 112.30
C ILE E 81 19.37 17.76 113.03
N SER E 82 18.24 17.79 112.30
CA SER E 82 16.95 17.96 112.97
C SER E 82 16.64 16.78 113.87
N TYR E 83 17.14 15.59 113.53
CA TYR E 83 16.97 14.43 114.40
C TYR E 83 17.88 14.52 115.62
N VAL E 84 19.11 14.98 115.43
CA VAL E 84 20.01 15.18 116.56
C VAL E 84 19.40 16.16 117.55
N ARG E 85 18.87 17.27 117.03
CA ARG E 85 18.23 18.27 117.89
C ARG E 85 16.89 17.79 118.41
N GLY E 86 16.33 16.72 117.85
CA GLY E 86 15.06 16.20 118.30
C GLY E 86 13.90 17.15 118.07
N VAL E 87 13.85 17.76 116.89
CA VAL E 87 12.77 18.66 116.55
C VAL E 87 11.45 17.89 116.60
N SER E 88 10.47 18.44 117.31
CA SER E 88 9.17 17.80 117.48
C SER E 88 8.08 18.45 116.64
N GLY E 89 8.44 19.36 115.74
CA GLY E 89 7.47 20.00 114.89
C GLY E 89 7.96 21.34 114.38
N PRO E 90 7.20 21.96 113.48
CA PRO E 90 7.59 23.27 112.96
C PRO E 90 7.47 24.34 114.03
N GLY E 91 8.27 25.40 113.87
CA GLY E 91 8.22 26.49 114.82
C GLY E 91 6.83 27.11 114.88
N ASP E 92 6.40 27.48 116.08
CA ASP E 92 5.09 28.07 116.26
C ASP E 92 5.05 29.54 115.90
N GLY E 93 6.21 30.14 115.58
CA GLY E 93 6.33 31.56 115.32
C GLY E 93 7.32 32.24 116.24
N GLY E 94 7.36 31.84 117.51
CA GLY E 94 8.38 32.33 118.42
C GLY E 94 9.70 31.63 118.15
N GLU E 95 10.79 32.37 118.31
CA GLU E 95 12.12 31.84 118.02
C GLU E 95 12.79 31.21 119.24
N GLY E 96 12.07 31.05 120.35
CA GLY E 96 12.65 30.58 121.59
C GLY E 96 12.93 29.10 121.65
N GLN E 97 12.99 28.43 120.50
CA GLN E 97 13.31 27.00 120.42
C GLN E 97 12.35 26.16 121.25
N SER E 98 11.08 26.54 121.30
CA SER E 98 10.11 25.77 122.09
C SER E 98 9.82 24.41 121.48
N HIS E 99 10.27 24.16 120.25
CA HIS E 99 10.01 22.91 119.56
C HIS E 99 11.27 22.06 119.38
N ILE E 100 12.33 22.34 120.12
CA ILE E 100 13.59 21.61 120.03
C ILE E 100 13.87 20.96 121.37
N ALA E 101 14.13 19.65 121.36
CA ALA E 101 14.39 18.93 122.60
C ALA E 101 15.77 19.27 123.16
N ARG E 102 16.79 19.31 122.32
CA ARG E 102 18.18 19.47 122.75
C ARG E 102 18.82 20.61 121.95
N PRO E 103 18.45 21.85 122.26
CA PRO E 103 19.07 22.99 121.56
C PRO E 103 20.49 23.28 121.99
N GLY E 104 20.84 23.02 123.24
CA GLY E 104 22.17 23.31 123.75
C GLY E 104 23.17 22.23 123.38
N LYS E 105 24.39 22.40 123.89
CA LYS E 105 25.44 21.42 123.66
C LYS E 105 24.97 20.04 124.13
N THR E 106 25.11 19.05 123.25
CA THR E 106 24.55 17.73 123.52
C THR E 106 25.31 16.70 122.68
N VAL E 107 25.05 15.43 122.98
CA VAL E 107 25.61 14.31 122.24
C VAL E 107 24.49 13.37 121.86
N THR E 108 24.80 12.44 120.94
CA THR E 108 23.83 11.50 120.41
C THR E 108 24.57 10.23 120.03
N GLY E 109 23.89 9.09 120.14
CA GLY E 109 24.52 7.82 119.86
C GLY E 109 23.57 6.76 119.34
N ILE E 110 24.05 5.96 118.39
CA ILE E 110 23.26 4.88 117.80
C ILE E 110 24.18 3.70 117.53
N ALA E 111 23.64 2.49 117.68
CA ALA E 111 24.40 1.28 117.39
C ALA E 111 23.44 0.20 116.92
N ALA E 112 23.97 -0.71 116.10
CA ALA E 112 23.22 -1.85 115.61
C ALA E 112 24.09 -3.09 115.74
N THR E 113 23.46 -4.25 115.84
CA THR E 113 24.15 -5.52 116.05
C THR E 113 23.68 -6.52 115.01
N LEU E 114 24.62 -7.15 114.32
CA LEU E 114 24.33 -8.22 113.37
C LEU E 114 25.07 -9.48 113.80
N GLU E 115 24.48 -10.64 113.54
CA GLU E 115 25.02 -11.91 114.00
C GLU E 115 25.03 -12.92 112.86
N ARG E 116 26.06 -13.78 112.86
CA ARG E 116 26.16 -14.88 111.91
C ARG E 116 27.03 -15.96 112.52
N GLU E 117 26.40 -17.06 112.92
CA GLU E 117 27.12 -18.21 113.47
C GLU E 117 28.00 -17.81 114.65
N GLY E 118 27.43 -17.03 115.56
CA GLY E 118 28.14 -16.64 116.77
C GLY E 118 29.19 -15.59 116.58
N LYS E 119 29.27 -14.97 115.40
CA LYS E 119 30.20 -13.88 115.14
C LYS E 119 29.39 -12.58 115.07
N GLN E 120 29.73 -11.63 115.94
CA GLN E 120 28.95 -10.41 116.12
C GLN E 120 29.71 -9.24 115.54
N VAL E 121 29.00 -8.43 114.75
CA VAL E 121 29.53 -7.19 114.19
C VAL E 121 28.60 -6.06 114.60
N ARG E 122 29.14 -5.07 115.30
CA ARG E 122 28.36 -3.96 115.82
C ARG E 122 28.72 -2.68 115.08
N LEU E 123 27.73 -2.06 114.46
CA LEU E 123 27.88 -0.75 113.85
C LEU E 123 27.54 0.33 114.87
N GLY E 124 28.13 1.51 114.69
CA GLY E 124 27.92 2.58 115.63
C GLY E 124 28.29 3.93 115.06
N ALA E 125 27.74 4.97 115.68
CA ALA E 125 28.00 6.35 115.29
C ALA E 125 27.76 7.26 116.48
N LEU E 126 28.62 8.28 116.62
CA LEU E 126 28.53 9.25 117.69
C LEU E 126 28.45 10.65 117.08
N LEU E 127 27.51 11.45 117.55
CA LEU E 127 27.33 12.82 117.12
C LEU E 127 27.32 13.73 118.34
N TRP E 128 27.61 15.01 118.13
CA TRP E 128 27.58 15.95 119.23
C TRP E 128 27.68 17.37 118.71
N PHE E 129 26.87 18.25 119.29
CA PHE E 129 26.98 19.69 119.10
C PHE E 129 27.68 20.27 120.32
N ASP E 130 28.83 20.89 120.10
CA ASP E 130 29.55 21.60 121.16
C ASP E 130 29.09 23.04 121.31
N SER E 131 28.09 23.46 120.53
CA SER E 131 27.60 24.83 120.57
C SER E 131 26.10 24.82 120.34
N THR E 132 25.45 25.92 120.72
CA THR E 132 24.02 26.06 120.49
C THR E 132 23.70 26.26 119.01
N SER E 133 24.68 26.66 118.21
CA SER E 133 24.45 26.85 116.78
C SER E 133 23.98 25.56 116.14
N SER E 134 23.00 25.67 115.25
CA SER E 134 22.36 24.51 114.62
C SER E 134 22.85 24.29 113.19
N SER E 135 23.93 24.95 112.78
CA SER E 135 24.44 24.78 111.43
C SER E 135 24.98 23.37 111.24
N VAL E 136 24.82 22.86 110.02
CA VAL E 136 25.33 21.51 109.71
C VAL E 136 26.84 21.49 109.80
N THR E 137 27.50 22.56 109.37
CA THR E 137 28.96 22.62 109.43
C THR E 137 29.48 22.59 110.87
N ASP E 138 28.67 23.02 111.83
CA ASP E 138 29.07 23.02 113.24
C ASP E 138 28.87 21.66 113.90
N MET E 139 28.29 20.70 113.20
CA MET E 139 28.07 19.38 113.78
C MET E 139 29.28 18.50 113.53
N LYS E 140 29.71 17.77 114.56
CA LYS E 140 30.86 16.88 114.49
C LYS E 140 30.41 15.44 114.60
N ARG E 141 31.03 14.56 113.81
CA ARG E 141 30.58 13.19 113.68
C ARG E 141 31.77 12.24 113.74
N LEU E 142 31.50 11.02 114.20
CA LEU E 142 32.47 9.93 114.18
C LEU E 142 31.72 8.65 113.89
N TRP E 143 32.33 7.78 113.08
CA TRP E 143 31.73 6.50 112.73
C TRP E 143 32.58 5.37 113.30
N LEU E 144 31.95 4.21 113.50
CA LEU E 144 32.60 3.08 114.13
C LEU E 144 32.12 1.78 113.51
N PHE E 145 33.05 0.86 113.28
CA PHE E 145 32.75 -0.51 112.87
C PHE E 145 33.52 -1.45 113.78
N SER E 146 32.81 -2.40 114.39
CA SER E 146 33.39 -3.28 115.38
C SER E 146 33.05 -4.73 115.07
N ASP E 147 33.99 -5.62 115.36
CA ASP E 147 33.76 -7.06 115.26
C ASP E 147 33.94 -7.75 116.60
N ASN E 148 34.08 -6.98 117.69
CA ASN E 148 34.25 -7.53 119.02
C ASN E 148 32.97 -7.32 119.82
N PRO E 149 32.33 -8.36 120.35
CA PRO E 149 31.09 -8.15 121.11
C PRO E 149 31.26 -7.23 122.31
N GLY E 150 32.47 -7.14 122.86
CA GLY E 150 32.69 -6.36 124.07
C GLY E 150 32.44 -4.87 123.92
N GLN E 151 32.36 -4.37 122.69
CA GLN E 151 32.11 -2.96 122.43
C GLN E 151 30.61 -2.73 122.34
N THR E 152 30.13 -1.63 122.92
CA THR E 152 28.72 -1.32 122.95
C THR E 152 28.53 0.19 122.91
N LEU E 153 27.30 0.59 122.57
CA LEU E 153 26.98 2.02 122.55
C LEU E 153 27.10 2.63 123.94
N GLU E 154 26.66 1.91 124.97
CA GLU E 154 26.75 2.43 126.33
C GLU E 154 28.20 2.66 126.73
N HIS E 155 29.08 1.71 126.40
CA HIS E 155 30.49 1.87 126.71
C HIS E 155 31.08 3.06 125.98
N TRP E 156 30.73 3.24 124.72
CA TRP E 156 31.23 4.38 123.95
C TRP E 156 30.74 5.69 124.55
N LEU E 157 29.48 5.73 124.97
CA LEU E 157 28.95 6.93 125.62
C LEU E 157 29.70 7.22 126.91
N ASN E 158 29.96 6.19 127.71
CA ASN E 158 30.72 6.39 128.95
C ASN E 158 32.11 6.93 128.65
N VAL E 159 32.80 6.35 127.67
CA VAL E 159 34.15 6.80 127.34
C VAL E 159 34.12 8.25 126.86
N TYR E 160 33.11 8.59 126.03
CA TYR E 160 32.97 9.95 125.57
C TYR E 160 32.77 10.91 126.73
N HIS E 161 31.92 10.53 127.68
CA HIS E 161 31.75 11.34 128.88
C HIS E 161 33.04 11.46 129.68
N GLU E 162 33.90 10.44 129.62
CA GLU E 162 35.20 10.48 130.29
C GLU E 162 36.28 11.15 129.46
N GLY E 163 36.02 11.43 128.18
CA GLY E 163 37.01 12.06 127.33
C GLY E 163 36.52 12.26 125.91
N GLY E 164 37.04 13.28 125.24
CA GLY E 164 36.62 13.60 123.90
C GLY E 164 37.13 12.59 122.88
N THR E 165 37.16 13.03 121.62
CA THR E 165 37.57 12.16 120.53
C THR E 165 38.98 11.62 120.75
N ARG E 166 39.81 12.35 121.49
CA ARG E 166 41.16 11.87 121.76
C ARG E 166 41.14 10.53 122.49
N LEU E 167 40.33 10.43 123.54
CA LEU E 167 40.23 9.18 124.27
C LEU E 167 39.59 8.08 123.44
N LEU E 168 38.62 8.44 122.60
CA LEU E 168 38.02 7.44 121.71
C LEU E 168 39.07 6.85 120.78
N ARG E 169 39.89 7.71 120.17
CA ARG E 169 40.93 7.22 119.29
C ARG E 169 41.98 6.42 120.05
N GLN E 170 42.30 6.84 121.28
CA GLN E 170 43.27 6.10 122.07
C GLN E 170 42.77 4.69 122.37
N MET E 171 41.51 4.57 122.79
CA MET E 171 40.96 3.24 123.05
C MET E 171 40.82 2.44 121.77
N GLU E 172 40.62 3.13 120.63
CA GLU E 172 40.66 2.45 119.35
C GLU E 172 42.03 1.82 119.10
N LYS E 173 43.09 2.57 119.36
CA LYS E 173 44.43 2.02 119.20
C LYS E 173 44.65 0.85 120.15
N GLU E 174 44.21 0.99 121.41
CA GLU E 174 44.46 -0.03 122.40
C GLU E 174 43.65 -1.30 122.15
N ALA E 175 42.45 -1.16 121.60
CA ALA E 175 41.52 -2.27 121.52
C ALA E 175 41.85 -3.19 120.35
N ILE E 176 41.19 -4.35 120.34
CA ILE E 176 41.32 -5.34 119.28
C ILE E 176 39.94 -5.51 118.64
N GLY E 177 39.91 -5.49 117.30
CA GLY E 177 38.66 -5.65 116.60
C GLY E 177 37.77 -4.43 116.62
N LEU E 178 38.35 -3.23 116.60
CA LEU E 178 37.57 -1.99 116.56
C LEU E 178 38.20 -1.04 115.56
N TRP E 179 37.35 -0.27 114.88
CA TRP E 179 37.80 0.71 113.91
C TRP E 179 36.88 1.92 113.97
N THR E 180 37.45 3.10 113.71
CA THR E 180 36.70 4.35 113.71
C THR E 180 37.18 5.22 112.54
N TYR E 181 36.26 6.00 112.00
CA TYR E 181 36.54 6.81 110.83
C TYR E 181 35.88 8.18 111.00
N PRO E 182 36.64 9.27 110.97
CA PRO E 182 36.02 10.60 111.11
C PRO E 182 35.14 10.99 109.94
N ASN E 183 35.26 10.31 108.79
CA ASN E 183 34.47 10.62 107.61
C ASN E 183 33.71 9.36 107.18
N LYS E 184 32.46 9.56 106.78
CA LYS E 184 31.58 8.43 106.51
C LYS E 184 32.05 7.59 105.32
N LYS E 185 32.82 8.18 104.40
CA LYS E 185 33.21 7.46 103.20
C LYS E 185 34.04 6.23 103.53
N GLN E 186 35.05 6.39 104.40
CA GLN E 186 35.89 5.24 104.76
C GLN E 186 35.10 4.19 105.50
N TYR E 187 34.21 4.60 106.41
CA TYR E 187 33.39 3.66 107.16
C TYR E 187 32.50 2.85 106.23
N LEU E 188 31.86 3.52 105.26
CA LEU E 188 31.01 2.82 104.31
C LEU E 188 31.83 1.91 103.40
N ALA E 189 33.03 2.34 103.02
CA ALA E 189 33.90 1.49 102.21
C ALA E 189 34.26 0.22 102.96
N ARG E 190 34.60 0.37 104.24
CA ARG E 190 34.90 -0.80 105.07
C ARG E 190 33.69 -1.72 105.17
N LEU E 191 32.50 -1.13 105.36
CA LEU E 191 31.29 -1.94 105.41
C LEU E 191 31.10 -2.74 104.14
N ARG E 192 31.24 -2.07 102.98
CA ARG E 192 31.06 -2.75 101.71
C ARG E 192 32.09 -3.85 101.52
N ASP E 193 33.35 -3.58 101.87
CA ASP E 193 34.38 -4.59 101.74
C ASP E 193 34.08 -5.81 102.59
N PHE E 194 33.63 -5.59 103.83
CA PHE E 194 33.28 -6.71 104.69
C PHE E 194 32.10 -7.50 104.12
N PHE E 195 31.09 -6.79 103.61
CA PHE E 195 29.86 -7.45 103.18
C PHE E 195 29.90 -7.92 101.73
N GLU E 196 30.95 -7.61 100.98
CA GLU E 196 31.05 -8.04 99.58
C GLU E 196 29.83 -7.58 98.78
N VAL E 197 29.54 -6.29 98.87
CA VAL E 197 28.28 -5.74 98.36
C VAL E 197 28.59 -4.60 97.38
N GLY E 198 27.65 -4.35 96.49
CA GLY E 198 27.85 -3.33 95.47
C GLY E 198 27.81 -1.93 96.05
N GLU E 199 28.29 -0.97 95.25
CA GLU E 199 28.39 0.41 95.73
C GLU E 199 27.02 1.01 96.03
N ASN E 200 26.03 0.76 95.17
CA ASN E 200 24.71 1.37 95.32
C ASN E 200 23.72 0.47 96.05
N ALA E 201 24.15 -0.70 96.53
CA ALA E 201 23.21 -1.66 97.09
C ALA E 201 22.43 -1.07 98.27
N PHE E 202 23.14 -0.51 99.25
CA PHE E 202 22.44 -0.04 100.44
C PHE E 202 21.54 1.14 100.15
N THR E 203 21.91 1.97 99.16
CA THR E 203 20.99 3.01 98.72
C THR E 203 19.72 2.42 98.15
N LEU E 204 19.84 1.33 97.39
CA LEU E 204 18.65 0.62 96.92
C LEU E 204 17.84 0.11 98.10
N LEU E 205 18.51 -0.41 99.12
CA LEU E 205 17.80 -0.80 100.34
C LEU E 205 17.01 0.36 100.90
N ASN E 206 17.60 1.56 100.89
CA ASN E 206 16.90 2.76 101.32
C ASN E 206 15.58 2.90 100.57
N ARG E 207 15.62 2.83 99.24
CA ARG E 207 14.39 2.97 98.45
C ARG E 207 13.39 1.89 98.81
N ALA E 208 13.87 0.70 99.15
CA ALA E 208 12.98 -0.42 99.45
C ALA E 208 12.14 -0.18 100.69
N ALA E 209 12.56 0.73 101.57
CA ALA E 209 11.81 0.93 102.80
C ALA E 209 10.39 1.40 102.52
N GLY E 210 10.22 2.33 101.57
CA GLY E 210 8.91 2.93 101.37
C GLY E 210 8.53 3.17 99.92
N LEU E 211 9.25 2.58 98.98
CA LEU E 211 8.95 2.79 97.56
C LEU E 211 7.72 1.95 97.22
N LYS E 212 6.56 2.59 97.33
CA LYS E 212 5.28 1.90 97.17
C LYS E 212 4.78 1.86 95.73
N GLN E 213 5.54 2.41 94.78
CA GLN E 213 5.09 2.51 93.40
C GLN E 213 6.29 2.60 92.48
N LEU E 214 6.12 2.10 91.26
CA LEU E 214 7.17 2.15 90.24
C LEU E 214 6.63 2.83 89.00
N ASN E 215 7.52 3.50 88.28
CA ASN E 215 7.19 4.11 87.00
C ASN E 215 7.98 3.54 85.84
N SER E 216 9.13 2.93 86.12
CA SER E 216 9.90 2.23 85.09
C SER E 216 10.93 1.34 85.78
N ILE E 217 10.90 0.05 85.46
CA ILE E 217 11.85 -0.87 86.05
C ILE E 217 13.27 -0.53 85.63
N ASP E 218 13.44 -0.07 84.39
CA ASP E 218 14.78 0.29 83.91
C ASP E 218 15.38 1.38 84.78
N GLU E 219 14.55 2.34 85.21
CA GLU E 219 15.02 3.44 86.05
C GLU E 219 15.64 2.94 87.34
N ILE E 220 15.30 1.73 87.77
CA ILE E 220 15.86 1.17 89.00
C ILE E 220 17.10 0.33 88.70
N PHE E 221 17.00 -0.60 87.75
CA PHE E 221 18.12 -1.49 87.48
C PHE E 221 19.32 -0.72 86.93
N ARG E 222 19.09 0.29 86.11
CA ARG E 222 20.19 1.01 85.49
C ARG E 222 20.85 2.00 86.44
N GLU E 223 20.21 2.34 87.55
CA GLU E 223 20.65 3.45 88.38
C GLU E 223 20.92 3.09 89.84
N LEU E 224 20.51 1.90 90.29
CA LEU E 224 20.76 1.51 91.67
C LEU E 224 21.15 0.04 91.83
N VAL E 225 21.10 -0.77 90.78
CA VAL E 225 21.34 -2.20 90.90
C VAL E 225 22.63 -2.61 90.22
N LEU E 226 22.70 -2.43 88.91
CA LEU E 226 23.82 -2.96 88.14
C LEU E 226 25.11 -2.23 88.49
N ASP E 227 26.20 -2.98 88.57
CA ASP E 227 27.48 -2.39 88.90
C ASP E 227 28.05 -1.63 87.70
N ASP E 228 28.87 -0.61 87.99
CA ASP E 228 29.43 0.24 86.96
C ASP E 228 30.60 -0.49 86.30
N HIS E 229 30.38 -1.01 85.10
CA HIS E 229 31.42 -1.62 84.29
C HIS E 229 31.55 -0.95 82.93
N SER E 230 31.25 0.34 82.87
CA SER E 230 31.36 1.07 81.61
C SER E 230 32.81 1.08 81.13
N ALA E 231 32.98 1.01 79.81
CA ALA E 231 34.29 0.96 79.20
C ALA E 231 34.72 2.31 78.64
N PHE E 232 34.36 3.41 79.30
CA PHE E 232 34.77 4.72 78.82
C PHE E 232 36.28 4.90 78.91
N ASP E 233 36.89 4.42 79.99
CA ASP E 233 38.34 4.48 80.11
C ASP E 233 39.01 3.70 78.98
N ARG E 234 38.50 2.49 78.69
CA ARG E 234 39.06 1.70 77.61
C ARG E 234 38.87 2.38 76.26
N ALA E 235 37.72 3.01 76.05
CA ALA E 235 37.46 3.70 74.79
C ALA E 235 38.41 4.87 74.60
N ALA E 236 38.62 5.66 75.65
CA ALA E 236 39.59 6.74 75.57
C ALA E 236 40.98 6.21 75.33
N GLU E 237 41.34 5.10 76.00
CA GLU E 237 42.66 4.51 75.81
C GLU E 237 42.88 4.09 74.36
N VAL E 238 41.91 3.39 73.79
CA VAL E 238 42.07 2.88 72.43
C VAL E 238 42.19 4.03 71.44
N ALA E 239 41.34 5.04 71.59
CA ALA E 239 41.36 6.17 70.66
C ALA E 239 42.70 6.89 70.72
N ASN E 240 43.28 7.00 71.90
CA ASN E 240 44.54 7.72 72.05
C ASN E 240 45.66 7.08 71.23
N SER E 241 45.56 5.78 70.93
CA SER E 241 46.57 5.14 70.10
C SER E 241 46.60 5.74 68.70
N PHE E 242 45.44 6.08 68.16
CA PHE E 242 45.37 6.66 66.82
C PHE E 242 46.10 7.99 66.74
N ASP E 243 46.38 8.65 67.87
CA ASP E 243 47.07 9.93 67.84
C ASP E 243 48.48 9.80 67.29
N GLY E 244 49.18 8.71 67.64
CA GLY E 244 50.56 8.57 67.22
C GLY E 244 50.73 8.65 65.71
N LEU E 245 49.89 7.95 64.96
CA LEU E 245 49.94 8.04 63.50
C LEU E 245 49.42 9.40 63.03
N THR E 246 48.54 10.02 63.81
CA THR E 246 47.99 11.32 63.42
C THR E 246 49.08 12.39 63.38
N GLU E 247 50.06 12.29 64.28
CA GLU E 247 51.17 13.25 64.25
C GLU E 247 51.98 13.12 62.96
N ILE E 248 52.25 11.87 62.56
CA ILE E 248 52.96 11.65 61.30
C ILE E 248 52.16 12.21 60.14
N HIS E 249 50.85 11.94 60.13
CA HIS E 249 50.01 12.48 59.05
C HIS E 249 50.00 14.00 59.06
N GLN E 250 50.02 14.61 60.25
CA GLN E 250 50.02 16.06 60.34
C GLN E 250 51.32 16.64 59.78
N GLU E 251 52.45 16.02 60.10
CA GLU E 251 53.72 16.47 59.53
C GLU E 251 53.72 16.31 58.01
N LEU E 252 53.18 15.19 57.52
CA LEU E 252 53.08 14.99 56.07
C LEU E 252 52.22 16.07 55.44
N GLU E 253 51.10 16.41 56.08
CA GLU E 253 50.23 17.46 55.57
C GLU E 253 50.93 18.80 55.55
N THR E 254 51.70 19.11 56.60
CA THR E 254 52.43 20.37 56.63
C THR E 254 53.43 20.44 55.48
N ALA E 255 54.18 19.36 55.26
CA ALA E 255 55.14 19.35 54.15
C ALA E 255 54.43 19.49 52.81
N ARG E 256 53.30 18.78 52.64
CA ARG E 256 52.56 18.85 51.39
C ARG E 256 52.05 20.26 51.14
N LYS E 257 51.52 20.90 52.19
CA LYS E 257 51.03 22.27 52.04
C LYS E 257 52.17 23.23 51.72
N GLN E 258 53.33 23.04 52.36
CA GLN E 258 54.48 23.87 52.04
C GLN E 258 54.84 23.76 50.56
N GLN E 259 54.93 22.53 50.05
CA GLN E 259 55.27 22.35 48.64
C GLN E 259 54.20 22.97 47.73
N GLN E 260 52.93 22.73 48.06
CA GLN E 260 51.85 23.23 47.22
C GLN E 260 51.82 24.75 47.19
N SER E 261 52.09 25.40 48.32
CA SER E 261 52.13 26.84 48.38
C SER E 261 53.39 27.42 47.76
N LEU E 262 54.47 26.65 47.71
CA LEU E 262 55.69 27.11 47.05
C LEU E 262 55.65 26.94 45.54
N GLN E 263 54.80 26.06 45.02
CA GLN E 263 54.75 25.86 43.57
C GLN E 263 54.38 27.12 42.81
N PRO E 264 53.34 27.87 43.18
CA PRO E 264 52.92 29.01 42.33
C PRO E 264 54.00 30.05 42.11
N VAL E 265 54.86 30.27 43.11
CA VAL E 265 55.82 31.37 43.03
C VAL E 265 56.74 31.19 41.83
N ALA E 266 57.13 29.95 41.54
CA ALA E 266 58.01 29.71 40.40
C ALA E 266 57.33 30.10 39.09
N LEU E 267 56.06 29.72 38.92
CA LEU E 267 55.33 30.10 37.71
C LEU E 267 55.21 31.61 37.58
N SER E 268 54.84 32.26 38.68
CA SER E 268 54.70 33.71 38.65
C SER E 268 56.02 34.39 38.31
N TRP E 269 57.11 33.91 38.90
CA TRP E 269 58.43 34.48 38.60
C TRP E 269 58.82 34.27 37.15
N GLU E 270 58.54 33.08 36.61
CA GLU E 270 58.84 32.82 35.21
C GLU E 270 58.11 33.80 34.31
N LYS E 271 56.79 33.93 34.49
CA LYS E 271 56.03 34.79 33.61
C LYS E 271 56.39 36.27 33.82
N TYR E 272 56.73 36.64 35.05
CA TYR E 272 57.17 38.01 35.31
C TYR E 272 58.47 38.30 34.58
N GLN E 273 59.41 37.35 34.59
CA GLN E 273 60.66 37.53 33.86
C GLN E 273 60.40 37.65 32.36
N LYS E 274 59.51 36.82 31.83
CA LYS E 274 59.20 36.90 30.40
C LYS E 274 58.55 38.23 30.05
N GLN E 275 57.67 38.74 30.90
CA GLN E 275 57.04 40.03 30.63
C GLN E 275 58.04 41.18 30.75
N GLU E 276 58.98 41.09 31.69
CA GLU E 276 60.05 42.09 31.75
C GLU E 276 60.89 42.05 30.49
N ARG E 277 61.19 40.86 29.99
CA ARG E 277 61.91 40.74 28.72
C ARG E 277 61.10 41.34 27.58
N GLN E 278 59.78 41.15 27.59
CA GLN E 278 58.94 41.75 26.56
C GLN E 278 58.96 43.26 26.64
N LEU E 279 58.95 43.82 27.85
CA LEU E 279 59.07 45.26 28.01
C LEU E 279 60.42 45.75 27.47
N ALA E 280 61.48 44.99 27.74
CA ALA E 280 62.79 45.35 27.19
C ALA E 280 62.79 45.29 25.67
N ASP E 281 62.12 44.30 25.08
CA ASP E 281 62.02 44.21 23.63
C ASP E 281 61.25 45.39 23.06
N TRP E 282 60.16 45.78 23.73
CA TRP E 282 59.40 46.95 23.30
C TRP E 282 60.26 48.20 23.37
N LEU E 283 61.06 48.34 24.43
CA LEU E 283 61.96 49.48 24.53
C LEU E 283 63.02 49.47 23.44
N THR E 284 63.53 48.28 23.10
CA THR E 284 64.48 48.18 22.00
C THR E 284 63.84 48.60 20.68
N LEU E 285 62.61 48.15 20.44
CA LEU E 285 61.90 48.58 19.24
C LEU E 285 61.69 50.09 19.23
N GLU E 286 61.37 50.66 20.40
CA GLU E 286 61.21 52.11 20.50
C GLU E 286 62.50 52.83 20.15
N SER E 287 63.61 52.39 20.75
CA SER E 287 64.89 53.05 20.51
C SER E 287 65.34 52.92 19.06
N LEU E 288 65.10 51.77 18.43
CA LEU E 288 65.52 51.56 17.06
C LEU E 288 64.49 52.02 16.03
N LEU E 289 63.31 52.46 16.48
CA LEU E 289 62.27 52.89 15.56
C LEU E 289 62.70 54.10 14.73
N PRO E 290 63.19 55.19 15.32
CA PRO E 290 63.71 56.28 14.49
C PRO E 290 64.84 55.85 13.58
N LEU E 291 65.67 54.91 14.01
CA LEU E 291 66.79 54.46 13.18
C LEU E 291 66.30 53.72 11.95
N TRP E 292 65.27 52.88 12.08
CA TRP E 292 64.76 52.15 10.94
C TRP E 292 64.14 53.09 9.90
N PHE E 293 63.33 54.04 10.37
CA PHE E 293 62.76 55.02 9.44
C PHE E 293 63.84 55.90 8.84
N ALA E 294 64.90 56.20 9.60
CA ALA E 294 66.02 56.96 9.06
C ALA E 294 66.71 56.17 7.95
N GLN E 295 66.90 54.86 8.14
CA GLN E 295 67.50 54.04 7.09
C GLN E 295 66.60 53.99 5.86
N GLN E 296 65.30 53.85 6.06
CA GLN E 296 64.37 53.85 4.92
C GLN E 296 64.45 55.19 4.18
N ALA E 297 64.46 56.29 4.91
CA ALA E 297 64.55 57.61 4.29
C ALA E 297 65.86 57.77 3.54
N SER E 298 66.95 57.28 4.12
CA SER E 298 68.25 57.36 3.45
C SER E 298 68.24 56.60 2.14
N HIS E 299 67.70 55.37 2.17
CA HIS E 299 67.66 54.57 0.94
C HIS E 299 66.80 55.24 -0.12
N LEU E 300 65.62 55.73 0.27
CA LEU E 300 64.76 56.39 -0.70
C LEU E 300 65.40 57.67 -1.23
N TRP E 301 66.07 58.42 -0.36
CA TRP E 301 66.73 59.65 -0.79
C TRP E 301 67.84 59.36 -1.78
N ARG E 302 68.62 58.30 -1.53
CA ARG E 302 69.68 57.94 -2.47
C ARG E 302 69.10 57.46 -3.80
N GLU E 303 68.01 56.68 -3.74
CA GLU E 303 67.35 56.25 -4.97
C GLU E 303 66.88 57.44 -5.78
N LYS E 304 66.29 58.43 -5.13
CA LYS E 304 65.81 59.62 -5.84
C LYS E 304 66.98 60.46 -6.32
N ILE E 305 68.07 60.53 -5.54
CA ILE E 305 69.20 61.38 -5.88
C ILE E 305 69.92 60.84 -7.11
N ASN E 306 69.97 59.52 -7.25
CA ASN E 306 70.61 58.95 -8.44
C ASN E 306 69.96 59.44 -9.73
N LEU E 307 68.69 59.85 -9.65
CA LEU E 307 68.00 60.43 -10.79
C LEU E 307 68.02 61.95 -10.76
N LEU E 308 68.03 62.55 -9.57
CA LEU E 308 68.09 64.01 -9.46
C LEU E 308 69.39 64.54 -10.03
N ASN E 309 70.50 63.84 -9.81
CA ASN E 309 71.77 64.27 -10.37
C ASN E 309 71.70 64.30 -11.90
N ALA E 310 71.15 63.24 -12.51
CA ALA E 310 71.02 63.20 -13.96
C ALA E 310 70.09 64.29 -14.46
N ARG E 311 69.00 64.55 -13.74
CA ARG E 311 68.06 65.57 -14.17
C ARG E 311 68.69 66.96 -14.09
N LEU E 312 69.45 67.23 -13.02
CA LEU E 312 70.15 68.51 -12.93
C LEU E 312 71.19 68.64 -14.04
N ALA E 313 71.89 67.56 -14.35
CA ALA E 313 72.85 67.59 -15.46
C ALA E 313 72.14 67.88 -16.77
N GLU E 314 70.97 67.26 -16.98
CA GLU E 314 70.22 67.50 -18.22
C GLU E 314 69.76 68.94 -18.31
N ALA E 315 69.27 69.51 -17.21
CA ALA E 315 68.85 70.90 -17.21
C ALA E 315 70.03 71.83 -17.49
N GLN E 316 71.18 71.54 -16.88
CA GLN E 316 72.38 72.33 -17.13
C GLN E 316 72.79 72.23 -18.60
N THR E 317 72.71 71.04 -19.18
CA THR E 317 73.05 70.86 -20.58
C THR E 317 72.10 71.65 -21.48
N SER E 318 70.80 71.63 -21.17
CA SER E 318 69.86 72.42 -21.96
C SER E 318 70.15 73.92 -21.85
N GLU E 319 70.43 74.38 -20.63
CA GLU E 319 70.76 75.79 -20.43
C GLU E 319 72.01 76.18 -21.22
N GLU E 320 73.03 75.31 -21.19
CA GLU E 320 74.27 75.62 -21.88
C GLU E 320 74.09 75.56 -23.38
N GLN E 321 73.25 74.65 -23.88
CA GLN E 321 72.96 74.61 -25.31
C GLN E 321 72.24 75.87 -25.76
N LEU E 322 71.28 76.34 -24.97
CA LEU E 322 70.61 77.59 -25.29
C LEU E 322 71.58 78.76 -25.25
N GLN E 323 72.49 78.75 -24.27
CA GLN E 323 73.52 79.79 -24.21
C GLN E 323 74.43 79.75 -25.43
N SER E 324 74.78 78.54 -25.88
CA SER E 324 75.63 78.41 -27.06
C SER E 324 74.92 78.93 -28.30
N GLN E 325 73.63 78.63 -28.46
CA GLN E 325 72.88 79.18 -29.57
C GLN E 325 72.78 80.69 -29.48
N LEU E 326 72.61 81.22 -28.27
CA LEU E 326 72.54 82.67 -28.09
C LEU E 326 73.86 83.32 -28.48
N ASP E 327 74.98 82.71 -28.10
CA ASP E 327 76.29 83.25 -28.45
C ASP E 327 76.57 83.10 -29.93
N LEU E 328 76.06 82.04 -30.57
CA LEU E 328 76.16 81.94 -32.03
C LEU E 328 75.38 83.06 -32.69
N GLN E 329 74.20 83.39 -32.16
CA GLN E 329 73.44 84.52 -32.68
C GLN E 329 74.20 85.83 -32.47
N LYS E 330 74.88 85.96 -31.33
CA LYS E 330 75.71 87.14 -31.11
C LYS E 330 76.84 87.22 -32.12
N LYS E 331 77.46 86.08 -32.44
CA LYS E 331 78.50 86.07 -33.46
C LYS E 331 77.94 86.46 -34.83
N VAL E 332 76.74 85.98 -35.14
CA VAL E 332 76.10 86.39 -36.39
C VAL E 332 75.84 87.89 -36.39
N VAL E 333 75.43 88.43 -35.24
CA VAL E 333 75.24 89.87 -35.11
C VAL E 333 76.54 90.60 -35.40
N SER E 334 77.64 90.12 -34.82
CA SER E 334 78.93 90.75 -35.02
C SER E 334 79.35 90.68 -36.48
N ASP E 335 79.11 89.55 -37.14
CA ASP E 335 79.49 89.41 -38.55
C ASP E 335 78.67 90.34 -39.43
N CYS E 336 77.35 90.38 -39.23
CA CYS E 336 76.51 91.28 -40.00
C CYS E 336 76.91 92.73 -39.77
N MET E 337 77.27 93.07 -38.53
CA MET E 337 77.72 94.42 -38.22
C MET E 337 79.03 94.74 -38.94
N GLN E 338 80.00 93.82 -38.88
CA GLN E 338 81.27 94.04 -39.56
C GLN E 338 81.05 94.25 -41.06
N ARG E 339 80.13 93.48 -41.64
CA ARG E 339 79.75 93.70 -43.03
C ARG E 339 79.14 95.09 -43.20
N TYR E 340 78.33 95.51 -42.22
CA TYR E 340 77.63 96.79 -42.31
C TYR E 340 78.61 97.95 -42.36
N LEU E 341 79.67 97.89 -41.55
CA LEU E 341 80.64 98.98 -41.45
C LEU E 341 81.74 98.90 -42.49
N GLN E 342 81.74 97.86 -43.33
CA GLN E 342 82.79 97.67 -44.33
C GLN E 342 82.30 97.82 -45.76
N VAL E 343 81.03 97.56 -46.02
CA VAL E 343 80.49 97.69 -47.37
C VAL E 343 79.99 99.12 -47.59
N ASP E 689 67.83 97.33 -50.60
CA ASP E 689 68.17 96.08 -51.30
C ASP E 689 69.67 96.01 -51.59
N SER E 690 70.37 97.13 -51.39
CA SER E 690 71.80 97.16 -51.59
C SER E 690 72.50 96.26 -50.59
N ASP E 691 73.83 96.17 -50.71
CA ASP E 691 74.60 95.37 -49.76
C ASP E 691 74.48 95.93 -48.34
N ALA E 692 74.53 97.25 -48.21
CA ALA E 692 74.39 97.86 -46.88
C ALA E 692 73.01 97.60 -46.29
N SER E 693 71.96 97.72 -47.10
CA SER E 693 70.61 97.45 -46.62
C SER E 693 70.45 95.99 -46.22
N VAL E 694 71.03 95.08 -46.99
CA VAL E 694 70.95 93.66 -46.65
C VAL E 694 71.71 93.40 -45.36
N ALA E 695 72.87 94.03 -45.17
CA ALA E 695 73.60 93.88 -43.93
C ALA E 695 72.78 94.39 -42.75
N LYS E 696 72.12 95.54 -42.91
CA LYS E 696 71.28 96.07 -41.84
C LYS E 696 70.14 95.12 -41.52
N ALA E 697 69.47 94.59 -42.56
CA ALA E 697 68.35 93.69 -42.34
C ALA E 697 68.79 92.41 -41.66
N LYS E 698 69.92 91.83 -42.09
CA LYS E 698 70.41 90.61 -41.47
C LYS E 698 70.85 90.87 -40.03
N LEU E 699 71.45 92.03 -39.76
CA LEU E 699 71.82 92.37 -38.40
C LEU E 699 70.58 92.51 -37.52
N ASP E 700 69.52 93.13 -38.04
CA ASP E 700 68.29 93.27 -37.28
C ASP E 700 67.65 91.91 -37.01
N GLU E 701 67.62 91.03 -38.02
CA GLU E 701 67.07 89.70 -37.82
C GLU E 701 67.89 88.91 -36.81
N ALA E 702 69.21 89.03 -36.87
CA ALA E 702 70.07 88.34 -35.91
C ALA E 702 69.83 88.87 -34.50
N GLN E 703 69.66 90.18 -34.35
CA GLN E 703 69.37 90.75 -33.03
C GLN E 703 68.03 90.27 -32.51
N THR E 704 67.01 90.21 -33.37
CA THR E 704 65.70 89.71 -32.94
C THR E 704 65.80 88.25 -32.49
N ILE E 705 66.50 87.43 -33.26
CA ILE E 705 66.67 86.03 -32.87
C ILE E 705 67.49 85.93 -31.60
N GLU E 706 68.47 86.81 -31.41
CA GLU E 706 69.26 86.82 -30.19
C GLU E 706 68.38 87.14 -28.98
N SER E 707 67.49 88.12 -29.12
CA SER E 707 66.56 88.44 -28.04
C SER E 707 65.63 87.27 -27.76
N GLU E 708 65.14 86.61 -28.81
CA GLU E 708 64.27 85.46 -28.62
C GLU E 708 64.99 84.34 -27.88
N LEU E 709 66.23 84.06 -28.27
CA LEU E 709 67.01 83.02 -27.60
C LEU E 709 67.34 83.40 -26.15
N ASP E 710 67.59 84.69 -25.90
CA ASP E 710 67.82 85.13 -24.54
C ASP E 710 66.57 84.96 -23.69
N LYS E 711 65.41 85.26 -24.25
CA LYS E 711 64.15 85.00 -23.55
C LYS E 711 64.00 83.51 -23.25
N GLN E 712 64.28 82.66 -24.23
CA GLN E 712 64.16 81.23 -24.03
C GLN E 712 65.10 80.74 -22.93
N LEU E 713 66.34 81.26 -22.92
CA LEU E 713 67.29 80.88 -21.88
C LEU E 713 66.83 81.37 -20.51
N ARG E 714 66.28 82.58 -20.45
CA ARG E 714 65.75 83.09 -19.19
C ARG E 714 64.65 82.20 -18.66
N ALA E 715 63.74 81.76 -19.54
CA ALA E 715 62.67 80.87 -19.11
C ALA E 715 63.24 79.53 -18.63
N ALA E 716 64.25 79.00 -19.33
CA ALA E 716 64.81 77.71 -18.97
C ALA E 716 65.55 77.76 -17.63
N ASN E 717 66.03 78.95 -17.24
CA ASN E 717 66.77 79.05 -15.99
C ASN E 717 65.92 78.64 -14.79
N LYS E 718 64.59 78.73 -14.91
CA LYS E 718 63.74 78.31 -13.81
C LYS E 718 63.88 76.82 -13.52
N VAL E 719 63.98 76.00 -14.57
CA VAL E 719 64.13 74.56 -14.37
C VAL E 719 65.42 74.26 -13.62
N THR E 720 66.52 74.90 -14.02
CA THR E 720 67.80 74.66 -13.36
C THR E 720 67.73 75.08 -11.89
N ASN E 721 67.10 76.22 -11.61
CA ASN E 721 66.99 76.68 -10.23
C ASN E 721 66.17 75.73 -9.38
N VAL E 722 65.02 75.28 -9.91
CA VAL E 722 64.16 74.38 -9.17
C VAL E 722 64.87 73.06 -8.91
N LEU E 723 65.55 72.53 -9.93
CA LEU E 723 66.25 71.26 -9.75
C LEU E 723 67.41 71.41 -8.78
N ASP E 724 68.11 72.54 -8.81
CA ASP E 724 69.21 72.76 -7.87
C ASP E 724 68.69 72.84 -6.44
N THR E 725 67.59 73.56 -6.23
CA THR E 725 67.01 73.65 -4.88
C THR E 725 66.55 72.27 -4.41
N GLU E 726 65.89 71.52 -5.30
CA GLU E 726 65.42 70.19 -4.92
C GLU E 726 66.59 69.27 -4.59
N LEU E 727 67.67 69.34 -5.38
CA LEU E 727 68.83 68.49 -5.12
C LEU E 727 69.50 68.87 -3.81
N THR E 728 69.59 70.17 -3.52
CA THR E 728 70.18 70.61 -2.26
C THR E 728 69.36 70.11 -1.07
N LEU E 729 68.03 70.27 -1.15
CA LEU E 729 67.17 69.79 -0.07
C LEU E 729 67.27 68.28 0.08
N ALA E 730 67.28 67.56 -1.05
CA ALA E 730 67.37 66.11 -1.00
C ALA E 730 68.69 65.65 -0.40
N ARG E 731 69.79 66.34 -0.75
CA ARG E 731 71.09 65.98 -0.19
C ARG E 731 71.12 66.26 1.30
N ALA E 732 70.55 67.39 1.74
CA ALA E 732 70.50 67.67 3.17
C ALA E 732 69.70 66.61 3.91
N ALA E 733 68.53 66.25 3.38
CA ALA E 733 67.71 65.23 4.03
C ALA E 733 68.40 63.88 4.02
N GLU E 734 69.09 63.54 2.93
CA GLU E 734 69.81 62.28 2.85
C GLU E 734 70.96 62.23 3.86
N ARG E 735 71.68 63.35 4.02
CA ARG E 735 72.73 63.40 5.03
C ARG E 735 72.15 63.25 6.42
N LYS E 736 71.00 63.89 6.69
CA LYS E 736 70.35 63.72 7.98
C LYS E 736 69.98 62.26 8.21
N ALA E 737 69.38 61.62 7.20
CA ALA E 737 68.98 60.23 7.34
C ALA E 737 70.19 59.32 7.53
N GLN E 738 71.30 59.62 6.84
CA GLN E 738 72.51 58.82 6.98
C GLN E 738 73.09 58.94 8.38
N GLN E 739 73.15 60.16 8.91
CA GLN E 739 73.70 60.34 10.26
C GLN E 739 72.80 59.71 11.30
N THR E 740 71.48 59.72 11.09
CA THR E 740 70.58 59.06 12.03
C THR E 740 70.64 57.54 11.91
N ALA E 741 70.92 57.03 10.71
CA ALA E 741 70.96 55.59 10.50
C ALA E 741 72.25 54.96 11.01
N GLN E 742 73.36 55.71 10.99
CA GLN E 742 74.67 55.17 11.35
C GLN E 742 74.95 55.26 12.86
N GLN E 743 73.90 55.32 13.68
CA GLN E 743 74.07 55.36 15.13
C GLN E 743 74.51 54.02 15.71
N GLY E 744 74.74 53.00 14.89
CA GLY E 744 75.18 51.70 15.37
C GLY E 744 74.05 50.70 15.42
N MET E 745 74.22 49.55 14.78
CA MET E 745 73.16 48.56 14.72
C MET E 745 73.73 47.24 14.19
N LYS E 746 73.30 46.14 14.81
CA LYS E 746 73.61 44.83 14.27
C LYS E 746 72.62 44.46 13.17
N GLU E 747 73.03 43.53 12.31
CA GLU E 747 72.14 43.08 11.24
C GLU E 747 70.87 42.46 11.81
N GLU E 748 71.00 41.68 12.88
CA GLU E 748 69.83 41.08 13.51
C GLU E 748 68.88 42.13 14.05
N GLU E 749 69.40 43.22 14.63
CA GLU E 749 68.53 44.30 15.08
C GLU E 749 67.82 44.96 13.91
N ARG E 750 68.52 45.14 12.79
CA ARG E 750 67.88 45.70 11.60
C ARG E 750 66.75 44.80 11.12
N GLU E 751 66.97 43.48 11.13
CA GLU E 751 65.90 42.55 10.74
C GLU E 751 64.75 42.59 11.74
N LEU E 752 65.07 42.77 13.02
CA LEU E 752 64.02 42.93 14.03
C LEU E 752 63.16 44.15 13.73
N CYS E 753 63.81 45.26 13.35
CA CYS E 753 63.06 46.45 12.97
C CYS E 753 62.25 46.20 11.71
N ALA E 754 62.80 45.40 10.78
CA ALA E 754 62.10 45.13 9.53
C ALA E 754 60.90 44.22 9.74
N SER E 755 60.93 43.36 10.75
CA SER E 755 59.87 42.39 10.96
C SER E 755 58.63 42.98 11.62
N HIS E 756 58.73 44.19 12.17
CA HIS E 756 57.57 44.82 12.82
C HIS E 756 57.19 46.11 12.11
N PHE E 757 58.17 46.98 11.87
CA PHE E 757 57.90 48.26 11.22
C PHE E 757 57.77 48.07 9.70
N PRO E 758 56.95 48.88 9.04
CA PRO E 758 56.70 48.65 7.61
C PRO E 758 57.79 49.22 6.72
N VAL E 759 57.84 48.70 5.50
CA VAL E 759 58.73 49.25 4.48
C VAL E 759 58.04 50.45 3.81
N VAL E 760 58.81 51.49 3.54
CA VAL E 760 58.29 52.76 3.07
C VAL E 760 58.56 52.88 1.57
N THR E 761 57.54 53.27 0.81
CA THR E 761 57.69 53.48 -0.62
C THR E 761 58.31 54.86 -0.88
N LEU E 762 58.76 55.06 -2.12
CA LEU E 762 59.41 56.31 -2.48
C LEU E 762 58.44 57.49 -2.37
N GLU E 763 57.19 57.28 -2.77
CA GLU E 763 56.22 58.38 -2.76
C GLU E 763 55.93 58.90 -1.35
N GLN E 764 56.17 58.08 -0.32
CA GLN E 764 55.92 58.48 1.05
C GLN E 764 57.13 59.13 1.71
N LEU E 765 58.22 59.34 0.97
CA LEU E 765 59.42 59.89 1.57
C LEU E 765 59.22 61.25 2.22
N PRO E 766 58.56 62.23 1.60
CA PRO E 766 58.36 63.51 2.29
C PRO E 766 57.59 63.38 3.58
N ASP E 767 56.62 62.47 3.63
CA ASP E 767 55.75 62.30 4.80
C ASP E 767 56.17 61.14 5.69
N ILE E 768 57.40 60.64 5.53
CA ILE E 768 57.84 59.50 6.32
C ILE E 768 57.85 59.84 7.81
N ARG E 769 57.88 61.13 8.14
CA ARG E 769 57.85 61.52 9.55
C ARG E 769 56.56 61.09 10.23
N ASP E 770 55.42 61.22 9.53
CA ASP E 770 54.14 60.88 10.13
C ASP E 770 54.10 59.42 10.58
N LEU E 771 54.65 58.51 9.78
CA LEU E 771 54.72 57.11 10.19
C LEU E 771 55.55 56.95 11.45
N GLU E 772 56.69 57.64 11.52
CA GLU E 772 57.59 57.47 12.67
C GLU E 772 56.90 57.88 13.96
N ARG E 773 56.21 59.03 13.96
CA ARG E 773 55.59 59.52 15.18
C ARG E 773 54.37 58.68 15.58
N GLN E 774 53.57 58.24 14.60
CA GLN E 774 52.44 57.38 14.93
C GLN E 774 52.92 56.05 15.50
N HIS E 775 53.97 55.47 14.90
CA HIS E 775 54.52 54.24 15.46
C HIS E 775 55.17 54.49 16.81
N GLU E 776 55.72 55.68 17.04
CA GLU E 776 56.22 56.02 18.36
C GLU E 776 55.09 56.01 19.38
N ARG E 777 53.94 56.60 19.02
CA ARG E 777 52.79 56.58 19.91
C ARG E 777 52.32 55.14 20.18
N GLY E 778 52.28 54.32 19.14
CA GLY E 778 51.88 52.94 19.32
C GLY E 778 52.84 52.16 20.20
N ILE E 779 54.14 52.38 20.02
CA ILE E 779 55.14 51.71 20.84
C ILE E 779 55.06 52.20 22.28
N GLN E 780 54.74 53.48 22.48
CA GLN E 780 54.53 53.98 23.83
C GLN E 780 53.34 53.29 24.48
N HIS E 781 52.25 53.14 23.73
CA HIS E 781 51.09 52.44 24.26
C HIS E 781 51.42 51.00 24.64
N GLU E 782 52.16 50.31 23.76
CA GLU E 782 52.54 48.93 24.07
C GLU E 782 53.48 48.87 25.27
N ILE E 783 54.41 49.82 25.38
CA ILE E 783 55.34 49.84 26.50
C ILE E 783 54.60 50.04 27.80
N GLU E 784 53.65 50.98 27.83
CA GLU E 784 52.89 51.20 29.05
C GLU E 784 51.98 50.02 29.37
N ARG E 785 51.44 49.34 28.34
CA ARG E 785 50.64 48.16 28.59
C ARG E 785 51.49 47.06 29.24
N VAL E 786 52.68 46.81 28.69
CA VAL E 786 53.54 45.78 29.27
C VAL E 786 54.04 46.21 30.65
N LYS E 787 54.20 47.52 30.87
CA LYS E 787 54.56 47.99 32.21
C LYS E 787 53.46 47.72 33.21
N ALA E 788 52.20 47.96 32.82
CA ALA E 788 51.08 47.64 33.69
C ALA E 788 51.02 46.14 33.97
N GLU E 789 51.23 45.32 32.94
CA GLU E 789 51.24 43.87 33.13
C GLU E 789 52.37 43.46 34.06
N LEU E 790 53.54 44.08 33.90
CA LEU E 790 54.69 43.75 34.75
C LEU E 790 54.42 44.13 36.20
N HIS E 791 53.79 45.29 36.43
CA HIS E 791 53.43 45.68 37.79
C HIS E 791 52.40 44.72 38.37
N ARG E 792 51.44 44.29 37.55
CA ARG E 792 50.45 43.32 38.02
C ARG E 792 51.13 42.00 38.41
N LEU E 793 52.06 41.54 37.59
CA LEU E 793 52.79 40.31 37.92
C LEU E 793 53.67 40.51 39.15
N ASN E 794 54.20 41.73 39.34
CA ASN E 794 54.99 42.01 40.53
C ASN E 794 54.15 41.93 41.80
N ILE E 795 52.97 42.55 41.79
CA ILE E 795 52.09 42.48 42.96
C ILE E 795 51.64 41.04 43.18
N GLU E 796 51.38 40.31 42.10
CA GLU E 796 51.02 38.90 42.22
C GLU E 796 52.14 38.10 42.86
N LEU E 797 53.37 38.34 42.42
CA LEU E 797 54.52 37.65 43.00
C LEU E 797 54.69 37.97 44.47
N THR E 798 54.55 39.26 44.82
CA THR E 798 54.65 39.65 46.23
C THR E 798 53.58 38.95 47.07
N LYS E 799 52.35 38.91 46.56
CA LYS E 799 51.29 38.19 47.25
C LYS E 799 51.66 36.72 47.45
N ARG E 800 52.12 36.07 46.37
CA ARG E 800 52.42 34.65 46.45
C ARG E 800 53.53 34.36 47.45
N MET E 801 54.58 35.17 47.44
CA MET E 801 55.71 34.91 48.33
C MET E 801 55.35 35.25 49.78
N SER E 802 54.63 36.35 50.00
CA SER E 802 54.25 36.71 51.36
C SER E 802 53.30 35.68 51.95
N GLU E 803 52.34 35.20 51.17
CA GLU E 803 51.40 34.21 51.68
C GLU E 803 52.12 32.93 52.07
N ALA E 804 53.14 32.54 51.30
CA ALA E 804 53.89 31.33 51.62
C ALA E 804 54.63 31.47 52.95
N LYS E 805 54.89 32.70 53.40
CA LYS E 805 55.58 32.88 54.67
C LYS E 805 54.76 32.34 55.85
N ARG E 806 53.43 32.34 55.72
CA ARG E 806 52.59 31.84 56.81
C ARG E 806 52.72 30.33 56.97
N VAL E 807 53.11 29.63 55.91
CA VAL E 807 53.05 28.17 55.89
C VAL E 807 54.33 27.50 56.39
N ASP E 808 55.46 28.22 56.41
CA ASP E 808 56.74 27.61 56.73
C ASP E 808 57.49 28.49 57.72
N THR E 809 58.37 27.85 58.49
CA THR E 809 59.22 28.51 59.47
C THR E 809 60.68 28.35 59.07
N GLY E 810 61.48 29.33 59.42
CA GLY E 810 62.90 29.31 59.08
C GLY E 810 63.19 30.05 57.78
N ALA E 811 63.29 29.29 56.68
CA ALA E 811 63.67 29.88 55.40
C ALA E 811 62.66 30.92 54.94
N LEU E 812 61.36 30.63 55.09
CA LEU E 812 60.32 31.52 54.60
C LEU E 812 60.03 32.69 55.55
N VAL E 813 60.72 32.78 56.67
CA VAL E 813 60.69 33.98 57.50
C VAL E 813 62.02 34.72 57.50
N GLU E 814 63.10 34.09 57.02
CA GLU E 814 64.37 34.79 56.89
C GLU E 814 64.38 35.73 55.70
N ALA E 815 63.73 35.35 54.61
CA ALA E 815 63.65 36.21 53.44
C ALA E 815 62.76 37.41 53.72
N GLY E 816 62.91 38.45 52.90
CA GLY E 816 62.13 39.66 53.04
C GLY E 816 60.87 39.65 52.20
N ALA E 817 60.60 40.78 51.52
CA ALA E 817 59.40 40.93 50.71
C ALA E 817 59.74 41.49 49.33
N ASP E 818 60.86 41.07 48.76
CA ASP E 818 61.31 41.55 47.47
C ASP E 818 61.50 40.37 46.53
N LEU E 819 61.44 40.66 45.23
CA LEU E 819 61.55 39.61 44.22
C LEU E 819 62.95 39.01 44.14
N ASP E 820 63.95 39.64 44.74
CA ASP E 820 65.29 39.06 44.77
C ASP E 820 65.37 37.84 45.66
N ASP E 821 64.38 37.64 46.52
CA ASP E 821 64.34 36.49 47.42
C ASP E 821 63.45 35.36 46.90
N ILE E 822 62.97 35.47 45.66
CA ILE E 822 62.29 34.37 44.99
C ILE E 822 63.16 33.11 45.03
N PRO E 823 64.46 33.20 44.75
CA PRO E 823 65.28 31.98 44.79
C PRO E 823 65.28 31.27 46.13
N VAL E 824 64.97 31.96 47.23
CA VAL E 824 64.81 31.27 48.51
C VAL E 824 63.64 30.30 48.43
N TYR E 825 62.52 30.76 47.87
CA TYR E 825 61.35 29.89 47.74
C TYR E 825 61.63 28.73 46.78
N LEU E 826 62.29 29.01 45.66
CA LEU E 826 62.61 27.96 44.70
C LEU E 826 63.51 26.90 45.32
N GLN E 827 64.50 27.35 46.12
CA GLN E 827 65.39 26.40 46.78
C GLN E 827 64.62 25.51 47.75
N ARG E 828 63.72 26.10 48.54
CA ARG E 828 62.95 25.30 49.48
C ARG E 828 62.04 24.32 48.74
N LEU E 829 61.46 24.76 47.61
CA LEU E 829 60.60 23.87 46.84
C LEU E 829 61.39 22.68 46.30
N GLN E 830 62.52 22.96 45.62
CA GLN E 830 63.32 21.89 45.03
C GLN E 830 63.97 21.02 46.09
N GLU E 831 64.17 21.52 47.31
CA GLU E 831 64.60 20.67 48.41
C GLU E 831 63.46 19.77 48.86
N LEU E 832 62.37 20.38 49.34
CA LEU E 832 61.21 19.62 49.78
C LEU E 832 60.89 18.46 48.84
N THR E 833 60.84 18.75 47.53
CA THR E 833 60.33 17.77 46.57
C THR E 833 60.99 16.41 46.68
N GLU E 834 62.20 16.33 47.25
CA GLU E 834 62.90 15.05 47.33
C GLU E 834 63.39 14.76 48.74
N GLU E 835 63.48 15.80 49.59
CA GLU E 835 64.01 15.62 50.94
C GLU E 835 62.92 15.54 52.00
N ALA E 836 61.69 15.97 51.69
CA ALA E 836 60.62 16.01 52.67
C ALA E 836 59.47 15.08 52.31
N LEU E 837 58.95 15.17 51.09
CA LEU E 837 57.73 14.44 50.76
C LEU E 837 57.98 12.93 50.66
N PRO E 838 58.97 12.45 49.90
CA PRO E 838 59.10 10.99 49.74
C PRO E 838 59.31 10.24 51.05
N GLU E 839 60.25 10.67 51.88
CA GLU E 839 60.55 9.95 53.11
C GLU E 839 59.39 10.01 54.09
N LYS E 840 58.79 11.19 54.26
CA LYS E 840 57.65 11.31 55.17
C LYS E 840 56.49 10.44 54.70
N LEU E 841 56.22 10.45 53.39
CA LEU E 841 55.15 9.60 52.86
C LEU E 841 55.47 8.12 53.08
N ASN E 842 56.73 7.74 52.88
CA ASN E 842 57.12 6.35 53.08
C ASN E 842 56.87 5.91 54.52
N ARG E 843 57.34 6.71 55.49
CA ARG E 843 57.17 6.33 56.88
C ARG E 843 55.69 6.31 57.26
N PHE E 844 54.92 7.29 56.77
CA PHE E 844 53.49 7.32 57.07
C PHE E 844 52.78 6.09 56.52
N LEU E 845 53.08 5.72 55.27
CA LEU E 845 52.45 4.55 54.67
C LEU E 845 52.85 3.28 55.41
N ASP E 846 54.12 3.15 55.78
CA ASP E 846 54.56 1.96 56.50
C ASP E 846 53.85 1.85 57.85
N TYR E 847 53.76 2.96 58.57
CA TYR E 847 53.08 2.94 59.87
C TYR E 847 51.60 2.61 59.70
N LEU E 848 50.95 3.17 58.67
CA LEU E 848 49.56 2.84 58.41
C LEU E 848 49.39 1.36 58.10
N ASN E 849 50.30 0.78 57.32
CA ASN E 849 50.26 -0.66 57.07
C ASN E 849 50.38 -1.43 58.38
N ARG E 850 51.28 -1.00 59.27
CA ARG E 850 51.46 -1.69 60.54
C ARG E 850 50.24 -1.53 61.45
N SER E 851 49.46 -0.48 61.25
CA SER E 851 48.30 -0.24 62.11
C SER E 851 47.25 -1.33 61.92
N SER E 852 46.50 -1.62 62.98
CA SER E 852 45.48 -2.65 62.97
C SER E 852 44.22 -2.12 63.62
N ASP E 853 43.09 -2.76 63.29
CA ASP E 853 41.78 -2.37 63.80
C ASP E 853 41.36 -3.16 65.03
N ASP E 854 42.28 -3.96 65.61
CA ASP E 854 41.90 -4.85 66.70
C ASP E 854 41.33 -4.08 67.89
N GLY E 855 41.74 -2.83 68.07
CA GLY E 855 41.38 -2.12 69.30
C GLY E 855 39.88 -2.01 69.50
N VAL E 856 39.17 -1.56 68.47
CA VAL E 856 37.73 -1.34 68.62
C VAL E 856 36.98 -2.65 68.74
N THR E 857 37.32 -3.64 67.91
CA THR E 857 36.59 -4.91 67.95
C THR E 857 36.75 -5.58 69.30
N GLN E 858 37.94 -5.50 69.91
CA GLN E 858 38.12 -6.06 71.24
C GLN E 858 37.25 -5.36 72.27
N LEU E 859 37.13 -4.03 72.17
CA LEU E 859 36.27 -3.31 73.10
C LEU E 859 34.81 -3.73 72.93
N LEU E 860 34.35 -3.85 71.68
CA LEU E 860 32.98 -4.28 71.45
C LEU E 860 32.76 -5.69 71.99
N SER E 861 33.73 -6.57 71.79
CA SER E 861 33.62 -7.93 72.31
C SER E 861 33.55 -7.93 73.83
N HIS E 862 34.35 -7.09 74.48
CA HIS E 862 34.31 -6.99 75.93
C HIS E 862 32.95 -6.48 76.40
N ILE E 863 32.38 -5.51 75.69
CA ILE E 863 31.05 -5.02 76.04
C ILE E 863 30.02 -6.13 75.88
N GLU E 864 30.14 -6.93 74.82
CA GLU E 864 29.24 -8.07 74.65
C GLU E 864 29.39 -9.05 75.81
N HIS E 865 30.63 -9.29 76.24
CA HIS E 865 30.86 -10.17 77.39
C HIS E 865 30.18 -9.63 78.64
N GLU E 866 30.28 -8.31 78.86
CA GLU E 866 29.63 -7.72 80.03
C GLU E 866 28.12 -7.89 79.97
N VAL E 867 27.54 -7.64 78.79
CA VAL E 867 26.09 -7.80 78.63
C VAL E 867 25.68 -9.24 78.89
N LEU E 868 26.46 -10.19 78.35
CA LEU E 868 26.16 -11.60 78.57
C LEU E 868 26.28 -11.96 80.04
N VAL E 869 27.26 -11.40 80.73
CA VAL E 869 27.42 -11.66 82.16
C VAL E 869 26.20 -11.16 82.92
N ILE E 870 25.73 -9.96 82.60
CA ILE E 870 24.56 -9.42 83.29
C ILE E 870 23.34 -10.30 83.03
N GLU E 871 23.15 -10.71 81.77
CA GLU E 871 22.01 -11.55 81.44
C GLU E 871 22.09 -12.89 82.18
N GLU E 872 23.27 -13.50 82.21
CA GLU E 872 23.43 -14.77 82.91
C GLU E 872 23.13 -14.61 84.39
N ARG E 873 23.62 -13.53 85.00
CA ARG E 873 23.34 -13.31 86.42
C ARG E 873 21.85 -13.15 86.66
N LEU E 874 21.16 -12.41 85.78
CA LEU E 874 19.71 -12.32 85.89
C LEU E 874 19.06 -13.68 85.74
N ASN E 875 19.71 -14.60 85.00
CA ASN E 875 19.15 -15.93 84.82
C ASN E 875 18.97 -16.64 86.16
N GLU E 876 19.95 -16.52 87.05
CA GLU E 876 19.84 -17.15 88.36
C GLU E 876 18.66 -16.57 89.15
N LEU E 877 18.47 -15.26 89.09
CA LEU E 877 17.33 -14.65 89.75
C LEU E 877 16.02 -15.17 89.15
N ASN E 878 15.95 -15.30 87.83
CA ASN E 878 14.77 -15.86 87.21
C ASN E 878 14.47 -17.26 87.75
N GLU E 879 15.51 -18.09 87.85
CA GLU E 879 15.32 -19.43 88.40
C GLU E 879 14.82 -19.37 89.85
N THR E 880 15.39 -18.48 90.67
CA THR E 880 14.92 -18.32 92.03
C THR E 880 13.46 -17.88 92.05
N MET E 881 13.08 -17.02 91.11
CA MET E 881 11.74 -16.45 91.11
C MET E 881 10.70 -17.48 90.67
N PHE E 882 11.14 -18.54 90.01
CA PHE E 882 10.22 -19.60 89.60
C PHE E 882 9.63 -20.32 90.80
N ARG E 883 10.30 -20.25 91.96
CA ARG E 883 9.90 -21.07 93.10
C ARG E 883 8.74 -20.45 93.88
N VAL E 884 8.39 -19.20 93.62
CA VAL E 884 7.35 -18.51 94.37
C VAL E 884 6.18 -18.23 93.45
N ASP E 885 5.00 -18.06 94.05
CA ASP E 885 3.77 -17.73 93.33
C ASP E 885 3.45 -16.26 93.53
N PHE E 886 3.68 -15.46 92.49
CA PHE E 886 3.27 -14.06 92.54
C PHE E 886 1.76 -13.91 92.61
N GLN E 887 1.03 -14.94 92.22
CA GLN E 887 -0.42 -14.92 92.20
C GLN E 887 -0.91 -16.35 92.32
N PRO E 888 -2.24 -16.57 92.45
CA PRO E 888 -2.75 -17.93 92.63
C PRO E 888 -2.03 -18.99 91.81
N ASP E 889 -1.84 -18.76 90.52
CA ASP E 889 -1.12 -19.70 89.67
C ASP E 889 -0.22 -18.97 88.68
N ARG E 890 0.27 -17.79 89.05
CA ARG E 890 1.21 -17.05 88.23
C ARG E 890 2.54 -16.91 88.96
N TYR E 891 3.63 -17.17 88.25
CA TYR E 891 4.97 -16.94 88.76
C TYR E 891 5.66 -15.89 87.90
N LEU E 892 6.23 -14.89 88.56
CA LEU E 892 6.81 -13.74 87.89
C LEU E 892 8.15 -14.10 87.26
N ARG E 893 8.60 -13.25 86.33
CA ARG E 893 9.90 -13.38 85.70
C ARG E 893 10.36 -12.03 85.19
N LEU E 894 11.67 -11.86 85.10
CA LEU E 894 12.27 -10.66 84.53
C LEU E 894 12.77 -10.99 83.13
N ASP E 895 12.35 -10.19 82.15
CA ASP E 895 12.78 -10.35 80.77
C ASP E 895 13.85 -9.31 80.43
N THR E 896 14.26 -9.31 79.17
CA THR E 896 15.24 -8.36 78.69
C THR E 896 15.28 -8.38 77.17
N LYS E 897 15.33 -7.19 76.57
CA LYS E 897 15.53 -7.01 75.15
C LYS E 897 16.87 -6.34 74.91
N LYS E 898 17.33 -6.37 73.67
CA LYS E 898 18.61 -5.76 73.33
C LYS E 898 18.39 -4.46 72.58
N VAL E 899 19.07 -3.41 73.04
CA VAL E 899 18.91 -2.05 72.52
C VAL E 899 20.14 -1.73 71.70
N VAL E 900 20.02 -1.82 70.37
CA VAL E 900 21.09 -1.45 69.46
C VAL E 900 20.93 0.05 69.20
N HIS E 901 21.59 0.85 70.04
CA HIS E 901 21.57 2.29 69.84
C HIS E 901 22.15 2.65 68.49
N GLU E 902 21.67 3.75 67.92
CA GLU E 902 22.14 4.18 66.61
C GLU E 902 23.66 4.33 66.57
N SER E 903 24.26 4.68 67.70
CA SER E 903 25.71 4.88 67.72
C SER E 903 26.44 3.59 67.37
N LEU E 904 25.98 2.46 67.90
CA LEU E 904 26.63 1.18 67.58
C LEU E 904 26.46 0.85 66.11
N ARG E 905 25.29 1.11 65.53
CA ARG E 905 25.09 0.86 64.12
C ARG E 905 26.06 1.70 63.29
N THR E 906 26.20 2.98 63.64
CA THR E 906 27.11 3.85 62.90
C THR E 906 28.55 3.37 63.05
N LEU E 907 28.93 2.93 64.26
CA LEU E 907 30.30 2.44 64.46
C LEU E 907 30.56 1.19 63.63
N GLU E 908 29.59 0.27 63.58
CA GLU E 908 29.75 -0.92 62.76
C GLU E 908 29.87 -0.55 61.28
N LYS E 909 29.05 0.41 60.83
CA LYS E 909 29.13 0.84 59.44
C LYS E 909 30.50 1.43 59.14
N ALA E 910 31.02 2.25 60.06
CA ALA E 910 32.34 2.84 59.86
C ALA E 910 33.42 1.76 59.81
N GLN E 911 33.33 0.78 60.70
CA GLN E 911 34.30 -0.31 60.70
C GLN E 911 34.25 -1.09 59.38
N ARG E 912 33.04 -1.37 58.89
CA ARG E 912 32.93 -2.11 57.64
C ARG E 912 33.49 -1.31 56.47
N GLN E 913 33.15 -0.01 56.38
CA GLN E 913 33.69 0.82 55.31
C GLN E 913 35.20 0.96 55.43
N LEU E 914 35.73 0.93 56.65
CA LEU E 914 37.18 0.89 56.84
C LEU E 914 37.75 -0.39 56.25
N ASN E 915 37.14 -1.52 56.54
CA ASN E 915 37.57 -2.78 55.94
C ASN E 915 37.56 -2.67 54.42
N ALA E 916 36.57 -1.97 53.87
CA ALA E 916 36.51 -1.78 52.42
C ALA E 916 37.51 -0.75 51.93
N ALA E 917 37.87 0.22 52.77
CA ALA E 917 38.69 1.34 52.31
C ALA E 917 40.17 0.99 52.23
N ARG E 918 40.60 -0.05 52.94
CA ARG E 918 42.01 -0.42 52.90
C ARG E 918 42.47 -0.79 51.49
N PHE E 919 41.57 -1.34 50.68
CA PHE E 919 41.93 -1.95 49.41
C PHE E 919 41.71 -1.03 48.22
N VAL E 920 41.61 0.28 48.45
CA VAL E 920 41.69 1.29 47.39
C VAL E 920 42.88 2.17 47.69
N ASP E 921 43.81 2.27 46.73
CA ASP E 921 45.12 2.85 46.96
C ASP E 921 45.16 4.27 46.44
N ASP E 922 45.28 5.23 47.37
CA ASP E 922 45.48 6.63 47.05
C ASP E 922 46.53 7.23 47.98
N ASN E 923 47.63 6.50 48.18
CA ASN E 923 48.63 6.83 49.21
C ASN E 923 48.09 6.57 50.61
N GLY E 924 47.11 5.68 50.73
CA GLY E 924 46.53 5.35 52.01
C GLY E 924 45.70 6.48 52.58
N GLU E 925 45.36 7.47 51.76
CA GLU E 925 44.59 8.61 52.23
C GLU E 925 43.18 8.19 52.63
N SER E 926 42.53 7.36 51.82
CA SER E 926 41.17 6.93 52.12
C SER E 926 41.14 6.08 53.39
N HIS E 927 42.13 5.20 53.55
CA HIS E 927 42.21 4.37 54.75
C HIS E 927 42.36 5.24 56.00
N TYR E 928 43.24 6.24 55.93
CA TYR E 928 43.42 7.12 57.08
C TYR E 928 42.16 7.93 57.35
N LYS E 929 41.49 8.40 56.31
CA LYS E 929 40.26 9.17 56.51
C LYS E 929 39.19 8.31 57.18
N ALA E 930 39.08 7.04 56.75
CA ALA E 930 38.11 6.14 57.38
C ALA E 930 38.48 5.89 58.84
N LEU E 931 39.77 5.68 59.13
CA LEU E 931 40.17 5.49 60.52
C LEU E 931 39.87 6.74 61.35
N GLN E 932 40.10 7.92 60.78
CA GLN E 932 39.80 9.15 61.50
C GLN E 932 38.31 9.27 61.79
N VAL E 933 37.47 8.95 60.80
CA VAL E 933 36.03 9.00 61.01
C VAL E 933 35.64 8.04 62.12
N LEU E 934 36.19 6.82 62.10
CA LEU E 934 35.85 5.84 63.12
C LEU E 934 36.28 6.30 64.51
N VAL E 935 37.48 6.87 64.62
CA VAL E 935 37.98 7.31 65.91
C VAL E 935 37.21 8.52 66.42
N ALA E 936 36.64 9.31 65.49
CA ALA E 936 35.90 10.50 65.91
C ALA E 936 34.71 10.13 66.77
N GLN E 937 33.99 9.08 66.40
CA GLN E 937 32.83 8.67 67.20
C GLN E 937 33.24 8.33 68.62
N LEU E 938 34.32 7.54 68.76
CA LEU E 938 34.78 7.16 70.08
C LEU E 938 35.18 8.39 70.89
N ARG E 939 35.94 9.29 70.28
CA ARG E 939 36.39 10.48 71.01
C ARG E 939 35.21 11.33 71.46
N ASP E 940 34.24 11.53 70.56
CA ASP E 940 33.07 12.33 70.92
C ASP E 940 32.27 11.67 72.03
N ALA E 941 32.14 10.34 71.97
CA ALA E 941 31.44 9.63 73.04
C ALA E 941 32.17 9.82 74.37
N CYS E 942 33.50 9.73 74.36
CA CYS E 942 34.26 9.95 75.57
C CYS E 942 34.03 11.35 76.12
N GLU E 943 34.01 12.36 75.23
CA GLU E 943 33.81 13.73 75.68
C GLU E 943 32.39 13.96 76.20
N ARG E 944 31.42 13.20 75.71
CA ARG E 944 30.03 13.35 76.11
C ARG E 944 29.47 12.08 76.74
N ASN E 945 30.24 11.47 77.65
CA ASN E 945 29.82 10.21 78.26
C ASN E 945 28.52 10.34 79.06
N ARG E 946 28.21 11.53 79.57
CA ARG E 946 27.05 11.69 80.43
C ARG E 946 25.72 11.61 79.66
N THR E 947 25.72 11.95 78.38
CA THR E 947 24.51 11.83 77.58
C THR E 947 24.21 10.37 77.30
N LEU E 948 22.92 10.03 77.30
CA LEU E 948 22.52 8.65 77.07
C LEU E 948 22.97 8.15 75.71
N GLY E 949 23.20 9.05 74.75
CA GLY E 949 23.63 8.61 73.43
C GLY E 949 24.91 7.81 73.47
N ALA E 950 25.89 8.26 74.26
CA ALA E 950 27.15 7.53 74.40
C ALA E 950 27.02 6.40 75.42
N LYS E 951 26.13 6.56 76.41
CA LYS E 951 25.91 5.49 77.38
C LYS E 951 25.42 4.23 76.68
N ALA E 952 24.52 4.38 75.71
CA ALA E 952 23.99 3.22 75.01
C ALA E 952 24.98 2.62 74.03
N LEU E 953 26.22 3.08 74.03
CA LEU E 953 27.29 2.51 73.21
C LEU E 953 28.45 1.99 74.03
N LEU E 954 28.80 2.67 75.13
CA LEU E 954 29.97 2.29 75.91
C LEU E 954 29.62 1.67 77.26
N ASP E 955 28.37 1.76 77.71
CA ASP E 955 27.98 1.25 79.02
C ASP E 955 27.24 -0.07 78.86
N PRO E 956 27.70 -1.17 79.45
CA PRO E 956 26.94 -2.42 79.35
C PRO E 956 25.52 -2.32 79.91
N ARG E 957 25.33 -1.52 80.97
CA ARG E 957 24.02 -1.48 81.61
C ARG E 957 22.94 -0.92 80.70
N PHE E 958 23.29 -0.15 79.68
CA PHE E 958 22.33 0.46 78.78
C PHE E 958 22.17 -0.30 77.48
N ARG E 959 22.76 -1.49 77.36
CA ARG E 959 22.63 -2.29 76.14
C ARG E 959 21.40 -3.17 76.15
N LEU E 960 20.59 -3.13 77.21
CA LEU E 960 19.40 -3.96 77.30
C LEU E 960 18.34 -3.24 78.11
N GLU E 961 17.08 -3.53 77.80
CA GLU E 961 15.93 -2.88 78.42
C GLU E 961 15.09 -3.93 79.14
N PHE E 962 14.79 -3.67 80.41
CA PHE E 962 14.17 -4.65 81.30
C PHE E 962 12.66 -4.46 81.32
N ALA E 963 11.96 -5.53 81.71
CA ALA E 963 10.51 -5.50 81.79
C ALA E 963 10.03 -6.68 82.63
N VAL E 964 9.28 -6.37 83.69
CA VAL E 964 8.68 -7.40 84.53
C VAL E 964 7.60 -8.11 83.72
N SER E 965 7.46 -9.42 83.93
CA SER E 965 6.52 -10.24 83.19
C SER E 965 5.82 -11.21 84.14
N VAL E 966 4.58 -11.56 83.81
CA VAL E 966 3.80 -12.52 84.57
C VAL E 966 3.63 -13.77 83.71
N MET E 967 3.99 -14.92 84.26
CA MET E 967 3.90 -16.19 83.55
C MET E 967 2.78 -17.05 84.14
N ASP E 968 2.08 -17.77 83.27
CA ASP E 968 1.13 -18.79 83.69
C ASP E 968 1.90 -20.03 84.16
N ARG E 969 1.56 -20.51 85.35
CA ARG E 969 2.30 -21.64 85.92
C ARG E 969 2.14 -22.88 85.06
N GLN E 970 0.93 -23.14 84.54
CA GLN E 970 0.67 -24.37 83.82
C GLN E 970 1.15 -24.29 82.37
N SER E 971 0.58 -23.38 81.60
CA SER E 971 0.89 -23.27 80.18
C SER E 971 2.22 -22.56 79.91
N GLY E 972 2.59 -21.59 80.74
CA GLY E 972 3.77 -20.79 80.48
C GLY E 972 3.55 -19.58 79.60
N ASN E 973 2.30 -19.33 79.19
CA ASN E 973 2.02 -18.15 78.39
C ASN E 973 2.03 -16.90 79.26
N VAL E 974 2.71 -15.87 78.76
CA VAL E 974 2.77 -14.60 79.47
C VAL E 974 1.42 -13.89 79.35
N ILE E 975 1.01 -13.22 80.43
CA ILE E 975 -0.25 -12.49 80.46
C ILE E 975 -0.02 -10.99 80.59
N GLU E 976 0.98 -10.58 81.37
CA GLU E 976 1.24 -9.18 81.66
C GLU E 976 2.71 -8.89 81.47
N SER E 977 3.05 -8.22 80.36
CA SER E 977 4.41 -7.77 80.12
C SER E 977 4.64 -6.40 80.78
N ARG E 978 4.41 -6.39 82.09
CA ARG E 978 4.40 -5.15 82.87
C ARG E 978 5.75 -4.45 82.72
N THR E 979 5.74 -3.29 82.07
CA THR E 979 6.96 -2.50 81.94
C THR E 979 7.15 -1.52 83.09
N GLY E 980 6.20 -1.46 84.02
CA GLY E 980 6.26 -0.50 85.11
C GLY E 980 5.17 -0.76 86.12
N SER E 981 4.49 0.30 86.56
CA SER E 981 3.31 0.12 87.39
C SER E 981 2.18 1.08 87.00
N GLN E 982 2.26 1.71 85.84
CA GLN E 982 1.18 2.56 85.39
C GLN E 982 -0.13 1.77 85.38
N GLY E 983 -1.19 2.38 85.88
CA GLY E 983 -2.40 1.63 86.11
C GLY E 983 -2.29 0.81 87.39
N GLY E 984 -2.84 -0.39 87.34
CA GLY E 984 -2.84 -1.24 88.52
C GLY E 984 -3.72 -0.66 89.61
N SER E 985 -4.12 -1.48 90.58
CA SER E 985 -5.10 -1.06 91.56
C SER E 985 -4.50 -0.32 92.74
N GLY E 986 -3.20 -0.41 92.95
CA GLY E 986 -2.65 -0.02 94.24
C GLY E 986 -2.85 -1.18 95.19
N GLY E 987 -1.83 -1.51 95.97
CA GLY E 987 -1.83 -2.80 96.63
C GLY E 987 -1.31 -3.83 95.64
N GLU E 988 -1.98 -3.93 94.48
CA GLU E 988 -1.37 -4.60 93.34
C GLU E 988 -0.10 -3.87 92.90
N LYS E 989 -0.17 -2.54 92.83
CA LYS E 989 1.03 -1.74 92.63
C LYS E 989 2.06 -2.06 93.71
N GLU E 990 1.61 -2.19 94.95
CA GLU E 990 2.51 -2.47 96.06
C GLU E 990 3.22 -3.81 95.89
N ILE E 991 2.48 -4.86 95.50
CA ILE E 991 3.11 -6.17 95.37
C ILE E 991 4.07 -6.16 94.18
N ILE E 992 3.70 -5.49 93.08
CA ILE E 992 4.63 -5.38 91.96
C ILE E 992 5.94 -4.74 92.44
N ALA E 993 5.82 -3.61 93.12
CA ALA E 993 7.01 -2.89 93.58
C ALA E 993 7.83 -3.76 94.52
N SER E 994 7.18 -4.40 95.49
CA SER E 994 7.90 -5.16 96.50
C SER E 994 8.61 -6.35 95.87
N TYR E 995 7.91 -7.10 95.01
CA TYR E 995 8.54 -8.24 94.35
C TYR E 995 9.77 -7.79 93.58
N VAL E 996 9.61 -6.79 92.72
CA VAL E 996 10.73 -6.41 91.85
C VAL E 996 11.88 -5.85 92.68
N LEU E 997 11.57 -5.08 93.72
CA LEU E 997 12.64 -4.46 94.49
C LEU E 997 13.38 -5.47 95.34
N THR E 998 12.67 -6.44 95.92
CA THR E 998 13.35 -7.50 96.66
C THR E 998 14.24 -8.31 95.73
N ALA E 999 13.76 -8.59 94.51
CA ALA E 999 14.59 -9.29 93.53
C ALA E 999 15.87 -8.50 93.25
N SER E 1000 15.73 -7.21 92.96
CA SER E 1000 16.90 -6.39 92.66
C SER E 1000 17.83 -6.29 93.86
N LEU E 1001 17.27 -6.22 95.07
CA LEU E 1001 18.10 -6.18 96.27
C LEU E 1001 18.90 -7.46 96.43
N SER E 1002 18.27 -8.61 96.20
CA SER E 1002 19.00 -9.87 96.26
C SER E 1002 20.10 -9.90 95.22
N TYR E 1003 19.83 -9.41 94.01
CA TYR E 1003 20.89 -9.31 93.01
C TYR E 1003 22.04 -8.47 93.52
N ALA E 1004 21.74 -7.25 93.99
CA ALA E 1004 22.80 -6.32 94.36
C ALA E 1004 23.63 -6.84 95.52
N LEU E 1005 22.98 -7.39 96.55
CA LEU E 1005 23.67 -7.80 97.77
C LEU E 1005 24.44 -9.11 97.61
N CYS E 1006 24.18 -9.86 96.54
CA CYS E 1006 24.80 -11.17 96.36
C CYS E 1006 26.01 -11.06 95.45
N PRO E 1007 27.17 -11.55 95.86
CA PRO E 1007 28.27 -11.75 94.89
C PRO E 1007 27.87 -12.79 93.86
N ALA E 1008 28.47 -12.68 92.68
CA ALA E 1008 28.12 -13.57 91.58
C ALA E 1008 28.30 -15.02 92.00
N GLY E 1009 27.29 -15.84 91.72
CA GLY E 1009 27.34 -17.25 92.05
C GLY E 1009 27.05 -17.59 93.50
N SER E 1010 26.56 -16.65 94.29
CA SER E 1010 26.24 -16.88 95.69
C SER E 1010 24.73 -16.96 95.87
N ARG E 1011 24.26 -18.02 96.52
CA ARG E 1011 22.83 -18.19 96.74
C ARG E 1011 22.35 -17.42 97.96
N TYR E 1012 23.24 -17.13 98.90
CA TYR E 1012 22.88 -16.42 100.12
C TYR E 1012 23.60 -15.08 100.16
N PRO E 1013 22.89 -13.95 100.17
CA PRO E 1013 23.57 -12.67 100.33
C PRO E 1013 24.19 -12.56 101.71
N LEU E 1014 25.42 -12.05 101.76
CA LEU E 1014 26.14 -11.99 103.02
C LEU E 1014 25.46 -11.01 103.98
N PHE E 1015 24.68 -10.07 103.45
CA PHE E 1015 23.76 -9.26 104.24
C PHE E 1015 22.34 -9.71 103.89
N GLY E 1016 21.53 -9.96 104.90
CA GLY E 1016 20.24 -10.60 104.67
C GLY E 1016 19.02 -9.85 105.11
N THR E 1017 19.18 -8.73 105.82
CA THR E 1017 18.06 -8.02 106.40
C THR E 1017 17.51 -6.98 105.44
N ILE E 1018 16.18 -6.79 105.50
CA ILE E 1018 15.47 -5.79 104.70
C ILE E 1018 14.46 -5.11 105.62
N ILE E 1019 14.20 -3.84 105.36
CA ILE E 1019 13.26 -3.04 106.15
C ILE E 1019 12.09 -2.67 105.26
N LEU E 1020 10.88 -2.62 105.85
CA LEU E 1020 9.66 -2.32 105.12
C LEU E 1020 8.79 -1.40 105.98
N ASP E 1021 8.94 -0.09 105.79
CA ASP E 1021 8.09 0.86 106.49
C ASP E 1021 6.70 0.89 105.86
N GLU E 1022 5.69 1.11 106.70
CA GLU E 1022 4.29 1.09 106.28
C GLU E 1022 4.01 -0.15 105.43
N ALA E 1023 4.58 -1.27 105.86
CA ALA E 1023 4.40 -2.52 105.14
C ALA E 1023 2.93 -2.87 105.03
N PHE E 1024 2.50 -3.25 103.83
CA PHE E 1024 1.14 -3.68 103.57
C PHE E 1024 0.12 -2.58 103.89
N SER E 1025 0.54 -1.32 103.89
CA SER E 1025 -0.37 -0.24 104.26
C SER E 1025 -1.58 -0.16 103.35
N ARG E 1026 -1.49 -0.70 102.14
CA ARG E 1026 -2.62 -0.71 101.22
C ARG E 1026 -2.75 -2.04 100.48
N SER E 1027 -2.36 -3.15 101.09
CA SER E 1027 -2.49 -4.47 100.49
C SER E 1027 -3.33 -5.36 101.39
N SER E 1028 -4.18 -6.18 100.77
CA SER E 1028 -5.04 -7.07 101.53
C SER E 1028 -4.22 -8.22 102.11
N HIS E 1029 -4.83 -8.94 103.06
CA HIS E 1029 -4.13 -10.05 103.70
C HIS E 1029 -3.59 -11.03 102.66
N ALA E 1030 -4.41 -11.33 101.64
CA ALA E 1030 -3.99 -12.28 100.62
C ALA E 1030 -2.75 -11.81 99.88
N VAL E 1031 -2.61 -10.52 99.67
CA VAL E 1031 -1.48 -10.00 98.91
C VAL E 1031 -0.23 -9.92 99.80
N ALA E 1032 -0.39 -9.43 101.03
CA ALA E 1032 0.73 -9.35 101.95
C ALA E 1032 1.28 -10.74 102.25
N GLY E 1033 0.41 -11.74 102.31
CA GLY E 1033 0.88 -13.10 102.52
C GLY E 1033 1.85 -13.54 101.45
N ARG E 1034 1.51 -13.31 100.18
CA ARG E 1034 2.41 -13.68 99.09
C ARG E 1034 3.64 -12.78 99.05
N ILE E 1035 3.53 -11.52 99.47
CA ILE E 1035 4.71 -10.68 99.58
C ILE E 1035 5.69 -11.27 100.58
N ILE E 1036 5.18 -11.68 101.75
CA ILE E 1036 6.03 -12.31 102.75
C ILE E 1036 6.60 -13.62 102.22
N ALA E 1037 5.79 -14.36 101.46
CA ALA E 1037 6.27 -15.61 100.88
C ALA E 1037 7.45 -15.36 99.95
N ALA E 1038 7.35 -14.33 99.10
CA ALA E 1038 8.47 -14.00 98.21
C ALA E 1038 9.69 -13.58 99.00
N LEU E 1039 9.49 -12.76 100.03
CA LEU E 1039 10.62 -12.37 100.88
C LEU E 1039 11.29 -13.60 101.46
N ARG E 1040 10.50 -14.57 101.93
CA ARG E 1040 11.06 -15.79 102.49
C ARG E 1040 11.83 -16.57 101.44
N GLU E 1041 11.26 -16.67 100.23
CA GLU E 1041 11.94 -17.42 99.17
C GLU E 1041 13.28 -16.80 98.82
N PHE E 1042 13.35 -15.48 98.72
CA PHE E 1042 14.65 -14.84 98.53
C PHE E 1042 15.56 -15.02 99.74
N GLY E 1043 15.01 -15.39 100.90
CA GLY E 1043 15.80 -15.71 102.06
C GLY E 1043 16.13 -14.56 102.96
N LEU E 1044 15.47 -13.41 102.80
CA LEU E 1044 15.77 -12.25 103.61
C LEU E 1044 14.97 -12.25 104.91
N HIS E 1045 15.52 -11.63 105.94
CA HIS E 1045 14.85 -11.49 107.22
C HIS E 1045 14.18 -10.12 107.26
N ALA E 1046 12.86 -10.11 107.39
CA ALA E 1046 12.05 -8.92 107.16
C ALA E 1046 11.74 -8.21 108.48
N VAL E 1047 11.95 -6.91 108.51
CA VAL E 1047 11.58 -6.06 109.63
C VAL E 1047 10.40 -5.22 109.17
N PHE E 1048 9.19 -5.58 109.62
CA PHE E 1048 7.98 -4.87 109.21
C PHE E 1048 7.67 -3.75 110.19
N ILE E 1049 7.07 -2.69 109.66
CA ILE E 1049 6.54 -1.59 110.47
C ILE E 1049 5.10 -1.35 110.06
N THR E 1050 4.23 -1.18 111.05
CA THR E 1050 2.82 -0.95 110.77
C THR E 1050 2.20 -0.17 111.91
N PRO E 1051 1.23 0.72 111.64
CA PRO E 1051 0.52 1.42 112.71
C PRO E 1051 -0.60 0.58 113.32
N ASN E 1052 -0.24 -0.60 113.83
CA ASN E 1052 -1.15 -1.53 114.46
C ASN E 1052 -2.13 -2.16 113.47
N LYS E 1053 -1.89 -2.00 112.18
CA LYS E 1053 -2.77 -2.57 111.15
C LYS E 1053 -2.29 -3.97 110.77
N GLU E 1054 -3.23 -4.77 110.27
CA GLU E 1054 -2.93 -6.15 109.85
C GLU E 1054 -2.20 -6.91 110.95
N MET E 1055 -2.61 -6.69 112.20
CA MET E 1055 -1.91 -7.31 113.32
C MET E 1055 -2.00 -8.83 113.25
N ARG E 1056 -3.17 -9.34 112.87
CA ARG E 1056 -3.35 -10.79 112.79
C ARG E 1056 -2.47 -11.41 111.72
N LEU E 1057 -1.98 -10.62 110.76
CA LEU E 1057 -1.11 -11.17 109.72
C LEU E 1057 0.32 -11.32 110.21
N LEU E 1058 0.88 -10.25 110.80
CA LEU E 1058 2.22 -10.37 111.38
C LEU E 1058 2.26 -11.47 112.43
N ARG E 1059 1.13 -11.68 113.12
CA ARG E 1059 1.06 -12.72 114.13
C ARG E 1059 1.49 -14.08 113.58
N ASP E 1060 1.18 -14.33 112.30
CA ASP E 1060 1.47 -15.62 111.69
C ASP E 1060 2.90 -15.73 111.17
N HIS E 1061 3.55 -14.61 110.84
CA HIS E 1061 4.86 -14.65 110.18
C HIS E 1061 5.94 -13.87 110.91
N THR E 1062 5.78 -13.59 112.19
CA THR E 1062 6.86 -13.02 112.99
C THR E 1062 6.84 -13.69 114.37
N ARG E 1063 7.93 -13.50 115.11
CA ARG E 1063 8.08 -14.12 116.42
C ARG E 1063 8.49 -13.11 117.49
N SER E 1064 8.40 -11.82 117.21
CA SER E 1064 8.67 -10.80 118.21
C SER E 1064 8.09 -9.48 117.73
N ALA E 1065 7.89 -8.57 118.69
CA ALA E 1065 7.35 -7.25 118.41
C ALA E 1065 8.02 -6.22 119.30
N ILE E 1066 8.14 -5.00 118.79
CA ILE E 1066 8.72 -3.88 119.52
C ILE E 1066 7.67 -2.77 119.56
N VAL E 1067 7.01 -2.62 120.69
CA VAL E 1067 5.99 -1.59 120.84
C VAL E 1067 6.67 -0.25 121.08
N VAL E 1068 6.18 0.79 120.44
CA VAL E 1068 6.69 2.15 120.58
C VAL E 1068 5.53 3.05 120.94
N HIS E 1069 5.72 3.90 121.95
CA HIS E 1069 4.67 4.79 122.42
C HIS E 1069 5.26 6.14 122.76
N ARG E 1070 4.43 7.18 122.57
CA ARG E 1070 4.82 8.56 122.84
C ARG E 1070 3.94 9.13 123.94
N ARG E 1071 4.56 9.94 124.81
CA ARG E 1071 3.83 10.78 125.75
C ARG E 1071 4.55 12.11 125.86
N GLY E 1072 3.80 13.20 125.73
CA GLY E 1072 4.42 14.52 125.76
C GLY E 1072 5.45 14.66 124.66
N GLN E 1073 6.62 15.17 125.03
CA GLN E 1073 7.73 15.33 124.09
C GLN E 1073 8.73 14.18 124.15
N ASN E 1074 8.30 12.98 124.55
CA ASN E 1074 9.19 11.85 124.75
C ASN E 1074 8.55 10.59 124.19
N SER E 1075 9.40 9.59 123.93
CA SER E 1075 8.95 8.30 123.42
C SER E 1075 9.97 7.24 123.81
N ASN E 1076 9.54 5.98 123.72
CA ASN E 1076 10.36 4.85 124.14
C ASN E 1076 9.99 3.63 123.31
N MET E 1077 10.47 2.46 123.75
CA MET E 1077 10.05 1.19 123.19
C MET E 1077 10.06 0.13 124.28
N ALA E 1078 9.49 -1.03 123.95
CA ALA E 1078 9.53 -2.21 124.80
C ALA E 1078 9.51 -3.43 123.89
N SER E 1079 9.99 -4.56 124.42
CA SER E 1079 10.21 -5.75 123.62
C SER E 1079 9.21 -6.84 124.00
N LEU E 1080 8.89 -7.69 123.02
CA LEU E 1080 7.97 -8.81 123.21
C LEU E 1080 8.39 -9.95 122.30
N SER E 1081 7.93 -11.16 122.61
CA SER E 1081 8.25 -12.33 121.82
C SER E 1081 7.19 -13.40 122.05
N TRP E 1082 7.17 -14.40 121.17
CA TRP E 1082 6.27 -15.52 121.33
C TRP E 1082 6.78 -16.69 120.49
N GLU E 1083 6.23 -17.87 120.76
CA GLU E 1083 6.62 -19.09 120.06
C GLU E 1083 5.49 -20.10 120.17
N GLU E 1084 5.71 -21.27 119.58
CA GLU E 1084 4.71 -22.34 119.54
C GLU E 1084 5.21 -23.55 120.30
N LEU E 1085 4.32 -24.14 121.11
CA LEU E 1085 4.62 -25.37 121.85
C LEU E 1085 4.23 -26.58 121.00
N GLU E 1086 5.08 -26.88 120.01
CA GLU E 1086 4.76 -27.86 118.99
C GLU E 1086 4.73 -29.29 119.52
N ARG E 1087 5.20 -29.52 120.76
CA ARG E 1087 5.33 -30.89 121.24
C ARG E 1087 4.03 -31.68 121.05
N HIS E 1088 2.90 -31.10 121.44
CA HIS E 1088 1.62 -31.73 121.17
C HIS E 1088 0.50 -30.74 121.47
N TYR E 1089 -0.42 -30.59 120.51
CA TYR E 1089 -1.60 -29.75 120.74
C TYR E 1089 -2.42 -30.28 121.91
N GLN E 1090 -2.69 -31.58 121.91
CA GLN E 1090 -3.39 -32.23 123.02
C GLN E 1090 -3.09 -33.72 122.92
N ARG E 1091 -2.47 -34.27 123.97
CA ARG E 1091 -2.04 -35.66 123.92
C ARG E 1091 -3.22 -36.60 123.70
N ARG E 1092 -3.06 -37.53 122.77
CA ARG E 1092 -4.06 -38.55 122.45
C ARG E 1092 -5.38 -37.95 121.96
N GLY E 1093 -5.34 -36.73 121.42
CA GLY E 1093 -6.52 -36.10 120.85
C GLY E 1093 -6.42 -35.97 119.33
N ASN E 1094 -7.28 -35.09 118.80
CA ASN E 1094 -7.29 -34.82 117.37
C ASN E 1094 -6.36 -33.68 117.04
N ALA E 1095 -5.38 -33.93 116.17
CA ALA E 1095 -4.41 -32.92 115.79
C ALA E 1095 -3.87 -33.18 114.38
N SER F 40 -8.02 -35.46 -79.07
CA SER F 40 -7.38 -35.64 -77.73
C SER F 40 -7.72 -34.49 -76.79
N GLU F 41 -7.51 -33.27 -77.28
CA GLU F 41 -7.67 -32.09 -76.43
C GLU F 41 -9.02 -31.43 -76.69
N THR F 42 -9.85 -31.36 -75.65
CA THR F 42 -11.15 -30.69 -75.73
C THR F 42 -11.24 -29.64 -74.63
N ARG F 43 -11.50 -28.41 -75.03
CA ARG F 43 -11.66 -27.30 -74.10
C ARG F 43 -13.12 -27.15 -73.74
N THR F 44 -13.39 -26.95 -72.45
CA THR F 44 -14.74 -26.58 -72.04
C THR F 44 -15.14 -25.29 -72.74
N LEU F 45 -16.41 -25.20 -73.11
CA LEU F 45 -16.88 -24.05 -73.86
C LEU F 45 -16.40 -22.76 -73.21
N GLN F 46 -15.77 -21.90 -74.00
CA GLN F 46 -15.13 -20.71 -73.42
C GLN F 46 -16.12 -19.89 -72.60
N LYS F 47 -17.39 -19.86 -73.00
CA LYS F 47 -18.38 -19.14 -72.20
C LYS F 47 -18.48 -19.73 -70.81
N ILE F 48 -18.51 -21.07 -70.71
CA ILE F 48 -18.59 -21.71 -69.41
C ILE F 48 -17.32 -21.44 -68.60
N ARG F 49 -16.16 -21.45 -69.25
CA ARG F 49 -14.92 -21.14 -68.53
C ARG F 49 -14.97 -19.73 -67.97
N GLU F 50 -15.39 -18.77 -68.78
CA GLU F 50 -15.49 -17.39 -68.30
C GLU F 50 -16.45 -17.28 -67.14
N ALA F 51 -17.62 -17.90 -67.25
CA ALA F 51 -18.61 -17.81 -66.20
C ALA F 51 -18.11 -18.43 -64.91
N THR F 52 -17.54 -19.62 -64.98
CA THR F 52 -17.07 -20.28 -63.76
C THR F 52 -15.88 -19.55 -63.16
N GLN F 53 -14.98 -19.00 -63.97
CA GLN F 53 -13.88 -18.22 -63.43
C GLN F 53 -14.38 -16.99 -62.68
N GLU F 54 -15.33 -16.26 -63.27
CA GLU F 54 -15.89 -15.12 -62.56
C GLU F 54 -16.59 -15.55 -61.28
N LEU F 55 -17.34 -16.65 -61.35
CA LEU F 55 -18.08 -17.14 -60.19
C LEU F 55 -17.12 -17.49 -59.06
N LEU F 56 -16.01 -18.14 -59.38
CA LEU F 56 -15.02 -18.46 -58.36
C LEU F 56 -14.34 -17.20 -57.84
N LYS F 57 -14.07 -16.23 -58.73
CA LYS F 57 -13.40 -15.02 -58.28
C LYS F 57 -14.23 -14.28 -57.24
N TYR F 58 -15.52 -14.07 -57.53
CA TYR F 58 -16.34 -13.28 -56.64
C TYR F 58 -16.97 -14.08 -55.51
N GLY F 59 -17.09 -15.40 -55.67
CA GLY F 59 -17.75 -16.23 -54.69
C GLY F 59 -19.23 -16.39 -54.91
N LEU F 60 -19.90 -15.41 -55.50
CA LEU F 60 -21.31 -15.51 -55.80
C LEU F 60 -21.63 -14.63 -57.01
N LEU F 61 -22.73 -14.95 -57.68
CA LEU F 61 -23.10 -14.33 -58.93
C LEU F 61 -24.60 -14.04 -58.90
N GLU F 62 -25.03 -13.05 -59.67
CA GLU F 62 -26.42 -12.63 -59.63
C GLU F 62 -26.88 -12.24 -61.04
N GLU F 63 -28.20 -12.36 -61.26
CA GLU F 63 -28.79 -11.83 -62.48
C GLU F 63 -29.01 -10.32 -62.38
N ALA F 64 -29.00 -9.79 -61.15
CA ALA F 64 -29.23 -8.35 -60.98
C ALA F 64 -28.02 -7.52 -61.40
N SER F 65 -26.85 -8.13 -61.54
CA SER F 65 -25.65 -7.42 -61.91
C SER F 65 -24.93 -7.99 -63.12
N LYS F 66 -24.91 -9.32 -63.29
CA LYS F 66 -24.18 -9.97 -64.38
C LYS F 66 -25.08 -11.00 -65.04
N PRO F 67 -26.18 -10.55 -65.67
CA PRO F 67 -27.12 -11.52 -66.24
C PRO F 67 -26.51 -12.42 -67.30
N ASN F 68 -25.62 -11.87 -68.14
CA ASN F 68 -25.06 -12.66 -69.24
C ASN F 68 -24.29 -13.87 -68.73
N LEU F 69 -23.77 -13.81 -67.51
CA LEU F 69 -23.07 -14.95 -66.92
C LEU F 69 -23.99 -15.79 -66.05
N TYR F 70 -24.94 -15.15 -65.37
CA TYR F 70 -25.88 -15.90 -64.54
C TYR F 70 -26.68 -16.86 -65.39
N ARG F 71 -27.17 -16.40 -66.54
CA ARG F 71 -27.89 -17.31 -67.43
C ARG F 71 -26.99 -18.42 -67.92
N ILE F 72 -25.75 -18.10 -68.29
CA ILE F 72 -24.83 -19.10 -68.83
C ILE F 72 -24.63 -20.22 -67.81
N VAL F 73 -24.43 -19.86 -66.54
CA VAL F 73 -24.26 -20.88 -65.52
C VAL F 73 -25.57 -21.63 -65.30
N LEU F 74 -26.69 -20.91 -65.33
CA LEU F 74 -27.98 -21.53 -65.02
C LEU F 74 -28.44 -22.48 -66.11
N SER F 75 -27.79 -22.48 -67.26
CA SER F 75 -28.14 -23.37 -68.35
C SER F 75 -27.31 -24.65 -68.38
N HIS F 76 -26.18 -24.68 -67.67
CA HIS F 76 -25.29 -25.82 -67.71
C HIS F 76 -24.84 -26.19 -66.30
N PRO F 77 -25.76 -26.34 -65.36
CA PRO F 77 -25.35 -26.62 -63.98
C PRO F 77 -24.52 -27.88 -63.82
N GLU F 78 -24.77 -28.92 -64.62
CA GLU F 78 -24.00 -30.14 -64.50
C GLU F 78 -22.52 -29.88 -64.80
N GLU F 79 -22.24 -29.13 -65.86
CA GLU F 79 -20.85 -28.83 -66.21
C GLU F 79 -20.16 -28.09 -65.08
N VAL F 80 -20.84 -27.07 -64.52
CA VAL F 80 -20.21 -26.28 -63.47
C VAL F 80 -19.98 -27.12 -62.22
N THR F 81 -20.94 -27.94 -61.82
CA THR F 81 -20.74 -28.75 -60.62
C THR F 81 -19.61 -29.75 -60.82
N ARG F 82 -19.50 -30.33 -62.02
CA ARG F 82 -18.41 -31.28 -62.23
C ARG F 82 -17.06 -30.58 -62.29
N ILE F 83 -17.00 -29.37 -62.84
CA ILE F 83 -15.75 -28.63 -62.85
C ILE F 83 -15.35 -28.25 -61.42
N LEU F 84 -16.33 -27.86 -60.59
CA LEU F 84 -16.03 -27.49 -59.22
C LEU F 84 -15.91 -28.70 -58.31
N GLU F 85 -16.26 -29.89 -58.80
CA GLU F 85 -16.23 -31.09 -57.96
C GLU F 85 -14.84 -31.41 -57.42
N PRO F 86 -13.78 -31.42 -58.23
CA PRO F 86 -12.46 -31.78 -57.68
C PRO F 86 -12.02 -30.88 -56.52
N LEU F 87 -12.31 -29.59 -56.59
CA LEU F 87 -11.87 -28.67 -55.54
C LEU F 87 -12.68 -28.79 -54.27
N ASP F 88 -13.64 -29.72 -54.21
CA ASP F 88 -14.56 -29.82 -53.08
C ASP F 88 -15.36 -28.52 -52.94
N LEU F 89 -15.86 -28.03 -54.07
CA LEU F 89 -16.77 -26.90 -54.11
C LEU F 89 -17.97 -27.27 -54.98
N ASP F 90 -19.16 -26.90 -54.52
CA ASP F 90 -20.40 -27.27 -55.17
C ASP F 90 -21.28 -26.04 -55.32
N ILE F 91 -21.92 -25.92 -56.47
CA ILE F 91 -22.81 -24.80 -56.73
C ILE F 91 -24.08 -24.94 -55.91
N GLY F 92 -24.78 -23.82 -55.74
CA GLY F 92 -26.07 -23.81 -55.11
C GLY F 92 -26.94 -22.75 -55.75
N ILE F 93 -28.09 -23.14 -56.28
CA ILE F 93 -28.85 -22.31 -57.21
C ILE F 93 -30.02 -21.66 -56.50
N ASP F 94 -30.40 -20.47 -56.97
CA ASP F 94 -31.55 -19.74 -56.47
C ASP F 94 -32.22 -19.06 -57.67
N GLU F 95 -33.22 -19.74 -58.25
CA GLU F 95 -33.98 -19.11 -59.32
C GLU F 95 -34.98 -18.10 -58.78
N ILE F 96 -35.46 -18.27 -57.55
CA ILE F 96 -36.48 -17.39 -57.03
C ILE F 96 -35.96 -15.95 -56.96
N ARG F 97 -34.71 -15.79 -56.50
CA ARG F 97 -34.14 -14.47 -56.29
C ARG F 97 -33.12 -14.06 -57.33
N GLY F 98 -32.60 -15.01 -58.12
CA GLY F 98 -31.54 -14.70 -59.06
C GLY F 98 -30.17 -14.73 -58.43
N LEU F 99 -29.84 -15.78 -57.69
CA LEU F 99 -28.59 -15.88 -56.96
C LEU F 99 -27.97 -17.25 -57.17
N LEU F 100 -26.67 -17.25 -57.49
CA LEU F 100 -25.85 -18.45 -57.54
C LEU F 100 -24.69 -18.27 -56.58
N TYR F 101 -24.31 -19.35 -55.89
CA TYR F 101 -23.21 -19.26 -54.94
C TYR F 101 -22.52 -20.61 -54.84
N VAL F 102 -21.28 -20.58 -54.38
CA VAL F 102 -20.45 -21.77 -54.22
C VAL F 102 -20.30 -22.07 -52.73
N LYS F 103 -20.35 -23.36 -52.40
CA LYS F 103 -20.34 -23.81 -51.01
C LYS F 103 -19.44 -25.02 -50.86
N VAL F 104 -18.96 -25.24 -49.64
CA VAL F 104 -18.06 -26.36 -49.36
C VAL F 104 -18.82 -27.67 -49.53
N ARG F 105 -18.08 -28.75 -49.74
CA ARG F 105 -18.64 -30.10 -49.80
C ARG F 105 -18.10 -30.95 -48.64
N LEU F 106 -18.77 -32.08 -48.43
CA LEU F 106 -18.36 -33.06 -47.43
C LEU F 106 -18.42 -34.50 -47.91
N ASP F 107 -19.02 -34.77 -49.07
CA ASP F 107 -19.22 -36.13 -49.52
C ASP F 107 -17.88 -36.84 -49.73
N GLU F 108 -17.85 -38.13 -49.42
CA GLU F 108 -16.64 -38.96 -49.48
C GLU F 108 -15.51 -38.43 -48.62
N THR F 109 -15.79 -37.47 -47.74
CA THR F 109 -14.85 -36.96 -46.75
C THR F 109 -15.65 -36.34 -45.63
N PRO F 110 -16.49 -37.11 -44.93
CA PRO F 110 -17.46 -36.52 -44.01
C PRO F 110 -16.78 -35.80 -42.85
N ALA F 111 -17.61 -35.14 -42.05
CA ALA F 111 -17.16 -34.44 -40.86
C ALA F 111 -16.17 -33.33 -41.22
N GLN F 112 -14.91 -33.46 -40.81
CA GLN F 112 -13.94 -32.38 -40.98
C GLN F 112 -14.52 -31.08 -40.43
N ASP F 113 -14.18 -29.95 -41.05
CA ASP F 113 -14.78 -28.68 -40.71
C ASP F 113 -14.83 -27.83 -41.97
N GLU F 114 -15.96 -27.14 -42.17
CA GLU F 114 -16.16 -26.40 -43.40
C GLU F 114 -15.08 -25.34 -43.59
N TRP F 115 -14.69 -24.66 -42.51
CA TRP F 115 -13.71 -23.59 -42.62
C TRP F 115 -12.27 -24.08 -42.61
N ALA F 116 -12.04 -25.35 -42.27
CA ALA F 116 -10.70 -25.91 -42.33
C ALA F 116 -10.30 -26.26 -43.76
N HIS F 117 -11.24 -26.24 -44.70
CA HIS F 117 -10.98 -26.44 -46.12
C HIS F 117 -9.78 -25.59 -46.52
N PRO F 118 -8.93 -26.06 -47.43
CA PRO F 118 -7.69 -25.31 -47.70
C PRO F 118 -7.88 -24.03 -48.48
N LEU F 119 -8.93 -23.92 -49.30
CA LEU F 119 -9.09 -22.77 -50.18
C LEU F 119 -9.92 -21.65 -49.57
N VAL F 120 -10.70 -21.91 -48.52
CA VAL F 120 -11.50 -20.87 -47.89
C VAL F 120 -10.55 -19.78 -47.42
N ARG F 121 -10.67 -18.58 -48.00
CA ARG F 121 -9.67 -17.55 -47.82
C ARG F 121 -10.00 -16.57 -46.69
N ARG F 122 -11.14 -16.73 -46.01
CA ARG F 122 -11.57 -15.76 -45.03
C ARG F 122 -11.87 -16.45 -43.70
N GLN F 123 -11.75 -15.70 -42.62
CA GLN F 123 -11.80 -16.27 -41.29
C GLN F 123 -13.21 -16.73 -40.93
N ARG F 124 -13.30 -17.51 -39.87
CA ARG F 124 -14.58 -17.99 -39.38
C ARG F 124 -15.42 -16.84 -38.85
N LEU F 125 -16.73 -16.97 -38.97
CA LEU F 125 -17.62 -15.89 -38.60
C LEU F 125 -17.52 -15.59 -37.11
N ASN F 126 -17.66 -14.32 -36.76
CA ASN F 126 -17.51 -13.85 -35.39
C ASN F 126 -18.87 -13.57 -34.78
N LEU F 127 -18.99 -13.82 -33.48
CA LEU F 127 -20.28 -13.73 -32.80
C LEU F 127 -20.91 -12.36 -33.01
N GLU F 128 -20.17 -11.29 -32.73
CA GLU F 128 -20.72 -9.95 -32.90
C GLU F 128 -21.12 -9.70 -34.34
N GLN F 129 -20.43 -10.34 -35.29
CA GLN F 129 -20.86 -10.24 -36.68
C GLN F 129 -22.14 -11.00 -36.93
N SER F 130 -22.30 -12.16 -36.28
CA SER F 130 -23.52 -12.95 -36.48
C SER F 130 -24.72 -12.25 -35.89
N LEU F 131 -24.53 -11.44 -34.84
CA LEU F 131 -25.64 -10.65 -34.31
C LEU F 131 -26.16 -9.67 -35.36
N LEU F 132 -25.26 -8.92 -35.98
CA LEU F 132 -25.67 -8.01 -37.05
C LEU F 132 -26.25 -8.80 -38.22
N VAL F 133 -25.75 -10.01 -38.47
CA VAL F 133 -26.32 -10.85 -39.51
C VAL F 133 -27.77 -11.18 -39.20
N ALA F 134 -28.05 -11.51 -37.94
CA ALA F 134 -29.43 -11.81 -37.54
C ALA F 134 -30.32 -10.58 -37.72
N ILE F 135 -29.84 -9.41 -37.33
CA ILE F 135 -30.65 -8.20 -37.49
C ILE F 135 -30.92 -7.95 -38.98
N LEU F 136 -29.89 -8.07 -39.81
CA LEU F 136 -30.07 -7.90 -41.25
C LEU F 136 -31.09 -8.89 -41.78
N ARG F 137 -31.01 -10.15 -41.32
CA ARG F 137 -31.93 -11.17 -41.79
C ARG F 137 -33.36 -10.84 -41.38
N GLN F 138 -33.53 -10.28 -40.18
CA GLN F 138 -34.86 -9.87 -39.75
C GLN F 138 -35.42 -8.79 -40.68
N HIS F 139 -34.62 -7.77 -40.97
CA HIS F 139 -35.06 -6.76 -41.91
C HIS F 139 -35.37 -7.36 -43.28
N PHE F 140 -34.56 -8.33 -43.72
CA PHE F 140 -34.77 -8.94 -45.01
C PHE F 140 -36.07 -9.73 -45.05
N VAL F 141 -36.39 -10.46 -43.99
CA VAL F 141 -37.64 -11.20 -43.98
C VAL F 141 -38.82 -10.24 -43.99
N ALA F 142 -38.71 -9.13 -43.25
CA ALA F 142 -39.78 -8.14 -43.30
C ALA F 142 -39.99 -7.65 -44.74
N TRP F 143 -38.91 -7.19 -45.38
CA TRP F 143 -39.01 -6.66 -46.73
C TRP F 143 -39.52 -7.72 -47.71
N GLU F 144 -39.03 -8.95 -47.57
CA GLU F 144 -39.42 -10.03 -48.47
C GLU F 144 -40.89 -10.36 -48.34
N GLN F 145 -41.37 -10.54 -47.11
CA GLN F 145 -42.77 -10.85 -46.89
C GLN F 145 -43.67 -9.67 -47.23
N GLU F 146 -43.14 -8.46 -47.30
CA GLU F 146 -43.96 -7.34 -47.71
C GLU F 146 -44.08 -7.26 -49.24
N SER F 147 -42.94 -7.21 -49.92
CA SER F 147 -42.92 -7.02 -51.37
C SER F 147 -42.86 -8.33 -52.16
N GLY F 148 -42.91 -9.47 -51.50
CA GLY F 148 -42.73 -10.73 -52.18
C GLY F 148 -41.25 -11.07 -52.38
N THR F 149 -41.02 -12.24 -52.98
CA THR F 149 -39.67 -12.72 -53.19
C THR F 149 -39.15 -12.27 -54.55
N GLY F 150 -37.96 -11.67 -54.56
CA GLY F 150 -37.29 -11.31 -55.79
C GLY F 150 -37.74 -10.01 -56.42
N ALA F 151 -38.67 -9.28 -55.80
CA ALA F 151 -39.19 -8.05 -56.38
C ALA F 151 -38.25 -6.90 -56.03
N SER F 152 -37.49 -6.45 -57.02
CA SER F 152 -36.55 -5.33 -56.83
C SER F 152 -35.51 -5.77 -55.80
N GLN F 153 -34.93 -4.81 -55.06
CA GLN F 153 -33.82 -5.08 -54.15
C GLN F 153 -34.18 -4.59 -52.76
N ALA F 154 -33.71 -5.31 -51.75
CA ALA F 154 -33.98 -4.95 -50.37
C ALA F 154 -32.96 -3.92 -49.90
N GLN F 155 -33.44 -2.84 -49.29
CA GLN F 155 -32.61 -1.75 -48.82
C GLN F 155 -32.95 -1.40 -47.37
N ILE F 156 -31.95 -0.95 -46.63
CA ILE F 156 -32.11 -0.52 -45.25
C ILE F 156 -31.23 0.68 -45.01
N ALA F 157 -31.72 1.63 -44.22
CA ALA F 157 -30.96 2.84 -43.93
C ALA F 157 -30.10 2.64 -42.69
N ILE F 158 -28.89 3.22 -42.72
CA ILE F 158 -27.97 3.08 -41.61
C ILE F 158 -28.61 3.53 -40.30
N ASP F 159 -29.54 4.49 -40.39
CA ASP F 159 -30.17 5.00 -39.18
C ASP F 159 -30.83 3.90 -38.38
N ASP F 160 -31.52 2.98 -39.06
CA ASP F 160 -32.26 1.95 -38.35
C ASP F 160 -31.36 0.92 -37.69
N LEU F 161 -30.10 0.81 -38.11
CA LEU F 161 -29.21 -0.20 -37.56
C LEU F 161 -28.47 0.25 -36.31
N LEU F 162 -28.23 1.56 -36.15
CA LEU F 162 -27.55 2.01 -34.93
C LEU F 162 -28.37 1.70 -33.69
N PRO F 163 -29.66 2.02 -33.61
CA PRO F 163 -30.41 1.67 -32.40
C PRO F 163 -30.42 0.18 -32.09
N GLN F 164 -30.59 -0.66 -33.10
CA GLN F 164 -30.69 -2.10 -32.85
C GLN F 164 -29.46 -2.60 -32.09
N LEU F 165 -28.26 -2.28 -32.60
CA LEU F 165 -27.04 -2.68 -31.90
C LEU F 165 -26.94 -2.01 -30.53
N GLN F 166 -27.48 -0.81 -30.39
CA GLN F 166 -27.34 -0.08 -29.13
C GLN F 166 -27.93 -0.84 -27.95
N ILE F 167 -28.85 -1.78 -28.21
CA ILE F 167 -29.40 -2.58 -27.12
C ILE F 167 -28.35 -3.56 -26.61
N TYR F 168 -27.63 -4.22 -27.51
CA TYR F 168 -26.72 -5.30 -27.12
C TYR F 168 -25.32 -4.79 -26.80
N LEU F 169 -24.67 -4.15 -27.76
CA LEU F 169 -23.25 -3.83 -27.64
C LEU F 169 -22.97 -2.72 -26.63
N GLY F 170 -24.00 -2.05 -26.12
CA GLY F 170 -23.80 -0.98 -25.18
C GLY F 170 -23.61 0.35 -25.85
N ASP F 171 -23.79 1.42 -25.07
CA ASP F 171 -23.74 2.77 -25.59
C ASP F 171 -22.47 3.46 -25.10
N PRO F 172 -21.54 3.83 -25.98
CA PRO F 172 -20.34 4.57 -25.54
C PRO F 172 -20.52 6.08 -25.47
N GLY F 173 -21.74 6.58 -25.62
CA GLY F 173 -21.99 8.01 -25.51
C GLY F 173 -21.24 8.84 -26.53
N SER F 174 -21.06 8.34 -27.75
CA SER F 174 -20.37 9.09 -28.80
C SER F 174 -20.88 8.56 -30.13
N GLU F 175 -21.76 9.31 -30.78
CA GLU F 175 -22.31 8.85 -32.05
C GLU F 175 -21.20 8.54 -33.05
N SER F 176 -20.11 9.30 -33.01
CA SER F 176 -19.00 9.04 -33.92
C SER F 176 -18.43 7.64 -33.71
N LYS F 177 -18.16 7.27 -32.46
CA LYS F 177 -17.53 5.98 -32.19
C LYS F 177 -18.43 4.81 -32.53
N GLU F 178 -19.72 4.87 -32.18
CA GLU F 178 -20.61 3.76 -32.50
C GLU F 178 -20.90 3.71 -34.00
N ARG F 179 -20.92 4.86 -34.67
CA ARG F 179 -21.04 4.86 -36.12
C ARG F 179 -19.83 4.18 -36.76
N THR F 180 -18.62 4.48 -36.24
CA THR F 180 -17.43 3.81 -36.74
C THR F 180 -17.50 2.31 -36.48
N ARG F 181 -18.00 1.91 -35.32
CA ARG F 181 -18.13 0.49 -35.01
C ARG F 181 -19.09 -0.20 -35.99
N LEU F 182 -20.23 0.42 -36.24
CA LEU F 182 -21.21 -0.17 -37.17
C LEU F 182 -20.63 -0.26 -38.58
N LEU F 183 -19.93 0.79 -39.03
CA LEU F 183 -19.34 0.75 -40.35
C LEU F 183 -18.25 -0.31 -40.44
N THR F 184 -17.46 -0.48 -39.39
CA THR F 184 -16.46 -1.55 -39.38
C THR F 184 -17.12 -2.91 -39.48
N LEU F 185 -18.21 -3.13 -38.74
CA LEU F 185 -18.92 -4.40 -38.84
C LEU F 185 -19.45 -4.62 -40.26
N LEU F 186 -20.06 -3.60 -40.84
CA LEU F 186 -20.58 -3.75 -42.20
C LEU F 186 -19.46 -4.04 -43.19
N ASP F 187 -18.32 -3.37 -43.05
CA ASP F 187 -17.19 -3.63 -43.93
C ASP F 187 -16.71 -5.07 -43.77
N GLN F 188 -16.60 -5.56 -42.54
CA GLN F 188 -16.21 -6.95 -42.34
C GLN F 188 -17.23 -7.90 -42.95
N LEU F 189 -18.50 -7.49 -42.99
CA LEU F 189 -19.50 -8.34 -43.65
C LEU F 189 -19.41 -8.23 -45.16
N LYS F 190 -18.92 -7.11 -45.70
CA LYS F 190 -18.72 -7.04 -47.14
C LYS F 190 -17.66 -8.04 -47.60
N GLY F 191 -16.72 -8.37 -46.71
CA GLY F 191 -15.77 -9.44 -47.01
C GLY F 191 -16.41 -10.80 -47.16
N HIS F 192 -17.62 -10.99 -46.65
CA HIS F 192 -18.37 -12.21 -46.82
C HIS F 192 -19.41 -12.12 -47.93
N GLY F 193 -19.61 -10.93 -48.49
CA GLY F 193 -20.55 -10.78 -49.59
C GLY F 193 -22.01 -10.70 -49.19
N LEU F 194 -22.30 -10.26 -47.96
CA LEU F 194 -23.69 -10.14 -47.52
C LEU F 194 -24.28 -8.76 -47.78
N VAL F 195 -23.44 -7.73 -47.88
CA VAL F 195 -23.92 -6.36 -48.02
C VAL F 195 -22.94 -5.56 -48.86
N THR F 196 -23.48 -4.56 -49.56
CA THR F 196 -22.63 -3.57 -50.20
C THR F 196 -22.17 -2.54 -49.17
N SER F 197 -21.27 -1.67 -49.58
CA SER F 197 -20.82 -0.60 -48.71
C SER F 197 -21.85 0.52 -48.70
N PRO F 198 -21.85 1.36 -47.67
CA PRO F 198 -22.76 2.50 -47.66
C PRO F 198 -22.55 3.38 -48.89
N ASP F 199 -23.65 3.78 -49.50
CA ASP F 199 -23.64 4.65 -50.67
C ASP F 199 -23.97 6.08 -50.23
N ALA F 200 -24.19 6.96 -51.21
CA ALA F 200 -24.31 8.39 -50.92
C ALA F 200 -25.35 8.70 -49.86
N HIS F 201 -26.47 7.99 -49.86
CA HIS F 201 -27.57 8.30 -48.94
C HIS F 201 -27.46 7.54 -47.62
N GLU F 202 -26.29 7.00 -47.30
CA GLU F 202 -26.10 6.19 -46.10
C GLU F 202 -27.10 5.05 -46.06
N ARG F 203 -27.21 4.34 -47.18
CA ARG F 203 -28.05 3.15 -47.30
C ARG F 203 -27.20 1.98 -47.78
N ILE F 204 -27.60 0.78 -47.40
CA ILE F 204 -26.87 -0.44 -47.75
C ILE F 204 -27.85 -1.46 -48.29
N VAL F 205 -27.50 -2.09 -49.40
CA VAL F 205 -28.29 -3.19 -49.95
C VAL F 205 -27.91 -4.47 -49.21
N ILE F 206 -28.92 -5.25 -48.84
CA ILE F 206 -28.69 -6.55 -48.23
C ILE F 206 -28.69 -7.59 -49.33
N ARG F 207 -27.51 -8.06 -49.71
CA ARG F 207 -27.40 -9.03 -50.78
C ARG F 207 -28.22 -10.28 -50.44
N PRO F 208 -28.98 -10.83 -51.39
CA PRO F 208 -29.87 -11.95 -51.06
C PRO F 208 -29.16 -13.19 -50.59
N ILE F 209 -27.83 -13.26 -50.68
CA ILE F 209 -27.12 -14.45 -50.18
C ILE F 209 -27.38 -14.66 -48.70
N ILE F 210 -27.77 -13.60 -47.98
CA ILE F 210 -28.03 -13.73 -46.55
C ILE F 210 -29.13 -14.74 -46.29
N ALA F 211 -30.10 -14.86 -47.20
CA ALA F 211 -31.19 -15.80 -47.00
C ALA F 211 -30.68 -17.22 -46.80
N HIS F 212 -29.56 -17.57 -47.43
CA HIS F 212 -29.00 -18.91 -47.30
C HIS F 212 -28.01 -19.03 -46.15
N LEU F 213 -27.30 -17.94 -45.81
CA LEU F 213 -26.31 -18.01 -44.75
C LEU F 213 -26.97 -18.33 -43.41
N ALA F 214 -28.14 -17.75 -43.17
CA ALA F 214 -28.90 -17.97 -41.94
C ALA F 214 -30.28 -18.49 -42.33
N ASP F 215 -30.40 -19.81 -42.38
CA ASP F 215 -31.64 -20.51 -42.67
C ASP F 215 -31.92 -21.50 -41.55
N PRO F 216 -33.08 -22.16 -41.58
CA PRO F 216 -33.51 -22.95 -40.41
C PRO F 216 -32.46 -23.86 -39.80
N ILE F 217 -31.81 -24.73 -40.59
CA ILE F 217 -30.89 -25.69 -40.01
C ILE F 217 -29.72 -25.00 -39.32
N ASN F 218 -29.12 -24.01 -40.00
CA ASN F 218 -27.98 -23.31 -39.44
C ASN F 218 -28.38 -22.53 -38.20
N LEU F 219 -29.57 -21.92 -38.22
CA LEU F 219 -30.04 -21.20 -37.04
C LEU F 219 -30.29 -22.14 -35.88
N GLN F 220 -30.79 -23.35 -36.16
CA GLN F 220 -30.98 -24.33 -35.09
C GLN F 220 -29.65 -24.71 -34.47
N ALA F 221 -28.64 -24.97 -35.31
CA ALA F 221 -27.32 -25.28 -34.77
C ALA F 221 -26.76 -24.11 -33.96
N LEU F 222 -26.94 -22.89 -34.45
CA LEU F 222 -26.45 -21.71 -33.75
C LEU F 222 -27.14 -21.56 -32.40
N LEU F 223 -28.46 -21.78 -32.37
CA LEU F 223 -29.19 -21.70 -31.11
C LEU F 223 -28.71 -22.73 -30.12
N ALA F 224 -28.50 -23.96 -30.59
CA ALA F 224 -27.99 -25.00 -29.70
C ALA F 224 -26.64 -24.60 -29.12
N TRP F 225 -25.74 -24.11 -29.96
CA TRP F 225 -24.42 -23.72 -29.49
C TRP F 225 -24.51 -22.55 -28.51
N LEU F 226 -25.38 -21.58 -28.78
CA LEU F 226 -25.51 -20.44 -27.88
C LEU F 226 -26.08 -20.86 -26.54
N ARG F 227 -27.04 -21.78 -26.54
CA ARG F 227 -27.57 -22.28 -25.27
C ARG F 227 -26.50 -23.04 -24.51
N GLU F 228 -25.66 -23.81 -25.21
CA GLU F 228 -24.55 -24.48 -24.55
C GLU F 228 -23.60 -23.46 -23.91
N GLN F 229 -23.30 -22.38 -24.62
CA GLN F 229 -22.44 -21.34 -24.04
C GLN F 229 -23.08 -20.72 -22.82
N ILE F 230 -24.37 -20.42 -22.88
CA ILE F 230 -25.06 -19.84 -21.73
C ILE F 230 -25.01 -20.81 -20.55
N ALA F 231 -25.22 -22.09 -20.81
CA ALA F 231 -25.15 -23.08 -19.73
C ALA F 231 -23.76 -23.11 -19.12
N GLN F 232 -22.72 -23.06 -19.95
CA GLN F 232 -21.36 -22.96 -19.41
C GLN F 232 -21.21 -21.73 -18.52
N GLN F 233 -21.78 -20.61 -18.96
CA GLN F 233 -21.69 -19.37 -18.19
C GLN F 233 -22.31 -19.50 -16.80
N THR F 234 -23.28 -20.40 -16.63
CA THR F 234 -23.94 -20.56 -15.35
C THR F 234 -23.12 -21.47 -14.44
N SER G 40 -23.87 -40.96 -56.24
CA SER G 40 -24.38 -41.02 -57.64
C SER G 40 -23.22 -41.10 -58.63
N GLU G 41 -22.72 -39.95 -59.06
CA GLU G 41 -21.59 -39.92 -59.98
C GLU G 41 -20.30 -40.30 -59.26
N THR G 42 -19.33 -40.74 -60.05
CA THR G 42 -18.02 -41.05 -59.49
C THR G 42 -17.38 -39.78 -58.94
N ARG G 43 -16.58 -39.94 -57.89
CA ARG G 43 -15.88 -38.83 -57.28
C ARG G 43 -14.38 -38.97 -57.53
N THR G 44 -13.73 -37.84 -57.78
CA THR G 44 -12.30 -37.83 -58.04
C THR G 44 -11.54 -38.38 -56.84
N LEU G 45 -10.46 -39.11 -57.12
CA LEU G 45 -9.71 -39.77 -56.06
C LEU G 45 -9.32 -38.76 -54.98
N GLN G 46 -9.25 -39.24 -53.73
CA GLN G 46 -9.00 -38.34 -52.61
C GLN G 46 -7.62 -37.70 -52.71
N LYS G 47 -6.60 -38.49 -53.06
CA LYS G 47 -5.25 -37.96 -53.10
C LYS G 47 -5.11 -36.85 -54.15
N ILE G 48 -5.70 -37.04 -55.32
CA ILE G 48 -5.60 -36.03 -56.37
C ILE G 48 -6.37 -34.77 -55.99
N ARG G 49 -7.51 -34.92 -55.32
CA ARG G 49 -8.23 -33.76 -54.83
C ARG G 49 -7.37 -32.97 -53.83
N GLU G 50 -6.73 -33.69 -52.91
CA GLU G 50 -5.84 -33.03 -51.96
C GLU G 50 -4.70 -32.32 -52.69
N ALA G 51 -4.12 -32.99 -53.69
CA ALA G 51 -3.02 -32.39 -54.44
C ALA G 51 -3.45 -31.11 -55.12
N THR G 52 -4.60 -31.14 -55.82
CA THR G 52 -5.06 -29.96 -56.53
C THR G 52 -5.36 -28.82 -55.57
N GLN G 53 -6.03 -29.11 -54.46
CA GLN G 53 -6.34 -28.04 -53.50
C GLN G 53 -5.06 -27.43 -52.93
N GLU G 54 -4.09 -28.27 -52.53
CA GLU G 54 -2.85 -27.76 -51.99
C GLU G 54 -2.09 -26.93 -53.02
N LEU G 55 -2.08 -27.42 -54.27
CA LEU G 55 -1.35 -26.72 -55.32
C LEU G 55 -1.97 -25.38 -55.64
N LEU G 56 -3.31 -25.30 -55.60
CA LEU G 56 -3.97 -24.02 -55.82
C LEU G 56 -3.90 -23.11 -54.60
N LYS G 57 -3.61 -23.67 -53.43
CA LYS G 57 -3.44 -22.82 -52.25
C LYS G 57 -2.05 -22.19 -52.22
N TYR G 58 -1.00 -23.01 -52.29
CA TYR G 58 0.36 -22.51 -52.16
C TYR G 58 1.00 -22.11 -53.48
N GLY G 59 0.60 -22.73 -54.59
CA GLY G 59 1.14 -22.43 -55.88
C GLY G 59 2.28 -23.31 -56.34
N LEU G 60 2.80 -24.16 -55.46
CA LEU G 60 3.90 -25.03 -55.84
C LEU G 60 4.03 -26.17 -54.85
N LEU G 61 4.29 -27.36 -55.38
CA LEU G 61 4.67 -28.52 -54.57
C LEU G 61 6.17 -28.72 -54.69
N GLU G 62 6.72 -29.57 -53.83
CA GLU G 62 8.13 -29.91 -53.87
C GLU G 62 8.32 -31.34 -53.40
N GLU G 63 9.04 -32.14 -54.19
CA GLU G 63 9.36 -33.49 -53.75
C GLU G 63 10.11 -33.48 -52.42
N ALA G 64 10.89 -32.43 -52.17
CA ALA G 64 11.71 -32.37 -50.96
C ALA G 64 10.86 -32.19 -49.71
N SER G 65 9.63 -31.71 -49.84
CA SER G 65 8.80 -31.43 -48.67
C SER G 65 7.40 -32.02 -48.74
N LYS G 66 7.07 -32.77 -49.79
CA LYS G 66 5.75 -33.40 -49.87
C LYS G 66 5.86 -34.59 -50.82
N PRO G 67 6.73 -35.56 -50.53
CA PRO G 67 7.05 -36.58 -51.53
C PRO G 67 5.84 -37.36 -52.02
N ASN G 68 4.93 -37.72 -51.12
CA ASN G 68 3.75 -38.48 -51.55
C ASN G 68 2.97 -37.71 -52.60
N LEU G 69 2.48 -36.53 -52.24
CA LEU G 69 1.65 -35.75 -53.14
C LEU G 69 2.36 -35.47 -54.46
N TYR G 70 3.64 -35.11 -54.40
CA TYR G 70 4.39 -34.86 -55.63
C TYR G 70 4.42 -36.10 -56.50
N ARG G 71 4.64 -37.27 -55.90
CA ARG G 71 4.70 -38.50 -56.69
C ARG G 71 3.35 -38.79 -57.34
N ILE G 72 2.25 -38.58 -56.60
CA ILE G 72 0.94 -38.91 -57.16
C ILE G 72 0.66 -38.07 -58.40
N VAL G 73 0.93 -36.77 -58.33
CA VAL G 73 0.56 -35.87 -59.42
C VAL G 73 1.29 -36.25 -60.70
N LEU G 74 2.56 -36.63 -60.59
CA LEU G 74 3.32 -37.02 -61.78
C LEU G 74 2.86 -38.36 -62.33
N SER G 75 2.22 -39.20 -61.51
CA SER G 75 1.69 -40.47 -62.01
C SER G 75 0.32 -40.31 -62.66
N HIS G 76 -0.32 -39.16 -62.51
CA HIS G 76 -1.64 -38.90 -63.10
C HIS G 76 -1.65 -37.55 -63.80
N PRO G 77 -0.67 -37.27 -64.66
CA PRO G 77 -0.59 -35.93 -65.25
C PRO G 77 -1.84 -35.54 -66.01
N GLU G 78 -2.43 -36.48 -66.76
CA GLU G 78 -3.64 -36.16 -67.51
C GLU G 78 -4.79 -35.78 -66.59
N GLU G 79 -4.96 -36.48 -65.47
CA GLU G 79 -6.05 -36.17 -64.56
C GLU G 79 -5.95 -34.76 -64.01
N VAL G 80 -4.76 -34.39 -63.52
CA VAL G 80 -4.59 -33.05 -62.96
C VAL G 80 -4.75 -32.00 -64.04
N THR G 81 -4.12 -32.20 -65.19
CA THR G 81 -4.24 -31.22 -66.26
C THR G 81 -5.69 -31.10 -66.74
N ARG G 82 -6.48 -32.16 -66.60
CA ARG G 82 -7.88 -32.09 -66.97
C ARG G 82 -8.71 -31.35 -65.92
N ILE G 83 -8.38 -31.55 -64.64
CA ILE G 83 -9.09 -30.83 -63.58
C ILE G 83 -8.80 -29.34 -63.68
N LEU G 84 -7.57 -28.98 -64.08
CA LEU G 84 -7.17 -27.58 -64.10
C LEU G 84 -7.49 -26.89 -65.42
N GLU G 85 -7.69 -27.63 -66.50
CA GLU G 85 -7.94 -26.98 -67.79
C GLU G 85 -9.16 -26.09 -67.81
N PRO G 86 -10.29 -26.43 -67.17
CA PRO G 86 -11.46 -25.56 -67.29
C PRO G 86 -11.24 -24.16 -66.74
N LEU G 87 -10.29 -24.00 -65.82
CA LEU G 87 -10.02 -22.71 -65.19
C LEU G 87 -8.96 -21.91 -65.92
N ASP G 88 -8.48 -22.38 -67.07
CA ASP G 88 -7.35 -21.79 -67.78
C ASP G 88 -6.05 -21.93 -67.00
N LEU G 89 -6.00 -22.82 -66.02
CA LEU G 89 -4.78 -23.10 -65.28
C LEU G 89 -4.15 -24.40 -65.77
N ASP G 90 -2.85 -24.53 -65.55
CA ASP G 90 -2.09 -25.67 -66.05
C ASP G 90 -0.77 -25.74 -65.29
N ILE G 91 -0.29 -26.96 -65.07
CA ILE G 91 0.92 -27.19 -64.30
C ILE G 91 2.10 -27.36 -65.25
N GLY G 92 3.21 -26.69 -64.94
CA GLY G 92 4.47 -26.94 -65.60
C GLY G 92 5.38 -27.74 -64.67
N ILE G 93 5.86 -28.87 -65.16
CA ILE G 93 6.58 -29.84 -64.35
C ILE G 93 8.07 -29.68 -64.61
N ASP G 94 8.84 -29.52 -63.53
CA ASP G 94 10.29 -29.39 -63.59
C ASP G 94 10.87 -30.62 -62.89
N GLU G 95 11.09 -31.68 -63.67
CA GLU G 95 11.62 -32.92 -63.10
C GLU G 95 13.02 -32.72 -62.54
N ILE G 96 13.83 -31.89 -63.20
CA ILE G 96 15.24 -31.76 -62.81
C ILE G 96 15.34 -31.27 -61.37
N ARG G 97 14.56 -30.25 -61.02
CA ARG G 97 14.55 -29.73 -59.66
C ARG G 97 13.47 -30.35 -58.78
N GLY G 98 12.65 -31.25 -59.33
CA GLY G 98 11.58 -31.84 -58.55
C GLY G 98 10.63 -30.78 -58.00
N LEU G 99 9.99 -30.04 -58.89
CA LEU G 99 9.13 -28.93 -58.50
C LEU G 99 7.97 -28.82 -59.47
N LEU G 100 6.78 -28.51 -58.93
CA LEU G 100 5.62 -28.16 -59.73
C LEU G 100 5.17 -26.75 -59.36
N TYR G 101 4.47 -26.12 -60.30
CA TYR G 101 3.99 -24.76 -60.12
C TYR G 101 2.86 -24.50 -61.09
N VAL G 102 1.93 -23.65 -60.68
CA VAL G 102 0.76 -23.34 -61.49
C VAL G 102 1.07 -22.15 -62.39
N LYS G 103 0.78 -22.29 -63.67
CA LYS G 103 1.02 -21.27 -64.67
C LYS G 103 -0.26 -21.05 -65.48
N VAL G 104 -0.41 -19.84 -65.99
CA VAL G 104 -1.58 -19.51 -66.80
C VAL G 104 -1.49 -20.23 -68.14
N ARG G 105 -2.63 -20.75 -68.60
CA ARG G 105 -2.70 -21.62 -69.76
C ARG G 105 -2.99 -20.90 -71.07
N LEU G 106 -3.33 -19.61 -71.01
CA LEU G 106 -4.06 -18.98 -72.10
C LEU G 106 -3.36 -19.19 -73.45
N ASP G 107 -4.14 -19.05 -74.52
CA ASP G 107 -3.79 -19.55 -75.84
C ASP G 107 -2.49 -18.95 -76.36
N GLU G 108 -1.97 -19.52 -77.45
CA GLU G 108 -0.64 -19.17 -77.95
C GLU G 108 -0.71 -17.87 -78.73
N THR G 109 -0.09 -16.82 -78.19
CA THR G 109 0.05 -15.51 -78.81
C THR G 109 -1.19 -15.10 -79.63
N PRO G 110 -2.36 -15.01 -78.99
CA PRO G 110 -3.49 -14.36 -79.66
C PRO G 110 -3.32 -12.86 -79.71
N ALA G 111 -4.34 -12.12 -80.15
CA ALA G 111 -4.25 -10.67 -80.10
C ALA G 111 -3.93 -10.17 -78.70
N GLN G 112 -4.33 -10.93 -77.68
CA GLN G 112 -3.95 -10.65 -76.30
C GLN G 112 -2.50 -11.07 -76.11
N ASP G 113 -1.60 -10.15 -76.46
CA ASP G 113 -0.17 -10.45 -76.34
C ASP G 113 0.20 -10.72 -74.89
N GLU G 114 -0.33 -9.93 -73.96
CA GLU G 114 -0.11 -10.15 -72.53
C GLU G 114 -1.36 -10.77 -71.92
N TRP G 115 -1.17 -11.88 -71.21
CA TRP G 115 -2.29 -12.59 -70.63
C TRP G 115 -2.93 -11.80 -69.50
N ALA G 116 -4.24 -11.93 -69.37
CA ALA G 116 -4.98 -11.40 -68.22
C ALA G 116 -5.94 -12.48 -67.75
N HIS G 117 -6.02 -12.65 -66.43
CA HIS G 117 -6.73 -13.79 -65.86
C HIS G 117 -7.45 -13.35 -64.61
N PRO G 118 -8.73 -13.73 -64.45
CA PRO G 118 -9.48 -13.24 -63.29
C PRO G 118 -8.90 -13.61 -61.95
N LEU G 119 -8.31 -14.81 -61.82
CA LEU G 119 -7.81 -15.29 -60.54
C LEU G 119 -6.38 -14.85 -60.26
N VAL G 120 -5.50 -14.93 -61.24
CA VAL G 120 -4.08 -14.62 -61.04
C VAL G 120 -3.91 -13.11 -61.01
N ARG G 121 -3.97 -12.54 -59.82
CA ARG G 121 -3.85 -11.09 -59.66
C ARG G 121 -2.38 -10.70 -59.69
N ARG G 122 -1.97 -9.96 -60.73
CA ARG G 122 -0.57 -9.59 -60.89
C ARG G 122 -0.16 -8.60 -59.81
N GLN G 123 1.07 -8.77 -59.33
CA GLN G 123 1.63 -7.96 -58.26
C GLN G 123 3.02 -7.47 -58.68
N ARG G 124 3.35 -6.25 -58.31
CA ARG G 124 4.69 -5.70 -58.52
C ARG G 124 5.34 -5.49 -57.16
N LEU G 125 6.45 -6.18 -56.93
CA LEU G 125 7.16 -6.06 -55.67
C LEU G 125 7.70 -4.65 -55.49
N ASN G 126 7.78 -4.22 -54.24
CA ASN G 126 8.40 -2.93 -53.93
C ASN G 126 9.92 -3.06 -54.05
N LEU G 127 10.61 -1.91 -53.97
CA LEU G 127 12.02 -1.86 -54.30
C LEU G 127 12.83 -2.87 -53.50
N GLU G 128 12.66 -2.86 -52.16
CA GLU G 128 13.47 -3.72 -51.32
C GLU G 128 13.26 -5.19 -51.66
N GLN G 129 12.00 -5.59 -51.88
CA GLN G 129 11.73 -6.96 -52.26
C GLN G 129 12.40 -7.32 -53.57
N SER G 130 12.36 -6.40 -54.54
CA SER G 130 12.99 -6.67 -55.82
C SER G 130 14.50 -6.89 -55.66
N LEU G 131 15.16 -6.03 -54.88
CA LEU G 131 16.60 -6.18 -54.69
C LEU G 131 16.92 -7.49 -53.96
N LEU G 132 16.12 -7.82 -52.94
CA LEU G 132 16.36 -9.07 -52.21
C LEU G 132 16.19 -10.27 -53.14
N VAL G 133 15.14 -10.25 -53.96
CA VAL G 133 14.93 -11.36 -54.89
C VAL G 133 16.06 -11.45 -55.89
N ALA G 134 16.58 -10.30 -56.34
CA ALA G 134 17.73 -10.33 -57.25
C ALA G 134 18.94 -10.96 -56.58
N ILE G 135 19.20 -10.61 -55.33
CA ILE G 135 20.34 -11.18 -54.61
C ILE G 135 20.18 -12.69 -54.50
N LEU G 136 18.99 -13.14 -54.10
CA LEU G 136 18.77 -14.58 -53.96
C LEU G 136 18.90 -15.29 -55.30
N ARG G 137 18.38 -14.68 -56.37
CA ARG G 137 18.51 -15.25 -57.70
C ARG G 137 19.97 -15.42 -58.07
N GLN G 138 20.78 -14.39 -57.82
CA GLN G 138 22.20 -14.48 -58.15
C GLN G 138 22.88 -15.58 -57.35
N HIS G 139 22.58 -15.67 -56.05
CA HIS G 139 23.19 -16.72 -55.24
C HIS G 139 22.83 -18.10 -55.75
N PHE G 140 21.54 -18.30 -56.07
CA PHE G 140 21.09 -19.61 -56.54
C PHE G 140 21.77 -19.96 -57.87
N VAL G 141 21.85 -19.01 -58.79
CA VAL G 141 22.48 -19.28 -60.08
C VAL G 141 23.96 -19.59 -59.88
N ALA G 142 24.64 -18.83 -59.02
CA ALA G 142 26.05 -19.07 -58.78
C ALA G 142 26.28 -20.46 -58.20
N TRP G 143 25.47 -20.86 -57.21
CA TRP G 143 25.64 -22.19 -56.63
C TRP G 143 25.36 -23.28 -57.65
N GLU G 144 24.35 -23.09 -58.49
CA GLU G 144 24.07 -24.07 -59.55
C GLU G 144 25.24 -24.16 -60.51
N GLN G 145 25.91 -23.04 -60.79
CA GLN G 145 27.04 -23.07 -61.70
C GLN G 145 28.15 -23.99 -61.21
N GLU G 146 28.26 -24.17 -59.90
CA GLU G 146 29.32 -24.99 -59.32
C GLU G 146 28.86 -26.42 -59.03
N SER G 147 27.80 -26.58 -58.25
CA SER G 147 27.33 -27.90 -57.86
C SER G 147 26.42 -28.53 -58.91
N GLY G 148 26.09 -27.83 -59.98
CA GLY G 148 25.22 -28.33 -61.02
C GLY G 148 23.80 -27.84 -60.86
N THR G 149 22.98 -28.17 -61.86
CA THR G 149 21.57 -27.81 -61.84
C THR G 149 20.79 -28.76 -60.94
N GLY G 150 19.97 -28.21 -60.05
CA GLY G 150 19.18 -28.99 -59.14
C GLY G 150 19.90 -29.47 -57.91
N ALA G 151 21.17 -29.09 -57.72
CA ALA G 151 21.92 -29.53 -56.55
C ALA G 151 21.30 -28.96 -55.28
N SER G 152 21.36 -29.73 -54.21
CA SER G 152 20.83 -29.28 -52.92
C SER G 152 21.43 -27.94 -52.57
N GLN G 153 20.58 -26.95 -52.33
CA GLN G 153 21.05 -25.59 -52.14
C GLN G 153 21.80 -25.46 -50.82
N ALA G 154 22.95 -24.78 -50.88
CA ALA G 154 23.74 -24.55 -49.68
C ALA G 154 23.02 -23.57 -48.76
N GLN G 155 23.10 -23.81 -47.45
CA GLN G 155 22.48 -22.93 -46.49
C GLN G 155 23.27 -21.63 -46.39
N ILE G 156 22.55 -20.51 -46.47
CA ILE G 156 23.16 -19.18 -46.45
C ILE G 156 22.78 -18.50 -45.14
N ALA G 157 23.79 -17.99 -44.44
CA ALA G 157 23.57 -17.33 -43.17
C ALA G 157 22.91 -15.97 -43.36
N ILE G 158 22.06 -15.61 -42.40
CA ILE G 158 21.44 -14.29 -42.42
C ILE G 158 22.52 -13.21 -42.44
N ASP G 159 23.58 -13.41 -41.66
CA ASP G 159 24.65 -12.42 -41.58
C ASP G 159 25.27 -12.14 -42.95
N ASP G 160 25.33 -13.13 -43.83
CA ASP G 160 25.89 -12.90 -45.16
C ASP G 160 25.06 -11.90 -45.96
N LEU G 161 23.74 -11.94 -45.81
CA LEU G 161 22.88 -11.09 -46.62
C LEU G 161 22.94 -9.63 -46.20
N LEU G 162 23.06 -9.35 -44.90
CA LEU G 162 22.96 -7.97 -44.43
C LEU G 162 23.98 -7.06 -45.10
N PRO G 163 25.27 -7.41 -45.17
CA PRO G 163 26.21 -6.52 -45.89
C PRO G 163 25.81 -6.31 -47.34
N GLN G 164 25.28 -7.33 -48.00
CA GLN G 164 24.95 -7.23 -49.41
C GLN G 164 23.79 -6.28 -49.65
N LEU G 165 22.78 -6.31 -48.79
CA LEU G 165 21.71 -5.32 -48.88
C LEU G 165 22.22 -3.93 -48.52
N GLN G 166 23.18 -3.86 -47.58
CA GLN G 166 23.75 -2.58 -47.19
C GLN G 166 24.43 -1.90 -48.37
N ILE G 167 24.83 -2.67 -49.39
CA ILE G 167 25.45 -2.05 -50.56
C ILE G 167 24.46 -1.14 -51.26
N TYR G 168 23.22 -1.58 -51.41
CA TYR G 168 22.21 -0.85 -52.16
C TYR G 168 21.28 -0.02 -51.30
N LEU G 169 21.33 -0.19 -49.98
CA LEU G 169 20.42 0.50 -49.07
C LEU G 169 21.13 1.22 -47.93
N GLY G 170 22.45 1.09 -47.80
CA GLY G 170 23.14 1.73 -46.71
C GLY G 170 22.77 1.10 -45.37
N ASP G 171 22.95 1.88 -44.30
CA ASP G 171 22.60 1.46 -42.95
C ASP G 171 21.37 2.22 -42.50
N PRO G 172 20.23 1.56 -42.23
CA PRO G 172 19.02 2.31 -41.86
C PRO G 172 19.11 2.99 -40.50
N GLY G 173 20.13 2.71 -39.70
CA GLY G 173 20.30 3.40 -38.44
C GLY G 173 20.83 2.52 -37.32
N SER G 174 20.55 1.23 -37.38
CA SER G 174 21.01 0.32 -36.33
C SER G 174 21.03 -1.09 -36.87
N GLU G 175 21.83 -1.94 -36.21
CA GLU G 175 21.86 -3.36 -36.58
C GLU G 175 20.52 -4.02 -36.32
N SER G 176 19.87 -3.66 -35.21
CA SER G 176 18.57 -4.23 -34.91
C SER G 176 17.55 -3.90 -36.00
N LYS G 177 17.53 -2.64 -36.45
CA LYS G 177 16.57 -2.23 -37.47
C LYS G 177 16.81 -3.00 -38.77
N GLU G 178 18.06 -3.08 -39.22
CA GLU G 178 18.35 -3.76 -40.48
C GLU G 178 18.04 -5.25 -40.37
N ARG G 179 18.39 -5.89 -39.24
CA ARG G 179 18.09 -7.30 -39.10
C ARG G 179 16.59 -7.56 -39.07
N THR G 180 15.83 -6.69 -38.39
CA THR G 180 14.38 -6.84 -38.40
C THR G 180 13.83 -6.67 -39.81
N ARG G 181 14.37 -5.71 -40.56
CA ARG G 181 13.93 -5.51 -41.94
C ARG G 181 14.21 -6.76 -42.78
N LEU G 182 15.41 -7.32 -42.64
CA LEU G 182 15.74 -8.51 -43.41
C LEU G 182 14.83 -9.68 -43.03
N LEU G 183 14.57 -9.85 -41.74
CA LEU G 183 13.71 -10.95 -41.31
C LEU G 183 12.30 -10.78 -41.83
N THR G 184 11.75 -9.57 -41.77
CA THR G 184 10.40 -9.36 -42.28
C THR G 184 10.34 -9.53 -43.79
N LEU G 185 11.40 -9.14 -44.51
CA LEU G 185 11.42 -9.34 -45.95
C LEU G 185 11.48 -10.83 -46.29
N LEU G 186 12.28 -11.59 -45.56
CA LEU G 186 12.33 -13.03 -45.80
C LEU G 186 11.00 -13.68 -45.46
N ASP G 187 10.32 -13.21 -44.41
CA ASP G 187 8.98 -13.70 -44.11
C ASP G 187 8.00 -13.38 -45.23
N GLN G 188 8.08 -12.17 -45.79
CA GLN G 188 7.22 -11.80 -46.90
C GLN G 188 7.48 -12.70 -48.11
N LEU G 189 8.75 -12.94 -48.41
CA LEU G 189 9.08 -13.77 -49.57
C LEU G 189 8.69 -15.22 -49.36
N LYS G 190 8.76 -15.72 -48.13
CA LYS G 190 8.32 -17.08 -47.87
C LYS G 190 6.88 -17.29 -48.29
N GLY G 191 6.07 -16.24 -48.24
CA GLY G 191 4.70 -16.35 -48.73
C GLY G 191 4.64 -16.79 -50.18
N HIS G 192 5.48 -16.17 -51.02
CA HIS G 192 5.54 -16.56 -52.43
C HIS G 192 6.27 -17.88 -52.63
N GLY G 193 6.88 -18.43 -51.60
CA GLY G 193 7.56 -19.71 -51.71
C GLY G 193 8.99 -19.64 -52.22
N LEU G 194 9.60 -18.46 -52.25
CA LEU G 194 10.96 -18.35 -52.77
C LEU G 194 12.00 -18.87 -51.79
N VAL G 195 11.80 -18.72 -50.49
CA VAL G 195 12.80 -19.10 -49.49
C VAL G 195 12.12 -19.76 -48.31
N THR G 196 12.88 -20.62 -47.62
CA THR G 196 12.39 -21.27 -46.41
C THR G 196 12.50 -20.31 -45.22
N SER G 197 11.81 -20.66 -44.14
CA SER G 197 11.90 -19.87 -42.93
C SER G 197 13.28 -20.00 -42.32
N PRO G 198 13.77 -18.97 -41.64
CA PRO G 198 15.07 -19.10 -40.97
C PRO G 198 15.02 -20.21 -39.93
N ASP G 199 16.09 -21.02 -39.89
CA ASP G 199 16.16 -22.12 -38.96
C ASP G 199 16.67 -21.63 -37.60
N ALA G 200 16.92 -22.58 -36.69
CA ALA G 200 17.33 -22.21 -35.34
C ALA G 200 18.67 -21.49 -35.30
N HIS G 201 19.55 -21.76 -36.26
CA HIS G 201 20.85 -21.11 -36.34
C HIS G 201 20.84 -19.88 -37.22
N GLU G 202 19.66 -19.46 -37.68
CA GLU G 202 19.51 -18.23 -38.48
C GLU G 202 20.16 -18.37 -39.85
N ARG G 203 19.93 -19.50 -40.51
CA ARG G 203 20.26 -19.69 -41.91
C ARG G 203 18.98 -19.91 -42.71
N ILE G 204 19.09 -19.81 -44.03
CA ILE G 204 17.94 -19.98 -44.92
C ILE G 204 18.37 -20.82 -46.11
N VAL G 205 17.37 -21.32 -46.84
CA VAL G 205 17.56 -22.10 -48.04
C VAL G 205 16.78 -21.44 -49.17
N ILE G 206 17.28 -21.58 -50.40
CA ILE G 206 16.62 -20.97 -51.55
C ILE G 206 15.78 -22.04 -52.26
N ARG G 207 14.48 -21.83 -52.27
CA ARG G 207 13.56 -22.77 -52.87
C ARG G 207 13.79 -22.86 -54.38
N PRO G 208 13.56 -24.03 -54.99
CA PRO G 208 13.80 -24.16 -56.43
C PRO G 208 12.92 -23.25 -57.28
N ILE G 209 11.83 -22.71 -56.72
CA ILE G 209 10.90 -21.92 -57.52
C ILE G 209 11.59 -20.73 -58.15
N ILE G 210 12.62 -20.19 -57.51
CA ILE G 210 13.20 -18.92 -57.95
C ILE G 210 13.76 -18.99 -59.36
N ALA G 211 13.94 -20.20 -59.91
CA ALA G 211 14.46 -20.31 -61.26
C ALA G 211 13.44 -19.89 -62.30
N HIS G 212 12.16 -20.09 -62.04
CA HIS G 212 11.10 -19.82 -63.01
C HIS G 212 10.41 -18.48 -62.77
N LEU G 213 11.12 -17.47 -62.29
CA LEU G 213 10.49 -16.18 -62.11
C LEU G 213 10.04 -15.63 -63.47
N ALA G 214 9.23 -14.58 -63.42
CA ALA G 214 8.57 -14.10 -64.63
C ALA G 214 9.58 -13.72 -65.70
N ASP G 215 10.42 -12.72 -65.42
CA ASP G 215 11.41 -12.24 -66.39
C ASP G 215 12.72 -11.97 -65.67
N PRO G 216 13.62 -12.97 -65.62
CA PRO G 216 14.85 -12.79 -64.83
C PRO G 216 15.75 -11.67 -65.36
N ILE G 217 15.58 -11.25 -66.60
CA ILE G 217 16.42 -10.19 -67.14
C ILE G 217 16.19 -8.88 -66.39
N ASN G 218 15.00 -8.70 -65.81
CA ASN G 218 14.72 -7.50 -65.03
C ASN G 218 15.64 -7.41 -63.80
N LEU G 219 15.84 -8.52 -63.11
CA LEU G 219 16.65 -8.49 -61.90
C LEU G 219 18.09 -8.12 -62.21
N GLN G 220 18.71 -8.80 -63.17
CA GLN G 220 20.11 -8.56 -63.48
C GLN G 220 20.33 -7.10 -63.85
N ALA G 221 19.48 -6.57 -64.74
CA ALA G 221 19.69 -5.21 -65.24
C ALA G 221 19.57 -4.19 -64.12
N LEU G 222 18.51 -4.26 -63.33
CA LEU G 222 18.32 -3.30 -62.24
C LEU G 222 19.44 -3.40 -61.22
N LEU G 223 19.80 -4.63 -60.84
CA LEU G 223 20.84 -4.83 -59.85
C LEU G 223 22.16 -4.21 -60.33
N ALA G 224 22.56 -4.54 -61.56
CA ALA G 224 23.80 -3.98 -62.09
C ALA G 224 23.71 -2.47 -62.21
N TRP G 225 22.53 -1.95 -62.56
CA TRP G 225 22.37 -0.51 -62.74
C TRP G 225 22.60 0.23 -61.42
N LEU G 226 21.98 -0.24 -60.34
CA LEU G 226 22.23 0.39 -59.04
C LEU G 226 23.68 0.17 -58.59
N ARG G 227 24.21 -1.02 -58.83
CA ARG G 227 25.59 -1.30 -58.44
C ARG G 227 26.56 -0.37 -59.15
N GLU G 228 26.22 0.07 -60.37
CA GLU G 228 27.05 1.01 -61.09
C GLU G 228 26.81 2.44 -60.63
N GLN G 229 25.56 2.78 -60.32
CA GLN G 229 25.28 4.14 -59.86
C GLN G 229 25.95 4.43 -58.53
N ILE G 230 26.00 3.45 -57.63
CA ILE G 230 26.67 3.68 -56.35
C ILE G 230 28.14 4.00 -56.57
N ALA G 231 28.80 3.27 -57.46
CA ALA G 231 30.20 3.56 -57.77
C ALA G 231 30.34 4.91 -58.45
N GLN G 232 29.37 5.29 -59.29
CA GLN G 232 29.41 6.59 -59.93
C GLN G 232 29.36 7.72 -58.91
N GLN G 233 28.48 7.60 -57.91
CA GLN G 233 28.28 8.70 -56.96
C GLN G 233 29.33 8.72 -55.86
N THR G 234 29.87 7.57 -55.48
CA THR G 234 30.82 7.51 -54.37
C THR G 234 32.11 8.25 -54.71
N MET H 5 -43.58 7.54 2.42
CA MET H 5 -43.05 6.14 2.47
C MET H 5 -41.91 6.06 3.49
N GLU H 6 -42.21 5.51 4.66
CA GLU H 6 -41.24 5.50 5.75
C GLU H 6 -40.20 4.40 5.62
N GLU H 7 -40.42 3.41 4.74
CA GLU H 7 -39.34 2.50 4.39
C GLU H 7 -38.22 3.20 3.66
N ASN H 8 -38.39 4.47 3.32
CA ASN H 8 -37.29 5.27 2.81
C ASN H 8 -36.14 5.34 3.80
N THR H 9 -36.43 5.20 5.09
CA THR H 9 -35.39 5.33 6.11
C THR H 9 -34.32 4.27 5.97
N ARG H 10 -34.67 3.10 5.46
CA ARG H 10 -33.70 2.04 5.19
C ARG H 10 -33.26 2.03 3.73
N GLN H 11 -34.19 2.30 2.81
CA GLN H 11 -33.85 2.33 1.40
C GLN H 11 -32.82 3.41 1.09
N ARG H 12 -32.75 4.45 1.94
CA ARG H 12 -31.92 5.61 1.62
C ARG H 12 -30.44 5.27 1.66
N THR H 13 -30.02 4.51 2.67
CA THR H 13 -28.60 4.16 2.74
C THR H 13 -28.19 3.28 1.57
N GLU H 14 -29.02 2.35 1.14
CA GLU H 14 -28.71 1.58 -0.05
C GLU H 14 -28.64 2.48 -1.28
N ASN H 15 -29.59 3.41 -1.41
CA ASN H 15 -29.56 4.35 -2.52
C ASN H 15 -28.24 5.11 -2.56
N TYR H 16 -27.80 5.62 -1.42
CA TYR H 16 -26.56 6.40 -1.39
C TYR H 16 -25.35 5.50 -1.64
N ILE H 17 -25.33 4.29 -1.08
CA ILE H 17 -24.19 3.41 -1.32
C ILE H 17 -24.07 3.09 -2.80
N SER H 18 -25.20 2.94 -3.48
CA SER H 18 -25.15 2.71 -4.92
C SER H 18 -24.71 3.96 -5.67
N ALA H 19 -25.23 5.13 -5.27
CA ALA H 19 -24.94 6.36 -6.00
C ALA H 19 -23.46 6.71 -5.89
N LYS H 20 -22.88 6.55 -4.71
CA LYS H 20 -21.48 6.91 -4.51
C LYS H 20 -20.56 6.05 -5.37
N ASN H 21 -21.06 4.94 -5.89
CA ASN H 21 -20.28 4.05 -6.74
C ASN H 21 -20.49 4.31 -8.24
N GLN H 22 -21.63 4.86 -8.64
CA GLN H 22 -21.98 4.89 -10.05
C GLN H 22 -22.13 6.31 -10.62
N HIS H 23 -22.95 7.15 -9.99
CA HIS H 23 -23.33 8.40 -10.63
C HIS H 23 -22.07 9.19 -10.98
N PRO H 24 -21.91 9.62 -12.24
CA PRO H 24 -20.60 10.17 -12.64
C PRO H 24 -20.12 11.31 -11.76
N ALA H 25 -21.02 12.19 -11.31
CA ALA H 25 -20.59 13.31 -10.48
C ALA H 25 -19.88 12.82 -9.23
N TRP H 26 -20.52 11.93 -8.47
CA TRP H 26 -19.97 11.52 -7.20
C TRP H 26 -18.75 10.62 -7.35
N ILE H 27 -18.51 10.06 -8.53
CA ILE H 27 -17.24 9.40 -8.80
C ILE H 27 -16.17 10.44 -9.10
N LEU H 28 -16.55 11.50 -9.81
CA LEU H 28 -15.60 12.52 -10.20
C LEU H 28 -15.05 13.26 -8.98
N LEU H 29 -15.93 13.67 -8.07
CA LEU H 29 -15.51 14.49 -6.95
C LEU H 29 -14.57 13.76 -6.01
N ALA H 30 -14.58 12.42 -6.02
CA ALA H 30 -13.77 11.66 -5.09
C ALA H 30 -12.39 11.31 -5.64
N THR H 31 -12.13 11.55 -6.93
CA THR H 31 -10.82 11.26 -7.47
C THR H 31 -9.80 12.28 -6.95
N ARG H 32 -8.52 11.93 -7.10
CA ARG H 32 -7.44 12.80 -6.65
C ARG H 32 -7.11 13.89 -7.66
N ARG H 33 -7.97 14.10 -8.66
CA ARG H 33 -7.74 15.11 -9.68
C ARG H 33 -9.02 15.86 -10.06
N ALA H 34 -10.05 15.81 -9.21
CA ALA H 34 -11.29 16.50 -9.54
C ALA H 34 -11.12 17.99 -9.76
N PRO H 35 -10.33 18.71 -8.95
CA PRO H 35 -10.23 20.17 -9.18
C PRO H 35 -9.75 20.52 -10.58
N LEU H 36 -8.70 19.86 -11.08
CA LEU H 36 -8.19 20.17 -12.41
C LEU H 36 -9.25 19.90 -13.47
N VAL H 37 -9.91 18.73 -13.38
CA VAL H 37 -10.89 18.35 -14.39
C VAL H 37 -12.03 19.35 -14.41
N LEU H 38 -12.54 19.70 -13.23
CA LEU H 38 -13.66 20.64 -13.18
C LEU H 38 -13.26 22.03 -13.66
N SER H 39 -12.07 22.49 -13.30
CA SER H 39 -11.63 23.79 -13.79
C SER H 39 -11.53 23.80 -15.31
N CYS H 40 -10.99 22.74 -15.90
CA CYS H 40 -10.92 22.67 -17.36
C CYS H 40 -12.32 22.65 -17.97
N LEU H 41 -13.18 21.74 -17.50
CA LEU H 41 -14.47 21.55 -18.13
C LEU H 41 -15.33 22.80 -18.02
N LYS H 42 -15.37 23.43 -16.85
CA LYS H 42 -16.13 24.67 -16.72
C LYS H 42 -15.66 25.67 -17.77
N THR H 43 -14.34 25.84 -17.89
CA THR H 43 -13.81 26.81 -18.83
C THR H 43 -14.25 26.49 -20.26
N LEU H 44 -14.23 25.21 -20.65
CA LEU H 44 -14.65 24.86 -21.99
C LEU H 44 -16.05 25.41 -22.29
N PHE H 45 -17.05 25.00 -21.50
CA PHE H 45 -18.43 25.37 -21.76
C PHE H 45 -18.80 26.73 -21.19
N GLU H 46 -17.86 27.40 -20.51
CA GLU H 46 -18.19 28.61 -19.76
C GLU H 46 -18.83 29.66 -20.65
N LYS H 47 -18.50 29.68 -21.94
CA LYS H 47 -18.89 30.76 -22.83
C LYS H 47 -19.99 30.39 -23.80
N SER H 48 -20.38 29.12 -23.89
CA SER H 48 -21.49 28.72 -24.74
C SER H 48 -21.99 27.35 -24.28
N HIS H 49 -23.31 27.22 -24.16
CA HIS H 49 -23.95 25.97 -23.74
C HIS H 49 -24.70 25.28 -24.88
N ASP H 50 -24.52 25.72 -26.11
CA ASP H 50 -25.16 25.08 -27.25
C ASP H 50 -24.46 23.80 -27.67
N GLY H 51 -23.40 23.42 -26.96
CA GLY H 51 -22.53 22.37 -27.41
C GLY H 51 -21.36 22.96 -28.16
N ILE H 52 -20.26 22.22 -28.26
CA ILE H 52 -19.01 22.72 -28.82
C ILE H 52 -18.65 21.82 -30.00
N PRO H 53 -18.38 22.37 -31.19
CA PRO H 53 -17.81 21.54 -32.26
C PRO H 53 -16.52 20.90 -31.80
N LEU H 54 -16.33 19.64 -32.18
CA LEU H 54 -15.26 18.84 -31.57
C LEU H 54 -13.89 19.46 -31.80
N GLU H 55 -13.64 19.97 -33.01
CA GLU H 55 -12.32 20.53 -33.30
C GLU H 55 -12.05 21.79 -32.49
N GLU H 56 -13.03 22.70 -32.39
CA GLU H 56 -12.86 23.87 -31.55
C GLU H 56 -12.67 23.48 -30.10
N ALA H 57 -13.37 22.43 -29.65
CA ALA H 57 -13.20 21.96 -28.28
C ALA H 57 -11.78 21.45 -28.07
N ILE H 58 -11.25 20.71 -29.02
CA ILE H 58 -9.86 20.25 -28.92
C ILE H 58 -8.93 21.44 -28.82
N GLN H 59 -9.13 22.44 -29.68
CA GLN H 59 -8.29 23.64 -29.65
C GLN H 59 -8.32 24.30 -28.28
N SER H 60 -9.52 24.56 -27.77
CA SER H 60 -9.65 25.30 -26.52
C SER H 60 -9.07 24.50 -25.36
N LEU H 61 -9.36 23.19 -25.30
CA LEU H 61 -8.86 22.38 -24.20
C LEU H 61 -7.34 22.25 -24.28
N SER H 62 -6.79 22.16 -25.49
CA SER H 62 -5.33 22.10 -25.61
C SER H 62 -4.69 23.40 -25.14
N SER H 63 -5.29 24.55 -25.48
CA SER H 63 -4.75 25.80 -24.98
C SER H 63 -4.83 25.87 -23.45
N ILE H 64 -5.97 25.44 -22.89
CA ILE H 64 -6.14 25.51 -21.45
C ILE H 64 -5.14 24.59 -20.74
N LEU H 65 -4.94 23.38 -21.26
CA LEU H 65 -3.93 22.49 -20.67
C LEU H 65 -2.60 23.20 -20.55
N ILE H 66 -2.17 23.92 -21.59
CA ILE H 66 -0.95 24.69 -21.52
C ILE H 66 -1.06 25.78 -20.45
N GLU H 67 -2.23 26.42 -20.36
CA GLU H 67 -2.43 27.43 -19.34
C GLU H 67 -2.27 26.87 -17.93
N HIS H 68 -2.45 25.56 -17.75
CA HIS H 68 -2.33 24.94 -16.44
C HIS H 68 -1.20 23.92 -16.39
N VAL H 69 -0.13 24.12 -17.16
CA VAL H 69 1.10 23.38 -16.93
C VAL H 69 1.80 23.87 -15.67
N SER H 70 1.31 24.95 -15.08
CA SER H 70 1.77 25.33 -13.74
C SER H 70 1.49 24.22 -12.73
N GLN H 71 0.55 23.34 -13.03
CA GLN H 71 0.30 22.13 -12.27
C GLN H 71 0.97 20.91 -12.90
N GLU H 72 2.17 21.09 -13.46
CA GLU H 72 2.90 19.99 -14.07
C GLU H 72 3.41 19.02 -13.01
N GLN H 73 3.01 19.23 -11.75
CA GLN H 73 3.20 18.20 -10.74
C GLN H 73 2.55 16.88 -11.14
N TYR H 74 1.49 16.94 -11.95
CA TYR H 74 0.84 15.75 -12.51
C TYR H 74 1.40 15.38 -13.87
N ASP H 75 2.61 15.83 -14.20
CA ASP H 75 3.27 15.50 -15.46
C ASP H 75 2.43 15.91 -16.67
N ILE H 76 1.77 17.06 -16.59
CA ILE H 76 1.00 17.56 -17.73
C ILE H 76 1.94 17.72 -18.91
N ASN H 77 1.54 17.18 -20.05
CA ASN H 77 2.46 17.03 -21.18
C ASN H 77 2.83 18.39 -21.77
N GLN H 78 4.12 18.59 -22.00
CA GLN H 78 4.63 19.81 -22.62
C GLN H 78 4.90 19.64 -24.11
N ASP H 79 4.85 18.41 -24.62
CA ASP H 79 5.26 18.16 -26.00
C ASP H 79 4.17 18.52 -26.99
N ASN H 80 2.98 17.93 -26.83
CA ASN H 80 1.91 18.07 -27.82
C ASN H 80 0.58 18.18 -27.08
N PRO H 81 0.20 19.41 -26.69
CA PRO H 81 -1.09 19.56 -25.99
C PRO H 81 -2.29 19.15 -26.81
N PHE H 82 -2.19 19.14 -28.13
CA PHE H 82 -3.32 18.66 -28.95
C PHE H 82 -3.55 17.17 -28.76
N LEU H 83 -2.47 16.37 -28.70
CA LEU H 83 -2.63 14.96 -28.42
C LEU H 83 -3.18 14.72 -27.02
N GLN H 84 -2.69 15.49 -26.04
CA GLN H 84 -3.20 15.35 -24.68
C GLN H 84 -4.68 15.71 -24.62
N ALA H 85 -5.10 16.72 -25.39
CA ALA H 85 -6.52 17.02 -25.49
C ALA H 85 -7.28 15.86 -26.13
N SER H 86 -6.73 15.29 -27.20
CA SER H 86 -7.38 14.15 -27.83
C SER H 86 -7.58 13.01 -26.82
N ARG H 87 -6.67 12.88 -25.86
CA ARG H 87 -6.79 11.81 -24.88
C ARG H 87 -7.79 12.17 -23.78
N GLU H 88 -7.68 13.39 -23.23
CA GLU H 88 -8.54 13.78 -22.11
C GLU H 88 -10.00 13.88 -22.54
N LEU H 89 -10.25 14.48 -23.71
CA LEU H 89 -11.62 14.68 -24.16
C LEU H 89 -12.31 13.36 -24.51
N ARG H 90 -11.54 12.27 -24.62
CA ARG H 90 -12.12 10.95 -24.81
C ARG H 90 -12.25 10.20 -23.50
N GLU H 91 -11.27 10.35 -22.61
CA GLU H 91 -11.42 9.82 -21.26
C GLU H 91 -12.68 10.34 -20.61
N TRP H 92 -12.97 11.63 -20.80
CA TRP H 92 -14.18 12.21 -20.23
C TRP H 92 -15.44 11.77 -20.94
N ILE H 93 -15.34 11.23 -22.16
CA ILE H 93 -16.51 10.70 -22.84
C ILE H 93 -16.81 9.29 -22.37
N LYS H 94 -15.77 8.47 -22.21
CA LYS H 94 -16.01 7.11 -21.73
C LYS H 94 -16.41 7.10 -20.25
N ARG H 95 -16.21 8.20 -19.54
CA ARG H 95 -16.62 8.32 -18.15
C ARG H 95 -17.97 9.01 -18.01
N ARG H 96 -18.61 9.38 -19.14
CA ARG H 96 -19.97 9.87 -19.19
C ARG H 96 -20.14 11.25 -18.58
N LEU H 97 -19.05 12.00 -18.43
CA LEU H 97 -19.16 13.41 -18.06
C LEU H 97 -19.63 14.23 -19.27
N ILE H 98 -19.09 13.92 -20.44
CA ILE H 98 -19.46 14.60 -21.68
C ILE H 98 -19.87 13.56 -22.71
N VAL H 99 -20.74 13.96 -23.63
CA VAL H 99 -21.22 13.09 -24.70
C VAL H 99 -21.21 13.87 -26.00
N GLU H 100 -20.72 13.22 -27.06
CA GLU H 100 -20.58 13.84 -28.37
C GLU H 100 -21.65 13.30 -29.30
N ARG H 101 -22.44 14.20 -29.87
CA ARG H 101 -23.54 13.86 -30.76
C ARG H 101 -23.58 14.87 -31.88
N ASP H 102 -23.77 14.38 -33.10
CA ASP H 102 -23.85 15.25 -34.28
C ASP H 102 -22.54 16.01 -34.49
N GLY H 103 -21.44 15.46 -33.96
CA GLY H 103 -20.14 16.09 -34.09
C GLY H 103 -19.82 17.14 -33.05
N ARG H 104 -20.69 17.35 -32.07
CA ARG H 104 -20.50 18.36 -31.04
C ARG H 104 -20.63 17.73 -29.66
N ILE H 105 -19.71 18.06 -28.77
CA ILE H 105 -19.79 17.55 -27.40
C ILE H 105 -20.87 18.32 -26.63
N PHE H 106 -21.27 17.74 -25.50
CA PHE H 106 -22.19 18.38 -24.58
C PHE H 106 -21.85 17.94 -23.16
N ALA H 107 -22.44 18.62 -22.19
CA ALA H 107 -22.28 18.25 -20.79
C ALA H 107 -23.53 17.54 -20.32
N THR H 108 -23.40 16.26 -19.97
CA THR H 108 -24.52 15.51 -19.45
C THR H 108 -24.94 16.07 -18.09
N ASP H 109 -26.13 15.65 -17.65
CA ASP H 109 -26.62 16.11 -16.35
C ASP H 109 -25.65 15.77 -15.23
N ALA H 110 -24.96 14.63 -15.35
CA ALA H 110 -24.02 14.20 -14.32
C ALA H 110 -22.85 15.17 -14.15
N LEU H 111 -22.62 16.06 -15.12
CA LEU H 111 -21.67 17.14 -14.95
C LEU H 111 -22.34 18.45 -14.60
N GLU H 112 -23.57 18.67 -15.09
CA GLU H 112 -24.31 19.85 -14.67
C GLU H 112 -24.41 19.92 -13.15
N VAL H 113 -24.79 18.81 -12.52
CA VAL H 113 -24.92 18.80 -11.07
C VAL H 113 -23.57 19.05 -10.40
N ALA H 114 -22.53 18.37 -10.87
CA ALA H 114 -21.22 18.49 -10.25
C ALA H 114 -20.71 19.93 -10.32
N ILE H 115 -20.87 20.59 -11.47
CA ILE H 115 -20.45 21.98 -11.57
C ILE H 115 -21.34 22.87 -10.72
N THR H 116 -22.63 22.54 -10.60
CA THR H 116 -23.48 23.27 -9.66
C THR H 116 -22.95 23.14 -8.24
N PHE H 117 -22.22 22.07 -7.95
CA PHE H 117 -21.73 21.85 -6.59
C PHE H 117 -20.55 22.77 -6.26
N VAL H 118 -19.45 22.64 -7.00
CA VAL H 118 -18.22 23.33 -6.61
C VAL H 118 -18.39 24.83 -6.67
N GLU H 119 -19.07 25.33 -7.70
CA GLU H 119 -19.29 26.76 -7.84
C GLU H 119 -20.36 27.29 -6.91
N SER H 120 -20.87 26.46 -6.01
CA SER H 120 -21.71 26.91 -4.90
C SER H 120 -20.99 26.78 -3.57
N LEU H 121 -19.80 26.19 -3.56
CA LEU H 121 -19.01 26.12 -2.33
C LEU H 121 -18.66 27.50 -1.83
N ASP H 122 -17.88 28.25 -2.61
CA ASP H 122 -17.25 29.47 -2.11
C ASP H 122 -18.24 30.63 -2.01
N ASN H 123 -18.83 31.05 -3.12
CA ASN H 123 -19.51 32.34 -3.19
C ASN H 123 -20.84 32.25 -3.92
N ARG H 124 -21.68 31.29 -3.55
CA ARG H 124 -22.95 31.14 -4.23
C ARG H 124 -23.82 32.38 -4.03
N PHE H 125 -24.65 32.67 -5.03
CA PHE H 125 -25.53 33.83 -4.95
C PHE H 125 -26.48 33.70 -3.78
N MET H 126 -26.80 34.83 -3.16
CA MET H 126 -27.66 34.85 -2.00
C MET H 126 -29.09 34.46 -2.40
N THR H 127 -29.69 33.58 -1.61
CA THR H 127 -31.09 33.22 -1.75
C THR H 127 -31.99 33.90 -0.73
N SER H 128 -31.68 33.79 0.56
CA SER H 128 -32.45 34.50 1.58
C SER H 128 -32.27 35.99 1.34
N THR H 129 -33.29 36.63 0.80
CA THR H 129 -33.18 38.01 0.36
C THR H 129 -34.54 38.65 0.48
N ALA H 130 -34.62 39.92 0.10
CA ALA H 130 -35.91 40.57 0.00
C ALA H 130 -36.68 40.07 -1.22
N SER H 131 -35.98 39.95 -2.36
CA SER H 131 -36.64 39.60 -3.60
C SER H 131 -37.23 38.19 -3.56
N ARG H 132 -36.51 37.22 -3.01
CA ARG H 132 -37.03 35.86 -2.95
C ARG H 132 -38.29 35.79 -2.09
N LEU H 133 -38.27 36.47 -0.94
CA LEU H 133 -39.46 36.48 -0.09
C LEU H 133 -40.63 37.14 -0.79
N SER H 134 -40.38 38.27 -1.48
CA SER H 134 -41.46 38.90 -2.22
C SER H 134 -42.02 37.98 -3.31
N THR H 135 -41.13 37.28 -4.02
CA THR H 135 -41.57 36.42 -5.12
C THR H 135 -42.39 35.26 -4.59
N VAL H 136 -41.95 34.61 -3.52
CA VAL H 136 -42.75 33.51 -2.98
C VAL H 136 -44.04 34.03 -2.37
N GLN H 137 -44.03 35.20 -1.72
CA GLN H 137 -45.27 35.83 -1.30
C GLN H 137 -46.26 35.87 -2.45
N ARG H 138 -45.85 36.50 -3.55
CA ARG H 138 -46.79 36.70 -4.66
C ARG H 138 -47.19 35.38 -5.29
N GLU H 139 -46.26 34.44 -5.42
CA GLU H 139 -46.60 33.16 -6.02
C GLU H 139 -47.59 32.38 -5.15
N ILE H 140 -47.40 32.43 -3.83
CA ILE H 140 -48.36 31.80 -2.94
C ILE H 140 -49.72 32.48 -3.09
N GLU H 141 -49.71 33.80 -3.29
CA GLU H 141 -50.97 34.50 -3.56
C GLU H 141 -51.63 33.97 -4.82
N ASN H 142 -50.84 33.80 -5.88
CA ASN H 142 -51.40 33.45 -7.18
C ASN H 142 -51.90 32.00 -7.21
N LEU H 143 -51.10 31.07 -6.70
CA LEU H 143 -51.46 29.67 -6.76
C LEU H 143 -52.76 29.39 -6.00
N GLU H 144 -52.90 30.00 -4.83
CA GLU H 144 -54.10 29.78 -4.03
C GLU H 144 -55.35 30.25 -4.77
N THR H 145 -55.26 31.41 -5.41
CA THR H 145 -56.43 31.95 -6.12
C THR H 145 -56.81 31.12 -7.33
N ARG H 146 -55.96 30.18 -7.76
CA ARG H 146 -56.22 29.41 -8.96
C ARG H 146 -56.76 28.00 -8.69
N LEU H 147 -56.69 27.52 -7.44
CA LEU H 147 -57.12 26.16 -7.15
C LEU H 147 -58.60 26.08 -6.81
N ASN H 148 -59.03 26.76 -5.76
CA ASN H 148 -60.44 26.70 -5.38
C ASN H 148 -61.29 27.27 -6.52
N PRO H 149 -62.13 26.47 -7.17
CA PRO H 149 -62.80 26.92 -8.40
C PRO H 149 -64.00 27.83 -8.18
N ASN H 150 -64.29 28.22 -6.95
CA ASN H 150 -65.48 29.03 -6.70
C ASN H 150 -65.37 30.34 -7.47
N PRO H 151 -66.35 30.70 -8.32
CA PRO H 151 -66.21 31.93 -9.11
C PRO H 151 -66.43 33.19 -8.29
N ALA H 152 -67.29 33.15 -7.27
CA ALA H 152 -67.49 34.33 -6.44
C ALA H 152 -66.19 34.75 -5.76
N ASN H 153 -65.45 33.78 -5.22
CA ASN H 153 -64.16 34.10 -4.60
C ASN H 153 -63.20 34.67 -5.62
N ARG H 154 -63.18 34.10 -6.83
CA ARG H 154 -62.30 34.61 -7.87
C ARG H 154 -62.62 36.07 -8.20
N VAL H 155 -63.89 36.38 -8.42
CA VAL H 155 -64.25 37.74 -8.79
C VAL H 155 -63.97 38.69 -7.63
N ALA H 156 -64.18 38.24 -6.40
CA ALA H 156 -63.83 39.09 -5.26
C ALA H 156 -62.34 39.37 -5.21
N THR H 157 -61.51 38.35 -5.46
CA THR H 157 -60.06 38.55 -5.48
C THR H 157 -59.66 39.51 -6.58
N LEU H 158 -60.25 39.36 -7.78
CA LEU H 158 -59.93 40.28 -8.86
C LEU H 158 -60.36 41.70 -8.51
N ARG H 159 -61.52 41.86 -7.88
CA ARG H 159 -61.99 43.19 -7.51
C ARG H 159 -61.05 43.84 -6.49
N ARG H 160 -60.69 43.10 -5.44
CA ARG H 160 -59.79 43.66 -4.43
C ARG H 160 -58.43 43.99 -5.04
N ARG H 161 -57.92 43.12 -5.92
CA ARG H 161 -56.63 43.36 -6.55
C ARG H 161 -56.68 44.60 -7.45
N ILE H 162 -57.75 44.76 -8.23
CA ILE H 162 -57.84 45.89 -9.13
C ILE H 162 -58.02 47.19 -8.34
N SER H 163 -58.79 47.15 -7.24
CA SER H 163 -58.88 48.33 -6.40
C SER H 163 -57.54 48.67 -5.76
N GLU H 164 -56.78 47.66 -5.34
CA GLU H 164 -55.45 47.91 -4.78
C GLU H 164 -54.53 48.54 -5.83
N LEU H 165 -54.62 48.06 -7.07
CA LEU H 165 -53.82 48.64 -8.16
C LEU H 165 -54.28 50.05 -8.51
N GLU H 166 -55.56 50.36 -8.28
CA GLU H 166 -56.04 51.71 -8.52
C GLU H 166 -55.33 52.70 -7.61
N ARG H 167 -55.06 52.32 -6.36
CA ARG H 167 -54.30 53.19 -5.47
C ARG H 167 -52.94 53.50 -6.07
N GLU H 168 -52.24 52.46 -6.54
CA GLU H 168 -50.91 52.65 -7.10
C GLU H 168 -50.95 53.53 -8.34
N LEU H 169 -51.95 53.34 -9.20
CA LEU H 169 -52.06 54.19 -10.38
C LEU H 169 -52.33 55.64 -9.99
N GLN H 170 -53.22 55.86 -9.03
CA GLN H 170 -53.51 57.24 -8.60
C GLN H 170 -52.27 57.90 -8.02
N GLU H 171 -51.50 57.17 -7.21
CA GLU H 171 -50.30 57.75 -6.63
C GLU H 171 -49.17 57.89 -7.65
N ALA H 172 -49.18 57.07 -8.71
CA ALA H 172 -48.18 57.20 -9.75
C ALA H 172 -48.45 58.40 -10.66
N GLU H 173 -49.71 58.66 -10.98
CA GLU H 173 -50.03 59.87 -11.73
C GLU H 173 -49.51 61.11 -11.01
N ALA H 174 -49.50 61.08 -9.69
CA ALA H 174 -48.88 62.15 -8.91
C ALA H 174 -47.37 61.91 -8.79
N GLY H 175 -46.73 62.73 -7.98
CA GLY H 175 -45.28 62.72 -7.87
C GLY H 175 -44.71 61.91 -6.73
N HIS H 176 -45.47 60.98 -6.18
CA HIS H 176 -45.01 60.14 -5.08
C HIS H 176 -44.37 58.84 -5.55
N ILE H 177 -43.91 58.78 -6.80
CA ILE H 177 -43.28 57.56 -7.29
C ILE H 177 -41.93 57.36 -6.60
N GLU H 178 -41.62 56.10 -6.30
CA GLU H 178 -40.32 55.75 -5.72
C GLU H 178 -39.77 54.54 -6.47
N VAL H 179 -38.44 54.44 -6.48
CA VAL H 179 -37.73 53.39 -7.21
C VAL H 179 -36.72 52.74 -6.29
N LEU H 180 -36.06 51.70 -6.81
CA LEU H 180 -35.13 50.94 -6.01
C LEU H 180 -33.86 51.73 -5.74
N GLU H 181 -33.32 51.58 -4.53
CA GLU H 181 -31.97 52.04 -4.26
C GLU H 181 -30.96 51.21 -5.05
N THR H 182 -29.69 51.57 -4.94
CA THR H 182 -28.67 50.83 -5.66
C THR H 182 -28.61 49.38 -5.20
N HIS H 183 -28.55 49.16 -3.88
CA HIS H 183 -28.40 47.81 -3.37
C HIS H 183 -29.63 46.96 -3.68
N GLN H 184 -30.82 47.54 -3.59
CA GLN H 184 -32.02 46.78 -3.92
C GLN H 184 -32.07 46.41 -5.40
N ALA H 185 -31.62 47.31 -6.27
CA ALA H 185 -31.50 46.95 -7.68
C ALA H 185 -30.52 45.80 -7.85
N VAL H 186 -29.39 45.85 -7.15
CA VAL H 186 -28.43 44.75 -7.20
C VAL H 186 -29.10 43.45 -6.78
N GLU H 187 -29.86 43.50 -5.70
CA GLU H 187 -30.46 42.29 -5.14
C GLU H 187 -31.50 41.70 -6.08
N HIS H 188 -32.39 42.54 -6.62
CA HIS H 188 -33.38 42.02 -7.56
C HIS H 188 -32.73 41.49 -8.83
N ILE H 189 -31.69 42.15 -9.33
CA ILE H 189 -31.00 41.61 -10.50
C ILE H 189 -30.41 40.25 -10.18
N ARG H 190 -29.75 40.11 -9.02
CA ARG H 190 -29.19 38.82 -8.65
C ARG H 190 -30.27 37.76 -8.56
N ASP H 191 -31.42 38.10 -7.96
CA ASP H 191 -32.49 37.13 -7.81
C ASP H 191 -33.04 36.69 -9.15
N VAL H 192 -33.38 37.65 -10.01
CA VAL H 192 -33.97 37.30 -11.30
C VAL H 192 -32.95 36.60 -12.19
N TYR H 193 -31.66 36.75 -11.91
CA TYR H 193 -30.70 35.87 -12.57
C TYR H 193 -30.77 34.47 -11.99
N ASN H 194 -30.84 34.36 -10.66
CA ASN H 194 -30.79 33.04 -10.04
C ASN H 194 -32.04 32.22 -10.33
N LEU H 195 -33.14 32.88 -10.74
CA LEU H 195 -34.30 32.12 -11.22
C LEU H 195 -34.13 31.75 -12.68
N ALA H 196 -33.90 32.75 -13.54
CA ALA H 196 -33.90 32.51 -14.98
C ALA H 196 -32.83 31.50 -15.38
N SER H 197 -31.64 31.61 -14.81
CA SER H 197 -30.51 30.77 -15.21
C SER H 197 -30.66 29.36 -14.76
N SER H 198 -31.79 28.99 -14.17
CA SER H 198 -32.06 27.61 -13.79
C SER H 198 -32.97 26.89 -14.77
N LEU H 199 -33.68 27.63 -15.64
CA LEU H 199 -34.54 26.99 -16.63
C LEU H 199 -33.74 26.00 -17.47
N ARG H 200 -32.47 26.28 -17.71
CA ARG H 200 -31.65 25.52 -18.63
C ARG H 200 -31.16 24.20 -18.02
N ALA H 201 -31.52 23.91 -16.77
CA ALA H 201 -30.82 22.87 -16.02
C ALA H 201 -31.32 21.46 -16.32
N ASP H 202 -32.46 21.29 -16.99
CA ASP H 202 -33.10 19.99 -17.12
C ASP H 202 -33.11 19.39 -18.51
N PHE H 203 -32.71 20.13 -19.54
CA PHE H 203 -32.77 19.58 -20.90
C PHE H 203 -31.95 18.29 -20.99
N ARG H 204 -30.71 18.34 -20.53
CA ARG H 204 -29.80 17.20 -20.64
C ARG H 204 -30.18 16.06 -19.71
N ARG H 205 -31.30 16.17 -18.98
CA ARG H 205 -31.84 15.02 -18.26
C ARG H 205 -33.16 14.54 -18.84
N VAL H 206 -33.92 15.43 -19.48
CA VAL H 206 -35.04 14.99 -20.30
C VAL H 206 -34.55 14.08 -21.41
N GLU H 207 -33.45 14.47 -22.05
CA GLU H 207 -32.89 13.60 -23.09
C GLU H 207 -32.43 12.27 -22.51
N ASP H 208 -31.84 12.29 -21.32
CA ASP H 208 -31.44 11.04 -20.69
C ASP H 208 -32.64 10.16 -20.36
N SER H 209 -33.77 10.77 -19.97
CA SER H 209 -34.97 9.99 -19.68
C SER H 209 -35.52 9.36 -20.95
N TRP H 210 -35.53 10.12 -22.05
CA TRP H 210 -36.03 9.55 -23.30
C TRP H 210 -35.11 8.46 -23.82
N ARG H 211 -33.80 8.65 -23.74
CA ARG H 211 -32.87 7.58 -24.13
C ARG H 211 -32.88 6.42 -23.15
N GLU H 212 -33.72 6.44 -22.12
CA GLU H 212 -33.86 5.33 -21.19
C GLU H 212 -35.22 4.68 -21.28
N ALA H 213 -36.25 5.42 -21.71
CA ALA H 213 -37.55 4.81 -21.97
C ALA H 213 -37.58 4.10 -23.32
N ASP H 214 -36.53 4.23 -24.11
CA ASP H 214 -36.45 3.51 -25.38
C ASP H 214 -35.83 2.14 -25.18
N ARG H 215 -34.76 2.06 -24.40
CA ARG H 215 -34.16 0.76 -24.12
C ARG H 215 -35.11 -0.14 -23.33
N ALA H 216 -35.85 0.44 -22.39
CA ALA H 216 -36.85 -0.33 -21.66
C ALA H 216 -38.04 -0.72 -22.52
N LEU H 217 -38.02 -0.38 -23.81
CA LEU H 217 -39.03 -0.79 -24.78
C LEU H 217 -38.51 -1.85 -25.73
N ARG H 218 -37.29 -1.70 -26.23
CA ARG H 218 -36.71 -2.72 -27.10
C ARG H 218 -36.17 -3.88 -26.29
N GLN H 219 -36.08 -3.74 -24.96
CA GLN H 219 -35.76 -4.88 -24.12
C GLN H 219 -37.01 -5.67 -23.74
N SER H 220 -38.19 -5.21 -24.15
CA SER H 220 -39.44 -5.95 -23.99
C SER H 220 -39.99 -6.43 -25.33
N ILE H 221 -39.80 -5.65 -26.39
CA ILE H 221 -40.18 -6.12 -27.72
C ILE H 221 -39.39 -7.37 -28.08
N ILE H 222 -38.20 -7.51 -27.52
CA ILE H 222 -37.36 -8.67 -27.80
C ILE H 222 -37.55 -9.78 -26.77
N GLY H 223 -38.05 -9.45 -25.56
CA GLY H 223 -38.38 -10.48 -24.60
C GLY H 223 -39.71 -11.14 -24.87
N GLU H 224 -40.59 -10.46 -25.60
CA GLU H 224 -41.87 -11.03 -26.00
C GLU H 224 -41.72 -11.79 -27.33
N GLN H 225 -41.01 -12.92 -27.23
CA GLN H 225 -40.71 -13.74 -28.41
C GLN H 225 -41.95 -14.45 -28.93
N TYR H 226 -43.09 -14.27 -28.25
CA TYR H 226 -44.31 -15.00 -28.57
C TYR H 226 -45.55 -14.13 -28.67
N HIS H 227 -45.49 -12.85 -28.31
CA HIS H 227 -46.68 -12.04 -28.10
C HIS H 227 -46.69 -10.84 -29.05
N ARG H 228 -47.89 -10.35 -29.34
CA ARG H 228 -48.09 -9.26 -30.28
C ARG H 228 -48.80 -8.05 -29.70
N GLY H 229 -49.58 -8.22 -28.62
CA GLY H 229 -50.38 -7.12 -28.12
C GLY H 229 -49.57 -5.89 -27.78
N ASP H 230 -48.42 -6.10 -27.13
CA ASP H 230 -47.58 -4.99 -26.68
C ASP H 230 -46.95 -4.21 -27.81
N ILE H 231 -47.25 -4.54 -29.07
CA ILE H 231 -46.73 -3.80 -30.20
C ILE H 231 -47.89 -3.12 -30.92
N VAL H 232 -48.90 -3.91 -31.31
CA VAL H 232 -50.04 -3.33 -32.01
C VAL H 232 -50.76 -2.32 -31.13
N GLU H 233 -50.85 -2.58 -29.81
CA GLU H 233 -51.49 -1.61 -28.93
C GLU H 233 -50.84 -0.25 -29.03
N ARG H 234 -49.53 -0.20 -29.28
CA ARG H 234 -48.83 1.07 -29.42
C ARG H 234 -48.96 1.62 -30.83
N LEU H 235 -48.64 0.80 -31.84
CA LEU H 235 -48.56 1.31 -33.21
C LEU H 235 -49.92 1.79 -33.72
N LEU H 236 -50.98 1.04 -33.46
CA LEU H 236 -52.31 1.47 -33.89
C LEU H 236 -52.67 2.83 -33.32
N ASN H 237 -52.10 3.20 -32.17
CA ASN H 237 -52.31 4.49 -31.55
C ASN H 237 -51.30 5.49 -32.12
N ASP H 238 -51.79 6.61 -32.63
CA ASP H 238 -50.92 7.65 -33.14
C ASP H 238 -50.18 8.40 -32.03
N GLN H 239 -50.54 8.16 -30.77
CA GLN H 239 -49.86 8.82 -29.67
C GLN H 239 -48.38 8.49 -29.70
N ASP H 240 -47.57 9.39 -29.13
CA ASP H 240 -46.13 9.19 -29.05
C ASP H 240 -45.82 7.81 -28.51
N ALA H 241 -45.22 6.95 -29.35
CA ALA H 241 -44.89 5.60 -28.92
C ALA H 241 -43.81 5.57 -27.85
N LEU H 242 -42.93 6.56 -27.83
CA LEU H 242 -41.89 6.68 -26.81
C LEU H 242 -42.28 7.62 -25.69
N LEU H 243 -43.58 7.84 -25.47
CA LEU H 243 -44.02 8.76 -24.45
C LEU H 243 -43.47 8.37 -23.08
N ASN H 244 -42.91 9.34 -22.37
CA ASN H 244 -42.36 9.14 -21.04
C ASN H 244 -42.88 10.29 -20.17
N THR H 245 -44.02 10.07 -19.53
CA THR H 245 -44.71 11.12 -18.78
C THR H 245 -43.82 11.79 -17.73
N PRO H 246 -43.13 11.05 -16.86
CA PRO H 246 -42.54 11.69 -15.67
C PRO H 246 -41.66 12.89 -15.98
N GLU H 247 -41.09 13.00 -17.17
CA GLU H 247 -40.40 14.23 -17.55
C GLU H 247 -40.94 14.77 -18.87
N GLY H 248 -41.30 13.87 -19.78
CA GLY H 248 -41.82 14.29 -21.07
C GLY H 248 -43.08 15.12 -20.97
N ARG H 249 -43.98 14.78 -20.04
CA ARG H 249 -45.24 15.50 -19.95
C ARG H 249 -45.08 16.84 -19.25
N VAL H 250 -44.00 17.05 -18.52
CA VAL H 250 -43.70 18.36 -17.96
C VAL H 250 -43.04 19.26 -19.01
N PHE H 251 -41.96 18.76 -19.60
CA PHE H 251 -41.23 19.52 -20.60
C PHE H 251 -42.13 19.97 -21.74
N ASP H 252 -43.06 19.12 -22.16
CA ASP H 252 -43.88 19.45 -23.33
C ASP H 252 -44.74 20.68 -23.07
N SER H 253 -45.40 20.77 -21.91
CA SER H 253 -46.21 21.95 -21.61
C SER H 253 -45.34 23.20 -21.55
N PHE H 254 -44.06 23.05 -21.21
CA PHE H 254 -43.15 24.19 -21.22
C PHE H 254 -42.93 24.68 -22.64
N GLN H 255 -42.95 23.78 -23.63
CA GLN H 255 -42.92 24.21 -25.02
C GLN H 255 -44.16 25.01 -25.39
N GLN H 256 -45.33 24.60 -24.90
CA GLN H 256 -46.55 25.37 -25.15
C GLN H 256 -46.56 26.70 -24.41
N GLN H 257 -45.48 26.99 -23.68
CA GLN H 257 -45.20 28.33 -23.17
C GLN H 257 -44.17 29.06 -24.03
N LEU H 258 -43.12 28.36 -24.46
CA LEU H 258 -42.10 29.00 -25.28
C LEU H 258 -42.66 29.50 -26.60
N ARG H 259 -43.53 28.72 -27.24
CA ARG H 259 -44.03 29.06 -28.57
C ARG H 259 -45.14 30.10 -28.56
N GLN H 260 -45.45 30.67 -27.39
CA GLN H 260 -46.28 31.88 -27.32
C GLN H 260 -45.39 33.11 -27.48
N SER H 261 -44.86 33.27 -28.70
CA SER H 261 -43.75 34.17 -28.94
C SER H 261 -44.05 35.62 -28.54
N SER H 262 -45.33 36.01 -28.49
CA SER H 262 -45.65 37.38 -28.13
C SER H 262 -45.09 37.75 -26.76
N GLU H 263 -45.20 36.84 -25.80
CA GLU H 263 -44.65 37.09 -24.47
C GLU H 263 -43.14 36.96 -24.45
N LEU H 264 -42.59 36.04 -25.25
CA LEU H 264 -41.13 35.89 -25.31
C LEU H 264 -40.47 37.15 -25.81
N LYS H 265 -41.07 37.84 -26.78
CA LYS H 265 -40.47 39.09 -27.27
C LYS H 265 -40.44 40.14 -26.16
N ALA H 266 -41.51 40.23 -25.38
CA ALA H 266 -41.52 41.16 -24.25
C ALA H 266 -40.43 40.80 -23.25
N MET H 267 -40.27 39.51 -22.97
CA MET H 267 -39.19 39.08 -22.06
C MET H 267 -37.83 39.49 -22.60
N SER H 268 -37.58 39.25 -23.89
CA SER H 268 -36.29 39.59 -24.46
C SER H 268 -36.03 41.09 -24.39
N GLU H 269 -37.03 41.91 -24.71
CA GLU H 269 -36.84 43.36 -24.67
C GLU H 269 -36.60 43.83 -23.24
N ARG H 270 -37.36 43.29 -22.28
CA ARG H 270 -37.17 43.68 -20.89
C ARG H 270 -35.77 43.34 -20.41
N LEU H 271 -35.28 42.15 -20.78
CA LEU H 271 -33.90 41.79 -20.43
C LEU H 271 -32.91 42.71 -21.12
N ARG H 272 -33.22 43.14 -22.34
CA ARG H 272 -32.36 44.10 -23.02
C ARG H 272 -32.26 45.39 -22.21
N VAL H 273 -33.38 45.85 -21.66
CA VAL H 273 -33.38 47.14 -20.96
C VAL H 273 -32.68 47.02 -19.61
N ILE H 274 -32.94 45.94 -18.88
CA ILE H 274 -32.41 45.81 -17.51
C ILE H 274 -30.88 45.82 -17.54
N LEU H 275 -30.28 45.09 -18.46
CA LEU H 275 -28.83 44.96 -18.48
C LEU H 275 -28.13 46.28 -18.82
N SER H 276 -28.85 47.26 -19.35
CA SER H 276 -28.25 48.57 -19.61
C SER H 276 -28.24 49.46 -18.38
N HIS H 277 -28.96 49.09 -17.33
CA HIS H 277 -29.06 49.93 -16.15
C HIS H 277 -27.69 50.08 -15.50
N PRO H 278 -27.37 51.24 -14.92
CA PRO H 278 -26.06 51.42 -14.28
C PRO H 278 -25.72 50.35 -13.25
N SER H 279 -26.69 49.91 -12.44
CA SER H 279 -26.40 49.00 -11.35
C SER H 279 -26.18 47.57 -11.82
N ALA H 280 -26.54 47.24 -13.06
CA ALA H 280 -26.44 45.86 -13.52
C ALA H 280 -25.01 45.36 -13.43
N SER H 281 -24.06 46.11 -13.99
CA SER H 281 -22.68 45.65 -14.06
C SER H 281 -22.07 45.42 -12.69
N ASP H 282 -22.60 46.03 -11.63
CA ASP H 282 -22.08 45.77 -10.30
C ASP H 282 -22.65 44.49 -9.70
N ALA H 283 -23.89 44.15 -10.02
CA ALA H 283 -24.51 42.96 -9.46
C ALA H 283 -23.95 41.69 -10.08
N LEU H 284 -23.67 41.71 -11.38
CA LEU H 284 -23.26 40.53 -12.13
C LEU H 284 -21.96 40.83 -12.87
N ASN H 285 -21.06 39.85 -12.88
CA ASN H 285 -19.81 39.99 -13.62
C ASN H 285 -20.07 39.83 -15.12
N ARG H 286 -18.99 39.81 -15.90
CA ARG H 286 -19.13 39.81 -17.35
C ARG H 286 -19.84 38.56 -17.83
N LEU H 287 -19.37 37.37 -17.40
CA LEU H 287 -19.95 36.13 -17.89
C LEU H 287 -21.44 36.05 -17.59
N GLN H 288 -21.84 36.40 -16.37
CA GLN H 288 -23.25 36.36 -16.03
C GLN H 288 -24.05 37.31 -16.91
N ARG H 289 -23.51 38.50 -17.17
CA ARG H 289 -24.21 39.41 -18.08
C ARG H 289 -24.21 38.92 -19.52
N HIS H 290 -23.45 37.90 -19.90
CA HIS H 290 -23.57 37.31 -21.23
C HIS H 290 -24.65 36.24 -21.26
N ASP H 291 -24.54 35.26 -20.36
CA ASP H 291 -25.53 34.19 -20.32
C ASP H 291 -26.94 34.74 -20.16
N LEU H 292 -27.15 35.60 -19.17
CA LEU H 292 -28.47 36.17 -18.96
C LEU H 292 -28.91 37.04 -20.13
N ARG H 293 -27.98 37.53 -20.95
CA ARG H 293 -28.34 38.36 -22.08
C ARG H 293 -28.94 37.54 -23.23
N TRP H 294 -28.47 36.30 -23.39
CA TRP H 294 -28.85 35.47 -24.52
C TRP H 294 -29.90 34.42 -24.16
N LEU H 295 -30.70 34.65 -23.11
CA LEU H 295 -31.51 33.57 -22.57
C LEU H 295 -32.51 33.05 -23.59
N VAL H 296 -33.32 33.94 -24.17
CA VAL H 296 -34.42 33.48 -25.01
C VAL H 296 -33.87 32.73 -26.23
N LYS H 297 -32.84 33.26 -26.86
CA LYS H 297 -32.28 32.61 -28.03
C LYS H 297 -31.71 31.24 -27.66
N ARG H 298 -30.96 31.15 -26.58
CA ARG H 298 -30.32 29.91 -26.21
C ARG H 298 -31.28 28.94 -25.51
N LEU H 299 -32.52 29.35 -25.29
CA LEU H 299 -33.58 28.43 -24.90
C LEU H 299 -34.30 27.89 -26.12
N VAL H 300 -34.65 28.76 -27.07
CA VAL H 300 -35.34 28.28 -28.27
C VAL H 300 -34.44 27.37 -29.08
N ASP H 301 -33.18 27.76 -29.24
CA ASP H 301 -32.22 26.98 -30.03
C ASP H 301 -31.63 25.82 -29.24
N GLU H 302 -32.22 25.49 -28.10
CA GLU H 302 -31.94 24.25 -27.38
C GLU H 302 -33.16 23.36 -27.30
N SER H 303 -34.35 23.98 -27.24
CA SER H 303 -35.58 23.23 -27.42
C SER H 303 -35.62 22.62 -28.82
N GLN H 304 -35.17 23.37 -29.82
CA GLN H 304 -35.13 22.82 -31.18
C GLN H 304 -34.02 21.81 -31.36
N THR H 305 -33.32 21.41 -30.31
CA THR H 305 -32.44 20.24 -30.33
C THR H 305 -33.01 19.10 -29.49
N VAL H 306 -33.57 19.41 -28.33
CA VAL H 306 -34.19 18.37 -27.52
C VAL H 306 -35.37 17.74 -28.26
N LEU H 307 -36.24 18.58 -28.83
CA LEU H 307 -37.37 18.07 -29.60
C LEU H 307 -36.89 17.31 -30.83
N GLN H 308 -35.82 17.76 -31.47
CA GLN H 308 -35.28 17.03 -32.61
C GLN H 308 -34.82 15.63 -32.20
N ALA H 309 -34.10 15.53 -31.08
CA ALA H 309 -33.66 14.23 -30.61
C ALA H 309 -34.85 13.32 -30.31
N ARG H 310 -35.87 13.87 -29.64
CA ARG H 310 -37.05 13.06 -29.35
C ARG H 310 -37.74 12.60 -30.63
N ALA H 311 -37.87 13.49 -31.61
CA ALA H 311 -38.52 13.12 -32.86
C ALA H 311 -37.75 12.00 -33.57
N ARG H 312 -36.42 12.13 -33.60
CA ARG H 312 -35.62 11.09 -34.26
C ARG H 312 -35.78 9.75 -33.54
N SER H 313 -35.69 9.75 -32.21
CA SER H 313 -35.84 8.51 -31.47
C SER H 313 -37.22 7.90 -31.69
N GLU H 314 -38.27 8.72 -31.66
CA GLU H 314 -39.61 8.21 -31.85
C GLU H 314 -39.78 7.62 -33.24
N ARG H 315 -39.26 8.30 -34.27
CA ARG H 315 -39.37 7.78 -35.63
C ARG H 315 -38.66 6.45 -35.76
N ASP H 316 -37.46 6.35 -35.17
CA ASP H 316 -36.70 5.12 -35.32
C ASP H 316 -37.31 3.96 -34.54
N VAL H 317 -37.93 4.23 -33.40
CA VAL H 317 -38.64 3.15 -32.72
C VAL H 317 -39.89 2.75 -33.49
N ARG H 318 -40.67 3.73 -33.95
CA ARG H 318 -41.87 3.42 -34.73
C ARG H 318 -41.53 2.67 -36.01
N GLY H 319 -40.32 2.82 -36.52
CA GLY H 319 -39.88 2.03 -37.65
C GLY H 319 -39.49 0.63 -37.25
N PHE H 320 -38.89 0.48 -36.06
CA PHE H 320 -38.43 -0.82 -35.62
C PHE H 320 -39.59 -1.78 -35.38
N MET H 321 -40.67 -1.31 -34.77
CA MET H 321 -41.75 -2.21 -34.41
C MET H 321 -42.61 -2.63 -35.59
N LYS H 322 -42.51 -1.94 -36.74
CA LYS H 322 -43.11 -2.50 -37.95
C LYS H 322 -42.41 -3.79 -38.35
N THR H 323 -41.08 -3.80 -38.32
CA THR H 323 -40.33 -5.05 -38.34
C THR H 323 -40.56 -5.79 -37.02
N GLY H 324 -40.44 -7.11 -37.07
CA GLY H 324 -40.79 -7.93 -35.93
C GLY H 324 -42.21 -8.42 -36.02
N LEU H 325 -43.14 -7.52 -36.34
CA LEU H 325 -44.51 -7.94 -36.64
C LEU H 325 -44.53 -8.85 -37.87
N ALA H 326 -43.81 -8.46 -38.92
CA ALA H 326 -43.78 -9.25 -40.15
C ALA H 326 -43.04 -10.57 -39.98
N ALA H 327 -42.29 -10.74 -38.89
CA ALA H 327 -41.46 -11.92 -38.70
C ALA H 327 -41.81 -12.70 -37.45
N GLU H 328 -43.07 -12.64 -37.00
CA GLU H 328 -43.45 -13.36 -35.80
C GLU H 328 -43.81 -14.81 -36.09
N HIS H 329 -44.20 -15.12 -37.32
CA HIS H 329 -44.65 -16.46 -37.68
C HIS H 329 -43.83 -17.10 -38.80
N HIS H 330 -43.39 -16.33 -39.79
CA HIS H 330 -42.42 -16.85 -40.75
C HIS H 330 -41.28 -17.50 -39.98
N ARG H 331 -41.08 -18.81 -40.18
CA ARG H 331 -40.31 -19.58 -39.21
C ARG H 331 -38.95 -18.98 -38.95
N VAL H 332 -38.24 -18.59 -40.00
CA VAL H 332 -36.90 -18.04 -39.81
C VAL H 332 -36.95 -16.83 -38.89
N GLY H 333 -37.99 -16.01 -39.03
CA GLY H 333 -38.16 -14.90 -38.10
C GLY H 333 -38.34 -15.36 -36.66
N HIS H 334 -39.11 -16.43 -36.45
CA HIS H 334 -39.32 -16.93 -35.10
C HIS H 334 -38.01 -17.40 -34.49
N LEU H 335 -37.23 -18.18 -35.25
CA LEU H 335 -35.94 -18.62 -34.74
C LEU H 335 -35.01 -17.44 -34.49
N LEU H 336 -35.08 -16.43 -35.36
CA LEU H 336 -34.24 -15.24 -35.19
C LEU H 336 -34.60 -14.50 -33.91
N ASN H 337 -35.89 -14.37 -33.62
CA ASN H 337 -36.30 -13.74 -32.37
C ASN H 337 -35.82 -14.55 -31.17
N GLU H 338 -35.95 -15.88 -31.24
CA GLU H 338 -35.46 -16.71 -30.13
C GLU H 338 -33.97 -16.50 -29.93
N PHE H 339 -33.21 -16.38 -31.02
CA PHE H 339 -31.78 -16.14 -30.89
C PHE H 339 -31.50 -14.76 -30.30
N LEU H 340 -32.16 -13.73 -30.83
CA LEU H 340 -31.92 -12.36 -30.36
C LEU H 340 -32.17 -12.26 -28.87
N ASN H 341 -33.29 -12.82 -28.40
CA ASN H 341 -33.58 -12.78 -26.97
C ASN H 341 -32.46 -13.43 -26.17
N LEU H 342 -32.00 -14.61 -26.61
CA LEU H 342 -30.95 -15.31 -25.89
C LEU H 342 -29.66 -14.51 -25.87
N ALA H 343 -29.47 -13.57 -26.81
CA ALA H 343 -28.24 -12.81 -26.88
C ALA H 343 -28.06 -11.88 -25.69
N LEU H 344 -29.14 -11.33 -25.14
CA LEU H 344 -29.02 -10.31 -24.11
C LEU H 344 -28.25 -10.82 -22.90
N LYS H 345 -28.44 -12.08 -22.52
CA LYS H 345 -27.78 -12.60 -21.32
C LYS H 345 -26.27 -12.49 -21.39
N LEU H 346 -25.68 -12.51 -22.58
CA LEU H 346 -24.24 -12.50 -22.71
C LEU H 346 -23.65 -11.20 -22.17
N ASP H 347 -22.36 -11.25 -21.82
CA ASP H 347 -21.65 -10.07 -21.34
C ASP H 347 -20.84 -9.45 -22.49
N TRP H 348 -21.53 -8.60 -23.24
CA TRP H 348 -20.95 -8.05 -24.45
C TRP H 348 -19.74 -7.16 -24.19
N GLN H 349 -19.72 -6.46 -23.06
CA GLN H 349 -18.64 -5.50 -22.80
C GLN H 349 -17.27 -6.16 -22.84
N ARG H 350 -17.18 -7.46 -22.56
CA ARG H 350 -15.91 -8.17 -22.58
C ARG H 350 -15.50 -8.41 -24.03
N GLN H 351 -14.37 -7.83 -24.45
CA GLN H 351 -13.94 -7.94 -25.83
C GLN H 351 -13.83 -9.40 -26.26
N MET H 352 -13.39 -10.28 -25.36
CA MET H 352 -13.17 -11.67 -25.74
C MET H 352 -14.48 -12.37 -26.05
N ILE H 353 -15.55 -12.04 -25.32
CA ILE H 353 -16.83 -12.72 -25.54
C ILE H 353 -17.35 -12.44 -26.95
N ARG H 354 -17.22 -11.20 -27.42
CA ARG H 354 -17.74 -10.86 -28.74
C ARG H 354 -16.66 -11.05 -29.80
N LYS H 355 -15.71 -11.94 -29.51
CA LYS H 355 -14.79 -12.44 -30.53
C LYS H 355 -14.80 -13.96 -30.58
N GLN H 356 -15.83 -14.60 -30.01
CA GLN H 356 -16.07 -16.01 -30.24
C GLN H 356 -16.34 -16.25 -31.72
N GLU H 357 -16.39 -17.52 -32.10
CA GLU H 357 -16.56 -17.92 -33.49
C GLU H 357 -17.73 -18.89 -33.59
N VAL H 358 -18.85 -18.39 -34.10
CA VAL H 358 -20.10 -19.16 -34.15
C VAL H 358 -19.99 -20.27 -35.18
N PRO H 359 -20.75 -21.36 -35.04
CA PRO H 359 -20.65 -22.45 -36.01
C PRO H 359 -21.56 -22.26 -37.22
N LEU H 360 -21.55 -21.08 -37.82
CA LEU H 360 -22.32 -20.86 -39.03
C LEU H 360 -21.55 -21.40 -40.24
N PRO H 361 -22.25 -21.79 -41.29
CA PRO H 361 -21.58 -22.41 -42.43
C PRO H 361 -20.82 -21.40 -43.27
N ALA H 362 -20.10 -21.94 -44.26
CA ALA H 362 -19.41 -21.09 -45.23
C ALA H 362 -20.17 -21.11 -46.54
N VAL H 363 -20.51 -19.91 -47.03
CA VAL H 363 -21.14 -19.76 -48.34
C VAL H 363 -20.43 -18.64 -49.08
N GLY H 364 -20.55 -18.66 -50.40
CA GLY H 364 -19.85 -17.69 -51.21
C GLY H 364 -18.35 -17.76 -51.05
N VAL H 365 -17.81 -18.93 -50.74
CA VAL H 365 -16.36 -19.08 -50.58
C VAL H 365 -15.69 -18.70 -51.89
N ALA H 366 -14.82 -17.70 -51.84
CA ALA H 366 -14.20 -17.18 -53.05
C ALA H 366 -12.77 -17.67 -53.16
N VAL H 367 -12.42 -18.19 -54.34
CA VAL H 367 -11.07 -18.62 -54.64
C VAL H 367 -10.43 -17.53 -55.48
N THR H 368 -9.39 -16.90 -54.94
CA THR H 368 -8.67 -15.86 -55.65
C THR H 368 -7.25 -15.80 -55.11
N GLY H 369 -6.38 -15.13 -55.86
CA GLY H 369 -5.00 -15.02 -55.44
C GLY H 369 -4.21 -16.30 -55.62
N ILE H 370 -4.64 -17.18 -56.53
CA ILE H 370 -3.85 -18.36 -56.88
C ILE H 370 -2.42 -17.88 -57.09
N PRO H 371 -1.47 -18.26 -56.24
CA PRO H 371 -0.12 -17.66 -56.30
C PRO H 371 0.76 -18.29 -57.38
N ALA H 372 0.30 -18.23 -58.63
CA ALA H 372 1.14 -18.62 -59.75
C ALA H 372 2.41 -17.79 -59.74
N ILE H 373 3.55 -18.44 -59.89
CA ILE H 373 4.83 -17.73 -59.83
C ILE H 373 4.97 -16.75 -60.98
N GLU H 374 4.31 -17.02 -62.11
CA GLU H 374 4.38 -16.10 -63.25
C GLU H 374 3.84 -14.71 -62.92
N ARG H 375 2.93 -14.60 -61.94
CA ARG H 375 2.20 -13.37 -61.75
C ARG H 375 3.05 -12.23 -61.22
N LEU H 376 4.28 -12.50 -60.79
CA LEU H 376 5.10 -11.47 -60.17
C LEU H 376 5.69 -10.52 -61.20
N ARG H 377 5.94 -9.29 -60.76
CA ARG H 377 6.69 -8.30 -61.51
C ARG H 377 7.60 -7.55 -60.55
N PHE H 378 8.65 -6.95 -61.07
CA PHE H 378 9.68 -6.34 -60.24
C PHE H 378 9.59 -4.82 -60.28
N LYS H 379 10.35 -4.18 -59.39
CA LYS H 379 10.21 -2.75 -59.19
C LYS H 379 10.74 -1.98 -60.39
N GLU H 380 10.04 -0.91 -60.75
CA GLU H 380 10.49 0.01 -61.78
C GLU H 380 11.12 1.23 -61.12
N VAL H 381 12.38 1.50 -61.44
CA VAL H 381 13.14 2.58 -60.82
C VAL H 381 13.41 3.64 -61.88
N ASP H 382 13.10 4.89 -61.54
CA ASP H 382 13.30 5.98 -62.49
C ASP H 382 14.79 6.25 -62.67
N ASP H 383 15.15 6.68 -63.88
CA ASP H 383 16.52 7.06 -64.22
C ASP H 383 16.48 8.46 -64.82
N GLU H 384 16.70 9.46 -63.98
CA GLU H 384 16.62 10.86 -64.37
C GLU H 384 17.98 11.47 -64.68
N ALA H 385 18.93 10.68 -65.15
CA ALA H 385 20.30 11.17 -65.34
C ALA H 385 20.34 12.29 -66.37
N GLU H 386 20.01 11.97 -67.62
CA GLU H 386 20.13 12.91 -68.72
C GLU H 386 19.46 12.30 -69.94
N GLN H 387 19.08 13.16 -70.88
CA GLN H 387 18.41 12.74 -72.10
C GLN H 387 19.27 13.10 -73.30
N THR H 388 19.31 12.21 -74.29
CA THR H 388 20.32 12.26 -75.36
C THR H 388 19.76 12.97 -76.60
N LEU H 389 20.28 14.19 -76.83
CA LEU H 389 20.09 14.82 -78.13
C LEU H 389 20.83 14.07 -79.22
N ASP H 390 22.00 13.52 -78.90
CA ASP H 390 23.00 13.17 -79.90
C ASP H 390 22.40 12.42 -81.08
N LEU H 391 22.44 13.05 -82.25
CA LEU H 391 21.94 12.48 -83.49
C LEU H 391 22.91 12.77 -84.63
N SER H 392 24.20 12.62 -84.37
CA SER H 392 25.20 12.80 -85.41
C SER H 392 24.92 11.88 -86.58
N ASN H 393 25.10 12.39 -87.79
CA ASN H 393 24.69 11.68 -88.99
C ASN H 393 25.61 10.52 -89.35
N HIS H 394 26.65 10.26 -88.58
CA HIS H 394 27.59 9.17 -88.87
C HIS H 394 28.09 9.27 -90.31
N ALA H 395 28.54 10.46 -90.69
CA ALA H 395 29.18 10.65 -91.99
C ALA H 395 30.49 9.87 -92.09
N ALA H 396 31.02 9.38 -90.98
CA ALA H 396 32.22 8.55 -90.96
C ALA H 396 31.97 7.16 -91.54
N ASP H 397 30.81 6.92 -92.15
CA ASP H 397 30.47 5.61 -92.70
C ASP H 397 31.22 5.32 -93.99
N LEU H 398 32.23 6.12 -94.32
CA LEU H 398 33.03 5.87 -95.49
C LEU H 398 33.61 4.46 -95.47
N THR H 399 33.69 3.84 -96.64
CA THR H 399 34.02 2.43 -96.72
C THR H 399 35.40 2.14 -96.13
N GLN H 400 35.46 1.12 -95.27
CA GLN H 400 36.70 0.56 -94.77
C GLN H 400 36.55 -0.97 -94.78
N ILE H 401 36.91 -1.59 -95.90
CA ILE H 401 36.60 -3.00 -96.15
C ILE H 401 37.82 -3.66 -96.79
N GLY H 402 37.87 -4.99 -96.67
CA GLY H 402 39.00 -5.75 -97.17
C GLY H 402 38.89 -6.09 -98.64
N ASP H 403 39.91 -6.81 -99.12
CA ASP H 403 40.02 -7.12 -100.54
C ASP H 403 38.85 -7.94 -101.06
N ASP H 404 38.24 -8.77 -100.21
CA ASP H 404 37.15 -9.61 -100.68
C ASP H 404 36.04 -8.77 -101.32
N PHE H 405 35.60 -7.72 -100.64
CA PHE H 405 34.51 -6.89 -101.14
C PHE H 405 34.84 -6.33 -102.52
N TRP H 406 36.04 -5.74 -102.66
CA TRP H 406 36.38 -5.08 -103.92
C TRP H 406 36.54 -6.10 -105.04
N ASP H 407 37.33 -7.15 -104.81
CA ASP H 407 37.52 -8.15 -105.87
C ASP H 407 36.20 -8.81 -106.26
N ALA H 408 35.26 -8.95 -105.33
CA ALA H 408 33.92 -9.42 -105.69
C ALA H 408 33.19 -8.38 -106.52
N PHE H 409 33.38 -7.10 -106.19
CA PHE H 409 32.68 -6.03 -106.89
C PHE H 409 32.93 -6.06 -108.39
N ASN H 410 34.11 -6.50 -108.80
CA ASN H 410 34.49 -6.59 -110.20
C ASN H 410 34.62 -8.04 -110.64
N GLY H 411 33.81 -8.91 -110.07
CA GLY H 411 33.92 -10.33 -110.35
C GLY H 411 33.66 -10.65 -111.80
N LEU H 412 34.10 -11.84 -112.19
CA LEU H 412 33.94 -12.30 -113.56
C LEU H 412 32.52 -12.06 -114.05
N ASP H 413 32.40 -11.35 -115.17
CA ASP H 413 31.12 -11.15 -115.82
C ASP H 413 30.91 -12.28 -116.82
N ARG H 414 29.96 -13.17 -116.53
CA ARG H 414 29.78 -14.35 -117.35
C ARG H 414 29.39 -13.99 -118.77
N GLU H 415 28.55 -12.97 -118.94
CA GLU H 415 28.11 -12.57 -120.29
C GLU H 415 29.28 -12.07 -121.14
N VAL H 416 30.17 -11.28 -120.54
CA VAL H 416 31.34 -10.81 -121.26
C VAL H 416 32.19 -11.99 -121.72
N LEU H 417 32.37 -12.98 -120.85
CA LEU H 417 33.12 -14.17 -121.21
C LEU H 417 32.42 -14.92 -122.34
N ILE H 418 31.09 -15.02 -122.27
CA ILE H 418 30.34 -15.67 -123.34
C ILE H 418 30.63 -15.01 -124.67
N GLN H 419 30.50 -13.67 -124.71
CA GLN H 419 30.67 -12.95 -125.97
C GLN H 419 32.09 -13.08 -126.49
N GLN H 420 33.08 -12.95 -125.61
CA GLN H 420 34.47 -13.02 -126.05
C GLN H 420 34.80 -14.41 -126.59
N THR H 421 34.35 -15.47 -125.91
CA THR H 421 34.60 -16.81 -126.41
C THR H 421 33.90 -17.06 -127.74
N LEU H 422 32.67 -16.55 -127.89
CA LEU H 422 31.98 -16.70 -129.16
C LEU H 422 32.74 -16.00 -130.29
N GLN H 423 33.26 -14.80 -130.02
CA GLN H 423 34.03 -14.10 -131.04
C GLN H 423 35.31 -14.84 -131.36
N LEU H 424 35.97 -15.40 -130.35
CA LEU H 424 37.19 -16.18 -130.60
C LEU H 424 36.87 -17.39 -131.47
N LEU H 425 35.77 -18.08 -131.17
CA LEU H 425 35.38 -19.24 -131.96
C LEU H 425 35.04 -18.85 -133.38
N ALA H 426 34.42 -17.69 -133.56
CA ALA H 426 34.16 -17.20 -134.91
C ALA H 426 35.46 -16.93 -135.66
N LYS H 427 36.43 -16.29 -135.00
CA LYS H 427 37.68 -15.93 -135.66
C LYS H 427 38.49 -17.16 -136.03
N GLU H 428 38.72 -18.07 -135.08
CA GLU H 428 39.51 -19.26 -135.38
C GLU H 428 38.77 -20.22 -136.29
N ASN H 429 37.47 -20.39 -136.08
CA ASN H 429 36.63 -21.22 -136.94
C ASN H 429 37.19 -22.63 -137.06
N ARG H 430 37.49 -23.24 -135.92
CA ARG H 430 38.03 -24.61 -135.89
C ARG H 430 37.85 -25.15 -134.48
N PRO H 431 37.95 -26.47 -134.30
CA PRO H 431 37.92 -27.03 -132.94
C PRO H 431 39.08 -26.52 -132.10
N VAL H 432 38.77 -25.83 -131.01
CA VAL H 432 39.77 -25.19 -130.17
C VAL H 432 39.58 -25.66 -128.73
N GLY H 433 40.66 -26.14 -128.11
CA GLY H 433 40.59 -26.67 -126.77
C GLY H 433 40.67 -25.60 -125.69
N LEU H 434 40.54 -26.06 -124.45
CA LEU H 434 40.51 -25.13 -123.31
C LEU H 434 41.86 -24.44 -123.11
N ALA H 435 42.96 -25.18 -123.30
CA ALA H 435 44.28 -24.58 -123.10
C ALA H 435 44.49 -23.40 -124.02
N GLU H 436 43.97 -23.48 -125.25
CA GLU H 436 44.09 -22.35 -126.16
C GLU H 436 43.20 -21.19 -125.72
N LEU H 437 42.08 -21.48 -125.06
CA LEU H 437 41.29 -20.41 -124.46
C LEU H 437 42.07 -19.73 -123.35
N ALA H 438 42.83 -20.51 -122.57
CA ALA H 438 43.71 -19.90 -121.57
C ALA H 438 44.79 -19.05 -122.21
N GLU H 439 45.40 -19.54 -123.28
CA GLU H 439 46.47 -18.80 -123.94
C GLU H 439 45.97 -17.51 -124.57
N LEU H 440 44.81 -17.55 -125.23
CA LEU H 440 44.34 -16.42 -126.02
C LEU H 440 43.44 -15.47 -125.23
N LEU H 441 42.80 -15.96 -124.18
CA LEU H 441 41.93 -15.15 -123.32
C LEU H 441 42.37 -15.37 -121.88
N PRO H 442 43.55 -14.88 -121.51
CA PRO H 442 44.09 -15.15 -120.18
C PRO H 442 43.17 -14.61 -119.10
N PRO H 443 42.57 -15.48 -118.29
CA PRO H 443 41.63 -15.02 -117.27
C PRO H 443 42.31 -14.63 -115.97
N ALA H 444 41.64 -13.71 -115.26
CA ALA H 444 42.03 -13.38 -113.88
C ALA H 444 41.25 -14.22 -112.88
N HIS H 445 39.95 -14.39 -113.09
CA HIS H 445 39.14 -15.35 -112.34
C HIS H 445 39.28 -16.74 -112.96
N ASP H 446 40.53 -17.22 -113.02
CA ASP H 446 40.89 -18.35 -113.85
C ASP H 446 39.95 -19.54 -113.72
N LEU H 447 39.73 -20.03 -112.51
CA LEU H 447 39.01 -21.29 -112.34
C LEU H 447 37.52 -21.12 -112.61
N GLU H 448 36.98 -19.95 -112.30
CA GLU H 448 35.61 -19.63 -112.72
C GLU H 448 35.47 -19.69 -114.23
N THR H 449 36.42 -19.07 -114.95
CA THR H 449 36.34 -19.05 -116.41
C THR H 449 36.48 -20.45 -116.98
N PHE H 450 37.36 -21.27 -116.41
CA PHE H 450 37.46 -22.65 -116.88
C PHE H 450 36.15 -23.40 -116.64
N ALA H 451 35.55 -23.22 -115.46
CA ALA H 451 34.26 -23.86 -115.20
C ALA H 451 33.24 -23.46 -116.25
N VAL H 452 33.15 -22.17 -116.54
CA VAL H 452 32.18 -21.69 -117.54
C VAL H 452 32.50 -22.29 -118.90
N TRP H 453 33.79 -22.40 -119.23
CA TRP H 453 34.18 -22.92 -120.53
C TRP H 453 33.78 -24.38 -120.68
N ILE H 454 33.99 -25.20 -119.65
CA ILE H 454 33.54 -26.58 -119.72
C ILE H 454 32.02 -26.63 -119.80
N GLY H 455 31.35 -25.71 -119.09
CA GLY H 455 29.89 -25.68 -119.17
C GLY H 455 29.38 -25.40 -120.56
N MET H 456 30.09 -24.53 -121.30
CA MET H 456 29.64 -24.18 -122.65
C MET H 456 29.46 -25.44 -123.50
N ALA H 457 30.49 -26.28 -123.56
CA ALA H 457 30.43 -27.44 -124.45
C ALA H 457 29.23 -28.30 -124.14
N ARG H 458 29.05 -28.67 -122.88
CA ARG H 458 27.99 -29.61 -122.52
C ARG H 458 26.61 -28.96 -122.63
N GLU H 459 26.53 -27.63 -122.51
CA GLU H 459 25.24 -26.97 -122.73
C GLU H 459 24.77 -27.16 -124.16
N ALA H 460 25.70 -27.29 -125.11
CA ALA H 460 25.37 -27.57 -126.49
C ALA H 460 25.40 -29.05 -126.82
N GLY H 461 25.62 -29.93 -125.85
CA GLY H 461 25.71 -31.35 -126.11
C GLY H 461 27.00 -31.79 -126.73
N ILE H 462 28.10 -31.07 -126.48
CA ILE H 462 29.37 -31.37 -127.12
C ILE H 462 30.18 -32.33 -126.25
N GLU H 463 31.05 -33.09 -126.89
CA GLU H 463 31.82 -34.11 -126.19
C GLU H 463 32.81 -33.49 -125.22
N VAL H 464 32.98 -34.16 -124.07
CA VAL H 464 34.05 -33.87 -123.12
C VAL H 464 34.56 -35.20 -122.58
N ILE H 465 35.88 -35.30 -122.42
CA ILE H 465 36.53 -36.54 -122.01
C ILE H 465 37.19 -36.33 -120.66
N ASP H 466 37.03 -37.30 -119.77
CA ASP H 466 37.53 -37.14 -118.40
C ASP H 466 38.98 -37.59 -118.29
N SER H 467 39.31 -38.76 -118.82
CA SER H 467 40.62 -39.36 -118.59
C SER H 467 41.72 -38.80 -119.47
N GLN H 468 41.39 -38.08 -120.54
CA GLN H 468 42.40 -37.53 -121.44
C GLN H 468 42.91 -36.21 -120.88
N ARG H 469 44.22 -36.05 -120.85
CA ARG H 469 44.84 -34.96 -120.11
C ARG H 469 45.40 -33.89 -121.04
N GLU H 470 45.30 -32.64 -120.59
CA GLU H 470 45.99 -31.51 -121.19
C GLU H 470 46.30 -30.52 -120.08
N PHE H 471 47.15 -29.55 -120.37
CA PHE H 471 47.65 -28.66 -119.33
C PHE H 471 47.69 -27.22 -119.85
N ALA H 472 47.96 -26.31 -118.91
CA ALA H 472 48.09 -24.89 -119.22
C ALA H 472 48.81 -24.20 -118.07
N GLU H 473 49.24 -22.97 -118.32
CA GLU H 473 49.95 -22.16 -117.33
C GLU H 473 49.29 -20.80 -117.23
N LEU H 474 49.21 -20.26 -116.01
CA LEU H 474 48.58 -18.97 -115.76
C LEU H 474 49.35 -18.26 -114.66
N SER H 475 48.98 -17.01 -114.42
CA SER H 475 49.67 -16.16 -113.46
C SER H 475 48.68 -15.23 -112.77
N ASP H 476 49.13 -14.63 -111.68
CA ASP H 476 48.33 -13.71 -110.89
C ASP H 476 48.90 -12.30 -110.98
N GLY H 477 48.21 -11.37 -110.33
CA GLY H 477 48.72 -10.00 -110.27
C GLY H 477 49.98 -9.87 -109.44
N GLU H 478 50.21 -10.82 -108.53
CA GLU H 478 51.38 -10.80 -107.65
C GLU H 478 52.58 -11.52 -108.26
N GLY H 479 52.42 -12.18 -109.40
CA GLY H 479 53.48 -12.97 -109.99
C GLY H 479 53.36 -14.45 -109.76
N ARG H 480 52.54 -14.88 -108.80
CA ARG H 480 52.35 -16.30 -108.54
C ARG H 480 51.75 -16.97 -109.78
N ARG H 481 52.27 -18.15 -110.11
CA ARG H 481 51.87 -18.87 -111.31
C ARG H 481 51.31 -20.24 -110.94
N TRP H 482 50.32 -20.70 -111.71
CA TRP H 482 49.63 -21.94 -111.42
C TRP H 482 49.52 -22.78 -112.69
N ARG H 483 49.69 -24.09 -112.53
CA ARG H 483 49.51 -25.04 -113.61
C ARG H 483 48.16 -25.72 -113.44
N PHE H 484 47.33 -25.68 -114.48
CA PHE H 484 46.00 -26.25 -114.42
C PHE H 484 45.95 -27.49 -115.29
N ASN H 485 45.42 -28.59 -114.74
CA ASN H 485 45.22 -29.84 -115.47
C ASN H 485 43.76 -29.90 -115.88
N LEU H 486 43.52 -30.06 -117.19
CA LEU H 486 42.21 -29.88 -117.79
C LEU H 486 41.80 -31.13 -118.56
N PRO H 487 40.51 -31.27 -118.86
CA PRO H 487 40.05 -32.37 -119.71
C PRO H 487 40.23 -32.06 -121.18
N THR H 488 39.98 -33.08 -122.00
CA THR H 488 40.08 -32.94 -123.45
C THR H 488 38.72 -32.61 -124.04
N THR H 489 38.65 -31.48 -124.75
CA THR H 489 37.41 -31.05 -125.38
C THR H 489 37.74 -30.03 -126.45
N GLY H 490 36.85 -29.96 -127.45
CA GLY H 490 36.98 -28.99 -128.52
C GLY H 490 35.73 -28.15 -128.71
N LEU H 491 35.83 -26.85 -128.44
CA LEU H 491 34.71 -25.96 -128.65
C LEU H 491 34.44 -25.78 -130.14
N GLU H 492 33.18 -25.51 -130.48
CA GLU H 492 32.75 -25.33 -131.86
C GLU H 492 31.93 -24.06 -131.96
N SER H 493 32.22 -23.23 -132.97
CA SER H 493 31.56 -21.94 -133.07
C SER H 493 30.08 -22.09 -133.35
N GLN H 494 29.71 -22.90 -134.34
CA GLN H 494 28.31 -23.02 -134.72
C GLN H 494 27.48 -23.61 -133.58
N ALA H 495 28.00 -24.63 -132.92
CA ALA H 495 27.25 -25.26 -131.83
C ALA H 495 26.96 -24.28 -130.70
N LEU H 496 27.95 -23.49 -130.31
CA LEU H 496 27.74 -22.53 -129.23
C LEU H 496 26.83 -21.38 -129.66
N MET H 497 27.01 -20.87 -130.88
CA MET H 497 26.13 -19.82 -131.37
C MET H 497 24.67 -20.28 -131.41
N ASP H 498 24.43 -21.58 -131.54
CA ASP H 498 23.08 -22.11 -131.58
C ASP H 498 22.45 -22.24 -130.21
N ILE H 499 23.01 -21.59 -129.19
CA ILE H 499 22.52 -21.69 -127.83
C ILE H 499 22.33 -20.29 -127.27
N ASP H 500 21.21 -20.10 -126.55
CA ASP H 500 20.97 -18.90 -125.77
C ASP H 500 21.69 -19.03 -124.44
N TRP H 501 22.36 -17.96 -124.01
CA TRP H 501 23.27 -18.01 -122.89
C TRP H 501 22.78 -17.10 -121.77
N GLU H 502 23.10 -17.48 -120.54
CA GLU H 502 22.70 -16.72 -119.35
C GLU H 502 23.92 -16.19 -118.61
N MET I 1 16.54 -0.85 -120.12
CA MET I 1 16.00 -1.31 -118.81
C MET I 1 15.16 -0.22 -118.17
N ASN I 2 15.58 1.04 -118.30
CA ASN I 2 14.80 2.15 -117.79
C ASN I 2 13.43 2.25 -118.46
N GLN I 3 13.27 1.65 -119.64
CA GLN I 3 11.97 1.66 -120.29
C GLN I 3 10.92 0.94 -119.46
N VAL I 4 11.30 -0.14 -118.78
CA VAL I 4 10.40 -0.81 -117.87
C VAL I 4 10.31 -0.05 -116.55
N SER I 5 11.37 0.70 -116.19
CA SER I 5 11.39 1.41 -114.92
C SER I 5 10.40 2.56 -114.88
N GLY I 6 9.82 2.95 -116.02
CA GLY I 6 8.81 3.99 -116.01
C GLY I 6 7.61 3.68 -115.14
N LEU I 7 7.32 2.40 -114.92
CA LEU I 7 6.21 2.03 -114.04
C LEU I 7 6.46 2.50 -112.61
N ALA I 8 7.69 2.36 -112.13
CA ALA I 8 8.01 2.75 -110.76
C ALA I 8 7.87 4.26 -110.59
N GLY I 9 7.29 4.66 -109.47
CA GLY I 9 7.10 6.07 -109.17
C GLY I 9 5.86 6.66 -109.81
N LYS I 10 5.47 6.12 -110.97
CA LYS I 10 4.30 6.61 -111.69
C LYS I 10 3.01 6.02 -111.09
N GLU I 11 2.93 4.70 -111.04
CA GLU I 11 1.69 4.05 -110.63
C GLU I 11 1.64 3.80 -109.13
N SER I 12 2.76 3.40 -108.53
CA SER I 12 2.78 2.86 -107.18
C SER I 12 3.77 3.59 -106.29
N PHE I 13 3.49 3.57 -104.99
CA PHE I 13 4.47 4.03 -104.00
C PHE I 13 5.71 3.15 -104.05
N ILE I 14 6.87 3.77 -103.86
CA ILE I 14 8.16 3.07 -103.88
C ILE I 14 8.97 3.53 -102.69
N LEU I 15 9.69 2.59 -102.07
CA LEU I 15 10.50 2.93 -100.91
C LEU I 15 11.71 3.76 -101.32
N THR I 16 12.00 4.80 -100.54
CA THR I 16 13.07 5.73 -100.86
C THR I 16 13.97 6.06 -99.68
N ARG I 17 13.56 5.81 -98.44
CA ARG I 17 14.38 6.16 -97.29
C ARG I 17 13.98 5.34 -96.09
N ILE I 18 14.97 5.03 -95.25
CA ILE I 18 14.78 4.38 -93.96
C ILE I 18 15.66 5.11 -92.95
N GLU I 19 15.09 5.44 -91.79
CA GLU I 19 15.79 6.19 -90.75
C GLU I 19 15.71 5.42 -89.45
N LEU I 20 16.87 5.18 -88.84
CA LEU I 20 16.98 4.40 -87.63
C LEU I 20 17.43 5.32 -86.49
N PHE I 21 17.29 4.83 -85.26
CA PHE I 21 17.90 5.49 -84.11
C PHE I 21 17.96 4.47 -82.97
N ASN I 22 19.18 4.14 -82.54
CA ASN I 22 19.38 3.23 -81.43
C ASN I 22 18.62 1.92 -81.64
N TRP I 23 18.68 1.40 -82.86
CA TRP I 23 17.96 0.19 -83.23
C TRP I 23 18.97 -0.90 -83.53
N GLY I 24 19.15 -1.81 -82.58
CA GLY I 24 20.16 -2.84 -82.74
C GLY I 24 21.52 -2.32 -82.35
N GLY I 25 22.47 -2.39 -83.27
CA GLY I 25 23.79 -1.83 -83.08
C GLY I 25 23.96 -0.43 -83.63
N PHE I 26 22.90 0.17 -84.16
CA PHE I 26 22.98 1.49 -84.79
C PHE I 26 22.84 2.58 -83.73
N HIS I 27 23.92 2.79 -83.00
CA HIS I 27 23.95 3.86 -82.01
C HIS I 27 23.80 5.21 -82.69
N GLY I 28 23.07 6.11 -82.05
CA GLY I 28 22.80 7.40 -82.66
C GLY I 28 21.81 7.29 -83.80
N LEU I 29 21.73 8.34 -84.61
CA LEU I 29 20.84 8.37 -85.76
C LEU I 29 21.56 7.87 -87.00
N HIS I 30 20.77 7.37 -87.95
CA HIS I 30 21.29 6.89 -89.22
C HIS I 30 20.23 7.10 -90.29
N GLN I 31 20.60 6.79 -91.54
CA GLN I 31 19.64 6.82 -92.63
C GLN I 31 20.30 6.23 -93.87
N ALA I 32 19.48 5.59 -94.70
CA ALA I 32 19.91 4.99 -95.95
C ALA I 32 18.98 5.41 -97.06
N ALA I 33 19.53 5.56 -98.28
CA ALA I 33 18.77 5.99 -99.43
C ALA I 33 18.47 4.80 -100.34
N ILE I 34 17.24 4.74 -100.83
CA ILE I 34 16.80 3.69 -101.75
C ILE I 34 16.47 4.33 -103.08
N HIS I 35 17.15 3.89 -104.14
CA HIS I 35 16.87 4.39 -105.47
C HIS I 35 15.55 3.81 -105.98
N GLN I 36 14.76 4.65 -106.65
CA GLN I 36 13.43 4.24 -107.08
C GLN I 36 13.46 3.04 -108.00
N ASP I 37 14.58 2.80 -108.69
CA ASP I 37 14.66 1.72 -109.66
C ASP I 37 15.15 0.40 -109.07
N GLY I 38 15.58 0.41 -107.81
CA GLY I 38 16.08 -0.80 -107.18
C GLY I 38 17.38 -0.60 -106.43
N THR I 39 17.52 -1.23 -105.27
CA THR I 39 18.68 -1.08 -104.41
C THR I 39 19.18 -2.45 -103.97
N ALA I 40 20.48 -2.55 -103.73
CA ALA I 40 21.09 -3.75 -103.18
C ALA I 40 21.90 -3.38 -101.94
N VAL I 41 21.66 -4.12 -100.85
CA VAL I 41 22.31 -3.85 -99.57
C VAL I 41 23.35 -4.94 -99.36
N ILE I 42 24.60 -4.51 -99.12
CA ILE I 42 25.72 -5.42 -99.05
C ILE I 42 26.55 -5.12 -97.81
N GLY I 43 27.33 -6.11 -97.40
CA GLY I 43 28.17 -6.00 -96.24
C GLY I 43 28.64 -7.36 -95.78
N PRO I 44 29.61 -7.40 -94.86
CA PRO I 44 30.08 -8.68 -94.33
C PRO I 44 29.00 -9.35 -93.48
N THR I 45 29.20 -10.64 -93.24
CA THR I 45 28.22 -11.41 -92.48
C THR I 45 28.01 -10.80 -91.10
N GLY I 46 26.75 -10.65 -90.72
CA GLY I 46 26.40 -10.14 -89.41
C GLY I 46 26.90 -8.73 -89.17
N SER I 47 26.37 -7.77 -89.92
CA SER I 47 26.74 -6.38 -89.76
C SER I 47 25.55 -5.47 -89.50
N GLY I 48 24.34 -5.88 -89.87
CA GLY I 48 23.17 -5.06 -89.72
C GLY I 48 22.25 -5.02 -90.92
N LYS I 49 22.46 -5.87 -91.92
CA LYS I 49 21.55 -5.91 -93.06
C LYS I 49 20.16 -6.31 -92.63
N THR I 50 20.06 -7.45 -91.92
CA THR I 50 18.75 -7.90 -91.46
C THR I 50 18.24 -7.02 -90.34
N THR I 51 19.14 -6.38 -89.58
CA THR I 51 18.69 -5.38 -88.63
C THR I 51 17.95 -4.26 -89.35
N LEU I 52 18.46 -3.83 -90.51
CA LEU I 52 17.78 -2.80 -91.28
C LEU I 52 16.46 -3.33 -91.85
N VAL I 53 16.48 -4.56 -92.37
CA VAL I 53 15.25 -5.13 -92.93
C VAL I 53 14.16 -5.16 -91.88
N ASP I 54 14.51 -5.56 -90.65
CA ASP I 54 13.52 -5.62 -89.59
C ASP I 54 13.16 -4.24 -89.06
N ALA I 55 14.10 -3.30 -89.08
CA ALA I 55 13.76 -1.91 -88.74
C ALA I 55 12.66 -1.41 -89.66
N LEU I 56 12.75 -1.74 -90.95
CA LEU I 56 11.67 -1.40 -91.87
C LEU I 56 10.42 -2.20 -91.55
N MET I 57 10.57 -3.51 -91.36
CA MET I 57 9.43 -4.42 -91.32
C MET I 57 8.59 -4.27 -90.06
N THR I 58 9.16 -3.73 -88.98
CA THR I 58 8.37 -3.53 -87.77
C THR I 58 7.11 -2.73 -88.07
N LEU I 59 7.20 -1.78 -89.00
CA LEU I 59 6.06 -0.95 -89.33
C LEU I 59 5.02 -1.70 -90.17
N LEU I 60 5.49 -2.50 -91.12
CA LEU I 60 4.59 -3.03 -92.15
C LEU I 60 3.67 -4.11 -91.60
N CYS I 61 4.24 -5.21 -91.13
CA CYS I 61 3.43 -6.36 -90.73
C CYS I 61 2.83 -6.15 -89.35
N ALA I 62 1.69 -6.82 -89.10
CA ALA I 62 1.02 -6.68 -87.82
C ALA I 62 1.83 -7.35 -86.70
N ASN I 63 2.14 -8.63 -86.86
CA ASN I 63 2.93 -9.41 -85.90
C ASN I 63 4.14 -9.95 -86.63
N PRO I 64 5.24 -9.20 -86.67
CA PRO I 64 6.35 -9.56 -87.57
C PRO I 64 7.05 -10.85 -87.17
N ARG I 65 7.77 -11.42 -88.13
CA ARG I 65 8.62 -12.58 -87.91
C ARG I 65 10.06 -12.14 -88.18
N TYR I 66 10.72 -11.63 -87.14
CA TYR I 66 12.05 -11.05 -87.30
C TYR I 66 13.06 -12.13 -87.70
N ASN I 67 14.13 -11.68 -88.37
CA ASN I 67 15.25 -12.54 -88.74
C ASN I 67 14.79 -13.80 -89.44
N LEU I 68 13.67 -13.73 -90.17
CA LEU I 68 13.04 -14.94 -90.69
C LEU I 68 13.97 -15.67 -91.66
N ALA I 69 14.61 -14.93 -92.55
CA ALA I 69 15.35 -15.56 -93.65
C ALA I 69 16.39 -16.55 -93.13
N SER I 70 17.07 -16.20 -92.03
CA SER I 70 18.13 -17.07 -91.53
C SER I 70 17.58 -18.43 -91.11
N THR I 71 16.44 -18.45 -90.42
CA THR I 71 15.89 -19.69 -89.88
C THR I 71 15.42 -20.65 -90.97
N GLY I 72 15.28 -20.18 -92.20
CA GLY I 72 14.83 -21.03 -93.29
C GLY I 72 13.38 -20.85 -93.70
N GLY I 73 12.57 -20.15 -92.90
CA GLY I 73 11.24 -19.78 -93.31
C GLY I 73 10.12 -20.14 -92.36
N HIS I 74 10.40 -20.85 -91.27
CA HIS I 74 9.31 -21.35 -90.44
C HIS I 74 9.26 -20.75 -89.03
N GLU I 75 10.33 -20.11 -88.55
CA GLU I 75 10.34 -19.58 -87.19
C GLU I 75 11.24 -18.37 -87.07
N SER I 76 10.82 -17.43 -86.23
CA SER I 76 11.64 -16.29 -85.85
C SER I 76 12.32 -16.58 -84.51
N ASP I 77 13.38 -15.81 -84.21
CA ASP I 77 14.10 -16.00 -82.96
C ASP I 77 14.54 -14.66 -82.36
N ARG I 78 13.76 -13.60 -82.55
CA ARG I 78 14.01 -12.33 -81.87
C ARG I 78 12.68 -11.65 -81.57
N ASP I 79 12.79 -10.44 -81.01
CA ASP I 79 11.61 -9.67 -80.60
C ASP I 79 11.97 -8.20 -80.58
N LEU I 80 10.94 -7.35 -80.48
CA LEU I 80 11.16 -5.91 -80.53
C LEU I 80 12.07 -5.44 -79.39
N ILE I 81 11.89 -6.00 -78.20
CA ILE I 81 12.65 -5.55 -77.05
C ILE I 81 14.14 -5.79 -77.26
N SER I 82 14.49 -6.96 -77.81
CA SER I 82 15.89 -7.27 -78.03
C SER I 82 16.51 -6.35 -79.08
N TYR I 83 15.69 -5.65 -79.86
CA TYR I 83 16.23 -4.66 -80.79
C TYR I 83 16.33 -3.28 -80.14
N VAL I 84 15.27 -2.84 -79.45
CA VAL I 84 15.31 -1.52 -78.83
C VAL I 84 16.50 -1.42 -77.89
N ARG I 85 16.69 -2.43 -77.04
CA ARG I 85 17.87 -2.48 -76.19
C ARG I 85 19.12 -2.86 -76.98
N GLY I 86 18.96 -3.47 -78.15
CA GLY I 86 20.08 -3.88 -78.97
C GLY I 86 20.89 -4.99 -78.33
N VAL I 87 20.21 -5.97 -77.74
CA VAL I 87 20.88 -7.13 -77.16
C VAL I 87 21.76 -7.75 -78.24
N SER I 88 23.08 -7.76 -78.01
CA SER I 88 24.01 -8.28 -79.00
C SER I 88 23.95 -9.80 -79.11
N GLY I 89 23.62 -10.49 -78.03
CA GLY I 89 23.55 -11.93 -78.03
C GLY I 89 23.05 -12.48 -76.71
N PRO I 90 23.25 -13.78 -76.49
CA PRO I 90 22.81 -14.38 -75.23
C PRO I 90 23.67 -14.02 -74.03
N GLY I 91 24.67 -13.15 -74.20
CA GLY I 91 25.48 -12.72 -73.08
C GLY I 91 26.45 -13.80 -72.63
N ASP I 92 27.25 -13.45 -71.63
CA ASP I 92 28.20 -14.41 -71.06
C ASP I 92 27.52 -15.51 -70.26
N GLY I 93 26.23 -15.38 -69.95
CA GLY I 93 25.51 -16.39 -69.22
C GLY I 93 25.53 -16.24 -67.72
N GLY I 94 26.33 -15.32 -67.20
CA GLY I 94 26.41 -15.12 -65.76
C GLY I 94 25.98 -13.73 -65.36
N GLU I 95 26.80 -13.06 -64.54
CA GLU I 95 26.46 -11.74 -64.05
C GLU I 95 26.56 -10.67 -65.13
N GLY I 96 27.38 -10.89 -66.16
CA GLY I 96 27.75 -9.82 -67.05
C GLY I 96 26.56 -9.15 -67.71
N GLN I 97 26.68 -7.83 -67.89
CA GLN I 97 25.68 -7.04 -68.60
C GLN I 97 26.31 -6.28 -69.77
N SER I 98 27.47 -6.71 -70.25
CA SER I 98 28.15 -6.01 -71.33
C SER I 98 27.42 -6.14 -72.66
N HIS I 99 26.76 -7.27 -72.91
CA HIS I 99 26.16 -7.53 -74.20
C HIS I 99 25.02 -6.57 -74.54
N ILE I 100 24.33 -6.04 -73.54
CA ILE I 100 23.20 -5.14 -73.76
C ILE I 100 23.74 -3.75 -74.03
N ALA I 101 23.15 -3.06 -75.02
CA ALA I 101 23.72 -1.82 -75.50
C ALA I 101 23.24 -0.61 -74.70
N ARG I 102 21.94 -0.52 -74.39
CA ARG I 102 21.34 0.67 -73.80
C ARG I 102 20.51 0.28 -72.59
N PRO I 103 21.16 -0.26 -71.55
CA PRO I 103 20.41 -0.81 -70.41
C PRO I 103 19.53 0.19 -69.70
N GLY I 104 19.89 1.47 -69.68
CA GLY I 104 19.14 2.47 -68.96
C GLY I 104 17.99 3.04 -69.76
N LYS I 105 17.34 4.04 -69.18
CA LYS I 105 16.30 4.79 -69.87
C LYS I 105 16.79 5.20 -71.24
N THR I 106 16.14 4.69 -72.29
CA THR I 106 16.57 4.92 -73.66
C THR I 106 15.36 5.16 -74.54
N VAL I 107 15.60 5.72 -75.72
CA VAL I 107 14.57 6.00 -76.70
C VAL I 107 15.04 5.47 -78.04
N THR I 108 14.08 5.24 -78.94
CA THR I 108 14.36 4.68 -80.25
C THR I 108 13.24 5.06 -81.20
N GLY I 109 13.57 5.21 -82.47
CA GLY I 109 12.58 5.54 -83.47
C GLY I 109 12.97 4.98 -84.82
N ILE I 110 11.96 4.67 -85.62
CA ILE I 110 12.15 4.16 -86.98
C ILE I 110 11.11 4.81 -87.87
N ALA I 111 11.50 5.11 -89.11
CA ALA I 111 10.61 5.74 -90.06
C ALA I 111 11.00 5.33 -91.47
N ALA I 112 10.00 5.15 -92.32
CA ALA I 112 10.21 4.80 -93.72
C ALA I 112 9.49 5.80 -94.59
N THR I 113 10.13 6.21 -95.67
CA THR I 113 9.61 7.22 -96.58
C THR I 113 9.34 6.59 -97.93
N LEU I 114 8.07 6.56 -98.33
CA LEU I 114 7.65 6.06 -99.62
C LEU I 114 7.09 7.21 -100.45
N GLU I 115 7.39 7.18 -101.76
CA GLU I 115 7.10 8.30 -102.63
C GLU I 115 6.39 7.82 -103.88
N ARG I 116 5.34 8.54 -104.28
CA ARG I 116 4.68 8.34 -105.57
C ARG I 116 4.33 9.70 -106.14
N GLU I 117 4.80 9.98 -107.35
CA GLU I 117 4.49 11.22 -108.04
C GLU I 117 4.81 12.42 -107.15
N GLY I 118 5.93 12.35 -106.44
CA GLY I 118 6.35 13.40 -105.54
C GLY I 118 5.71 13.41 -104.18
N LYS I 119 4.49 12.90 -104.04
CA LYS I 119 3.84 12.85 -102.74
C LYS I 119 4.60 11.91 -101.81
N GLN I 120 4.82 12.34 -100.57
CA GLN I 120 5.55 11.58 -99.59
C GLN I 120 4.64 11.16 -98.45
N VAL I 121 4.63 9.86 -98.16
CA VAL I 121 3.99 9.31 -96.97
C VAL I 121 5.09 8.75 -96.08
N ARG I 122 5.29 9.37 -94.92
CA ARG I 122 6.36 9.00 -94.01
C ARG I 122 5.77 8.25 -92.82
N LEU I 123 6.01 6.94 -92.78
CA LEU I 123 5.69 6.13 -91.63
C LEU I 123 6.74 6.34 -90.54
N GLY I 124 6.34 6.15 -89.30
CA GLY I 124 7.21 6.39 -88.17
C GLY I 124 6.79 5.59 -86.97
N ALA I 125 7.68 5.52 -85.98
CA ALA I 125 7.40 4.77 -84.76
C ALA I 125 8.35 5.25 -83.67
N LEU I 126 7.84 5.25 -82.43
CA LEU I 126 8.61 5.66 -81.27
C LEU I 126 8.45 4.62 -80.18
N LEU I 127 9.56 4.27 -79.53
CA LEU I 127 9.58 3.28 -78.46
C LEU I 127 10.57 3.74 -77.42
N TRP I 128 10.23 3.61 -76.13
CA TRP I 128 11.12 4.07 -75.09
C TRP I 128 10.80 3.35 -73.78
N PHE I 129 11.79 3.33 -72.89
CA PHE I 129 11.65 2.81 -71.54
C PHE I 129 11.82 3.95 -70.55
N ASP I 130 11.14 3.86 -69.42
CA ASP I 130 11.35 4.78 -68.31
C ASP I 130 12.18 4.17 -67.20
N SER I 131 12.73 2.97 -67.40
CA SER I 131 13.51 2.30 -66.38
C SER I 131 14.32 1.19 -67.04
N THR I 132 15.01 0.42 -66.20
CA THR I 132 15.77 -0.73 -66.69
C THR I 132 14.87 -1.87 -67.16
N SER I 133 13.60 -1.87 -66.74
CA SER I 133 12.73 -3.00 -67.03
C SER I 133 12.62 -3.23 -68.53
N SER I 134 12.72 -4.49 -68.93
CA SER I 134 12.66 -4.90 -70.33
C SER I 134 11.47 -5.82 -70.58
N SER I 135 10.43 -5.69 -69.76
CA SER I 135 9.20 -6.44 -69.94
C SER I 135 8.26 -5.68 -70.86
N VAL I 136 7.49 -6.44 -71.65
CA VAL I 136 6.75 -5.83 -72.75
C VAL I 136 5.72 -4.82 -72.26
N THR I 137 5.24 -4.98 -71.03
CA THR I 137 4.18 -4.09 -70.53
C THR I 137 4.73 -2.75 -70.05
N ASP I 138 6.04 -2.63 -69.84
CA ASP I 138 6.63 -1.38 -69.42
C ASP I 138 7.21 -0.56 -70.57
N MET I 139 7.44 -1.19 -71.71
CA MET I 139 7.82 -0.45 -72.91
C MET I 139 6.62 0.34 -73.41
N LYS I 140 6.77 1.66 -73.51
CA LYS I 140 5.71 2.53 -73.97
C LYS I 140 5.96 2.93 -75.42
N ARG I 141 4.90 2.84 -76.23
CA ARG I 141 5.01 2.91 -77.68
C ARG I 141 4.15 4.05 -78.20
N LEU I 142 4.48 4.51 -79.40
CA LEU I 142 3.68 5.50 -80.10
C LEU I 142 3.97 5.38 -81.58
N TRP I 143 3.07 4.74 -82.32
CA TRP I 143 3.18 4.60 -83.76
C TRP I 143 2.75 5.92 -84.41
N LEU I 144 3.36 6.24 -85.54
CA LEU I 144 3.09 7.50 -86.23
C LEU I 144 2.94 7.27 -87.72
N PHE I 145 2.00 8.00 -88.31
CA PHE I 145 1.75 7.98 -89.75
C PHE I 145 1.53 9.42 -90.20
N SER I 146 2.09 9.77 -91.35
CA SER I 146 2.02 11.15 -91.82
C SER I 146 2.18 11.19 -93.33
N ASP I 147 1.73 12.30 -93.92
CA ASP I 147 1.90 12.57 -95.35
C ASP I 147 2.43 13.99 -95.58
N ASN I 148 3.07 14.58 -94.57
CA ASN I 148 3.60 15.93 -94.69
C ASN I 148 5.12 15.87 -94.78
N PRO I 149 5.73 16.38 -95.85
CA PRO I 149 7.20 16.26 -95.96
C PRO I 149 7.96 16.86 -94.79
N GLY I 150 7.42 17.91 -94.15
CA GLY I 150 8.13 18.57 -93.08
C GLY I 150 8.31 17.74 -91.83
N GLN I 151 7.42 16.79 -91.58
CA GLN I 151 7.50 15.95 -90.39
C GLN I 151 8.56 14.88 -90.59
N THR I 152 9.57 14.86 -89.72
CA THR I 152 10.70 13.96 -89.88
C THR I 152 10.97 13.24 -88.57
N LEU I 153 11.76 12.17 -88.66
CA LEU I 153 12.10 11.41 -87.46
C LEU I 153 12.94 12.22 -86.49
N GLU I 154 13.88 13.02 -87.01
CA GLU I 154 14.66 13.91 -86.15
C GLU I 154 13.76 14.93 -85.46
N HIS I 155 12.78 15.46 -86.21
CA HIS I 155 11.80 16.37 -85.62
C HIS I 155 11.06 15.68 -84.48
N TRP I 156 10.64 14.43 -84.69
CA TRP I 156 9.91 13.69 -83.67
C TRP I 156 10.80 13.47 -82.44
N LEU I 157 12.06 13.11 -82.66
CA LEU I 157 12.96 12.88 -81.54
C LEU I 157 13.17 14.16 -80.73
N ASN I 158 13.40 15.28 -81.41
CA ASN I 158 13.58 16.54 -80.70
C ASN I 158 12.32 16.89 -79.92
N VAL I 159 11.15 16.73 -80.52
CA VAL I 159 9.90 17.03 -79.83
C VAL I 159 9.77 16.15 -78.59
N TYR I 160 9.94 14.84 -78.75
CA TYR I 160 9.84 13.93 -77.62
C TYR I 160 10.82 14.33 -76.53
N HIS I 161 12.02 14.77 -76.91
CA HIS I 161 12.97 15.24 -75.92
C HIS I 161 12.44 16.46 -75.17
N GLU I 162 11.81 17.40 -75.87
CA GLU I 162 11.22 18.54 -75.18
C GLU I 162 10.15 18.09 -74.20
N GLY I 163 9.33 17.11 -74.58
CA GLY I 163 8.28 16.60 -73.71
C GLY I 163 7.81 15.22 -74.13
N GLY I 164 7.14 14.52 -73.22
CA GLY I 164 6.74 13.14 -73.48
C GLY I 164 5.59 13.01 -74.44
N THR I 165 4.75 11.99 -74.24
CA THR I 165 3.67 11.70 -75.17
C THR I 165 2.72 12.89 -75.31
N ARG I 166 2.39 13.53 -74.20
CA ARG I 166 1.44 14.64 -74.24
C ARG I 166 1.87 15.71 -75.24
N LEU I 167 3.17 16.02 -75.29
CA LEU I 167 3.64 17.01 -76.24
C LEU I 167 3.39 16.56 -77.67
N LEU I 168 3.65 15.29 -77.97
CA LEU I 168 3.41 14.79 -79.32
C LEU I 168 1.92 14.83 -79.66
N ARG I 169 1.06 14.52 -78.69
CA ARG I 169 -0.38 14.61 -78.92
C ARG I 169 -0.80 16.04 -79.19
N GLN I 170 -0.22 17.01 -78.47
CA GLN I 170 -0.51 18.42 -78.78
C GLN I 170 -0.02 18.77 -80.17
N MET I 171 1.17 18.30 -80.54
CA MET I 171 1.68 18.53 -81.88
C MET I 171 0.73 17.96 -82.92
N GLU I 172 0.07 16.83 -82.60
CA GLU I 172 -0.89 16.25 -83.53
C GLU I 172 -2.02 17.21 -83.84
N LYS I 173 -2.57 17.86 -82.81
CA LYS I 173 -3.59 18.88 -83.04
C LYS I 173 -3.01 20.06 -83.81
N GLU I 174 -1.79 20.47 -83.46
CA GLU I 174 -1.21 21.66 -84.08
C GLU I 174 -0.94 21.46 -85.56
N ALA I 175 -0.44 20.31 -85.95
CA ALA I 175 0.12 20.10 -87.28
C ALA I 175 -0.89 19.40 -88.18
N ILE I 176 -0.84 19.74 -89.47
CA ILE I 176 -1.73 19.16 -90.46
C ILE I 176 -1.04 17.97 -91.11
N GLY I 177 -1.85 17.03 -91.62
CA GLY I 177 -1.31 15.87 -92.31
C GLY I 177 -0.49 14.97 -91.42
N LEU I 178 -0.89 14.79 -90.17
CA LEU I 178 -0.18 13.95 -89.23
C LEU I 178 -1.18 13.12 -88.44
N TRP I 179 -0.76 11.92 -88.04
CA TRP I 179 -1.60 11.03 -87.26
C TRP I 179 -0.72 10.24 -86.31
N THR I 180 -1.26 9.91 -85.14
CA THR I 180 -0.57 9.09 -84.15
C THR I 180 -1.56 8.12 -83.53
N TYR I 181 -1.03 7.01 -83.03
CA TYR I 181 -1.87 5.95 -82.49
C TYR I 181 -1.12 5.31 -81.31
N PRO I 182 -1.72 5.26 -80.13
CA PRO I 182 -1.02 4.69 -78.97
C PRO I 182 -0.91 3.18 -79.00
N ASN I 183 -1.52 2.51 -79.97
CA ASN I 183 -1.40 1.06 -80.12
C ASN I 183 -1.39 0.71 -81.60
N LYS I 184 -0.74 -0.41 -81.91
CA LYS I 184 -0.43 -0.74 -83.30
C LYS I 184 -1.68 -1.05 -84.12
N LYS I 185 -2.77 -1.46 -83.48
CA LYS I 185 -3.93 -1.93 -84.24
C LYS I 185 -4.52 -0.83 -85.10
N GLN I 186 -4.78 0.34 -84.50
CA GLN I 186 -5.40 1.43 -85.27
C GLN I 186 -4.43 2.00 -86.30
N TYR I 187 -3.13 1.99 -86.01
CA TYR I 187 -2.15 2.41 -87.01
C TYR I 187 -2.18 1.47 -88.21
N LEU I 188 -2.29 0.15 -87.96
CA LEU I 188 -2.41 -0.79 -89.05
C LEU I 188 -3.71 -0.59 -89.82
N ALA I 189 -4.78 -0.22 -89.11
CA ALA I 189 -6.02 0.14 -89.80
C ALA I 189 -5.80 1.32 -90.72
N ARG I 190 -5.05 2.32 -90.26
CA ARG I 190 -4.73 3.46 -91.10
C ARG I 190 -3.90 3.04 -92.31
N LEU I 191 -2.96 2.11 -92.13
CA LEU I 191 -2.21 1.60 -93.27
C LEU I 191 -3.12 0.90 -94.27
N ARG I 192 -4.07 0.09 -93.78
CA ARG I 192 -5.03 -0.54 -94.67
C ARG I 192 -5.85 0.51 -95.43
N ASP I 193 -6.21 1.59 -94.75
CA ASP I 193 -6.91 2.69 -95.43
C ASP I 193 -6.04 3.28 -96.53
N PHE I 194 -4.80 3.59 -96.21
CA PHE I 194 -3.93 4.28 -97.16
C PHE I 194 -3.61 3.44 -98.39
N PHE I 195 -3.26 2.17 -98.20
CA PHE I 195 -2.88 1.30 -99.31
C PHE I 195 -4.01 0.39 -99.76
N GLU I 196 -5.18 0.47 -99.12
CA GLU I 196 -6.37 -0.25 -99.57
C GLU I 196 -6.09 -1.72 -99.87
N VAL I 197 -5.70 -2.46 -98.83
CA VAL I 197 -5.43 -3.88 -98.96
C VAL I 197 -5.91 -4.58 -97.70
N GLY I 198 -6.41 -5.81 -97.87
CA GLY I 198 -6.75 -6.62 -96.72
C GLY I 198 -5.54 -6.85 -95.83
N GLU I 199 -5.81 -7.06 -94.55
CA GLU I 199 -4.72 -7.10 -93.57
C GLU I 199 -3.73 -8.23 -93.85
N ASN I 200 -4.14 -9.25 -94.60
CA ASN I 200 -3.26 -10.38 -94.86
C ASN I 200 -2.08 -10.01 -95.76
N ALA I 201 -2.21 -8.91 -96.52
CA ALA I 201 -1.20 -8.59 -97.52
C ALA I 201 0.14 -8.30 -96.89
N PHE I 202 0.17 -7.47 -95.85
CA PHE I 202 1.45 -7.12 -95.23
C PHE I 202 2.10 -8.34 -94.57
N THR I 203 1.31 -9.19 -93.90
CA THR I 203 1.87 -10.41 -93.35
C THR I 203 2.44 -11.30 -94.45
N LEU I 204 1.74 -11.36 -95.60
CA LEU I 204 2.28 -12.07 -96.75
C LEU I 204 3.64 -11.51 -97.13
N LEU I 205 3.74 -10.18 -97.18
CA LEU I 205 5.01 -9.55 -97.51
C LEU I 205 6.10 -9.99 -96.54
N ASN I 206 5.81 -9.93 -95.23
CA ASN I 206 6.82 -10.23 -94.23
C ASN I 206 7.34 -11.66 -94.39
N ARG I 207 6.43 -12.63 -94.51
CA ARG I 207 6.87 -14.01 -94.63
C ARG I 207 7.49 -14.27 -96.00
N ALA I 208 7.30 -13.36 -96.95
CA ALA I 208 7.96 -13.47 -98.25
C ALA I 208 9.41 -13.02 -98.19
N ALA I 209 9.81 -12.24 -97.18
CA ALA I 209 11.20 -11.82 -97.07
C ALA I 209 12.15 -13.00 -97.05
N GLY I 210 11.73 -14.12 -96.50
CA GLY I 210 12.48 -15.35 -96.57
C GLY I 210 11.63 -16.43 -97.21
N LEU I 211 11.40 -17.53 -96.50
CA LEU I 211 10.47 -18.55 -96.95
C LEU I 211 10.87 -19.08 -98.33
N LYS I 212 12.08 -19.66 -98.38
CA LYS I 212 12.62 -20.16 -99.63
C LYS I 212 12.17 -21.57 -99.95
N GLN I 213 11.32 -22.16 -99.11
CA GLN I 213 10.95 -23.57 -99.26
C GLN I 213 9.64 -23.76 -100.02
N LEU I 214 8.56 -23.13 -99.55
CA LEU I 214 7.22 -23.42 -100.05
C LEU I 214 6.93 -24.91 -99.89
N ASN I 215 6.86 -25.33 -98.62
CA ASN I 215 6.74 -26.75 -98.32
C ASN I 215 5.36 -27.30 -98.68
N SER I 216 4.35 -26.44 -98.78
CA SER I 216 2.99 -26.90 -99.10
C SER I 216 2.20 -25.72 -99.62
N ILE I 217 1.80 -25.80 -100.90
CA ILE I 217 1.04 -24.72 -101.52
C ILE I 217 -0.27 -24.48 -100.75
N ASP I 218 -0.89 -25.56 -100.27
CA ASP I 218 -2.16 -25.42 -99.57
C ASP I 218 -2.02 -24.51 -98.34
N GLU I 219 -0.97 -24.74 -97.56
CA GLU I 219 -0.77 -23.93 -96.35
C GLU I 219 -0.54 -22.47 -96.69
N ILE I 220 0.29 -22.22 -97.70
CA ILE I 220 0.56 -20.83 -98.10
C ILE I 220 -0.74 -20.15 -98.51
N PHE I 221 -1.49 -20.77 -99.43
CA PHE I 221 -2.68 -20.10 -99.94
C PHE I 221 -3.78 -20.02 -98.89
N ARG I 222 -3.70 -20.85 -97.84
CA ARG I 222 -4.73 -20.79 -96.80
C ARG I 222 -4.40 -19.74 -95.74
N GLU I 223 -3.12 -19.55 -95.43
CA GLU I 223 -2.74 -18.73 -94.29
C GLU I 223 -2.10 -17.40 -94.66
N LEU I 224 -1.63 -17.21 -95.89
CA LEU I 224 -0.85 -16.04 -96.24
C LEU I 224 -1.38 -15.29 -97.46
N VAL I 225 -2.38 -15.83 -98.16
CA VAL I 225 -2.82 -15.24 -99.42
C VAL I 225 -4.30 -14.92 -99.37
N LEU I 226 -5.12 -15.92 -99.10
CA LEU I 226 -6.57 -15.76 -99.16
C LEU I 226 -7.08 -15.01 -97.94
N ASP I 227 -7.89 -13.99 -98.17
CA ASP I 227 -8.40 -13.16 -97.08
C ASP I 227 -9.31 -13.98 -96.17
N ASP I 228 -9.44 -13.51 -94.93
CA ASP I 228 -10.24 -14.20 -93.93
C ASP I 228 -11.70 -13.85 -94.14
N HIS I 229 -12.51 -14.86 -94.44
CA HIS I 229 -13.97 -14.71 -94.53
C HIS I 229 -14.69 -15.81 -93.77
N SER I 230 -14.03 -16.43 -92.80
CA SER I 230 -14.65 -17.50 -92.03
C SER I 230 -15.92 -16.98 -91.36
N ALA I 231 -16.96 -17.81 -91.36
CA ALA I 231 -18.26 -17.44 -90.82
C ALA I 231 -18.39 -17.80 -89.34
N PHE I 232 -17.28 -17.88 -88.60
CA PHE I 232 -17.36 -18.27 -87.20
C PHE I 232 -18.33 -17.40 -86.42
N ASP I 233 -18.30 -16.09 -86.63
CA ASP I 233 -19.22 -15.21 -85.92
C ASP I 233 -20.67 -15.54 -86.26
N ARG I 234 -20.95 -15.82 -87.54
CA ARG I 234 -22.31 -16.16 -87.94
C ARG I 234 -22.75 -17.48 -87.29
N ALA I 235 -21.86 -18.47 -87.24
CA ALA I 235 -22.20 -19.73 -86.60
C ALA I 235 -22.46 -19.54 -85.12
N ALA I 236 -21.64 -18.70 -84.46
CA ALA I 236 -21.88 -18.41 -83.05
C ALA I 236 -23.24 -17.74 -82.86
N GLU I 237 -23.59 -16.80 -83.74
CA GLU I 237 -24.89 -16.16 -83.66
C GLU I 237 -26.01 -17.17 -83.81
N VAL I 238 -25.88 -18.08 -84.77
CA VAL I 238 -26.92 -19.08 -84.99
C VAL I 238 -27.10 -19.95 -83.76
N ALA I 239 -25.99 -20.37 -83.14
CA ALA I 239 -26.08 -21.19 -81.94
C ALA I 239 -26.78 -20.44 -80.82
N ASN I 240 -26.50 -19.14 -80.68
CA ASN I 240 -27.12 -18.35 -79.63
C ASN I 240 -28.63 -18.21 -79.83
N SER I 241 -29.12 -18.39 -81.06
CA SER I 241 -30.55 -18.28 -81.30
C SER I 241 -31.34 -19.34 -80.53
N PHE I 242 -30.70 -20.45 -80.19
CA PHE I 242 -31.34 -21.56 -79.50
C PHE I 242 -31.19 -21.49 -77.99
N ASP I 243 -30.61 -20.40 -77.48
CA ASP I 243 -30.38 -20.30 -76.04
C ASP I 243 -31.69 -20.31 -75.26
N GLY I 244 -32.71 -19.62 -75.77
CA GLY I 244 -33.99 -19.60 -75.08
C GLY I 244 -34.58 -21.00 -74.92
N LEU I 245 -34.49 -21.81 -75.97
CA LEU I 245 -34.97 -23.17 -75.89
C LEU I 245 -34.21 -23.95 -74.82
N THR I 246 -32.89 -23.76 -74.76
CA THR I 246 -32.11 -24.45 -73.74
C THR I 246 -32.55 -24.03 -72.35
N GLU I 247 -32.75 -22.73 -72.12
CA GLU I 247 -33.17 -22.27 -70.80
C GLU I 247 -34.53 -22.84 -70.43
N ILE I 248 -35.48 -22.83 -71.37
CA ILE I 248 -36.81 -23.33 -71.07
C ILE I 248 -36.76 -24.83 -70.77
N HIS I 249 -36.02 -25.59 -71.57
CA HIS I 249 -35.93 -27.03 -71.35
C HIS I 249 -35.28 -27.32 -70.00
N GLN I 250 -34.21 -26.59 -69.67
CA GLN I 250 -33.55 -26.81 -68.39
C GLN I 250 -34.48 -26.48 -67.22
N GLU I 251 -35.26 -25.41 -67.35
CA GLU I 251 -36.23 -25.07 -66.31
C GLU I 251 -37.25 -26.18 -66.13
N LEU I 252 -37.79 -26.70 -67.24
CA LEU I 252 -38.74 -27.81 -67.14
C LEU I 252 -38.09 -29.02 -66.50
N GLU I 253 -36.85 -29.32 -66.88
CA GLU I 253 -36.18 -30.49 -66.34
C GLU I 253 -35.95 -30.35 -64.85
N THR I 254 -35.58 -29.15 -64.40
CA THR I 254 -35.41 -28.92 -62.97
C THR I 254 -36.74 -29.05 -62.24
N ALA I 255 -37.82 -28.55 -62.83
CA ALA I 255 -39.13 -28.72 -62.21
C ALA I 255 -39.47 -30.20 -62.05
N ARG I 256 -39.27 -30.99 -63.10
CA ARG I 256 -39.54 -32.42 -63.01
C ARG I 256 -38.65 -33.09 -61.97
N LYS I 257 -37.38 -32.70 -61.92
CA LYS I 257 -36.47 -33.26 -60.94
C LYS I 257 -36.92 -32.96 -59.52
N GLN I 258 -37.37 -31.73 -59.28
CA GLN I 258 -37.86 -31.36 -57.96
C GLN I 258 -39.11 -32.17 -57.60
N GLN I 259 -40.02 -32.33 -58.56
CA GLN I 259 -41.21 -33.14 -58.32
C GLN I 259 -40.83 -34.56 -57.94
N GLN I 260 -39.93 -35.17 -58.73
CA GLN I 260 -39.50 -36.53 -58.46
C GLN I 260 -38.86 -36.64 -57.07
N SER I 261 -38.02 -35.67 -56.71
CA SER I 261 -37.39 -35.70 -55.40
C SER I 261 -38.41 -35.58 -54.28
N LEU I 262 -39.46 -34.79 -54.48
CA LEU I 262 -40.43 -34.55 -53.42
C LEU I 262 -41.50 -35.64 -53.34
N GLN I 263 -41.61 -36.50 -54.36
CA GLN I 263 -42.58 -37.58 -54.30
C GLN I 263 -42.41 -38.49 -53.09
N PRO I 264 -41.22 -39.06 -52.82
CA PRO I 264 -41.11 -39.96 -51.67
C PRO I 264 -41.42 -39.33 -50.33
N VAL I 265 -41.21 -38.01 -50.19
CA VAL I 265 -41.50 -37.36 -48.92
C VAL I 265 -42.99 -37.50 -48.59
N ALA I 266 -43.86 -37.28 -49.58
CA ALA I 266 -45.29 -37.41 -49.34
C ALA I 266 -45.67 -38.82 -48.94
N LEU I 267 -45.11 -39.82 -49.63
CA LEU I 267 -45.42 -41.21 -49.31
C LEU I 267 -44.99 -41.55 -47.88
N SER I 268 -43.78 -41.12 -47.50
CA SER I 268 -43.30 -41.39 -46.16
C SER I 268 -44.11 -40.65 -45.11
N TRP I 269 -44.55 -39.43 -45.41
CA TRP I 269 -45.44 -38.70 -44.51
C TRP I 269 -46.74 -39.45 -44.31
N GLU I 270 -47.31 -40.00 -45.39
CA GLU I 270 -48.53 -40.77 -45.28
C GLU I 270 -48.31 -42.02 -44.45
N LYS I 271 -47.18 -42.69 -44.65
CA LYS I 271 -46.85 -43.87 -43.85
C LYS I 271 -46.76 -43.50 -42.38
N TYR I 272 -46.12 -42.36 -42.09
CA TYR I 272 -46.00 -41.89 -40.71
C TYR I 272 -47.37 -41.62 -40.10
N GLN I 273 -48.25 -40.98 -40.86
CA GLN I 273 -49.61 -40.74 -40.35
C GLN I 273 -50.33 -42.06 -40.08
N LYS I 274 -50.18 -43.03 -40.98
CA LYS I 274 -50.80 -44.34 -40.78
C LYS I 274 -50.32 -44.96 -39.48
N GLN I 275 -49.01 -45.00 -39.28
CA GLN I 275 -48.47 -45.60 -38.07
C GLN I 275 -48.91 -44.83 -36.83
N GLU I 276 -48.96 -43.49 -36.92
CA GLU I 276 -49.35 -42.68 -35.78
C GLU I 276 -50.79 -42.93 -35.38
N ARG I 277 -51.70 -43.00 -36.36
CA ARG I 277 -53.10 -43.24 -36.02
C ARG I 277 -53.31 -44.66 -35.52
N GLN I 278 -52.56 -45.63 -36.07
CA GLN I 278 -52.60 -46.99 -35.53
C GLN I 278 -52.16 -46.99 -34.07
N LEU I 279 -51.07 -46.27 -33.76
CA LEU I 279 -50.60 -46.20 -32.39
C LEU I 279 -51.62 -45.52 -31.49
N ALA I 280 -52.29 -44.49 -31.99
CA ALA I 280 -53.35 -43.84 -31.21
C ALA I 280 -54.46 -44.84 -30.89
N ASP I 281 -54.90 -45.60 -31.89
CA ASP I 281 -55.94 -46.59 -31.66
C ASP I 281 -55.51 -47.59 -30.60
N TRP I 282 -54.29 -48.12 -30.71
CA TRP I 282 -53.86 -49.16 -29.79
C TRP I 282 -53.54 -48.60 -28.40
N LEU I 283 -53.19 -47.31 -28.32
CA LEU I 283 -53.05 -46.66 -27.03
C LEU I 283 -54.40 -46.50 -26.35
N THR I 284 -55.44 -46.21 -27.13
CA THR I 284 -56.77 -46.07 -26.56
C THR I 284 -57.24 -47.38 -25.92
N LEU I 285 -56.94 -48.50 -26.57
CA LEU I 285 -57.46 -49.79 -26.11
C LEU I 285 -56.94 -50.14 -24.72
N GLU I 286 -55.63 -49.96 -24.49
CA GLU I 286 -55.06 -50.38 -23.23
C GLU I 286 -55.58 -49.56 -22.05
N SER I 287 -56.09 -48.35 -22.31
CA SER I 287 -56.70 -47.57 -21.24
C SER I 287 -58.10 -48.06 -20.91
N LEU I 288 -58.82 -48.59 -21.89
CA LEU I 288 -60.15 -49.14 -21.69
C LEU I 288 -60.14 -50.61 -21.29
N LEU I 289 -58.97 -51.25 -21.29
CA LEU I 289 -58.86 -52.66 -20.89
C LEU I 289 -59.46 -52.94 -19.51
N PRO I 290 -59.23 -52.12 -18.48
CA PRO I 290 -59.85 -52.41 -17.18
C PRO I 290 -61.36 -52.49 -17.23
N LEU I 291 -62.00 -51.65 -18.05
CA LEU I 291 -63.47 -51.57 -18.05
C LEU I 291 -64.10 -52.80 -18.70
N TRP I 292 -63.56 -53.23 -19.84
CA TRP I 292 -64.10 -54.40 -20.52
C TRP I 292 -63.98 -55.64 -19.65
N PHE I 293 -62.79 -55.89 -19.11
CA PHE I 293 -62.59 -57.05 -18.25
C PHE I 293 -63.39 -56.91 -16.97
N ALA I 294 -63.57 -55.69 -16.47
CA ALA I 294 -64.38 -55.48 -15.28
C ALA I 294 -65.83 -55.88 -15.54
N GLN I 295 -66.38 -55.48 -16.69
CA GLN I 295 -67.75 -55.87 -17.02
C GLN I 295 -67.87 -57.38 -17.16
N GLN I 296 -66.90 -58.01 -17.84
CA GLN I 296 -66.96 -59.46 -18.00
C GLN I 296 -66.88 -60.16 -16.65
N ALA I 297 -65.99 -59.70 -15.78
CA ALA I 297 -65.88 -60.28 -14.44
C ALA I 297 -67.16 -60.08 -13.65
N SER I 298 -67.77 -58.89 -13.76
CA SER I 298 -69.03 -58.64 -13.06
C SER I 298 -70.10 -59.62 -13.52
N HIS I 299 -70.23 -59.81 -14.84
CA HIS I 299 -71.23 -60.74 -15.37
C HIS I 299 -70.98 -62.15 -14.87
N LEU I 300 -69.74 -62.62 -14.99
CA LEU I 300 -69.45 -64.01 -14.64
C LEU I 300 -69.59 -64.25 -13.14
N TRP I 301 -69.11 -63.31 -12.32
CA TRP I 301 -69.26 -63.46 -10.87
C TRP I 301 -70.71 -63.32 -10.45
N ARG I 302 -71.52 -62.56 -11.18
CA ARG I 302 -72.95 -62.51 -10.87
C ARG I 302 -73.63 -63.83 -11.21
N GLU I 303 -73.20 -64.48 -12.30
CA GLU I 303 -73.70 -65.82 -12.58
C GLU I 303 -73.29 -66.80 -11.47
N LYS I 304 -72.04 -66.70 -11.02
CA LYS I 304 -71.58 -67.55 -9.92
C LYS I 304 -72.42 -67.31 -8.67
N ILE I 305 -72.71 -66.04 -8.37
CA ILE I 305 -73.53 -65.71 -7.21
C ILE I 305 -74.94 -66.25 -7.40
N ASN I 306 -75.46 -66.22 -8.63
CA ASN I 306 -76.78 -66.76 -8.89
C ASN I 306 -76.84 -68.25 -8.55
N LEU I 307 -75.82 -69.02 -8.99
CA LEU I 307 -75.78 -70.44 -8.66
C LEU I 307 -75.63 -70.65 -7.15
N LEU I 308 -74.71 -69.89 -6.53
CA LEU I 308 -74.41 -70.09 -5.12
C LEU I 308 -75.61 -69.72 -4.24
N ASN I 309 -76.42 -68.74 -4.67
CA ASN I 309 -77.60 -68.38 -3.92
C ASN I 309 -78.56 -69.56 -3.83
N ALA I 310 -78.82 -70.24 -4.95
CA ALA I 310 -79.70 -71.39 -4.94
C ALA I 310 -79.11 -72.52 -4.10
N ARG I 311 -77.81 -72.80 -4.26
CA ARG I 311 -77.21 -73.88 -3.50
C ARG I 311 -77.27 -73.60 -1.99
N LEU I 312 -76.95 -72.36 -1.60
CA LEU I 312 -76.99 -71.98 -0.19
C LEU I 312 -78.42 -72.02 0.34
N ALA I 313 -79.40 -71.62 -0.48
CA ALA I 313 -80.78 -71.69 -0.05
C ALA I 313 -81.21 -73.13 0.20
N GLU I 314 -80.80 -74.05 -0.68
CA GLU I 314 -81.12 -75.45 -0.46
C GLU I 314 -80.47 -75.98 0.82
N ALA I 315 -79.20 -75.64 1.03
CA ALA I 315 -78.51 -76.07 2.24
C ALA I 315 -79.19 -75.51 3.48
N GLN I 316 -79.57 -74.23 3.43
CA GLN I 316 -80.24 -73.61 4.57
C GLN I 316 -81.59 -74.25 4.82
N THR I 317 -82.33 -74.60 3.76
CA THR I 317 -83.59 -75.31 3.94
C THR I 317 -83.38 -76.64 4.65
N SER I 318 -82.37 -77.40 4.21
CA SER I 318 -82.08 -78.67 4.85
C SER I 318 -81.73 -78.47 6.33
N GLU I 319 -80.85 -77.51 6.62
CA GLU I 319 -80.45 -77.27 7.99
C GLU I 319 -81.62 -76.84 8.85
N GLU I 320 -82.48 -75.96 8.33
CA GLU I 320 -83.63 -75.48 9.09
C GLU I 320 -84.62 -76.60 9.35
N GLN I 321 -84.87 -77.46 8.36
CA GLN I 321 -85.76 -78.59 8.57
C GLN I 321 -85.20 -79.52 9.65
N LEU I 322 -83.90 -79.82 9.59
CA LEU I 322 -83.29 -80.69 10.58
C LEU I 322 -83.39 -80.07 11.97
N GLN I 323 -83.09 -78.77 12.08
CA GLN I 323 -83.15 -78.10 13.37
C GLN I 323 -84.56 -78.06 13.92
N SER I 324 -85.55 -77.81 13.06
CA SER I 324 -86.93 -77.78 13.51
C SER I 324 -87.38 -79.14 13.99
N GLN I 325 -87.01 -80.20 13.27
CA GLN I 325 -87.36 -81.54 13.74
C GLN I 325 -86.68 -81.88 15.05
N LEU I 326 -85.42 -81.47 15.21
CA LEU I 326 -84.71 -81.71 16.47
C LEU I 326 -85.39 -80.98 17.62
N ASP I 327 -85.75 -79.71 17.42
CA ASP I 327 -86.40 -78.95 18.47
C ASP I 327 -87.78 -79.53 18.79
N LEU I 328 -88.51 -79.99 17.77
CA LEU I 328 -89.80 -80.62 18.03
C LEU I 328 -89.63 -81.92 18.82
N GLN I 329 -88.58 -82.69 18.51
CA GLN I 329 -88.30 -83.87 19.30
C GLN I 329 -88.01 -83.50 20.75
N LYS I 330 -87.25 -82.42 20.95
CA LYS I 330 -87.06 -81.91 22.31
C LYS I 330 -88.39 -81.44 22.90
N LYS I 331 -89.30 -80.95 22.06
CA LYS I 331 -90.55 -80.41 22.57
C LYS I 331 -91.52 -81.51 22.98
N VAL I 332 -91.35 -82.73 22.43
CA VAL I 332 -92.17 -83.84 22.87
C VAL I 332 -91.93 -84.12 24.35
N VAL I 333 -90.77 -83.71 24.86
CA VAL I 333 -90.50 -83.82 26.29
C VAL I 333 -91.52 -83.03 27.09
N SER I 334 -91.76 -81.77 26.69
CA SER I 334 -92.72 -80.94 27.42
C SER I 334 -94.15 -81.39 27.21
N ASP I 335 -94.47 -81.92 26.02
CA ASP I 335 -95.82 -82.44 25.78
C ASP I 335 -96.13 -83.61 26.69
N CYS I 336 -95.12 -84.46 26.97
CA CYS I 336 -95.33 -85.55 27.91
C CYS I 336 -95.66 -85.01 29.30
N MET I 337 -94.98 -83.94 29.73
CA MET I 337 -95.30 -83.32 31.00
C MET I 337 -96.72 -82.75 31.00
N GLN I 338 -97.12 -82.13 29.89
CA GLN I 338 -98.47 -81.58 29.80
C GLN I 338 -99.52 -82.69 29.91
N ARG I 339 -99.29 -83.82 29.23
CA ARG I 339 -100.22 -84.94 29.33
C ARG I 339 -100.23 -85.50 30.75
N TYR I 340 -99.05 -85.63 31.36
CA TYR I 340 -98.96 -86.11 32.74
C TYR I 340 -99.77 -85.23 33.68
N LEU I 341 -99.73 -83.92 33.48
CA LEU I 341 -100.53 -83.02 34.30
C LEU I 341 -102.01 -83.07 33.94
N GLN I 342 -102.34 -83.37 32.69
CA GLN I 342 -103.73 -83.32 32.23
C GLN I 342 -104.53 -84.52 32.72
N VAL I 343 -103.92 -85.69 32.83
CA VAL I 343 -104.63 -86.90 33.23
C VAL I 343 -105.02 -86.82 34.71
N ASP I 689 -97.83 -99.57 31.73
CA ASP I 689 -98.14 -98.71 30.60
C ASP I 689 -98.97 -97.51 31.02
N SER I 690 -98.86 -97.12 32.30
CA SER I 690 -99.57 -95.96 32.80
C SER I 690 -99.08 -94.70 32.09
N ASP I 691 -99.76 -93.59 32.36
CA ASP I 691 -99.40 -92.33 31.71
C ASP I 691 -97.97 -91.91 32.08
N ALA I 692 -97.60 -92.04 33.36
CA ALA I 692 -96.24 -91.67 33.76
C ALA I 692 -95.21 -92.56 33.10
N SER I 693 -95.47 -93.87 33.03
CA SER I 693 -94.54 -94.77 32.36
C SER I 693 -94.41 -94.44 30.88
N VAL I 694 -95.52 -94.09 30.24
CA VAL I 694 -95.48 -93.70 28.83
C VAL I 694 -94.66 -92.44 28.66
N ALA I 695 -94.84 -91.46 29.55
CA ALA I 695 -94.04 -90.24 29.46
C ALA I 695 -92.56 -90.54 29.61
N LYS I 696 -92.20 -91.37 30.59
CA LYS I 696 -90.80 -91.74 30.78
C LYS I 696 -90.24 -92.43 29.55
N ALA I 697 -90.99 -93.40 29.01
CA ALA I 697 -90.51 -94.14 27.84
C ALA I 697 -90.35 -93.23 26.64
N LYS I 698 -91.30 -92.32 26.41
CA LYS I 698 -91.23 -91.43 25.27
C LYS I 698 -90.09 -90.43 25.41
N LEU I 699 -89.85 -89.92 26.62
CA LEU I 699 -88.72 -89.01 26.82
C LEU I 699 -87.40 -89.73 26.59
N ASP I 700 -87.28 -90.98 27.08
CA ASP I 700 -86.08 -91.76 26.81
C ASP I 700 -85.90 -91.98 25.32
N GLU I 701 -86.99 -92.28 24.61
CA GLU I 701 -86.91 -92.49 23.16
C GLU I 701 -86.46 -91.22 22.45
N ALA I 702 -87.01 -90.07 22.87
CA ALA I 702 -86.64 -88.80 22.26
C ALA I 702 -85.15 -88.51 22.48
N GLN I 703 -84.67 -88.73 23.70
CA GLN I 703 -83.25 -88.50 23.97
C GLN I 703 -82.37 -89.46 23.19
N THR I 704 -82.80 -90.71 23.02
CA THR I 704 -82.05 -91.64 22.18
C THR I 704 -82.00 -91.17 20.73
N ILE I 705 -83.14 -90.71 20.21
CA ILE I 705 -83.20 -90.30 18.81
C ILE I 705 -82.46 -88.98 18.60
N GLU I 706 -82.26 -88.20 19.65
CA GLU I 706 -81.72 -86.85 19.50
C GLU I 706 -80.32 -86.87 18.90
N SER I 707 -79.51 -87.88 19.22
CA SER I 707 -78.10 -87.87 18.83
C SER I 707 -77.93 -87.89 17.31
N GLU I 708 -78.66 -88.78 16.63
CA GLU I 708 -78.51 -88.89 15.19
C GLU I 708 -79.00 -87.63 14.49
N LEU I 709 -80.10 -87.06 14.95
CA LEU I 709 -80.58 -85.80 14.38
C LEU I 709 -79.57 -84.69 14.60
N ASP I 710 -78.95 -84.64 15.78
CA ASP I 710 -77.94 -83.62 16.04
C ASP I 710 -76.75 -83.77 15.12
N LYS I 711 -76.31 -85.01 14.90
CA LYS I 711 -75.17 -85.24 13.99
C LYS I 711 -75.53 -84.85 12.56
N GLN I 712 -76.75 -85.19 12.12
CA GLN I 712 -77.17 -84.80 10.78
C GLN I 712 -77.26 -83.28 10.67
N LEU I 713 -77.71 -82.61 11.72
CA LEU I 713 -77.71 -81.15 11.73
C LEU I 713 -76.30 -80.59 11.67
N ARG I 714 -75.35 -81.23 12.33
CA ARG I 714 -73.96 -80.80 12.23
C ARG I 714 -73.45 -80.92 10.80
N ALA I 715 -73.78 -82.03 10.13
CA ALA I 715 -73.38 -82.18 8.73
C ALA I 715 -74.04 -81.11 7.86
N ALA I 716 -75.32 -80.84 8.11
CA ALA I 716 -76.01 -79.80 7.35
C ALA I 716 -75.37 -78.45 7.57
N ASN I 717 -74.97 -78.16 8.81
CA ASN I 717 -74.29 -76.89 9.10
C ASN I 717 -72.94 -76.83 8.41
N LYS I 718 -72.22 -77.96 8.36
CA LYS I 718 -70.98 -78.01 7.59
C LYS I 718 -71.22 -77.61 6.14
N VAL I 719 -72.23 -78.23 5.51
CA VAL I 719 -72.53 -77.93 4.10
C VAL I 719 -72.92 -76.45 3.96
N THR I 720 -73.76 -75.97 4.87
CA THR I 720 -74.23 -74.59 4.78
C THR I 720 -73.08 -73.60 4.94
N ASN I 721 -72.16 -73.87 5.86
CA ASN I 721 -71.01 -73.00 6.03
C ASN I 721 -70.11 -73.02 4.80
N VAL I 722 -69.90 -74.20 4.20
CA VAL I 722 -69.09 -74.26 2.98
C VAL I 722 -69.73 -73.41 1.89
N LEU I 723 -71.04 -73.56 1.69
CA LEU I 723 -71.73 -72.80 0.67
C LEU I 723 -71.74 -71.31 0.99
N ASP I 724 -71.85 -70.95 2.27
CA ASP I 724 -71.83 -69.54 2.64
C ASP I 724 -70.46 -68.92 2.39
N THR I 725 -69.39 -69.67 2.66
CA THR I 725 -68.05 -69.17 2.33
C THR I 725 -67.91 -69.00 0.82
N GLU I 726 -68.40 -69.96 0.04
CA GLU I 726 -68.36 -69.81 -1.41
C GLU I 726 -69.11 -68.56 -1.86
N LEU I 727 -70.29 -68.34 -1.30
CA LEU I 727 -71.09 -67.17 -1.67
C LEU I 727 -70.39 -65.88 -1.26
N THR I 728 -69.75 -65.88 -0.09
CA THR I 728 -69.02 -64.70 0.34
C THR I 728 -67.87 -64.37 -0.60
N LEU I 729 -67.12 -65.40 -1.02
CA LEU I 729 -66.03 -65.17 -1.95
C LEU I 729 -66.55 -64.65 -3.29
N ALA I 730 -67.63 -65.25 -3.80
CA ALA I 730 -68.20 -64.80 -5.06
C ALA I 730 -68.70 -63.36 -4.95
N ARG I 731 -69.34 -63.02 -3.84
CA ARG I 731 -69.85 -61.67 -3.63
C ARG I 731 -68.70 -60.68 -3.53
N ALA I 732 -67.61 -61.04 -2.87
CA ALA I 732 -66.46 -60.16 -2.80
C ALA I 732 -65.88 -59.91 -4.19
N ALA I 733 -65.73 -60.96 -4.99
CA ALA I 733 -65.22 -60.78 -6.35
C ALA I 733 -66.16 -59.90 -7.18
N GLU I 734 -67.47 -60.14 -7.07
CA GLU I 734 -68.43 -59.33 -7.82
C GLU I 734 -68.39 -57.88 -7.37
N ARG I 735 -68.26 -57.64 -6.06
CA ARG I 735 -68.15 -56.26 -5.58
C ARG I 735 -66.90 -55.59 -6.12
N LYS I 736 -65.78 -56.32 -6.16
CA LYS I 736 -64.56 -55.78 -6.73
C LYS I 736 -64.77 -55.40 -8.20
N ALA I 737 -65.46 -56.26 -8.95
CA ALA I 737 -65.63 -56.01 -10.38
C ALA I 737 -66.71 -54.96 -10.65
N GLN I 738 -67.59 -54.71 -9.68
CA GLN I 738 -68.77 -53.91 -9.92
C GLN I 738 -68.42 -52.45 -10.24
N GLN I 739 -67.78 -51.76 -9.29
CA GLN I 739 -67.54 -50.33 -9.46
C GLN I 739 -66.75 -50.03 -10.73
N THR I 740 -65.80 -50.89 -11.07
CA THR I 740 -65.02 -50.68 -12.29
C THR I 740 -65.90 -50.79 -13.53
N ALA I 741 -66.82 -51.75 -13.56
CA ALA I 741 -67.63 -51.98 -14.76
C ALA I 741 -68.71 -50.91 -14.93
N GLN I 742 -69.12 -50.26 -13.85
CA GLN I 742 -70.24 -49.32 -13.91
C GLN I 742 -69.89 -48.02 -14.62
N GLN I 743 -68.62 -47.81 -14.99
CA GLN I 743 -68.21 -46.54 -15.57
C GLN I 743 -69.06 -46.18 -16.79
N GLY I 744 -69.52 -47.17 -17.55
CA GLY I 744 -70.34 -46.93 -18.71
C GLY I 744 -69.51 -46.66 -19.96
N MET I 745 -70.12 -46.97 -21.11
CA MET I 745 -69.44 -46.84 -22.40
C MET I 745 -70.45 -46.47 -23.48
N LYS I 746 -69.92 -45.98 -24.59
CA LYS I 746 -70.70 -45.72 -25.78
C LYS I 746 -70.69 -46.96 -26.68
N GLU I 747 -71.61 -47.00 -27.64
CA GLU I 747 -71.69 -48.15 -28.53
C GLU I 747 -70.39 -48.35 -29.30
N GLU I 748 -69.85 -47.26 -29.86
CA GLU I 748 -68.61 -47.36 -30.62
C GLU I 748 -67.47 -47.82 -29.73
N GLU I 749 -67.41 -47.33 -28.49
CA GLU I 749 -66.37 -47.77 -27.57
C GLU I 749 -66.47 -49.25 -27.26
N ARG I 750 -67.70 -49.76 -27.07
CA ARG I 750 -67.86 -51.18 -26.79
C ARG I 750 -67.45 -52.02 -27.99
N GLU I 751 -67.82 -51.59 -29.20
CA GLU I 751 -67.37 -52.32 -30.39
C GLU I 751 -65.85 -52.26 -30.53
N LEU I 752 -65.24 -51.15 -30.14
CA LEU I 752 -63.78 -51.04 -30.19
C LEU I 752 -63.12 -52.01 -29.23
N CYS I 753 -63.58 -52.02 -27.97
CA CYS I 753 -63.01 -52.94 -26.99
C CYS I 753 -63.25 -54.39 -27.37
N ALA I 754 -64.33 -54.68 -28.08
CA ALA I 754 -64.60 -56.05 -28.50
C ALA I 754 -63.46 -56.61 -29.34
N SER I 755 -62.70 -55.75 -30.01
CA SER I 755 -61.56 -56.16 -30.79
C SER I 755 -60.32 -56.25 -29.90
N HIS I 756 -59.53 -57.30 -30.10
CA HIS I 756 -58.26 -57.51 -29.39
C HIS I 756 -58.44 -57.81 -27.91
N PHE I 757 -59.67 -58.02 -27.45
CA PHE I 757 -59.91 -58.52 -26.11
C PHE I 757 -60.59 -59.88 -26.18
N PRO I 758 -60.38 -60.75 -25.20
CA PRO I 758 -61.00 -62.07 -25.22
C PRO I 758 -62.37 -62.06 -24.57
N VAL I 759 -63.02 -63.22 -24.61
CA VAL I 759 -64.30 -63.44 -23.94
C VAL I 759 -64.09 -64.55 -22.93
N VAL I 760 -64.29 -64.22 -21.65
CA VAL I 760 -64.06 -65.16 -20.57
C VAL I 760 -65.38 -65.84 -20.21
N THR I 761 -65.28 -67.09 -19.75
CA THR I 761 -66.44 -67.87 -19.35
C THR I 761 -66.43 -68.06 -17.84
N LEU I 762 -67.52 -68.63 -17.33
CA LEU I 762 -67.66 -68.82 -15.90
C LEU I 762 -66.58 -69.76 -15.34
N GLU I 763 -66.30 -70.84 -16.05
CA GLU I 763 -65.25 -71.75 -15.60
C GLU I 763 -63.88 -71.08 -15.61
N GLN I 764 -63.60 -70.26 -16.62
CA GLN I 764 -62.33 -69.55 -16.70
C GLN I 764 -62.31 -68.30 -15.83
N LEU I 765 -63.42 -67.98 -15.17
CA LEU I 765 -63.51 -66.74 -14.41
C LEU I 765 -62.43 -66.59 -13.34
N PRO I 766 -62.09 -67.61 -12.54
CA PRO I 766 -61.05 -67.42 -11.53
C PRO I 766 -59.71 -67.01 -12.11
N ASP I 767 -59.43 -67.35 -13.36
CA ASP I 767 -58.16 -67.03 -14.01
C ASP I 767 -58.22 -65.73 -14.81
N ILE I 768 -59.25 -64.91 -14.60
CA ILE I 768 -59.44 -63.73 -15.44
C ILE I 768 -58.29 -62.74 -15.27
N ARG I 769 -57.71 -62.67 -14.06
CA ARG I 769 -56.57 -61.77 -13.85
C ARG I 769 -55.42 -62.11 -14.78
N ASP I 770 -55.13 -63.41 -14.93
CA ASP I 770 -54.06 -63.83 -15.84
C ASP I 770 -54.36 -63.39 -17.28
N LEU I 771 -55.61 -63.55 -17.71
CA LEU I 771 -55.96 -63.16 -19.07
C LEU I 771 -55.81 -61.65 -19.27
N GLU I 772 -56.27 -60.86 -18.30
CA GLU I 772 -56.15 -59.42 -18.41
C GLU I 772 -54.70 -58.99 -18.47
N ARG I 773 -53.85 -59.60 -17.63
CA ARG I 773 -52.43 -59.29 -17.68
C ARG I 773 -51.81 -59.72 -19.00
N GLN I 774 -52.22 -60.88 -19.52
CA GLN I 774 -51.70 -61.34 -20.81
C GLN I 774 -52.02 -60.37 -21.92
N HIS I 775 -53.25 -59.88 -21.98
CA HIS I 775 -53.61 -58.93 -23.03
C HIS I 775 -53.02 -57.54 -22.79
N GLU I 776 -52.84 -57.14 -21.53
CA GLU I 776 -52.09 -55.93 -21.23
C GLU I 776 -50.69 -56.01 -21.84
N ARG I 777 -50.00 -57.13 -21.58
CA ARG I 777 -48.67 -57.32 -22.16
C ARG I 777 -48.73 -57.37 -23.68
N GLY I 778 -49.73 -58.04 -24.23
CA GLY I 778 -49.85 -58.12 -25.68
C GLY I 778 -49.98 -56.76 -26.33
N ILE I 779 -50.81 -55.90 -25.74
CA ILE I 779 -50.99 -54.56 -26.29
C ILE I 779 -49.73 -53.72 -26.10
N GLN I 780 -49.10 -53.80 -24.92
CA GLN I 780 -47.94 -52.96 -24.66
C GLN I 780 -46.75 -53.36 -25.52
N HIS I 781 -46.53 -54.66 -25.71
CA HIS I 781 -45.43 -55.14 -26.53
C HIS I 781 -45.58 -54.69 -27.97
N GLU I 782 -46.82 -54.60 -28.45
CA GLU I 782 -47.06 -54.09 -29.80
C GLU I 782 -46.91 -52.58 -29.85
N ILE I 783 -47.34 -51.89 -28.79
CA ILE I 783 -47.27 -50.43 -28.78
C ILE I 783 -45.83 -49.95 -28.78
N GLU I 784 -44.95 -50.63 -28.03
CA GLU I 784 -43.55 -50.24 -28.03
C GLU I 784 -42.92 -50.44 -29.40
N ARG I 785 -43.24 -51.56 -30.06
CA ARG I 785 -42.74 -51.78 -31.40
C ARG I 785 -43.25 -50.71 -32.37
N VAL I 786 -44.52 -50.34 -32.24
CA VAL I 786 -45.09 -49.30 -33.10
C VAL I 786 -44.40 -47.96 -32.84
N LYS I 787 -44.07 -47.69 -31.57
CA LYS I 787 -43.32 -46.47 -31.26
C LYS I 787 -41.94 -46.48 -31.92
N ALA I 788 -41.26 -47.63 -31.87
CA ALA I 788 -39.96 -47.73 -32.54
C ALA I 788 -40.10 -47.51 -34.03
N GLU I 789 -41.13 -48.09 -34.64
CA GLU I 789 -41.37 -47.89 -36.06
C GLU I 789 -41.66 -46.42 -36.36
N LEU I 790 -42.41 -45.76 -35.47
CA LEU I 790 -42.68 -44.34 -35.64
C LEU I 790 -41.39 -43.52 -35.61
N HIS I 791 -40.50 -43.84 -34.68
CA HIS I 791 -39.21 -43.14 -34.61
C HIS I 791 -38.40 -43.39 -35.87
N ARG I 792 -38.40 -44.63 -36.36
CA ARG I 792 -37.69 -44.93 -37.60
C ARG I 792 -38.25 -44.12 -38.77
N LEU I 793 -39.58 -44.03 -38.84
CA LEU I 793 -40.19 -43.22 -39.90
C LEU I 793 -39.85 -41.75 -39.73
N ASN I 794 -39.73 -41.28 -38.50
CA ASN I 794 -39.28 -39.91 -38.25
C ASN I 794 -37.89 -39.69 -38.83
N ILE I 795 -36.99 -40.64 -38.60
CA ILE I 795 -35.63 -40.53 -39.13
C ILE I 795 -35.66 -40.54 -40.66
N GLU I 796 -36.47 -41.42 -41.24
CA GLU I 796 -36.58 -41.46 -42.69
C GLU I 796 -37.09 -40.13 -43.23
N LEU I 797 -38.08 -39.54 -42.56
CA LEU I 797 -38.65 -38.28 -43.01
C LEU I 797 -37.61 -37.17 -42.95
N THR I 798 -36.86 -37.08 -41.86
CA THR I 798 -35.86 -36.02 -41.78
C THR I 798 -34.78 -36.22 -42.84
N LYS I 799 -34.36 -37.47 -43.07
CA LYS I 799 -33.37 -37.73 -44.10
C LYS I 799 -33.86 -37.28 -45.48
N ARG I 800 -35.08 -37.69 -45.83
CA ARG I 800 -35.58 -37.36 -47.16
C ARG I 800 -35.89 -35.88 -47.30
N MET I 801 -36.30 -35.22 -46.21
CA MET I 801 -36.47 -33.78 -46.26
C MET I 801 -35.13 -33.08 -46.49
N SER I 802 -34.08 -33.57 -45.85
CA SER I 802 -32.75 -33.00 -46.07
C SER I 802 -32.33 -33.16 -47.53
N GLU I 803 -32.54 -34.35 -48.10
CA GLU I 803 -32.18 -34.55 -49.49
C GLU I 803 -33.01 -33.65 -50.41
N ALA I 804 -34.31 -33.54 -50.15
CA ALA I 804 -35.16 -32.67 -50.96
C ALA I 804 -34.69 -31.23 -50.87
N LYS I 805 -34.33 -30.77 -49.68
CA LYS I 805 -33.70 -29.46 -49.54
C LYS I 805 -32.49 -29.34 -50.46
N ARG I 806 -31.59 -30.35 -50.38
CA ARG I 806 -30.38 -30.29 -51.19
C ARG I 806 -30.71 -30.08 -52.66
N VAL I 807 -31.64 -30.88 -53.20
CA VAL I 807 -31.94 -30.78 -54.62
C VAL I 807 -32.70 -29.50 -54.94
N ASP I 808 -33.67 -29.11 -54.11
CA ASP I 808 -34.63 -28.08 -54.46
C ASP I 808 -33.94 -26.73 -54.57
N THR I 809 -34.53 -25.84 -55.36
CA THR I 809 -33.88 -24.59 -55.76
C THR I 809 -34.60 -23.40 -55.15
N GLY I 810 -34.18 -23.02 -53.95
CA GLY I 810 -34.56 -21.74 -53.38
C GLY I 810 -35.93 -21.66 -52.74
N ALA I 811 -36.90 -22.41 -53.26
CA ALA I 811 -38.25 -22.30 -52.72
C ALA I 811 -38.35 -22.86 -51.31
N LEU I 812 -37.44 -23.76 -50.95
CA LEU I 812 -37.52 -24.41 -49.64
C LEU I 812 -36.64 -23.74 -48.60
N VAL I 813 -36.01 -22.61 -48.95
CA VAL I 813 -35.11 -21.96 -48.01
C VAL I 813 -35.82 -21.51 -46.74
N GLU I 814 -37.14 -21.51 -46.73
CA GLU I 814 -37.90 -21.04 -45.59
C GLU I 814 -38.25 -22.15 -44.62
N ALA I 815 -37.78 -23.38 -44.83
CA ALA I 815 -38.19 -24.52 -44.02
C ALA I 815 -36.98 -25.34 -43.62
N GLY I 816 -37.00 -25.82 -42.38
CA GLY I 816 -35.98 -26.71 -41.87
C GLY I 816 -36.27 -28.16 -42.17
N ALA I 817 -35.57 -29.04 -41.44
CA ALA I 817 -35.70 -30.49 -41.63
C ALA I 817 -36.64 -31.13 -40.63
N ASP I 818 -37.06 -30.40 -39.60
CA ASP I 818 -37.94 -30.94 -38.59
C ASP I 818 -39.33 -31.20 -39.18
N LEU I 819 -40.07 -32.11 -38.55
CA LEU I 819 -41.37 -32.53 -39.07
C LEU I 819 -42.38 -31.38 -39.07
N ASP I 820 -42.09 -30.27 -38.40
CA ASP I 820 -43.03 -29.16 -38.37
C ASP I 820 -43.31 -28.63 -39.77
N ASP I 821 -42.29 -28.60 -40.63
CA ASP I 821 -42.37 -27.92 -41.92
C ASP I 821 -42.82 -28.82 -43.07
N ILE I 822 -43.23 -30.05 -42.80
CA ILE I 822 -43.68 -30.97 -43.84
C ILE I 822 -44.76 -30.33 -44.70
N PRO I 823 -45.71 -29.60 -44.11
CA PRO I 823 -46.76 -28.98 -44.94
C PRO I 823 -46.22 -28.13 -46.07
N VAL I 824 -45.10 -27.42 -45.84
CA VAL I 824 -44.53 -26.61 -46.91
C VAL I 824 -44.06 -27.50 -48.06
N TYR I 825 -43.41 -28.62 -47.74
CA TYR I 825 -42.96 -29.54 -48.79
C TYR I 825 -44.15 -30.09 -49.56
N LEU I 826 -45.20 -30.48 -48.84
CA LEU I 826 -46.38 -31.00 -49.52
C LEU I 826 -47.01 -29.93 -50.42
N GLN I 827 -47.05 -28.69 -49.95
CA GLN I 827 -47.56 -27.61 -50.78
C GLN I 827 -46.69 -27.42 -52.02
N ARG I 828 -45.38 -27.54 -51.87
CA ARG I 828 -44.49 -27.42 -53.03
C ARG I 828 -44.79 -28.51 -54.05
N LEU I 829 -44.95 -29.75 -53.58
CA LEU I 829 -45.25 -30.84 -54.50
C LEU I 829 -46.59 -30.62 -55.19
N GLN I 830 -47.60 -30.17 -54.43
CA GLN I 830 -48.91 -29.89 -55.01
C GLN I 830 -48.81 -28.80 -56.06
N GLU I 831 -48.06 -27.74 -55.77
CA GLU I 831 -47.90 -26.64 -56.72
C GLU I 831 -47.25 -27.12 -58.00
N LEU I 832 -46.17 -27.90 -57.87
CA LEU I 832 -45.50 -28.44 -59.06
C LEU I 832 -46.46 -29.29 -59.88
N THR I 833 -47.16 -30.21 -59.23
CA THR I 833 -48.04 -31.12 -59.96
C THR I 833 -49.18 -30.39 -60.64
N GLU I 834 -49.70 -29.34 -59.99
CA GLU I 834 -50.92 -28.72 -60.49
C GLU I 834 -50.65 -27.62 -61.51
N GLU I 835 -49.80 -26.65 -61.18
CA GLU I 835 -49.72 -25.44 -62.01
C GLU I 835 -48.37 -25.30 -62.70
N ALA I 836 -47.27 -25.30 -61.94
CA ALA I 836 -45.99 -24.92 -62.50
C ALA I 836 -45.55 -25.89 -63.60
N LEU I 837 -45.57 -27.20 -63.30
CA LEU I 837 -45.07 -28.18 -64.25
C LEU I 837 -45.86 -28.16 -65.56
N PRO I 838 -47.19 -28.23 -65.57
CA PRO I 838 -47.90 -28.19 -66.86
C PRO I 838 -47.67 -26.90 -67.63
N GLU I 839 -47.58 -25.76 -66.95
CA GLU I 839 -47.34 -24.50 -67.64
C GLU I 839 -45.96 -24.51 -68.30
N LYS I 840 -44.94 -24.96 -67.57
CA LYS I 840 -43.60 -25.03 -68.14
C LYS I 840 -43.56 -26.00 -69.30
N LEU I 841 -44.25 -27.14 -69.19
CA LEU I 841 -44.28 -28.09 -70.29
C LEU I 841 -44.96 -27.49 -71.51
N ASN I 842 -46.05 -26.76 -71.32
CA ASN I 842 -46.73 -26.12 -72.43
C ASN I 842 -45.80 -25.12 -73.12
N ARG I 843 -45.10 -24.31 -72.32
CA ARG I 843 -44.17 -23.35 -72.90
C ARG I 843 -43.06 -24.06 -73.68
N PHE I 844 -42.52 -25.15 -73.11
CA PHE I 844 -41.44 -25.87 -73.77
C PHE I 844 -41.90 -26.46 -75.09
N LEU I 845 -43.08 -27.09 -75.09
CA LEU I 845 -43.60 -27.69 -76.32
C LEU I 845 -43.85 -26.61 -77.37
N ASP I 846 -44.45 -25.50 -76.98
CA ASP I 846 -44.71 -24.42 -77.91
C ASP I 846 -43.40 -23.91 -78.51
N TYR I 847 -42.40 -23.66 -77.66
CA TYR I 847 -41.12 -23.16 -78.16
C TYR I 847 -40.46 -24.18 -79.10
N LEU I 848 -40.50 -25.46 -78.73
CA LEU I 848 -39.83 -26.48 -79.53
C LEU I 848 -40.47 -26.60 -80.91
N ASN I 849 -41.80 -26.58 -80.97
CA ASN I 849 -42.47 -26.62 -82.27
C ASN I 849 -42.45 -25.26 -82.95
N ARG I 850 -41.98 -24.23 -82.25
CA ARG I 850 -42.03 -22.86 -82.74
C ARG I 850 -40.70 -22.41 -83.33
N SER I 851 -39.63 -23.15 -83.09
CA SER I 851 -38.31 -22.77 -83.58
C SER I 851 -38.06 -23.36 -84.97
N SER I 852 -36.87 -23.07 -85.49
CA SER I 852 -36.46 -23.57 -86.79
C SER I 852 -34.94 -23.57 -86.89
N ASP I 853 -34.43 -24.42 -87.76
CA ASP I 853 -32.99 -24.54 -88.00
C ASP I 853 -32.59 -24.05 -89.40
N ASP I 854 -33.44 -23.25 -90.04
CA ASP I 854 -33.10 -22.74 -91.38
C ASP I 854 -31.83 -21.91 -91.36
N GLY I 855 -31.46 -21.36 -90.21
CA GLY I 855 -30.23 -20.59 -90.13
C GLY I 855 -29.01 -21.39 -90.53
N VAL I 856 -28.97 -22.66 -90.17
CA VAL I 856 -27.85 -23.52 -90.57
C VAL I 856 -27.80 -23.62 -92.10
N THR I 857 -28.96 -23.79 -92.73
CA THR I 857 -29.01 -23.90 -94.19
C THR I 857 -28.54 -22.60 -94.85
N GLN I 858 -28.99 -21.45 -94.34
CA GLN I 858 -28.54 -20.18 -94.88
C GLN I 858 -27.03 -20.02 -94.72
N LEU I 859 -26.51 -20.38 -93.54
CA LEU I 859 -25.08 -20.31 -93.32
C LEU I 859 -24.34 -21.17 -94.34
N LEU I 860 -24.78 -22.41 -94.52
CA LEU I 860 -24.10 -23.32 -95.44
C LEU I 860 -24.15 -22.79 -96.86
N SER I 861 -25.29 -22.24 -97.28
CA SER I 861 -25.40 -21.65 -98.61
C SER I 861 -24.38 -20.53 -98.77
N HIS I 862 -24.24 -19.68 -97.76
CA HIS I 862 -23.26 -18.60 -97.85
C HIS I 862 -21.83 -19.14 -97.85
N ILE I 863 -21.56 -20.25 -97.15
CA ILE I 863 -20.23 -20.85 -97.21
C ILE I 863 -19.92 -21.28 -98.63
N GLU I 864 -20.87 -21.97 -99.27
CA GLU I 864 -20.64 -22.41 -100.64
C GLU I 864 -20.49 -21.22 -101.59
N HIS I 865 -21.28 -20.18 -101.37
CA HIS I 865 -21.16 -18.96 -102.16
C HIS I 865 -19.77 -18.34 -101.99
N GLU I 866 -19.26 -18.32 -100.76
CA GLU I 866 -17.91 -17.82 -100.53
C GLU I 866 -16.88 -18.68 -101.23
N VAL I 867 -17.05 -19.99 -101.25
CA VAL I 867 -16.13 -20.86 -101.98
C VAL I 867 -16.15 -20.50 -103.47
N LEU I 868 -17.34 -20.29 -104.02
CA LEU I 868 -17.44 -19.89 -105.42
C LEU I 868 -16.72 -18.58 -105.67
N VAL I 869 -16.91 -17.60 -104.77
CA VAL I 869 -16.24 -16.31 -104.93
C VAL I 869 -14.73 -16.48 -104.84
N ILE I 870 -14.26 -17.38 -103.98
CA ILE I 870 -12.83 -17.65 -103.88
C ILE I 870 -12.31 -18.17 -105.22
N GLU I 871 -13.00 -19.15 -105.79
CA GLU I 871 -12.56 -19.68 -107.08
C GLU I 871 -12.56 -18.60 -108.15
N GLU I 872 -13.61 -17.78 -108.19
CA GLU I 872 -13.65 -16.66 -109.14
C GLU I 872 -12.45 -15.76 -108.95
N ARG I 873 -12.09 -15.47 -107.70
CA ARG I 873 -11.01 -14.53 -107.41
C ARG I 873 -9.68 -15.06 -107.92
N LEU I 874 -9.45 -16.36 -107.78
CA LEU I 874 -8.13 -16.91 -108.08
C LEU I 874 -7.86 -16.98 -109.58
N ASN I 875 -8.88 -16.87 -110.43
CA ASN I 875 -8.62 -16.83 -111.86
C ASN I 875 -8.04 -15.49 -112.29
N GLU I 876 -8.18 -14.45 -111.46
CA GLU I 876 -7.42 -13.22 -111.69
C GLU I 876 -5.93 -13.48 -111.51
N LEU I 877 -5.57 -14.20 -110.46
CA LEU I 877 -4.16 -14.56 -110.25
C LEU I 877 -3.66 -15.45 -111.37
N ASN I 878 -4.50 -16.39 -111.83
CA ASN I 878 -4.09 -17.24 -112.96
C ASN I 878 -3.84 -16.40 -114.20
N GLU I 879 -4.68 -15.41 -114.45
CA GLU I 879 -4.47 -14.52 -115.57
C GLU I 879 -3.18 -13.73 -115.43
N THR I 880 -2.90 -13.23 -114.22
CA THR I 880 -1.69 -12.45 -114.00
C THR I 880 -0.44 -13.28 -114.26
N MET I 881 -0.44 -14.53 -113.80
CA MET I 881 0.68 -15.41 -114.05
C MET I 881 0.82 -15.74 -115.54
N PHE I 882 -0.29 -15.69 -116.28
CA PHE I 882 -0.25 -15.97 -117.70
C PHE I 882 0.48 -14.88 -118.48
N ARG I 883 0.77 -13.74 -117.84
CA ARG I 883 1.47 -12.66 -118.51
C ARG I 883 2.98 -12.76 -118.38
N VAL I 884 3.49 -13.70 -117.59
CA VAL I 884 4.91 -13.82 -117.32
C VAL I 884 5.31 -15.27 -117.50
N ASP I 885 6.49 -15.48 -118.11
CA ASP I 885 6.98 -16.83 -118.32
C ASP I 885 7.66 -17.37 -117.06
N PHE I 886 7.23 -18.55 -116.61
CA PHE I 886 7.97 -19.25 -115.56
C PHE I 886 9.25 -19.84 -116.11
N GLN I 887 9.21 -20.35 -117.33
CA GLN I 887 10.35 -20.89 -118.04
C GLN I 887 10.29 -20.40 -119.47
N PRO I 888 11.36 -20.57 -120.24
CA PRO I 888 11.38 -20.02 -121.61
C PRO I 888 10.13 -20.29 -122.42
N ASP I 889 9.42 -21.39 -122.16
CA ASP I 889 8.20 -21.72 -122.91
C ASP I 889 7.12 -22.28 -122.00
N ARG I 890 7.12 -21.93 -120.71
CA ARG I 890 6.15 -22.48 -119.77
C ARG I 890 5.71 -21.40 -118.79
N TYR I 891 4.53 -21.61 -118.21
CA TYR I 891 3.98 -20.74 -117.19
C TYR I 891 3.28 -21.60 -116.14
N LEU I 892 2.59 -20.96 -115.21
CA LEU I 892 1.98 -21.64 -114.08
C LEU I 892 0.51 -21.29 -113.96
N ARG I 893 -0.27 -22.27 -113.46
CA ARG I 893 -1.69 -22.11 -113.24
C ARG I 893 -2.09 -22.93 -112.01
N LEU I 894 -3.08 -22.43 -111.28
CA LEU I 894 -3.52 -23.04 -110.02
C LEU I 894 -4.81 -23.81 -110.25
N ASP I 895 -4.83 -25.06 -109.75
CA ASP I 895 -5.98 -25.94 -109.90
C ASP I 895 -6.63 -26.14 -108.54
N THR I 896 -7.96 -26.07 -108.50
CA THR I 896 -8.72 -26.17 -107.27
C THR I 896 -9.62 -27.39 -107.31
N LYS I 897 -9.62 -28.16 -106.22
CA LYS I 897 -10.49 -29.31 -106.06
C LYS I 897 -11.45 -29.05 -104.91
N LYS I 898 -12.69 -29.50 -105.07
CA LYS I 898 -13.64 -29.45 -103.96
C LYS I 898 -13.42 -30.64 -103.05
N VAL I 899 -13.19 -30.38 -101.77
CA VAL I 899 -12.96 -31.43 -100.77
C VAL I 899 -13.96 -31.21 -99.64
N VAL I 900 -14.88 -32.16 -99.47
CA VAL I 900 -15.88 -32.10 -98.43
C VAL I 900 -15.36 -32.88 -97.23
N HIS I 901 -15.10 -32.18 -96.13
CA HIS I 901 -14.53 -32.82 -94.96
C HIS I 901 -15.59 -33.58 -94.19
N GLU I 902 -15.15 -34.56 -93.40
CA GLU I 902 -16.09 -35.40 -92.66
C GLU I 902 -17.01 -34.58 -91.78
N SER I 903 -16.54 -33.43 -91.29
CA SER I 903 -17.36 -32.62 -90.39
C SER I 903 -18.64 -32.16 -91.07
N LEU I 904 -18.53 -31.65 -92.30
CA LEU I 904 -19.72 -31.21 -93.00
C LEU I 904 -20.66 -32.38 -93.29
N ARG I 905 -20.08 -33.55 -93.60
CA ARG I 905 -20.93 -34.72 -93.84
C ARG I 905 -21.71 -35.11 -92.59
N THR I 906 -21.04 -35.10 -91.43
CA THR I 906 -21.74 -35.43 -90.19
C THR I 906 -22.79 -34.37 -89.86
N LEU I 907 -22.49 -33.09 -90.11
CA LEU I 907 -23.49 -32.06 -89.87
C LEU I 907 -24.68 -32.23 -90.80
N GLU I 908 -24.44 -32.65 -92.04
CA GLU I 908 -25.55 -32.93 -92.96
C GLU I 908 -26.38 -34.11 -92.45
N LYS I 909 -25.71 -35.14 -91.93
CA LYS I 909 -26.44 -36.26 -91.38
C LYS I 909 -27.32 -35.83 -90.21
N ALA I 910 -26.77 -34.98 -89.33
CA ALA I 910 -27.58 -34.46 -88.23
C ALA I 910 -28.72 -33.59 -88.74
N GLN I 911 -28.47 -32.84 -89.83
CA GLN I 911 -29.53 -32.05 -90.44
C GLN I 911 -30.68 -32.95 -90.89
N ARG I 912 -30.36 -34.04 -91.58
CA ARG I 912 -31.38 -34.98 -92.01
C ARG I 912 -32.10 -35.59 -90.81
N GLN I 913 -31.35 -35.97 -89.78
CA GLN I 913 -31.95 -36.54 -88.58
C GLN I 913 -32.96 -35.59 -87.97
N LEU I 914 -32.58 -34.33 -87.80
CA LEU I 914 -33.50 -33.34 -87.24
C LEU I 914 -34.71 -33.16 -88.15
N ASN I 915 -34.48 -33.02 -89.45
CA ASN I 915 -35.58 -32.80 -90.38
C ASN I 915 -36.60 -33.94 -90.32
N ALA I 916 -36.12 -35.17 -90.15
CA ALA I 916 -37.03 -36.31 -90.10
C ALA I 916 -37.62 -36.51 -88.71
N ALA I 917 -36.97 -35.96 -87.67
CA ALA I 917 -37.39 -36.21 -86.30
C ALA I 917 -38.41 -35.22 -85.79
N ARG I 918 -38.79 -34.22 -86.59
CA ARG I 918 -39.75 -33.22 -86.12
C ARG I 918 -41.09 -33.84 -85.76
N PHE I 919 -41.44 -34.96 -86.39
CA PHE I 919 -42.82 -35.44 -86.40
C PHE I 919 -43.11 -36.54 -85.38
N VAL I 920 -42.09 -37.07 -84.70
CA VAL I 920 -42.33 -38.17 -83.79
C VAL I 920 -43.26 -37.73 -82.66
N ASP I 921 -44.08 -38.66 -82.19
CA ASP I 921 -45.12 -38.36 -81.21
C ASP I 921 -44.57 -38.62 -79.81
N ASP I 922 -44.29 -37.54 -79.09
CA ASP I 922 -43.86 -37.61 -77.70
C ASP I 922 -43.89 -36.19 -77.13
N ASN I 923 -43.34 -36.04 -75.93
CA ASN I 923 -43.32 -34.74 -75.27
C ASN I 923 -42.33 -33.76 -75.91
N GLY I 924 -41.72 -34.10 -77.04
CA GLY I 924 -40.68 -33.30 -77.65
C GLY I 924 -39.29 -33.77 -77.34
N GLU I 925 -39.15 -34.75 -76.45
CA GLU I 925 -37.84 -35.27 -76.05
C GLU I 925 -36.91 -35.51 -77.23
N SER I 926 -37.31 -36.38 -78.16
CA SER I 926 -36.41 -36.76 -79.25
C SER I 926 -36.12 -35.61 -80.20
N HIS I 927 -37.12 -34.78 -80.49
CA HIS I 927 -36.88 -33.61 -81.33
C HIS I 927 -35.84 -32.69 -80.71
N TYR I 928 -35.96 -32.45 -79.40
CA TYR I 928 -34.99 -31.61 -78.71
C TYR I 928 -33.62 -32.27 -78.70
N LYS I 929 -33.57 -33.58 -78.51
CA LYS I 929 -32.30 -34.30 -78.58
C LYS I 929 -31.62 -34.05 -79.92
N ALA I 930 -32.36 -34.23 -81.02
CA ALA I 930 -31.79 -34.04 -82.34
C ALA I 930 -31.33 -32.60 -82.53
N LEU I 931 -32.19 -31.64 -82.15
CA LEU I 931 -31.83 -30.24 -82.33
C LEU I 931 -30.55 -29.90 -81.58
N GLN I 932 -30.46 -30.33 -80.32
CA GLN I 932 -29.28 -30.03 -79.52
C GLN I 932 -28.04 -30.70 -80.10
N VAL I 933 -28.17 -31.95 -80.55
CA VAL I 933 -27.02 -32.63 -81.14
C VAL I 933 -26.61 -31.99 -82.47
N LEU I 934 -27.51 -31.25 -83.12
CA LEU I 934 -27.10 -30.46 -84.27
C LEU I 934 -26.25 -29.27 -83.82
N VAL I 935 -26.79 -28.47 -82.90
CA VAL I 935 -26.08 -27.26 -82.46
C VAL I 935 -24.74 -27.61 -81.85
N ALA I 936 -24.65 -28.79 -81.22
CA ALA I 936 -23.40 -29.19 -80.57
C ALA I 936 -22.24 -29.19 -81.55
N GLN I 937 -22.50 -29.52 -82.82
CA GLN I 937 -21.45 -29.43 -83.82
C GLN I 937 -21.01 -27.99 -84.04
N LEU I 938 -21.95 -27.05 -84.02
CA LEU I 938 -21.60 -25.65 -84.18
C LEU I 938 -20.68 -25.19 -83.06
N ARG I 939 -21.08 -25.42 -81.80
CA ARG I 939 -20.30 -24.93 -80.68
C ARG I 939 -18.90 -25.56 -80.66
N ASP I 940 -18.84 -26.88 -80.78
CA ASP I 940 -17.56 -27.57 -80.73
C ASP I 940 -16.63 -27.04 -81.81
N ALA I 941 -17.14 -26.81 -83.02
CA ALA I 941 -16.32 -26.22 -84.06
C ALA I 941 -15.89 -24.82 -83.69
N CYS I 942 -16.80 -24.02 -83.13
CA CYS I 942 -16.48 -22.62 -82.85
C CYS I 942 -15.46 -22.50 -81.73
N GLU I 943 -15.30 -23.52 -80.90
CA GLU I 943 -14.40 -23.41 -79.76
C GLU I 943 -12.98 -23.84 -80.11
N ARG I 944 -12.84 -24.94 -80.85
CA ARG I 944 -11.53 -25.40 -81.31
C ARG I 944 -11.24 -24.83 -82.69
N ASN I 945 -11.77 -23.63 -82.96
CA ASN I 945 -11.66 -23.01 -84.28
C ASN I 945 -10.23 -22.95 -84.80
N ARG I 946 -9.23 -23.14 -83.94
CA ARG I 946 -7.83 -23.17 -84.36
C ARG I 946 -7.36 -24.58 -84.67
N THR I 947 -8.26 -25.46 -85.09
CA THR I 947 -7.94 -26.84 -85.45
C THR I 947 -8.55 -27.17 -86.80
N LEU I 948 -7.99 -28.19 -87.45
CA LEU I 948 -8.32 -28.44 -88.86
C LEU I 948 -9.80 -28.74 -89.06
N GLY I 949 -10.42 -29.48 -88.15
CA GLY I 949 -11.82 -29.85 -88.35
C GLY I 949 -12.75 -28.66 -88.36
N ALA I 950 -12.63 -27.79 -87.35
CA ALA I 950 -13.51 -26.63 -87.28
C ALA I 950 -13.29 -25.71 -88.48
N LYS I 951 -12.04 -25.55 -88.90
CA LYS I 951 -11.75 -24.75 -90.08
C LYS I 951 -12.39 -25.36 -91.32
N ALA I 952 -12.22 -26.67 -91.50
CA ALA I 952 -12.83 -27.34 -92.63
C ALA I 952 -14.34 -27.13 -92.65
N LEU I 953 -14.97 -27.06 -91.47
CA LEU I 953 -16.41 -26.82 -91.43
C LEU I 953 -16.74 -25.37 -91.77
N LEU I 954 -16.18 -24.43 -91.02
CA LEU I 954 -16.67 -23.04 -91.02
C LEU I 954 -15.70 -22.05 -91.64
N ASP I 955 -14.79 -22.48 -92.51
CA ASP I 955 -13.86 -21.57 -93.17
C ASP I 955 -13.89 -21.83 -94.67
N PRO I 956 -14.38 -20.90 -95.49
CA PRO I 956 -14.50 -21.19 -96.94
C PRO I 956 -13.20 -21.58 -97.61
N ARG I 957 -12.08 -20.93 -97.30
CA ARG I 957 -10.84 -21.22 -98.03
C ARG I 957 -10.17 -22.49 -97.57
N PHE I 958 -10.79 -23.25 -96.66
CA PHE I 958 -10.33 -24.59 -96.31
C PHE I 958 -11.16 -25.68 -96.95
N ARG I 959 -12.11 -25.33 -97.81
CA ARG I 959 -12.88 -26.31 -98.57
C ARG I 959 -12.25 -26.62 -99.92
N LEU I 960 -11.20 -25.90 -100.31
CA LEU I 960 -10.50 -26.14 -101.57
C LEU I 960 -9.07 -26.56 -101.28
N GLU I 961 -8.66 -27.71 -101.79
CA GLU I 961 -7.26 -28.07 -101.86
C GLU I 961 -6.65 -27.39 -103.09
N PHE I 962 -5.38 -27.01 -102.96
CA PHE I 962 -4.71 -26.22 -103.98
C PHE I 962 -3.51 -26.98 -104.55
N ALA I 963 -3.15 -26.63 -105.78
CA ALA I 963 -2.01 -27.25 -106.44
C ALA I 963 -1.50 -26.31 -107.52
N VAL I 964 -0.20 -26.36 -107.77
CA VAL I 964 0.45 -25.57 -108.81
C VAL I 964 0.85 -26.51 -109.93
N SER I 965 0.49 -26.14 -111.16
CA SER I 965 0.79 -26.95 -112.33
C SER I 965 1.45 -26.09 -113.40
N VAL I 966 2.50 -26.62 -114.01
CA VAL I 966 3.15 -25.95 -115.12
C VAL I 966 2.29 -26.15 -116.37
N MET I 967 2.39 -25.23 -117.31
CA MET I 967 1.59 -25.24 -118.52
C MET I 967 2.49 -24.97 -119.72
N ASP I 968 2.29 -25.75 -120.78
CA ASP I 968 3.00 -25.49 -122.03
C ASP I 968 2.41 -24.26 -122.72
N ARG I 969 3.27 -23.34 -123.12
CA ARG I 969 2.80 -22.10 -123.73
C ARG I 969 2.04 -22.38 -125.02
N GLN I 970 2.57 -23.29 -125.84
CA GLN I 970 2.02 -23.50 -127.19
C GLN I 970 0.70 -24.27 -127.14
N SER I 971 0.74 -25.50 -126.63
CA SER I 971 -0.42 -26.38 -126.68
C SER I 971 -1.37 -26.20 -125.51
N GLY I 972 -0.89 -25.65 -124.39
CA GLY I 972 -1.69 -25.57 -123.20
C GLY I 972 -1.79 -26.86 -122.41
N ASN I 973 -1.02 -27.88 -122.78
CA ASN I 973 -1.06 -29.15 -122.07
C ASN I 973 -0.45 -29.00 -120.68
N VAL I 974 -1.05 -29.70 -119.71
CA VAL I 974 -0.55 -29.64 -118.34
C VAL I 974 0.75 -30.41 -118.24
N ILE I 975 1.70 -29.85 -117.50
CA ILE I 975 3.04 -30.42 -117.35
C ILE I 975 3.47 -30.28 -115.90
N GLU I 976 4.09 -31.33 -115.37
CA GLU I 976 4.67 -31.35 -114.03
C GLU I 976 3.75 -30.68 -113.02
N SER I 977 2.54 -31.20 -112.88
CA SER I 977 1.66 -30.79 -111.79
C SER I 977 2.27 -31.19 -110.46
N ARG I 978 2.05 -30.35 -109.45
CA ARG I 978 2.63 -30.56 -108.13
C ARG I 978 1.81 -29.82 -107.09
N THR I 979 1.95 -30.25 -105.84
CA THR I 979 1.43 -29.53 -104.68
C THR I 979 2.59 -29.43 -103.68
N GLY I 980 2.95 -28.19 -103.33
CA GLY I 980 4.17 -27.99 -102.57
C GLY I 980 5.39 -28.28 -103.42
N SER I 981 6.56 -27.83 -102.98
CA SER I 981 7.80 -28.00 -103.73
C SER I 981 8.62 -29.20 -103.27
N GLN I 982 8.02 -30.10 -102.49
CA GLN I 982 8.76 -31.26 -102.00
C GLN I 982 9.40 -32.01 -103.16
N GLY I 983 10.55 -32.63 -102.87
CA GLY I 983 11.26 -33.43 -103.84
C GLY I 983 12.13 -32.64 -104.79
N GLY I 984 11.89 -31.33 -104.92
CA GLY I 984 12.69 -30.54 -105.81
C GLY I 984 14.09 -30.27 -105.27
N SER I 985 14.93 -29.73 -106.14
CA SER I 985 16.27 -29.33 -105.72
C SER I 985 16.20 -28.01 -104.97
N GLY I 986 17.36 -27.59 -104.45
CA GLY I 986 17.41 -26.33 -103.72
C GLY I 986 17.03 -25.15 -104.59
N GLY I 987 17.72 -24.99 -105.72
CA GLY I 987 17.43 -23.87 -106.60
C GLY I 987 16.06 -23.96 -107.24
N GLU I 988 15.63 -25.17 -107.59
CA GLU I 988 14.29 -25.34 -108.14
C GLU I 988 13.23 -24.90 -107.15
N LYS I 989 13.37 -25.31 -105.90
CA LYS I 989 12.45 -24.89 -104.85
C LYS I 989 12.49 -23.37 -104.69
N GLU I 990 13.69 -22.80 -104.71
CA GLU I 990 13.81 -21.36 -104.54
C GLU I 990 13.08 -20.61 -105.63
N ILE I 991 13.29 -21.01 -106.89
CA ILE I 991 12.63 -20.32 -108.00
C ILE I 991 11.13 -20.51 -107.92
N ILE I 992 10.67 -21.74 -107.64
CA ILE I 992 9.24 -22.00 -107.59
C ILE I 992 8.59 -21.11 -106.52
N ALA I 993 9.15 -21.12 -105.31
CA ALA I 993 8.58 -20.36 -104.22
C ALA I 993 8.61 -18.87 -104.53
N SER I 994 9.74 -18.37 -105.02
CA SER I 994 9.83 -16.95 -105.30
C SER I 994 8.80 -16.53 -106.35
N TYR I 995 8.70 -17.29 -107.44
CA TYR I 995 7.74 -16.94 -108.49
C TYR I 995 6.32 -16.95 -107.95
N VAL I 996 5.93 -18.04 -107.26
CA VAL I 996 4.55 -18.16 -106.81
C VAL I 996 4.22 -17.05 -105.82
N LEU I 997 5.11 -16.83 -104.85
CA LEU I 997 4.84 -15.84 -103.81
C LEU I 997 4.82 -14.44 -104.38
N THR I 998 5.73 -14.13 -105.31
CA THR I 998 5.75 -12.80 -105.91
C THR I 998 4.50 -12.55 -106.74
N ALA I 999 4.05 -13.54 -107.51
CA ALA I 999 2.81 -13.37 -108.26
C ALA I 999 1.64 -13.16 -107.33
N SER I 1000 1.56 -13.94 -106.26
CA SER I 1000 0.47 -13.80 -105.30
C SER I 1000 0.49 -12.42 -104.67
N LEU I 1001 1.67 -11.95 -104.26
CA LEU I 1001 1.78 -10.63 -103.65
C LEU I 1001 1.40 -9.54 -104.63
N SER I 1002 1.85 -9.67 -105.88
CA SER I 1002 1.52 -8.67 -106.90
C SER I 1002 0.01 -8.58 -107.09
N TYR I 1003 -0.66 -9.72 -107.14
CA TYR I 1003 -2.11 -9.68 -107.22
C TYR I 1003 -2.71 -9.03 -105.96
N ALA I 1004 -2.21 -9.40 -104.79
CA ALA I 1004 -2.84 -8.98 -103.55
C ALA I 1004 -2.80 -7.46 -103.39
N LEU I 1005 -1.69 -6.84 -103.77
CA LEU I 1005 -1.50 -5.41 -103.55
C LEU I 1005 -2.16 -4.54 -104.61
N CYS I 1006 -2.76 -5.13 -105.62
CA CYS I 1006 -3.50 -4.35 -106.61
C CYS I 1006 -4.88 -4.00 -106.05
N PRO I 1007 -5.21 -2.72 -105.92
CA PRO I 1007 -6.58 -2.38 -105.48
C PRO I 1007 -7.60 -2.89 -106.48
N ALA I 1008 -8.79 -3.21 -105.97
CA ALA I 1008 -9.83 -3.76 -106.82
C ALA I 1008 -10.07 -2.86 -108.02
N GLY I 1009 -10.09 -3.46 -109.21
CA GLY I 1009 -10.23 -2.71 -110.44
C GLY I 1009 -8.98 -2.03 -110.92
N SER I 1010 -7.80 -2.42 -110.43
CA SER I 1010 -6.54 -1.84 -110.84
C SER I 1010 -5.54 -2.95 -111.17
N ARG I 1011 -4.68 -2.68 -112.15
CA ARG I 1011 -3.73 -3.67 -112.62
C ARG I 1011 -2.34 -3.52 -112.01
N TYR I 1012 -2.07 -2.41 -111.32
CA TYR I 1012 -0.76 -2.17 -110.72
C TYR I 1012 -0.88 -2.04 -109.21
N PRO I 1013 0.01 -2.68 -108.45
CA PRO I 1013 -0.12 -2.63 -106.99
C PRO I 1013 0.15 -1.24 -106.45
N LEU I 1014 -0.73 -0.77 -105.57
CA LEU I 1014 -0.54 0.55 -104.97
C LEU I 1014 0.73 0.59 -104.13
N PHE I 1015 1.15 -0.55 -103.59
CA PHE I 1015 2.40 -0.68 -102.85
C PHE I 1015 3.33 -1.56 -103.68
N GLY I 1016 4.56 -1.09 -103.88
CA GLY I 1016 5.44 -1.72 -104.85
C GLY I 1016 6.71 -2.35 -104.31
N THR I 1017 7.06 -2.04 -103.06
CA THR I 1017 8.35 -2.46 -102.51
C THR I 1017 8.25 -3.88 -101.97
N ILE I 1018 9.09 -4.76 -102.49
CA ILE I 1018 9.15 -6.16 -102.06
C ILE I 1018 10.59 -6.48 -101.69
N ILE I 1019 10.79 -6.95 -100.46
CA ILE I 1019 12.11 -7.30 -99.96
C ILE I 1019 12.47 -8.70 -100.43
N LEU I 1020 13.76 -9.03 -100.36
CA LEU I 1020 14.24 -10.40 -100.54
C LEU I 1020 15.56 -10.52 -99.79
N ASP I 1021 15.51 -11.11 -98.60
CA ASP I 1021 16.69 -11.33 -97.78
C ASP I 1021 17.31 -12.68 -98.13
N GLU I 1022 18.65 -12.72 -98.17
CA GLU I 1022 19.34 -13.87 -98.75
C GLU I 1022 18.76 -14.12 -100.14
N ALA I 1023 18.71 -13.07 -100.96
CA ALA I 1023 17.90 -13.10 -102.17
C ALA I 1023 18.18 -14.33 -103.02
N PHE I 1024 19.44 -14.68 -103.20
CA PHE I 1024 19.82 -15.74 -104.12
C PHE I 1024 20.84 -16.69 -103.51
N SER I 1025 20.65 -17.09 -102.26
CA SER I 1025 21.65 -17.90 -101.57
C SER I 1025 21.81 -19.29 -102.16
N ARG I 1026 20.85 -19.74 -102.98
CA ARG I 1026 20.88 -21.09 -103.52
C ARG I 1026 20.74 -21.14 -105.03
N SER I 1027 20.74 -20.00 -105.72
CA SER I 1027 20.43 -19.94 -107.14
C SER I 1027 21.62 -19.40 -107.92
N SER I 1028 22.02 -20.13 -108.96
CA SER I 1028 23.04 -19.64 -109.88
C SER I 1028 22.47 -18.50 -110.71
N HIS I 1029 23.33 -17.88 -111.52
CA HIS I 1029 22.89 -16.76 -112.35
C HIS I 1029 21.75 -17.17 -113.27
N ALA I 1030 21.81 -18.39 -113.81
CA ALA I 1030 20.77 -18.84 -114.73
C ALA I 1030 19.38 -18.78 -114.12
N VAL I 1031 19.27 -18.98 -112.81
CA VAL I 1031 17.98 -18.93 -112.13
C VAL I 1031 17.69 -17.54 -111.58
N ALA I 1032 18.72 -16.86 -111.08
CA ALA I 1032 18.51 -15.53 -110.50
C ALA I 1032 18.06 -14.54 -111.57
N GLY I 1033 18.56 -14.70 -112.80
CA GLY I 1033 18.11 -13.84 -113.87
C GLY I 1033 16.62 -13.99 -114.14
N ARG I 1034 16.14 -15.23 -114.18
CA ARG I 1034 14.70 -15.46 -114.34
C ARG I 1034 13.92 -14.91 -113.15
N ILE I 1035 14.46 -15.07 -111.94
CA ILE I 1035 13.82 -14.51 -110.77
C ILE I 1035 13.65 -13.00 -110.94
N ILE I 1036 14.72 -12.33 -111.36
CA ILE I 1036 14.69 -10.88 -111.52
C ILE I 1036 13.67 -10.49 -112.59
N ALA I 1037 13.68 -11.21 -113.72
CA ALA I 1037 12.78 -10.88 -114.81
C ALA I 1037 11.33 -11.02 -114.39
N ALA I 1038 11.00 -12.12 -113.70
CA ALA I 1038 9.63 -12.30 -113.23
C ALA I 1038 9.27 -11.24 -112.19
N LEU I 1039 10.22 -10.94 -111.29
CA LEU I 1039 9.96 -9.96 -110.24
C LEU I 1039 9.64 -8.59 -110.83
N ARG I 1040 10.41 -8.16 -111.83
CA ARG I 1040 10.15 -6.88 -112.48
C ARG I 1040 8.89 -6.94 -113.34
N GLU I 1041 8.60 -8.11 -113.92
CA GLU I 1041 7.41 -8.24 -114.76
C GLU I 1041 6.14 -7.98 -113.97
N PHE I 1042 6.07 -8.47 -112.74
CA PHE I 1042 4.89 -8.32 -111.91
C PHE I 1042 4.74 -6.90 -111.36
N GLY I 1043 5.56 -5.96 -111.81
CA GLY I 1043 5.38 -4.55 -111.48
C GLY I 1043 5.99 -4.11 -110.17
N LEU I 1044 6.68 -5.00 -109.46
CA LEU I 1044 7.24 -4.64 -108.17
C LEU I 1044 8.64 -4.03 -108.35
N HIS I 1045 8.99 -3.13 -107.44
CA HIS I 1045 10.36 -2.65 -107.29
C HIS I 1045 11.01 -3.41 -106.15
N ALA I 1046 12.14 -4.03 -106.42
CA ALA I 1046 12.69 -5.05 -105.55
C ALA I 1046 13.94 -4.54 -104.83
N VAL I 1047 13.91 -4.62 -103.51
CA VAL I 1047 15.08 -4.38 -102.67
C VAL I 1047 15.72 -5.73 -102.39
N PHE I 1048 17.04 -5.82 -102.53
CA PHE I 1048 17.77 -7.07 -102.37
C PHE I 1048 18.81 -6.93 -101.27
N ILE I 1049 19.06 -8.04 -100.57
CA ILE I 1049 20.11 -8.14 -99.56
C ILE I 1049 20.99 -9.33 -99.92
N THR I 1050 22.31 -9.13 -99.88
CA THR I 1050 23.24 -10.22 -100.12
C THR I 1050 24.49 -9.96 -99.30
N PRO I 1051 25.03 -10.99 -98.62
CA PRO I 1051 26.26 -10.81 -97.83
C PRO I 1051 27.51 -10.96 -98.69
N ASN I 1052 27.62 -10.14 -99.72
CA ASN I 1052 28.71 -10.18 -100.68
C ASN I 1052 28.67 -11.41 -101.57
N LYS I 1053 27.50 -11.76 -102.11
CA LYS I 1053 27.38 -12.84 -103.09
C LYS I 1053 26.68 -12.35 -104.35
N GLU I 1054 27.19 -12.79 -105.50
CA GLU I 1054 26.58 -12.48 -106.81
C GLU I 1054 26.41 -10.97 -107.00
N MET I 1055 27.34 -10.20 -106.44
CA MET I 1055 27.28 -8.74 -106.57
C MET I 1055 27.17 -8.32 -108.02
N ARG I 1056 27.90 -9.00 -108.91
CA ARG I 1056 27.87 -8.65 -110.33
C ARG I 1056 26.44 -8.64 -110.86
N LEU I 1057 25.62 -9.58 -110.39
CA LEU I 1057 24.22 -9.60 -110.78
C LEU I 1057 23.48 -8.37 -110.26
N LEU I 1058 23.76 -7.96 -109.03
CA LEU I 1058 23.12 -6.78 -108.48
C LEU I 1058 23.46 -5.54 -109.30
N ARG I 1059 24.72 -5.43 -109.73
CA ARG I 1059 25.13 -4.27 -110.52
C ARG I 1059 24.26 -4.08 -111.76
N ASP I 1060 23.74 -5.17 -112.31
CA ASP I 1060 23.07 -5.14 -113.60
C ASP I 1060 21.57 -4.91 -113.49
N HIS I 1061 21.00 -4.88 -112.28
CA HIS I 1061 19.57 -4.70 -112.11
C HIS I 1061 19.22 -3.76 -110.95
N THR I 1062 20.19 -3.04 -110.41
CA THR I 1062 19.93 -2.02 -109.40
C THR I 1062 20.94 -0.90 -109.60
N ARG I 1063 20.57 0.30 -109.14
CA ARG I 1063 21.36 1.49 -109.41
C ARG I 1063 22.12 2.02 -108.20
N SER I 1064 21.75 1.65 -106.99
CA SER I 1064 22.44 2.15 -105.81
C SER I 1064 22.56 1.02 -104.79
N ALA I 1065 23.57 1.14 -103.93
CA ALA I 1065 23.86 0.12 -102.94
C ALA I 1065 24.08 0.77 -101.57
N ILE I 1066 23.67 0.06 -100.52
CA ILE I 1066 23.88 0.49 -99.15
C ILE I 1066 24.94 -0.40 -98.54
N VAL I 1067 26.10 0.17 -98.22
CA VAL I 1067 27.22 -0.58 -97.67
C VAL I 1067 27.20 -0.42 -96.16
N VAL I 1068 27.01 -1.53 -95.45
CA VAL I 1068 26.92 -1.55 -94.00
C VAL I 1068 28.06 -2.40 -93.47
N HIS I 1069 28.79 -1.86 -92.49
CA HIS I 1069 29.94 -2.55 -91.92
C HIS I 1069 29.85 -2.54 -90.40
N ARG I 1070 30.44 -3.57 -89.80
CA ARG I 1070 30.44 -3.73 -88.35
C ARG I 1070 31.73 -3.17 -87.76
N ARG I 1071 31.63 -2.67 -86.53
CA ARG I 1071 32.80 -2.19 -85.81
C ARG I 1071 32.48 -2.30 -84.32
N GLY I 1072 33.02 -3.33 -83.68
CA GLY I 1072 32.72 -3.55 -82.27
C GLY I 1072 31.24 -3.82 -82.08
N GLN I 1073 30.61 -3.05 -81.21
CA GLN I 1073 29.19 -3.18 -80.93
C GLN I 1073 28.35 -2.11 -81.63
N ASN I 1074 28.92 -1.37 -82.57
CA ASN I 1074 28.20 -0.36 -83.31
C ASN I 1074 28.34 -0.62 -84.81
N SER I 1075 27.24 -0.50 -85.54
CA SER I 1075 27.19 -0.73 -86.97
C SER I 1075 26.85 0.57 -87.68
N ASN I 1076 27.58 0.86 -88.76
CA ASN I 1076 27.40 2.08 -89.54
C ASN I 1076 26.85 1.71 -90.91
N MET I 1077 26.09 2.64 -91.49
CA MET I 1077 25.48 2.45 -92.80
C MET I 1077 25.73 3.66 -93.67
N ALA I 1078 26.03 3.40 -94.94
CA ALA I 1078 26.24 4.44 -95.94
C ALA I 1078 25.45 4.09 -97.20
N SER I 1079 25.02 5.12 -97.92
CA SER I 1079 24.33 4.94 -99.18
C SER I 1079 25.15 5.57 -100.29
N LEU I 1080 25.39 4.79 -101.36
CA LEU I 1080 26.22 5.23 -102.47
C LEU I 1080 25.60 4.73 -103.76
N SER I 1081 26.06 5.30 -104.88
CA SER I 1081 25.70 4.80 -106.19
C SER I 1081 26.76 3.81 -106.68
N TRP I 1082 26.38 2.99 -107.65
CA TRP I 1082 27.33 2.02 -108.19
C TRP I 1082 28.56 2.70 -108.75
N GLU I 1083 28.38 3.87 -109.38
CA GLU I 1083 29.51 4.58 -109.97
C GLU I 1083 30.42 5.21 -108.93
N GLU I 1084 29.86 5.75 -107.85
CA GLU I 1084 30.69 6.26 -106.77
C GLU I 1084 31.52 5.15 -106.14
N LEU I 1085 30.90 3.98 -105.94
CA LEU I 1085 31.65 2.84 -105.41
C LEU I 1085 32.70 2.35 -106.41
N GLU I 1086 32.39 2.45 -107.71
CA GLU I 1086 33.38 2.11 -108.72
C GLU I 1086 34.58 3.04 -108.65
N ARG I 1087 34.34 4.34 -108.46
CA ARG I 1087 35.43 5.28 -108.27
C ARG I 1087 36.22 4.94 -107.01
N HIS I 1088 35.51 4.61 -105.93
CA HIS I 1088 36.20 4.21 -104.70
C HIS I 1088 37.10 3.01 -104.96
N TYR I 1089 36.62 2.03 -105.72
CA TYR I 1089 37.46 0.90 -106.10
C TYR I 1089 38.67 1.36 -106.90
N GLN I 1090 38.45 2.25 -107.87
CA GLN I 1090 39.57 2.74 -108.67
C GLN I 1090 40.63 3.37 -107.77
N ARG I 1091 40.19 4.02 -106.68
CA ARG I 1091 41.15 4.49 -105.69
C ARG I 1091 41.86 3.31 -105.03
N ARG I 1092 41.13 2.23 -104.76
CA ARG I 1092 41.78 1.01 -104.29
C ARG I 1092 42.70 0.43 -105.36
N GLY I 1093 42.47 0.80 -106.62
CA GLY I 1093 43.28 0.30 -107.72
C GLY I 1093 44.72 0.76 -107.70
N ASN I 1094 45.04 1.81 -106.96
CA ASN I 1094 46.42 2.23 -106.81
C ASN I 1094 47.27 1.20 -106.09
N ALA I 1095 46.63 0.31 -105.33
CA ALA I 1095 47.35 -0.75 -104.62
C ALA I 1095 47.72 -1.88 -105.58
N MET J 1 47.98 -23.50 -94.51
CA MET J 1 46.81 -24.39 -94.20
C MET J 1 46.76 -25.56 -95.18
N ASN J 2 46.97 -25.25 -96.45
CA ASN J 2 46.84 -26.28 -97.49
C ASN J 2 47.88 -27.37 -97.32
N GLN J 3 49.11 -27.01 -96.97
CA GLN J 3 50.19 -27.98 -96.86
C GLN J 3 50.02 -28.93 -95.69
N VAL J 4 49.07 -28.68 -94.79
CA VAL J 4 48.84 -29.58 -93.67
C VAL J 4 48.26 -30.92 -94.14
N SER J 5 47.88 -31.02 -95.41
CA SER J 5 47.31 -32.26 -95.94
C SER J 5 48.30 -33.42 -95.89
N GLY J 6 49.59 -33.16 -95.69
CA GLY J 6 50.56 -34.23 -95.62
C GLY J 6 50.21 -35.29 -94.59
N LEU J 7 49.60 -34.90 -93.47
CA LEU J 7 49.12 -35.87 -92.50
C LEU J 7 47.90 -36.62 -93.00
N ALA J 8 47.04 -35.98 -93.79
CA ALA J 8 45.93 -36.69 -94.42
C ALA J 8 46.46 -37.66 -95.47
N GLY J 9 45.81 -38.82 -95.54
CA GLY J 9 46.28 -39.88 -96.41
C GLY J 9 47.42 -40.69 -95.85
N LYS J 10 47.94 -40.32 -94.68
CA LYS J 10 49.00 -41.07 -94.00
C LYS J 10 48.52 -41.58 -92.65
N GLU J 11 47.81 -40.74 -91.89
CA GLU J 11 47.25 -41.12 -90.60
C GLU J 11 45.82 -41.62 -90.69
N SER J 12 45.17 -41.46 -91.84
CA SER J 12 43.75 -41.78 -91.95
C SER J 12 43.39 -42.04 -93.40
N PHE J 13 42.25 -42.71 -93.59
CA PHE J 13 41.70 -42.92 -94.92
C PHE J 13 40.90 -41.71 -95.37
N ILE J 14 41.03 -41.36 -96.63
CA ILE J 14 40.32 -40.22 -97.21
C ILE J 14 39.74 -40.63 -98.56
N LEU J 15 38.60 -40.05 -98.90
CA LEU J 15 37.95 -40.35 -100.17
C LEU J 15 38.77 -39.81 -101.33
N THR J 16 38.87 -40.60 -102.40
CA THR J 16 39.72 -40.29 -103.53
C THR J 16 39.05 -40.51 -104.89
N ARG J 17 37.89 -41.16 -104.94
CA ARG J 17 37.22 -41.40 -106.21
C ARG J 17 35.81 -41.88 -105.93
N ILE J 18 34.91 -41.64 -106.88
CA ILE J 18 33.53 -42.08 -106.80
C ILE J 18 33.13 -42.65 -108.15
N GLU J 19 32.11 -43.51 -108.14
CA GLU J 19 31.63 -44.19 -109.33
C GLU J 19 30.11 -44.29 -109.28
N LEU J 20 29.47 -44.01 -110.41
CA LEU J 20 28.02 -44.05 -110.52
C LEU J 20 27.60 -44.86 -111.73
N PHE J 21 26.37 -45.35 -111.70
CA PHE J 21 25.77 -46.01 -112.86
C PHE J 21 24.26 -46.02 -112.68
N ASN J 22 23.55 -45.36 -113.58
CA ASN J 22 22.09 -45.34 -113.57
C ASN J 22 21.56 -44.86 -112.22
N TRP J 23 22.20 -43.84 -111.66
CA TRP J 23 21.80 -43.25 -110.39
C TRP J 23 21.28 -41.85 -110.66
N GLY J 24 20.07 -41.56 -110.22
CA GLY J 24 19.48 -40.26 -110.47
C GLY J 24 19.45 -39.96 -111.95
N GLY J 25 19.88 -38.76 -112.33
CA GLY J 25 19.96 -38.37 -113.72
C GLY J 25 21.21 -38.81 -114.43
N PHE J 26 22.12 -39.49 -113.73
CA PHE J 26 23.37 -39.97 -114.31
C PHE J 26 23.12 -41.31 -114.99
N HIS J 27 22.67 -41.23 -116.24
CA HIS J 27 22.47 -42.44 -117.04
C HIS J 27 23.81 -43.04 -117.44
N GLY J 28 23.91 -44.36 -117.36
CA GLY J 28 25.14 -45.03 -117.71
C GLY J 28 26.23 -44.80 -116.67
N LEU J 29 27.41 -45.31 -117.00
CA LEU J 29 28.55 -45.21 -116.10
C LEU J 29 29.08 -43.78 -116.04
N HIS J 30 29.59 -43.39 -114.88
CA HIS J 30 30.22 -42.10 -114.69
C HIS J 30 31.29 -42.24 -113.61
N GLN J 31 32.27 -41.33 -113.66
CA GLN J 31 33.39 -41.38 -112.73
C GLN J 31 33.83 -39.96 -112.40
N ALA J 32 34.40 -39.80 -111.20
CA ALA J 32 34.91 -38.50 -110.76
C ALA J 32 36.03 -38.73 -109.77
N ALA J 33 37.20 -38.15 -110.08
CA ALA J 33 38.34 -38.26 -109.17
C ALA J 33 38.28 -37.16 -108.13
N ILE J 34 38.88 -37.45 -106.97
CA ILE J 34 38.85 -36.56 -105.81
C ILE J 34 40.28 -36.40 -105.31
N HIS J 35 40.68 -35.15 -105.07
CA HIS J 35 42.07 -34.84 -104.78
C HIS J 35 42.32 -34.86 -103.27
N GLN J 36 43.58 -35.16 -102.91
CA GLN J 36 43.93 -35.31 -101.50
C GLN J 36 43.77 -34.00 -100.73
N ASP J 37 44.17 -32.89 -101.31
CA ASP J 37 44.22 -31.60 -100.63
C ASP J 37 42.88 -30.88 -100.61
N GLY J 38 41.78 -31.59 -100.81
CA GLY J 38 40.48 -30.96 -100.83
C GLY J 38 40.01 -30.65 -102.24
N THR J 39 38.69 -30.57 -102.40
CA THR J 39 38.09 -30.38 -103.70
C THR J 39 36.77 -29.62 -103.55
N ALA J 40 36.22 -29.20 -104.68
CA ALA J 40 34.92 -28.56 -104.74
C ALA J 40 34.14 -29.08 -105.95
N VAL J 41 32.83 -29.22 -105.78
CA VAL J 41 31.93 -29.62 -106.85
C VAL J 41 31.11 -28.40 -107.24
N ILE J 42 31.07 -28.08 -108.53
CA ILE J 42 30.51 -26.82 -109.00
C ILE J 42 29.65 -27.08 -110.23
N GLY J 43 28.51 -26.39 -110.28
CA GLY J 43 27.60 -26.50 -111.39
C GLY J 43 26.37 -25.64 -111.18
N PRO J 44 25.52 -25.54 -112.19
CA PRO J 44 24.33 -24.69 -112.09
C PRO J 44 23.23 -25.37 -111.27
N THR J 45 22.13 -24.63 -111.13
CA THR J 45 20.99 -25.12 -110.38
C THR J 45 20.46 -26.41 -110.99
N GLY J 46 20.07 -27.34 -110.12
CA GLY J 46 19.53 -28.61 -110.59
C GLY J 46 20.51 -29.41 -111.42
N SER J 47 21.80 -29.10 -111.32
CA SER J 47 22.81 -29.83 -112.08
C SER J 47 22.83 -31.31 -111.73
N GLY J 48 22.90 -31.61 -110.43
CA GLY J 48 22.98 -33.00 -110.01
C GLY J 48 23.91 -33.22 -108.84
N LYS J 49 24.61 -32.16 -108.41
CA LYS J 49 25.66 -32.34 -107.40
C LYS J 49 25.11 -32.89 -106.09
N THR J 50 23.96 -32.37 -105.63
CA THR J 50 23.37 -32.93 -104.42
C THR J 50 22.98 -34.39 -104.61
N THR J 51 22.59 -34.77 -105.82
CA THR J 51 22.34 -36.18 -106.11
C THR J 51 23.62 -36.99 -105.97
N LEU J 52 24.75 -36.45 -106.43
CA LEU J 52 26.02 -37.13 -106.26
C LEU J 52 26.36 -37.31 -104.78
N VAL J 53 26.18 -36.24 -103.99
CA VAL J 53 26.44 -36.33 -102.56
C VAL J 53 25.56 -37.40 -101.93
N ASP J 54 24.27 -37.41 -102.29
CA ASP J 54 23.37 -38.45 -101.81
C ASP J 54 23.87 -39.83 -102.22
N ALA J 55 24.43 -39.95 -103.42
CA ALA J 55 24.98 -41.23 -103.86
C ALA J 55 26.10 -41.68 -102.93
N LEU J 56 26.99 -40.76 -102.57
CA LEU J 56 28.05 -41.10 -101.62
C LEU J 56 27.45 -41.54 -100.30
N MET J 57 26.44 -40.82 -99.82
CA MET J 57 25.92 -41.04 -98.48
C MET J 57 25.17 -42.36 -98.37
N THR J 58 24.66 -42.87 -99.50
CA THR J 58 23.94 -44.14 -99.45
C THR J 58 24.84 -45.28 -99.00
N LEU J 59 26.15 -45.15 -99.22
CA LEU J 59 27.09 -46.19 -98.81
C LEU J 59 27.34 -46.19 -97.31
N LEU J 60 27.14 -45.06 -96.63
CA LEU J 60 27.62 -44.88 -95.26
C LEU J 60 26.52 -45.00 -94.22
N CYS J 61 25.47 -44.18 -94.32
CA CYS J 61 24.46 -44.11 -93.28
C CYS J 61 23.53 -45.32 -93.33
N ALA J 62 22.96 -45.65 -92.16
CA ALA J 62 21.98 -46.73 -92.11
C ALA J 62 20.66 -46.33 -92.74
N ASN J 63 20.17 -45.14 -92.43
CA ASN J 63 18.93 -44.61 -93.01
C ASN J 63 19.17 -43.18 -93.43
N PRO J 64 19.85 -42.97 -94.55
CA PRO J 64 20.24 -41.61 -94.93
C PRO J 64 19.04 -40.71 -95.17
N ARG J 65 19.20 -39.43 -94.85
CA ARG J 65 18.21 -38.40 -95.14
C ARG J 65 18.66 -37.67 -96.40
N TYR J 66 18.10 -38.05 -97.54
CA TYR J 66 18.53 -37.50 -98.81
C TYR J 66 18.10 -36.04 -98.96
N ASN J 67 18.91 -35.26 -99.67
CA ASN J 67 18.58 -33.87 -99.97
C ASN J 67 18.41 -33.04 -98.71
N LEU J 68 19.19 -33.36 -97.67
CA LEU J 68 18.97 -32.72 -96.37
C LEU J 68 19.28 -31.23 -96.42
N ALA J 69 20.33 -30.83 -97.11
CA ALA J 69 20.77 -29.44 -97.06
C ALA J 69 19.71 -28.47 -97.57
N SER J 70 18.88 -28.91 -98.53
CA SER J 70 17.89 -28.00 -99.10
C SER J 70 16.89 -27.53 -98.03
N THR J 71 16.41 -28.44 -97.20
CA THR J 71 15.42 -28.11 -96.19
C THR J 71 16.04 -27.55 -94.90
N GLY J 72 17.33 -27.25 -94.91
CA GLY J 72 17.97 -26.72 -93.72
C GLY J 72 18.00 -27.68 -92.55
N GLY J 73 18.27 -28.95 -92.81
CA GLY J 73 18.34 -29.94 -91.75
C GLY J 73 17.01 -30.37 -91.18
N HIS J 74 15.89 -29.96 -91.79
CA HIS J 74 14.59 -30.24 -91.21
C HIS J 74 14.10 -31.64 -91.57
N GLU J 75 13.96 -31.92 -92.86
CA GLU J 75 13.37 -33.17 -93.31
C GLU J 75 14.00 -33.59 -94.63
N SER J 76 13.94 -34.89 -94.89
CA SER J 76 14.39 -35.46 -96.15
C SER J 76 13.20 -35.58 -97.10
N ASP J 77 13.44 -35.34 -98.39
CA ASP J 77 12.38 -35.30 -99.38
C ASP J 77 12.47 -36.43 -100.40
N ARG J 78 13.51 -37.26 -100.36
CA ARG J 78 13.74 -38.28 -101.37
C ARG J 78 14.10 -39.59 -100.72
N ASP J 79 13.97 -40.68 -101.49
CA ASP J 79 14.28 -42.02 -101.03
C ASP J 79 15.12 -42.73 -102.07
N LEU J 80 15.57 -43.94 -101.72
CA LEU J 80 16.51 -44.66 -102.58
C LEU J 80 15.84 -45.09 -103.89
N ILE J 81 14.61 -45.59 -103.81
CA ILE J 81 13.99 -46.18 -105.01
C ILE J 81 13.73 -45.13 -106.07
N SER J 82 13.36 -43.91 -105.65
CA SER J 82 13.17 -42.85 -106.63
C SER J 82 14.48 -42.52 -107.34
N TYR J 83 15.61 -42.61 -106.63
CA TYR J 83 16.90 -42.39 -107.26
C TYR J 83 17.25 -43.53 -108.21
N VAL J 84 16.94 -44.77 -107.83
CA VAL J 84 17.19 -45.89 -108.72
C VAL J 84 16.39 -45.72 -110.00
N ARG J 85 15.12 -45.35 -109.87
CA ARG J 85 14.28 -45.12 -111.03
C ARG J 85 14.65 -43.84 -111.77
N GLY J 86 15.46 -42.98 -111.16
CA GLY J 86 15.87 -41.75 -111.79
C GLY J 86 14.72 -40.79 -112.05
N VAL J 87 13.86 -40.63 -111.05
CA VAL J 87 12.74 -39.70 -111.19
C VAL J 87 13.28 -38.30 -111.40
N SER J 88 12.78 -37.62 -112.44
CA SER J 88 13.24 -36.28 -112.79
C SER J 88 12.24 -35.20 -112.41
N GLY J 89 11.21 -35.53 -111.64
CA GLY J 89 10.24 -34.57 -111.21
C GLY J 89 8.90 -35.22 -110.90
N PRO J 90 7.98 -34.45 -110.33
CA PRO J 90 6.66 -35.00 -110.02
C PRO J 90 5.86 -35.31 -111.28
N GLY J 91 4.96 -36.28 -111.15
CA GLY J 91 4.11 -36.66 -112.26
C GLY J 91 3.29 -35.50 -112.79
N ASP J 92 3.18 -35.40 -114.12
CA ASP J 92 2.45 -34.29 -114.72
C ASP J 92 0.94 -34.50 -114.67
N GLY J 93 0.49 -35.66 -114.22
CA GLY J 93 -0.92 -36.00 -114.21
C GLY J 93 -1.17 -37.28 -114.99
N GLY J 94 -0.46 -37.45 -116.09
CA GLY J 94 -0.51 -38.69 -116.84
C GLY J 94 0.27 -39.77 -116.12
N GLU J 95 -0.24 -41.01 -116.20
CA GLU J 95 0.37 -42.13 -115.50
C GLU J 95 1.39 -42.88 -116.35
N GLY J 96 1.72 -42.37 -117.54
CA GLY J 96 2.58 -43.10 -118.46
C GLY J 96 4.06 -43.05 -118.13
N GLN J 97 4.39 -42.74 -116.88
CA GLN J 97 5.79 -42.73 -116.42
C GLN J 97 6.65 -41.83 -117.29
N SER J 98 6.11 -40.69 -117.72
CA SER J 98 6.86 -39.76 -118.54
C SER J 98 7.99 -39.08 -117.77
N HIS J 99 8.00 -39.21 -116.44
CA HIS J 99 8.99 -38.57 -115.58
C HIS J 99 9.96 -39.55 -114.95
N ILE J 100 10.02 -40.78 -115.44
CA ILE J 100 10.90 -41.82 -114.89
C ILE J 100 11.88 -42.23 -115.97
N ALA J 101 13.17 -42.20 -115.64
CA ALA J 101 14.20 -42.56 -116.61
C ALA J 101 14.23 -44.06 -116.86
N ARG J 102 14.15 -44.86 -115.80
CA ARG J 102 14.32 -46.32 -115.88
C ARG J 102 13.13 -46.99 -115.19
N PRO J 103 11.96 -46.97 -115.82
CA PRO J 103 10.80 -47.62 -115.21
C PRO J 103 10.84 -49.14 -115.32
N GLY J 104 11.48 -49.63 -116.37
CA GLY J 104 11.55 -51.06 -116.61
C GLY J 104 12.64 -51.74 -115.81
N LYS J 105 12.77 -53.04 -116.02
CA LYS J 105 13.81 -53.81 -115.36
C LYS J 105 15.17 -53.19 -115.63
N THR J 106 15.93 -52.91 -114.58
CA THR J 106 17.17 -52.16 -114.70
C THR J 106 18.07 -52.51 -113.52
N VAL J 107 19.32 -52.05 -113.60
CA VAL J 107 20.30 -52.22 -112.53
C VAL J 107 20.94 -50.86 -112.25
N THR J 108 21.61 -50.78 -111.11
CA THR J 108 22.24 -49.55 -110.64
C THR J 108 23.48 -49.92 -109.84
N GLY J 109 24.50 -49.06 -109.92
CA GLY J 109 25.75 -49.35 -109.23
C GLY J 109 26.49 -48.11 -108.76
N ILE J 110 27.10 -48.21 -107.58
CA ILE J 110 27.86 -47.11 -107.00
C ILE J 110 29.07 -47.69 -106.28
N ALA J 111 30.17 -46.95 -106.30
CA ALA J 111 31.38 -47.36 -105.60
C ALA J 111 32.17 -46.14 -105.19
N ALA J 112 32.90 -46.26 -104.08
CA ALA J 112 33.76 -45.21 -103.56
C ALA J 112 35.11 -45.81 -103.23
N THR J 113 36.16 -44.99 -103.26
CA THR J 113 37.52 -45.44 -103.02
C THR J 113 38.15 -44.55 -101.96
N LEU J 114 38.71 -45.18 -100.93
CA LEU J 114 39.44 -44.49 -99.88
C LEU J 114 40.88 -45.02 -99.85
N GLU J 115 41.82 -44.16 -99.51
CA GLU J 115 43.24 -44.51 -99.55
C GLU J 115 43.93 -44.07 -98.26
N ARG J 116 44.88 -44.90 -97.81
CA ARG J 116 45.72 -44.56 -96.66
C ARG J 116 47.04 -45.30 -96.80
N GLU J 117 48.09 -44.55 -97.14
CA GLU J 117 49.45 -45.10 -97.24
C GLU J 117 49.48 -46.25 -98.24
N GLY J 118 48.91 -46.03 -99.41
CA GLY J 118 48.96 -47.03 -100.46
C GLY J 118 48.07 -48.24 -100.24
N LYS J 119 47.21 -48.21 -99.22
CA LYS J 119 46.27 -49.28 -98.97
C LYS J 119 44.87 -48.79 -99.34
N GLN J 120 44.24 -49.47 -100.29
CA GLN J 120 42.99 -49.01 -100.89
C GLN J 120 41.84 -49.87 -100.40
N VAL J 121 40.75 -49.20 -99.99
CA VAL J 121 39.51 -49.85 -99.60
C VAL J 121 38.40 -49.29 -100.45
N ARG J 122 37.68 -50.16 -101.16
CA ARG J 122 36.63 -49.75 -102.09
C ARG J 122 35.28 -50.20 -101.54
N LEU J 123 34.38 -49.25 -101.33
CA LEU J 123 33.00 -49.55 -100.96
C LEU J 123 32.17 -49.66 -102.22
N GLY J 124 31.09 -50.45 -102.15
CA GLY J 124 30.26 -50.66 -103.33
C GLY J 124 28.89 -51.16 -102.96
N ALA J 125 27.96 -50.95 -103.90
CA ALA J 125 26.58 -51.38 -103.72
C ALA J 125 25.96 -51.60 -105.10
N LEU J 126 25.17 -52.67 -105.22
CA LEU J 126 24.48 -53.02 -106.45
C LEU J 126 22.98 -53.13 -106.17
N LEU J 127 22.18 -52.45 -106.98
CA LEU J 127 20.73 -52.50 -106.90
C LEU J 127 20.18 -52.93 -108.25
N TRP J 128 18.95 -53.43 -108.26
CA TRP J 128 18.33 -53.81 -109.51
C TRP J 128 16.85 -54.09 -109.30
N PHE J 129 16.03 -53.61 -110.22
CA PHE J 129 14.63 -53.98 -110.33
C PHE J 129 14.50 -55.04 -111.41
N ASP J 130 14.03 -56.22 -111.02
CA ASP J 130 13.74 -57.29 -111.97
C ASP J 130 12.33 -57.20 -112.54
N SER J 131 11.58 -56.15 -112.18
CA SER J 131 10.21 -55.98 -112.62
C SER J 131 9.92 -54.50 -112.77
N THR J 132 8.85 -54.20 -113.49
CA THR J 132 8.42 -52.82 -113.65
C THR J 132 7.80 -52.25 -112.37
N SER J 133 7.37 -53.13 -111.46
CA SER J 133 6.79 -52.66 -110.21
C SER J 133 7.80 -51.82 -109.44
N SER J 134 7.31 -50.72 -108.85
CA SER J 134 8.15 -49.74 -108.18
C SER J 134 8.11 -49.87 -106.66
N SER J 135 7.51 -50.94 -106.15
CA SER J 135 7.44 -51.14 -104.70
C SER J 135 8.82 -51.32 -104.11
N VAL J 136 9.01 -50.80 -102.89
CA VAL J 136 10.30 -50.94 -102.23
C VAL J 136 10.60 -52.39 -101.93
N THR J 137 9.59 -53.17 -101.56
CA THR J 137 9.80 -54.59 -101.28
C THR J 137 10.27 -55.36 -102.51
N ASP J 138 9.93 -54.89 -103.71
CA ASP J 138 10.30 -55.58 -104.94
C ASP J 138 11.74 -55.30 -105.37
N MET J 139 12.38 -54.28 -104.80
CA MET J 139 13.77 -54.00 -105.15
C MET J 139 14.69 -54.95 -104.41
N LYS J 140 15.78 -55.35 -105.05
CA LYS J 140 16.77 -56.24 -104.48
C LYS J 140 18.11 -55.52 -104.36
N ARG J 141 18.78 -55.75 -103.23
CA ARG J 141 19.99 -55.01 -102.90
C ARG J 141 21.11 -55.98 -102.55
N LEU J 142 22.34 -55.54 -102.78
CA LEU J 142 23.53 -56.24 -102.32
C LEU J 142 24.58 -55.20 -101.96
N TRP J 143 25.34 -55.47 -100.91
CA TRP J 143 26.38 -54.57 -100.44
C TRP J 143 27.74 -55.24 -100.55
N LEU J 144 28.79 -54.44 -100.68
CA LEU J 144 30.14 -54.95 -100.88
C LEU J 144 31.15 -54.09 -100.15
N PHE J 145 32.15 -54.74 -99.56
CA PHE J 145 33.30 -54.09 -98.97
C PHE J 145 34.55 -54.80 -99.46
N SER J 146 35.50 -54.04 -99.99
CA SER J 146 36.69 -54.62 -100.60
C SER J 146 37.94 -53.91 -100.08
N ASP J 147 39.02 -54.67 -99.97
CA ASP J 147 40.33 -54.13 -99.63
C ASP J 147 41.36 -54.44 -100.72
N ASN J 148 40.92 -54.92 -101.86
CA ASN J 148 41.80 -55.24 -102.98
C ASN J 148 41.57 -54.22 -104.09
N PRO J 149 42.59 -53.49 -104.54
CA PRO J 149 42.36 -52.49 -105.61
C PRO J 149 41.81 -53.09 -106.88
N GLY J 150 42.07 -54.37 -107.15
CA GLY J 150 41.63 -54.99 -108.39
C GLY J 150 40.13 -55.00 -108.60
N GLN J 151 39.35 -54.85 -107.54
CA GLN J 151 37.89 -54.84 -107.65
C GLN J 151 37.42 -53.43 -108.00
N THR J 152 36.42 -53.34 -108.88
CA THR J 152 35.91 -52.06 -109.34
C THR J 152 34.42 -52.18 -109.63
N LEU J 153 33.75 -51.04 -109.70
CA LEU J 153 32.34 -51.02 -110.03
C LEU J 153 32.10 -51.56 -111.44
N GLU J 154 32.97 -51.18 -112.38
CA GLU J 154 32.81 -51.66 -113.75
C GLU J 154 32.94 -53.18 -113.82
N HIS J 155 33.90 -53.75 -113.11
CA HIS J 155 34.07 -55.20 -113.08
C HIS J 155 32.84 -55.88 -112.49
N TRP J 156 32.31 -55.31 -111.40
CA TRP J 156 31.11 -55.88 -110.79
C TRP J 156 29.92 -55.81 -111.74
N LEU J 157 29.78 -54.71 -112.46
CA LEU J 157 28.70 -54.59 -113.44
C LEU J 157 28.86 -55.64 -114.54
N ASN J 158 30.09 -55.83 -115.02
CA ASN J 158 30.33 -56.84 -116.05
C ASN J 158 29.96 -58.23 -115.52
N VAL J 159 30.38 -58.55 -114.30
CA VAL J 159 30.10 -59.87 -113.74
C VAL J 159 28.58 -60.05 -113.58
N TYR J 160 27.90 -59.00 -113.12
CA TYR J 160 26.45 -59.08 -112.98
C TYR J 160 25.79 -59.32 -114.33
N HIS J 161 26.25 -58.62 -115.36
CA HIS J 161 25.74 -58.88 -116.71
C HIS J 161 26.03 -60.30 -117.16
N GLU J 162 27.13 -60.89 -116.70
CA GLU J 162 27.46 -62.28 -117.02
C GLU J 162 26.79 -63.28 -116.10
N GLY J 163 26.16 -62.83 -115.01
CA GLY J 163 25.50 -63.73 -114.09
C GLY J 163 24.89 -63.01 -112.90
N GLY J 164 23.83 -63.60 -112.34
CA GLY J 164 23.13 -62.97 -111.24
C GLY J 164 23.92 -63.06 -109.95
N THR J 165 23.19 -62.92 -108.83
CA THR J 165 23.82 -62.93 -107.52
C THR J 165 24.59 -64.21 -107.25
N ARG J 166 24.23 -65.31 -107.91
CA ARG J 166 24.98 -66.56 -107.73
C ARG J 166 26.44 -66.38 -108.12
N LEU J 167 26.69 -65.79 -109.30
CA LEU J 167 28.06 -65.56 -109.72
C LEU J 167 28.75 -64.53 -108.83
N LEU J 168 28.00 -63.55 -108.35
CA LEU J 168 28.57 -62.57 -107.41
C LEU J 168 29.10 -63.28 -106.17
N ARG J 169 28.28 -64.12 -105.55
CA ARG J 169 28.76 -64.88 -104.40
C ARG J 169 29.89 -65.82 -104.78
N GLN J 170 29.86 -66.34 -106.01
CA GLN J 170 30.89 -67.28 -106.44
C GLN J 170 32.26 -66.63 -106.47
N MET J 171 32.39 -65.49 -107.16
CA MET J 171 33.72 -64.87 -107.21
C MET J 171 33.99 -64.08 -105.92
N GLU J 172 32.97 -63.92 -105.07
CA GLU J 172 33.24 -63.55 -103.69
C GLU J 172 34.03 -64.65 -102.99
N LYS J 173 33.59 -65.90 -103.14
CA LYS J 173 34.34 -67.02 -102.56
C LYS J 173 35.72 -67.12 -103.18
N GLU J 174 35.80 -67.01 -104.51
CA GLU J 174 37.08 -67.22 -105.20
C GLU J 174 38.08 -66.10 -104.89
N ALA J 175 37.61 -64.88 -104.76
CA ALA J 175 38.50 -63.73 -104.68
C ALA J 175 39.15 -63.64 -103.30
N ILE J 176 40.18 -62.79 -103.22
CA ILE J 176 40.89 -62.51 -101.98
C ILE J 176 40.67 -61.05 -101.63
N GLY J 177 40.38 -60.78 -100.36
CA GLY J 177 40.12 -59.42 -99.92
C GLY J 177 38.85 -58.83 -100.46
N LEU J 178 37.77 -59.61 -100.51
CA LEU J 178 36.46 -59.12 -100.94
C LEU J 178 35.39 -59.72 -100.05
N TRP J 179 34.36 -58.93 -99.77
CA TRP J 179 33.24 -59.37 -98.94
C TRP J 179 31.95 -58.77 -99.48
N THR J 180 30.85 -59.47 -99.25
CA THR J 180 29.53 -59.02 -99.69
C THR J 180 28.51 -59.44 -98.65
N TYR J 181 27.44 -58.65 -98.54
CA TYR J 181 26.41 -58.86 -97.53
C TYR J 181 25.05 -58.54 -98.14
N PRO J 182 24.11 -59.49 -98.12
CA PRO J 182 22.77 -59.20 -98.69
C PRO J 182 21.97 -58.19 -97.88
N ASN J 183 22.35 -57.94 -96.62
CA ASN J 183 21.66 -57.00 -95.76
C ASN J 183 22.62 -55.92 -95.30
N LYS J 184 22.14 -54.68 -95.27
CA LYS J 184 23.01 -53.54 -94.99
C LYS J 184 23.59 -53.59 -93.57
N LYS J 185 22.91 -54.27 -92.65
CA LYS J 185 23.37 -54.24 -91.25
C LYS J 185 24.76 -54.86 -91.13
N GLN J 186 24.99 -56.01 -91.75
CA GLN J 186 26.30 -56.66 -91.66
C GLN J 186 27.37 -55.83 -92.34
N TYR J 187 27.05 -55.23 -93.49
CA TYR J 187 28.01 -54.39 -94.18
C TYR J 187 28.41 -53.20 -93.32
N LEU J 188 27.42 -52.55 -92.70
CA LEU J 188 27.73 -51.40 -91.85
C LEU J 188 28.50 -51.82 -90.61
N ALA J 189 28.18 -52.98 -90.04
CA ALA J 189 28.94 -53.47 -88.91
C ALA J 189 30.40 -53.71 -89.28
N ARG J 190 30.63 -54.33 -90.45
CA ARG J 190 32.00 -54.53 -90.90
C ARG J 190 32.72 -53.21 -91.11
N LEU J 191 32.02 -52.24 -91.71
CA LEU J 191 32.63 -50.92 -91.93
C LEU J 191 33.03 -50.28 -90.60
N ARG J 192 32.13 -50.32 -89.61
CA ARG J 192 32.42 -49.75 -88.32
C ARG J 192 33.60 -50.45 -87.65
N ASP J 193 33.62 -51.78 -87.73
CA ASP J 193 34.71 -52.52 -87.12
C ASP J 193 36.05 -52.16 -87.77
N PHE J 194 36.06 -52.03 -89.10
CA PHE J 194 37.29 -51.64 -89.77
C PHE J 194 37.73 -50.24 -89.37
N PHE J 195 36.77 -49.30 -89.28
CA PHE J 195 37.11 -47.91 -89.03
C PHE J 195 37.20 -47.56 -87.55
N GLU J 196 36.87 -48.49 -86.65
CA GLU J 196 36.94 -48.21 -85.21
C GLU J 196 36.12 -46.97 -84.86
N VAL J 197 34.85 -46.98 -85.23
CA VAL J 197 34.00 -45.79 -85.17
C VAL J 197 32.73 -46.12 -84.40
N GLY J 198 32.11 -45.08 -83.84
CA GLY J 198 30.91 -45.30 -83.04
C GLY J 198 29.71 -45.66 -83.89
N GLU J 199 28.68 -46.18 -83.22
CA GLU J 199 27.49 -46.65 -83.93
C GLU J 199 26.76 -45.53 -84.65
N ASN J 200 26.62 -44.36 -84.01
CA ASN J 200 25.87 -43.26 -84.58
C ASN J 200 26.75 -42.27 -85.34
N ALA J 201 28.04 -42.56 -85.48
CA ALA J 201 28.96 -41.57 -86.04
C ALA J 201 28.56 -41.18 -87.46
N PHE J 202 28.37 -42.15 -88.34
CA PHE J 202 28.11 -41.81 -89.73
C PHE J 202 26.74 -41.16 -89.91
N THR J 203 25.78 -41.48 -89.04
CA THR J 203 24.53 -40.75 -89.05
C THR J 203 24.75 -39.28 -88.68
N LEU J 204 25.65 -39.02 -87.74
CA LEU J 204 26.01 -37.63 -87.45
C LEU J 204 26.66 -36.99 -88.66
N LEU J 205 27.53 -37.73 -89.36
CA LEU J 205 28.08 -37.24 -90.61
C LEU J 205 26.96 -36.84 -91.57
N ASN J 206 25.87 -37.62 -91.60
CA ASN J 206 24.71 -37.26 -92.40
C ASN J 206 24.24 -35.85 -92.05
N ARG J 207 24.01 -35.58 -90.77
CA ARG J 207 23.50 -34.28 -90.38
C ARG J 207 24.48 -33.16 -90.74
N ALA J 208 25.78 -33.47 -90.73
CA ALA J 208 26.78 -32.46 -91.01
C ALA J 208 26.70 -31.95 -92.45
N ALA J 209 26.15 -32.74 -93.35
CA ALA J 209 26.12 -32.33 -94.75
C ALA J 209 25.38 -31.03 -94.94
N GLY J 210 24.24 -30.85 -94.27
CA GLY J 210 23.40 -29.69 -94.53
C GLY J 210 22.78 -29.04 -93.31
N LEU J 211 23.21 -29.42 -92.10
CA LEU J 211 22.62 -28.89 -90.89
C LEU J 211 23.17 -27.47 -90.68
N LYS J 212 22.41 -26.50 -91.19
CA LYS J 212 22.86 -25.10 -91.19
C LYS J 212 22.45 -24.34 -89.94
N GLN J 213 21.78 -24.99 -88.98
CA GLN J 213 21.26 -24.29 -87.82
C GLN J 213 21.12 -25.28 -86.67
N LEU J 214 21.30 -24.77 -85.45
CA LEU J 214 21.15 -25.58 -84.25
C LEU J 214 20.11 -24.95 -83.34
N ASN J 215 19.45 -25.80 -82.55
CA ASN J 215 18.50 -25.34 -81.54
C ASN J 215 18.90 -25.76 -80.14
N SER J 216 19.71 -26.81 -79.99
CA SER J 216 20.23 -27.19 -78.69
C SER J 216 21.41 -28.12 -78.91
N ILE J 217 22.58 -27.74 -78.38
CA ILE J 217 23.75 -28.58 -78.53
C ILE J 217 23.54 -29.92 -77.85
N ASP J 218 22.83 -29.94 -76.72
CA ASP J 218 22.58 -31.19 -76.03
C ASP J 218 21.84 -32.18 -76.92
N GLU J 219 20.90 -31.68 -77.72
CA GLU J 219 20.14 -32.54 -78.62
C GLU J 219 21.03 -33.29 -79.59
N ILE J 220 22.23 -32.78 -79.85
CA ILE J 220 23.17 -33.45 -80.75
C ILE J 220 24.09 -34.40 -79.99
N PHE J 221 24.74 -33.91 -78.93
CA PHE J 221 25.70 -34.74 -78.22
C PHE J 221 25.03 -35.93 -77.56
N ARG J 222 23.82 -35.75 -77.03
CA ARG J 222 23.16 -36.83 -76.32
C ARG J 222 22.56 -37.87 -77.25
N GLU J 223 22.38 -37.55 -78.53
CA GLU J 223 21.59 -38.39 -79.42
C GLU J 223 22.34 -38.87 -80.65
N LEU J 224 23.49 -38.29 -80.97
CA LEU J 224 24.25 -38.73 -82.13
C LEU J 224 25.75 -38.86 -81.89
N VAL J 225 26.26 -38.44 -80.73
CA VAL J 225 27.71 -38.38 -80.52
C VAL J 225 28.14 -39.39 -79.46
N LEU J 226 27.67 -39.21 -78.23
CA LEU J 226 28.17 -40.03 -77.13
C LEU J 226 27.74 -41.48 -77.29
N ASP J 227 28.65 -42.39 -76.96
CA ASP J 227 28.37 -43.82 -77.09
C ASP J 227 27.44 -44.27 -75.97
N ASP J 228 26.67 -45.32 -76.25
CA ASP J 228 25.69 -45.82 -75.29
C ASP J 228 26.39 -46.66 -74.25
N HIS J 229 26.58 -46.09 -73.05
CA HIS J 229 27.13 -46.80 -71.91
C HIS J 229 26.18 -46.77 -70.72
N SER J 230 24.87 -46.77 -71.00
CA SER J 230 23.89 -46.77 -69.93
C SER J 230 23.99 -48.05 -69.12
N ALA J 231 23.76 -47.93 -67.81
CA ALA J 231 23.86 -49.06 -66.89
C ALA J 231 22.49 -49.64 -66.54
N PHE J 232 21.55 -49.66 -67.48
CA PHE J 232 20.25 -50.23 -67.20
C PHE J 232 20.34 -51.73 -66.95
N ASP J 233 21.17 -52.43 -67.73
CA ASP J 233 21.36 -53.85 -67.48
C ASP J 233 21.93 -54.09 -66.09
N ARG J 234 22.94 -53.30 -65.70
CA ARG J 234 23.50 -53.45 -64.37
C ARG J 234 22.48 -53.12 -63.28
N ALA J 235 21.65 -52.11 -63.51
CA ALA J 235 20.64 -51.75 -62.52
C ALA J 235 19.63 -52.87 -62.34
N ALA J 236 19.17 -53.45 -63.45
CA ALA J 236 18.26 -54.59 -63.35
C ALA J 236 18.94 -55.77 -62.65
N GLU J 237 20.21 -56.00 -62.96
CA GLU J 237 20.94 -57.10 -62.35
C GLU J 237 21.03 -56.93 -60.84
N VAL J 238 21.40 -55.74 -60.39
CA VAL J 238 21.60 -55.50 -58.96
C VAL J 238 20.27 -55.64 -58.23
N ALA J 239 19.20 -55.08 -58.78
CA ALA J 239 17.91 -55.14 -58.13
C ALA J 239 17.43 -56.59 -57.98
N ASN J 240 17.69 -57.42 -58.99
CA ASN J 240 17.25 -58.80 -58.94
C ASN J 240 17.86 -59.56 -57.77
N SER J 241 19.02 -59.13 -57.28
CA SER J 241 19.61 -59.78 -56.12
C SER J 241 18.72 -59.66 -54.90
N PHE J 242 18.05 -58.52 -54.73
CA PHE J 242 17.18 -58.31 -53.59
C PHE J 242 16.02 -59.30 -53.56
N ASP J 243 15.72 -59.94 -54.70
CA ASP J 243 14.60 -60.88 -54.74
C ASP J 243 14.85 -62.08 -53.84
N GLY J 244 16.10 -62.56 -53.78
CA GLY J 244 16.38 -63.76 -53.01
C GLY J 244 15.96 -63.64 -51.56
N LEU J 245 16.31 -62.53 -50.91
CA LEU J 245 15.86 -62.29 -49.54
C LEU J 245 14.36 -62.01 -49.49
N THR J 246 13.81 -61.45 -50.58
CA THR J 246 12.38 -61.17 -50.61
C THR J 246 11.56 -62.44 -50.52
N GLU J 247 12.07 -63.55 -51.07
CA GLU J 247 11.37 -64.82 -50.95
C GLU J 247 11.28 -65.27 -49.50
N ILE J 248 12.40 -65.18 -48.77
CA ILE J 248 12.40 -65.55 -47.36
C ILE J 248 11.43 -64.65 -46.60
N HIS J 249 11.47 -63.35 -46.87
CA HIS J 249 10.55 -62.44 -46.19
C HIS J 249 9.10 -62.78 -46.51
N GLN J 250 8.82 -63.14 -47.78
CA GLN J 250 7.46 -63.45 -48.19
C GLN J 250 6.94 -64.69 -47.47
N GLU J 251 7.77 -65.73 -47.36
CA GLU J 251 7.29 -66.96 -46.72
C GLU J 251 7.21 -66.78 -45.20
N LEU J 252 8.08 -65.94 -44.64
CA LEU J 252 7.93 -65.53 -43.25
C LEU J 252 6.60 -64.81 -43.05
N GLU J 253 6.24 -63.93 -43.99
CA GLU J 253 4.95 -63.25 -43.93
C GLU J 253 3.80 -64.24 -44.01
N THR J 254 3.94 -65.27 -44.86
CA THR J 254 2.88 -66.27 -44.97
C THR J 254 2.69 -67.01 -43.65
N ALA J 255 3.79 -67.41 -43.01
CA ALA J 255 3.68 -68.08 -41.71
C ALA J 255 3.07 -67.15 -40.67
N ARG J 256 3.50 -65.88 -40.66
CA ARG J 256 2.95 -64.92 -39.70
C ARG J 256 1.46 -64.72 -39.92
N LYS J 257 1.04 -64.64 -41.18
CA LYS J 257 -0.38 -64.49 -41.48
C LYS J 257 -1.17 -65.71 -41.05
N GLN J 258 -0.60 -66.90 -41.26
CA GLN J 258 -1.27 -68.11 -40.79
C GLN J 258 -1.49 -68.06 -39.28
N GLN J 259 -0.45 -67.71 -38.53
CA GLN J 259 -0.59 -67.64 -37.07
C GLN J 259 -1.61 -66.57 -36.68
N GLN J 260 -1.53 -65.40 -37.30
CA GLN J 260 -2.42 -64.30 -36.95
C GLN J 260 -3.88 -64.65 -37.24
N SER J 261 -4.13 -65.33 -38.35
CA SER J 261 -5.49 -65.74 -38.70
C SER J 261 -5.97 -66.90 -37.85
N LEU J 262 -5.05 -67.71 -37.32
CA LEU J 262 -5.45 -68.79 -36.42
C LEU J 262 -5.70 -68.32 -34.99
N GLN J 263 -5.15 -67.18 -34.60
CA GLN J 263 -5.34 -66.71 -33.22
C GLN J 263 -6.79 -66.45 -32.87
N PRO J 264 -7.59 -65.75 -33.69
CA PRO J 264 -8.96 -65.41 -33.25
C PRO J 264 -9.83 -66.61 -32.93
N VAL J 265 -9.64 -67.72 -33.64
CA VAL J 265 -10.54 -68.87 -33.49
C VAL J 265 -10.53 -69.37 -32.06
N ALA J 266 -9.37 -69.36 -31.42
CA ALA J 266 -9.28 -69.83 -30.03
C ALA J 266 -10.12 -68.97 -29.10
N LEU J 267 -10.02 -67.64 -29.24
CA LEU J 267 -10.80 -66.74 -28.41
C LEU J 267 -12.30 -66.94 -28.64
N SER J 268 -12.69 -67.03 -29.91
CA SER J 268 -14.11 -67.22 -30.23
C SER J 268 -14.62 -68.53 -29.65
N TRP J 269 -13.83 -69.60 -29.77
CA TRP J 269 -14.21 -70.89 -29.22
C TRP J 269 -14.33 -70.83 -27.70
N GLU J 270 -13.41 -70.13 -27.04
CA GLU J 270 -13.48 -70.01 -25.59
C GLU J 270 -14.77 -69.34 -25.16
N LYS J 271 -15.08 -68.19 -25.76
CA LYS J 271 -16.27 -67.47 -25.32
C LYS J 271 -17.55 -68.21 -25.73
N TYR J 272 -17.53 -68.90 -26.87
CA TYR J 272 -18.67 -69.72 -27.27
C TYR J 272 -18.91 -70.85 -26.28
N GLN J 273 -17.83 -71.51 -25.85
CA GLN J 273 -17.97 -72.58 -24.87
C GLN J 273 -18.52 -72.05 -23.56
N LYS J 274 -18.03 -70.88 -23.12
CA LYS J 274 -18.54 -70.31 -21.88
C LYS J 274 -20.01 -69.92 -22.00
N GLN J 275 -20.43 -69.40 -23.15
CA GLN J 275 -21.84 -69.07 -23.32
C GLN J 275 -22.71 -70.33 -23.41
N GLU J 276 -22.20 -71.40 -24.01
CA GLU J 276 -22.93 -72.66 -23.98
C GLU J 276 -23.09 -73.17 -22.56
N ARG J 277 -22.02 -73.06 -21.76
CA ARG J 277 -22.12 -73.45 -20.36
C ARG J 277 -23.12 -72.58 -19.61
N GLN J 278 -23.17 -71.27 -19.94
CA GLN J 278 -24.15 -70.40 -19.32
C GLN J 278 -25.57 -70.79 -19.70
N LEU J 279 -25.78 -71.18 -20.95
CA LEU J 279 -27.09 -71.67 -21.36
C LEU J 279 -27.46 -72.93 -20.60
N ALA J 280 -26.49 -73.83 -20.43
CA ALA J 280 -26.75 -75.04 -19.64
C ALA J 280 -27.09 -74.70 -18.19
N ASP J 281 -26.40 -73.71 -17.61
CA ASP J 281 -26.70 -73.29 -16.24
C ASP J 281 -28.10 -72.71 -16.15
N TRP J 282 -28.49 -71.89 -17.14
CA TRP J 282 -29.84 -71.35 -17.16
C TRP J 282 -30.88 -72.46 -17.27
N LEU J 283 -30.60 -73.47 -18.10
CA LEU J 283 -31.52 -74.59 -18.21
C LEU J 283 -31.62 -75.37 -16.90
N THR J 284 -30.49 -75.53 -16.20
CA THR J 284 -30.52 -76.20 -14.90
C THR J 284 -31.35 -75.41 -13.90
N LEU J 285 -31.19 -74.09 -13.89
CA LEU J 285 -32.01 -73.25 -13.02
C LEU J 285 -33.48 -73.37 -13.38
N GLU J 286 -33.79 -73.42 -14.68
CA GLU J 286 -35.17 -73.60 -15.11
C GLU J 286 -35.75 -74.92 -14.61
N SER J 287 -34.98 -76.00 -14.76
CA SER J 287 -35.46 -77.32 -14.36
C SER J 287 -35.62 -77.42 -12.85
N LEU J 288 -34.73 -76.80 -12.07
CA LEU J 288 -34.81 -76.88 -10.62
C LEU J 288 -35.67 -75.79 -9.99
N LEU J 289 -36.16 -74.83 -10.79
CA LEU J 289 -36.96 -73.74 -10.24
C LEU J 289 -38.26 -74.23 -9.61
N PRO J 290 -39.08 -75.04 -10.27
CA PRO J 290 -40.26 -75.59 -9.58
C PRO J 290 -39.91 -76.39 -8.34
N LEU J 291 -38.76 -77.06 -8.34
CA LEU J 291 -38.38 -77.88 -7.19
C LEU J 291 -38.04 -77.01 -5.99
N TRP J 292 -37.36 -75.89 -6.19
CA TRP J 292 -37.02 -75.00 -5.09
C TRP J 292 -38.28 -74.42 -4.45
N PHE J 293 -39.20 -73.94 -5.28
CA PHE J 293 -40.46 -73.42 -4.75
C PHE J 293 -41.28 -74.52 -4.10
N ALA J 294 -41.21 -75.74 -4.63
CA ALA J 294 -41.89 -76.86 -3.99
C ALA J 294 -41.32 -77.14 -2.60
N GLN J 295 -40.00 -77.09 -2.47
CA GLN J 295 -39.38 -77.27 -1.16
C GLN J 295 -39.79 -76.16 -0.20
N GLN J 296 -39.80 -74.92 -0.68
CA GLN J 296 -40.24 -73.81 0.16
C GLN J 296 -41.67 -74.00 0.62
N ALA J 297 -42.55 -74.39 -0.31
CA ALA J 297 -43.95 -74.63 0.02
C ALA J 297 -44.09 -75.76 1.02
N SER J 298 -43.31 -76.83 0.84
CA SER J 298 -43.36 -77.95 1.77
C SER J 298 -42.95 -77.52 3.17
N HIS J 299 -41.86 -76.76 3.28
CA HIS J 299 -41.41 -76.32 4.60
C HIS J 299 -42.44 -75.42 5.25
N LEU J 300 -43.00 -74.47 4.49
CA LEU J 300 -44.00 -73.57 5.05
C LEU J 300 -45.26 -74.35 5.44
N TRP J 301 -45.67 -75.31 4.63
CA TRP J 301 -46.84 -76.10 4.92
C TRP J 301 -46.66 -76.91 6.20
N ARG J 302 -45.46 -77.49 6.38
CA ARG J 302 -45.23 -78.27 7.60
C ARG J 302 -45.14 -77.36 8.82
N GLU J 303 -44.53 -76.18 8.66
CA GLU J 303 -44.51 -75.20 9.75
C GLU J 303 -45.94 -74.84 10.17
N LYS J 304 -46.81 -74.61 9.20
CA LYS J 304 -48.20 -74.27 9.52
C LYS J 304 -48.94 -75.47 10.09
N ILE J 305 -48.62 -76.68 9.59
CA ILE J 305 -49.34 -77.88 10.02
C ILE J 305 -49.03 -78.21 11.47
N ASN J 306 -47.79 -77.96 11.90
CA ASN J 306 -47.43 -78.20 13.29
C ASN J 306 -48.36 -77.45 14.23
N LEU J 307 -48.89 -76.30 13.80
CA LEU J 307 -49.85 -75.53 14.59
C LEU J 307 -51.28 -75.90 14.25
N LEU J 308 -51.56 -76.27 13.00
CA LEU J 308 -52.91 -76.66 12.61
C LEU J 308 -53.35 -77.92 13.36
N ASN J 309 -52.44 -78.87 13.55
CA ASN J 309 -52.78 -80.07 14.31
C ASN J 309 -53.18 -79.71 15.73
N ALA J 310 -52.41 -78.84 16.38
CA ALA J 310 -52.75 -78.43 17.74
C ALA J 310 -54.06 -77.67 17.78
N ARG J 311 -54.32 -76.82 16.79
CA ARG J 311 -55.56 -76.06 16.77
C ARG J 311 -56.76 -76.97 16.58
N LEU J 312 -56.64 -77.96 15.69
CA LEU J 312 -57.72 -78.92 15.50
C LEU J 312 -57.94 -79.74 16.77
N ALA J 313 -56.86 -80.14 17.43
CA ALA J 313 -57.00 -80.86 18.70
C ALA J 313 -57.70 -79.99 19.74
N GLU J 314 -57.35 -78.71 19.80
CA GLU J 314 -58.00 -77.80 20.75
C GLU J 314 -59.49 -77.66 20.45
N ALA J 315 -59.84 -77.51 19.18
CA ALA J 315 -61.26 -77.39 18.81
C ALA J 315 -62.01 -78.67 19.15
N GLN J 316 -61.40 -79.82 18.86
CA GLN J 316 -62.04 -81.09 19.21
C GLN J 316 -62.22 -81.21 20.71
N THR J 317 -61.22 -80.80 21.49
CA THR J 317 -61.33 -80.84 22.94
C THR J 317 -62.45 -79.94 23.44
N SER J 318 -62.57 -78.74 22.87
CA SER J 318 -63.66 -77.84 23.26
C SER J 318 -65.01 -78.46 22.93
N GLU J 319 -65.15 -79.01 21.73
CA GLU J 319 -66.41 -79.63 21.33
C GLU J 319 -66.75 -80.79 22.26
N GLU J 320 -65.76 -81.61 22.59
CA GLU J 320 -66.02 -82.77 23.43
C GLU J 320 -66.32 -82.36 24.87
N GLN J 321 -65.70 -81.27 25.34
CA GLN J 321 -66.04 -80.76 26.67
C GLN J 321 -67.47 -80.25 26.71
N LEU J 322 -67.88 -79.53 25.66
CA LEU J 322 -69.28 -79.08 25.60
C LEU J 322 -70.23 -80.28 25.52
N GLN J 323 -69.86 -81.30 24.76
CA GLN J 323 -70.67 -82.51 24.69
C GLN J 323 -70.77 -83.20 26.04
N SER J 324 -69.66 -83.27 26.77
CA SER J 324 -69.67 -83.89 28.09
C SER J 324 -70.56 -83.10 29.05
N GLN J 325 -70.48 -81.77 29.02
CA GLN J 325 -71.36 -80.97 29.85
C GLN J 325 -72.82 -81.18 29.47
N LEU J 326 -73.10 -81.26 28.17
CA LEU J 326 -74.47 -81.48 27.72
C LEU J 326 -75.00 -82.83 28.20
N ASP J 327 -74.17 -83.87 28.10
CA ASP J 327 -74.59 -85.19 28.56
C ASP J 327 -74.72 -85.25 30.07
N LEU J 328 -73.88 -84.52 30.80
CA LEU J 328 -74.04 -84.43 32.25
C LEU J 328 -75.34 -83.74 32.61
N GLN J 329 -75.71 -82.69 31.85
CA GLN J 329 -77.00 -82.05 32.07
C GLN J 329 -78.15 -83.01 31.76
N LYS J 330 -77.99 -83.83 30.72
CA LYS J 330 -79.00 -84.85 30.43
C LYS J 330 -79.11 -85.85 31.57
N LYS J 331 -77.98 -86.23 32.16
CA LYS J 331 -78.00 -87.13 33.31
C LYS J 331 -78.70 -86.49 34.51
N VAL J 332 -78.45 -85.19 34.72
CA VAL J 332 -79.15 -84.47 35.78
C VAL J 332 -80.66 -84.45 35.50
N VAL J 333 -81.04 -84.27 34.23
CA VAL J 333 -82.44 -84.29 33.85
C VAL J 333 -83.06 -85.64 34.18
N SER J 334 -82.36 -86.72 33.83
CA SER J 334 -82.86 -88.06 34.12
C SER J 334 -82.99 -88.29 35.62
N ASP J 335 -82.01 -87.85 36.39
CA ASP J 335 -82.06 -88.01 37.85
C ASP J 335 -83.24 -87.24 38.43
N CYS J 336 -83.45 -86.00 37.97
CA CYS J 336 -84.55 -85.20 38.48
C CYS J 336 -85.89 -85.80 38.08
N MET J 337 -85.96 -86.44 36.91
CA MET J 337 -87.14 -87.19 36.53
C MET J 337 -87.39 -88.34 37.49
N GLN J 338 -86.37 -89.18 37.71
CA GLN J 338 -86.54 -90.34 38.57
C GLN J 338 -86.96 -89.91 39.97
N ARG J 339 -86.43 -88.79 40.45
CA ARG J 339 -86.88 -88.22 41.72
C ARG J 339 -88.34 -87.75 41.62
N TYR J 340 -88.70 -87.16 40.48
CA TYR J 340 -90.03 -86.58 40.32
C TYR J 340 -91.10 -87.66 40.27
N LEU J 341 -90.78 -88.81 39.68
CA LEU J 341 -91.74 -89.89 39.51
C LEU J 341 -91.72 -90.90 40.67
N GLN J 342 -90.82 -90.73 41.64
CA GLN J 342 -90.70 -91.65 42.75
C GLN J 342 -91.09 -91.04 44.09
N VAL J 343 -90.87 -89.74 44.28
CA VAL J 343 -91.22 -89.08 45.54
C VAL J 343 -92.69 -88.68 45.52
N ASP J 689 -92.06 -75.99 47.92
CA ASP J 689 -90.95 -76.23 48.84
C ASP J 689 -90.78 -77.71 49.13
N SER J 690 -91.81 -78.51 48.83
CA SER J 690 -91.75 -79.94 49.04
C SER J 690 -90.71 -80.57 48.11
N ASP J 691 -90.46 -81.86 48.32
CA ASP J 691 -89.51 -82.57 47.48
C ASP J 691 -89.96 -82.62 46.04
N ALA J 692 -91.27 -82.84 45.82
CA ALA J 692 -91.78 -82.88 44.45
C ALA J 692 -91.60 -81.54 43.74
N SER J 693 -91.87 -80.44 44.45
CA SER J 693 -91.70 -79.12 43.85
C SER J 693 -90.24 -78.88 43.48
N VAL J 694 -89.32 -79.25 44.37
CA VAL J 694 -87.90 -79.07 44.08
C VAL J 694 -87.50 -79.92 42.88
N ALA J 695 -87.99 -81.15 42.82
CA ALA J 695 -87.67 -82.01 41.69
C ALA J 695 -88.17 -81.41 40.39
N LYS J 696 -89.41 -80.90 40.38
CA LYS J 696 -89.95 -80.30 39.17
C LYS J 696 -89.13 -79.08 38.75
N ALA J 697 -88.83 -78.19 39.70
CA ALA J 697 -88.09 -76.98 39.38
C ALA J 697 -86.69 -77.32 38.86
N LYS J 698 -86.01 -78.28 39.50
CA LYS J 698 -84.67 -78.65 39.08
C LYS J 698 -84.70 -79.34 37.72
N LEU J 699 -85.73 -80.13 37.45
CA LEU J 699 -85.87 -80.75 36.13
C LEU J 699 -86.04 -79.68 35.06
N ASP J 700 -86.88 -78.67 35.32
CA ASP J 700 -87.05 -77.59 34.36
C ASP J 700 -85.76 -76.82 34.14
N GLU J 701 -85.06 -76.48 35.23
CA GLU J 701 -83.81 -75.74 35.11
C GLU J 701 -82.76 -76.56 34.36
N ALA J 702 -82.68 -77.86 34.64
CA ALA J 702 -81.72 -78.71 33.94
C ALA J 702 -82.05 -78.81 32.47
N GLN J 703 -83.34 -78.89 32.12
CA GLN J 703 -83.71 -78.89 30.70
C GLN J 703 -83.31 -77.59 30.03
N THR J 704 -83.54 -76.46 30.70
CA THR J 704 -83.15 -75.18 30.12
C THR J 704 -81.64 -75.11 29.89
N ILE J 705 -80.87 -75.54 30.89
CA ILE J 705 -79.41 -75.52 30.76
C ILE J 705 -78.95 -76.51 29.69
N GLU J 706 -79.65 -77.64 29.55
CA GLU J 706 -79.31 -78.61 28.52
C GLU J 706 -79.52 -78.01 27.13
N SER J 707 -80.64 -77.32 26.93
CA SER J 707 -80.87 -76.65 25.65
C SER J 707 -79.82 -75.57 25.40
N GLU J 708 -79.47 -74.81 26.45
CA GLU J 708 -78.45 -73.78 26.31
C GLU J 708 -77.12 -74.39 25.86
N LEU J 709 -76.70 -75.45 26.54
CA LEU J 709 -75.44 -76.12 26.19
C LEU J 709 -75.50 -76.73 24.80
N ASP J 710 -76.65 -77.26 24.40
CA ASP J 710 -76.79 -77.78 23.06
C ASP J 710 -76.61 -76.67 22.02
N LYS J 711 -77.17 -75.50 22.29
CA LYS J 711 -76.95 -74.36 21.40
C LYS J 711 -75.46 -74.01 21.31
N GLN J 712 -74.78 -73.96 22.46
CA GLN J 712 -73.35 -73.65 22.43
C GLN J 712 -72.56 -74.71 21.65
N LEU J 713 -72.89 -75.98 21.83
CA LEU J 713 -72.20 -77.04 21.09
C LEU J 713 -72.47 -76.91 19.59
N ARG J 714 -73.71 -76.57 19.22
CA ARG J 714 -74.02 -76.35 17.81
C ARG J 714 -73.17 -75.22 17.25
N ALA J 715 -73.04 -74.13 18.00
CA ALA J 715 -72.22 -73.01 17.53
C ALA J 715 -70.76 -73.41 17.38
N ALA J 716 -70.26 -74.22 18.31
CA ALA J 716 -68.83 -74.56 18.32
C ALA J 716 -68.48 -75.50 17.17
N ASN J 717 -69.45 -76.28 16.69
CA ASN J 717 -69.15 -77.25 15.64
C ASN J 717 -68.59 -76.59 14.40
N LYS J 718 -68.89 -75.31 14.18
CA LYS J 718 -68.37 -74.62 13.00
C LYS J 718 -66.85 -74.53 13.05
N VAL J 719 -66.28 -74.25 14.21
CA VAL J 719 -64.83 -74.14 14.32
C VAL J 719 -64.16 -75.46 13.97
N THR J 720 -64.70 -76.57 14.48
CA THR J 720 -64.12 -77.88 14.19
C THR J 720 -64.18 -78.18 12.69
N ASN J 721 -65.31 -77.88 12.06
CA ASN J 721 -65.45 -78.14 10.63
C ASN J 721 -64.45 -77.32 9.82
N VAL J 722 -64.33 -76.03 10.14
CA VAL J 722 -63.42 -75.16 9.40
C VAL J 722 -61.98 -75.63 9.58
N LEU J 723 -61.61 -75.96 10.81
CA LEU J 723 -60.25 -76.42 11.07
C LEU J 723 -59.97 -77.75 10.39
N ASP J 724 -60.95 -78.66 10.36
CA ASP J 724 -60.77 -79.93 9.68
C ASP J 724 -60.58 -79.73 8.19
N THR J 725 -61.40 -78.88 7.57
CA THR J 725 -61.24 -78.61 6.15
C THR J 725 -59.89 -77.97 5.86
N GLU J 726 -59.49 -77.00 6.69
CA GLU J 726 -58.21 -76.35 6.49
C GLU J 726 -57.06 -77.33 6.63
N LEU J 727 -57.13 -78.22 7.63
CA LEU J 727 -56.06 -79.20 7.83
C LEU J 727 -56.01 -80.18 6.66
N THR J 728 -57.17 -80.61 6.16
CA THR J 728 -57.18 -81.51 5.01
C THR J 728 -56.55 -80.85 3.80
N LEU J 729 -56.93 -79.60 3.51
CA LEU J 729 -56.36 -78.90 2.37
C LEU J 729 -54.85 -78.68 2.56
N ALA J 730 -54.44 -78.32 3.77
CA ALA J 730 -53.03 -78.10 4.05
C ALA J 730 -52.23 -79.39 3.88
N ARG J 731 -52.79 -80.51 4.35
CA ARG J 731 -52.11 -81.78 4.20
C ARG J 731 -52.00 -82.18 2.74
N ALA J 732 -53.06 -81.96 1.96
CA ALA J 732 -52.99 -82.26 0.53
C ALA J 732 -51.91 -81.42 -0.15
N ALA J 733 -51.89 -80.11 0.14
CA ALA J 733 -50.89 -79.24 -0.48
C ALA J 733 -49.48 -79.61 -0.04
N GLU J 734 -49.32 -79.97 1.24
CA GLU J 734 -48.01 -80.38 1.75
C GLU J 734 -47.56 -81.67 1.09
N ARG J 735 -48.48 -82.63 0.88
CA ARG J 735 -48.11 -83.85 0.19
C ARG J 735 -47.69 -83.56 -1.24
N LYS J 736 -48.42 -82.67 -1.92
CA LYS J 736 -48.03 -82.29 -3.28
C LYS J 736 -46.65 -81.66 -3.30
N ALA J 737 -46.38 -80.74 -2.35
CA ALA J 737 -45.09 -80.08 -2.30
C ALA J 737 -43.98 -81.06 -1.98
N GLN J 738 -44.23 -82.02 -1.08
CA GLN J 738 -43.25 -83.04 -0.75
C GLN J 738 -42.93 -83.90 -1.96
N GLN J 739 -43.97 -84.30 -2.71
CA GLN J 739 -43.75 -85.12 -3.90
C GLN J 739 -42.96 -84.36 -4.95
N THR J 740 -43.26 -83.07 -5.12
CA THR J 740 -42.52 -82.27 -6.10
C THR J 740 -41.09 -81.99 -5.64
N ALA J 741 -40.86 -81.91 -4.33
CA ALA J 741 -39.53 -81.58 -3.84
C ALA J 741 -38.59 -82.77 -3.91
N GLN J 742 -39.13 -83.98 -3.78
CA GLN J 742 -38.33 -85.20 -3.73
C GLN J 742 -38.01 -85.77 -5.11
N GLN J 743 -38.04 -84.93 -6.15
CA GLN J 743 -37.72 -85.38 -7.50
C GLN J 743 -36.23 -85.64 -7.70
N GLY J 744 -35.41 -85.47 -6.66
CA GLY J 744 -33.99 -85.71 -6.76
C GLY J 744 -33.19 -84.43 -6.88
N MET J 745 -32.21 -84.25 -6.01
CA MET J 745 -31.40 -83.04 -6.01
C MET J 745 -30.21 -83.22 -5.08
N LYS J 746 -29.07 -82.70 -5.52
CA LYS J 746 -27.88 -82.64 -4.68
C LYS J 746 -27.93 -81.39 -3.79
N GLU J 747 -27.18 -81.43 -2.70
CA GLU J 747 -27.12 -80.27 -1.82
C GLU J 747 -26.57 -79.05 -2.55
N GLU J 748 -25.56 -79.26 -3.40
CA GLU J 748 -25.01 -78.15 -4.18
C GLU J 748 -26.04 -77.56 -5.11
N GLU J 749 -26.88 -78.39 -5.74
CA GLU J 749 -27.95 -77.87 -6.58
C GLU J 749 -28.97 -77.08 -5.76
N ARG J 750 -29.28 -77.53 -4.55
CA ARG J 750 -30.18 -76.78 -3.70
C ARG J 750 -29.59 -75.42 -3.35
N GLU J 751 -28.30 -75.38 -3.06
CA GLU J 751 -27.65 -74.10 -2.78
C GLU J 751 -27.61 -73.21 -4.03
N LEU J 752 -27.45 -73.81 -5.20
CA LEU J 752 -27.53 -73.05 -6.44
C LEU J 752 -28.91 -72.41 -6.60
N CYS J 753 -29.96 -73.17 -6.30
CA CYS J 753 -31.31 -72.62 -6.36
C CYS J 753 -31.49 -71.51 -5.32
N ALA J 754 -30.93 -71.70 -4.14
CA ALA J 754 -31.06 -70.69 -3.08
C ALA J 754 -30.35 -69.40 -3.45
N SER J 755 -29.18 -69.48 -4.09
CA SER J 755 -28.38 -68.31 -4.39
C SER J 755 -29.02 -67.40 -5.42
N HIS J 756 -30.01 -67.87 -6.17
CA HIS J 756 -30.68 -67.05 -7.18
C HIS J 756 -32.15 -66.81 -6.85
N PHE J 757 -32.91 -67.86 -6.60
CA PHE J 757 -34.33 -67.71 -6.32
C PHE J 757 -34.53 -67.27 -4.87
N PRO J 758 -35.58 -66.49 -4.59
CA PRO J 758 -35.74 -65.92 -3.25
C PRO J 758 -36.36 -66.90 -2.26
N VAL J 759 -36.14 -66.60 -0.98
CA VAL J 759 -36.81 -67.35 0.08
C VAL J 759 -38.21 -66.80 0.28
N VAL J 760 -39.16 -67.69 0.58
CA VAL J 760 -40.57 -67.37 0.64
C VAL J 760 -41.02 -67.37 2.09
N THR J 761 -41.77 -66.34 2.47
CA THR J 761 -42.33 -66.25 3.82
C THR J 761 -43.61 -67.06 3.91
N LEU J 762 -44.05 -67.29 5.16
CA LEU J 762 -45.24 -68.10 5.38
C LEU J 762 -46.48 -67.45 4.79
N GLU J 763 -46.59 -66.12 4.90
CA GLU J 763 -47.78 -65.43 4.42
C GLU J 763 -47.95 -65.53 2.91
N GLN J 764 -46.87 -65.82 2.18
CA GLN J 764 -46.94 -65.96 0.72
C GLN J 764 -47.20 -67.39 0.27
N LEU J 765 -47.44 -68.31 1.20
CA LEU J 765 -47.62 -69.71 0.83
C LEU J 765 -48.79 -69.94 -0.13
N PRO J 766 -49.98 -69.39 0.09
CA PRO J 766 -51.07 -69.61 -0.88
C PRO J 766 -50.73 -69.09 -2.27
N ASP J 767 -50.00 -67.98 -2.36
CA ASP J 767 -49.68 -67.34 -3.63
C ASP J 767 -48.30 -67.67 -4.15
N ILE J 768 -47.64 -68.68 -3.58
CA ILE J 768 -46.28 -69.02 -3.99
C ILE J 768 -46.24 -69.41 -5.46
N ARG J 769 -47.38 -69.80 -6.03
CA ARG J 769 -47.42 -70.18 -7.43
C ARG J 769 -47.02 -69.01 -8.34
N ASP J 770 -47.52 -67.81 -8.02
CA ASP J 770 -47.25 -66.65 -8.86
C ASP J 770 -45.76 -66.35 -8.99
N LEU J 771 -45.00 -66.50 -7.90
CA LEU J 771 -43.55 -66.33 -8.00
C LEU J 771 -42.95 -67.35 -8.96
N GLU J 772 -43.39 -68.60 -8.87
CA GLU J 772 -42.79 -69.66 -9.68
C GLU J 772 -42.99 -69.39 -11.16
N ARG J 773 -44.19 -68.99 -11.57
CA ARG J 773 -44.47 -68.82 -12.99
C ARG J 773 -43.79 -67.57 -13.55
N GLN J 774 -43.78 -66.47 -12.79
CA GLN J 774 -43.07 -65.28 -13.25
C GLN J 774 -41.57 -65.51 -13.34
N HIS J 775 -40.99 -66.22 -12.37
CA HIS J 775 -39.58 -66.59 -12.47
C HIS J 775 -39.34 -67.55 -13.62
N GLU J 776 -40.32 -68.40 -13.94
CA GLU J 776 -40.22 -69.24 -15.13
C GLU J 776 -40.15 -68.39 -16.39
N ARG J 777 -40.99 -67.35 -16.46
CA ARG J 777 -40.94 -66.44 -17.60
C ARG J 777 -39.59 -65.74 -17.69
N GLY J 778 -39.06 -65.28 -16.55
CA GLY J 778 -37.76 -64.64 -16.56
C GLY J 778 -36.65 -65.57 -16.99
N ILE J 779 -36.70 -66.82 -16.52
CA ILE J 779 -35.68 -67.79 -16.90
C ILE J 779 -35.80 -68.12 -18.38
N GLN J 780 -37.02 -68.16 -18.90
CA GLN J 780 -37.21 -68.36 -20.34
C GLN J 780 -36.58 -67.21 -21.13
N HIS J 781 -36.79 -65.98 -20.66
CA HIS J 781 -36.18 -64.83 -21.32
C HIS J 781 -34.66 -64.93 -21.29
N GLU J 782 -34.08 -65.29 -20.14
CA GLU J 782 -32.63 -65.43 -20.05
C GLU J 782 -32.13 -66.55 -20.97
N ILE J 783 -32.87 -67.66 -21.03
CA ILE J 783 -32.46 -68.80 -21.85
C ILE J 783 -32.47 -68.41 -23.32
N GLU J 784 -33.51 -67.72 -23.77
CA GLU J 784 -33.56 -67.31 -25.17
C GLU J 784 -32.50 -66.27 -25.48
N ARG J 785 -32.21 -65.37 -24.54
CA ARG J 785 -31.13 -64.41 -24.75
C ARG J 785 -29.80 -65.12 -24.94
N VAL J 786 -29.48 -66.06 -24.04
CA VAL J 786 -28.21 -66.77 -24.16
C VAL J 786 -28.20 -67.63 -25.41
N LYS J 787 -29.36 -68.15 -25.83
CA LYS J 787 -29.42 -68.92 -27.06
C LYS J 787 -29.10 -68.04 -28.28
N ALA J 788 -29.66 -66.83 -28.31
CA ALA J 788 -29.34 -65.91 -29.39
C ALA J 788 -27.85 -65.57 -29.39
N GLU J 789 -27.29 -65.32 -28.20
CA GLU J 789 -25.86 -65.02 -28.13
C GLU J 789 -25.03 -66.22 -28.59
N LEU J 790 -25.45 -67.43 -28.22
CA LEU J 790 -24.73 -68.63 -28.62
C LEU J 790 -24.79 -68.83 -30.13
N HIS J 791 -25.94 -68.56 -30.74
CA HIS J 791 -26.04 -68.65 -32.19
C HIS J 791 -25.16 -67.62 -32.87
N ARG J 792 -25.12 -66.40 -32.33
CA ARG J 792 -24.24 -65.37 -32.89
C ARG J 792 -22.78 -65.80 -32.78
N LEU J 793 -22.39 -66.36 -31.64
CA LEU J 793 -21.02 -66.82 -31.46
C LEU J 793 -20.71 -68.00 -32.37
N ASN J 794 -21.67 -68.88 -32.61
CA ASN J 794 -21.47 -69.97 -33.57
C ASN J 794 -21.25 -69.43 -34.98
N ILE J 795 -22.03 -68.42 -35.36
CA ILE J 795 -21.83 -67.80 -36.68
C ILE J 795 -20.44 -67.19 -36.76
N GLU J 796 -20.02 -66.49 -35.70
CA GLU J 796 -18.71 -65.87 -35.68
C GLU J 796 -17.61 -66.92 -35.78
N LEU J 797 -17.76 -68.04 -35.05
CA LEU J 797 -16.79 -69.11 -35.10
C LEU J 797 -16.69 -69.72 -36.50
N THR J 798 -17.85 -69.94 -37.13
CA THR J 798 -17.84 -70.46 -38.49
C THR J 798 -17.12 -69.51 -39.43
N LYS J 799 -17.40 -68.21 -39.31
CA LYS J 799 -16.71 -67.22 -40.13
C LYS J 799 -15.21 -67.30 -39.92
N ARG J 800 -14.78 -67.33 -38.65
CA ARG J 800 -13.35 -67.31 -38.35
C ARG J 800 -12.65 -68.55 -38.87
N MET J 801 -13.25 -69.73 -38.69
CA MET J 801 -12.60 -70.95 -39.15
C MET J 801 -12.60 -71.06 -40.66
N SER J 802 -13.68 -70.64 -41.32
CA SER J 802 -13.72 -70.68 -42.78
C SER J 802 -12.70 -69.72 -43.38
N GLU J 803 -12.59 -68.51 -42.82
CA GLU J 803 -11.65 -67.54 -43.34
C GLU J 803 -10.21 -68.01 -43.19
N ALA J 804 -9.96 -68.89 -42.22
CA ALA J 804 -8.61 -69.39 -42.00
C ALA J 804 -8.21 -70.41 -43.06
N LYS J 805 -9.19 -71.11 -43.66
CA LYS J 805 -8.88 -72.13 -44.64
C LYS J 805 -8.22 -71.54 -45.89
N ARG J 806 -8.42 -70.25 -46.16
CA ARG J 806 -7.81 -69.65 -47.35
C ARG J 806 -6.32 -69.41 -47.13
N VAL J 807 -5.90 -69.22 -45.89
CA VAL J 807 -4.52 -68.80 -45.61
C VAL J 807 -3.53 -69.95 -45.53
N ASP J 808 -4.01 -71.18 -45.44
CA ASP J 808 -3.14 -72.33 -45.24
C ASP J 808 -3.59 -73.49 -46.12
N THR J 809 -2.64 -74.39 -46.41
CA THR J 809 -2.90 -75.58 -47.19
C THR J 809 -2.52 -76.81 -46.38
N GLY J 810 -3.21 -77.90 -46.64
CA GLY J 810 -2.99 -79.15 -45.91
C GLY J 810 -3.95 -79.29 -44.72
N ALA J 811 -3.48 -78.93 -43.53
CA ALA J 811 -4.28 -79.14 -42.32
C ALA J 811 -5.58 -78.36 -42.36
N LEU J 812 -5.55 -77.11 -42.80
CA LEU J 812 -6.73 -76.25 -42.76
C LEU J 812 -7.72 -76.56 -43.88
N VAL J 813 -7.35 -77.39 -44.86
CA VAL J 813 -8.30 -77.85 -45.86
C VAL J 813 -8.78 -79.26 -45.60
N GLU J 814 -8.08 -80.02 -44.74
CA GLU J 814 -8.58 -81.33 -44.33
C GLU J 814 -9.79 -81.19 -43.42
N ALA J 815 -9.82 -80.15 -42.59
CA ALA J 815 -10.94 -79.93 -41.69
C ALA J 815 -12.15 -79.45 -42.46
N GLY J 816 -13.33 -79.68 -41.88
CA GLY J 816 -14.58 -79.29 -42.49
C GLY J 816 -15.04 -77.91 -42.08
N ALA J 817 -16.33 -77.78 -41.75
CA ALA J 817 -16.91 -76.50 -41.37
C ALA J 817 -17.77 -76.62 -40.12
N ASP J 818 -17.35 -77.44 -39.17
CA ASP J 818 -18.07 -77.66 -37.92
C ASP J 818 -17.18 -77.30 -36.74
N LEU J 819 -17.82 -76.90 -35.63
CA LEU J 819 -17.09 -76.49 -34.45
C LEU J 819 -16.32 -77.63 -33.80
N ASP J 820 -16.61 -78.89 -34.15
CA ASP J 820 -15.83 -80.00 -33.63
C ASP J 820 -14.42 -80.02 -34.19
N ASP J 821 -14.17 -79.30 -35.29
CA ASP J 821 -12.86 -79.25 -35.93
C ASP J 821 -12.03 -78.06 -35.45
N ILE J 822 -12.53 -77.30 -34.47
CA ILE J 822 -11.79 -76.21 -33.87
C ILE J 822 -10.42 -76.72 -33.38
N PRO J 823 -10.34 -77.87 -32.73
CA PRO J 823 -9.01 -78.33 -32.25
C PRO J 823 -7.99 -78.50 -33.36
N VAL J 824 -8.40 -78.67 -34.61
CA VAL J 824 -7.44 -78.69 -35.70
C VAL J 824 -6.74 -77.34 -35.84
N TYR J 825 -7.53 -76.26 -35.78
CA TYR J 825 -6.93 -74.93 -35.87
C TYR J 825 -6.05 -74.64 -34.66
N LEU J 826 -6.49 -75.02 -33.46
CA LEU J 826 -5.69 -74.79 -32.26
C LEU J 826 -4.38 -75.54 -32.33
N GLN J 827 -4.41 -76.79 -32.82
CA GLN J 827 -3.19 -77.57 -32.95
C GLN J 827 -2.22 -76.91 -33.92
N ARG J 828 -2.72 -76.43 -35.07
CA ARG J 828 -1.85 -75.78 -36.02
C ARG J 828 -1.27 -74.49 -35.44
N LEU J 829 -2.08 -73.75 -34.67
CA LEU J 829 -1.59 -72.54 -34.04
C LEU J 829 -0.45 -72.84 -33.07
N GLN J 830 -0.70 -73.77 -32.13
CA GLN J 830 0.30 -74.11 -31.13
C GLN J 830 1.53 -74.80 -31.73
N GLU J 831 1.38 -75.42 -32.91
CA GLU J 831 2.54 -75.92 -33.63
C GLU J 831 3.33 -74.76 -34.24
N LEU J 832 2.69 -74.00 -35.12
CA LEU J 832 3.34 -72.87 -35.76
C LEU J 832 4.12 -72.03 -34.75
N THR J 833 3.50 -71.70 -33.61
CA THR J 833 4.08 -70.74 -32.69
C THR J 833 5.52 -71.05 -32.30
N GLU J 834 5.94 -72.32 -32.41
CA GLU J 834 7.28 -72.70 -31.99
C GLU J 834 8.04 -73.44 -33.09
N GLU J 835 7.32 -73.96 -34.08
CA GLU J 835 7.96 -74.73 -35.14
C GLU J 835 8.21 -73.90 -36.40
N ALA J 836 7.38 -72.89 -36.67
CA ALA J 836 7.48 -72.14 -37.91
C ALA J 836 8.09 -70.76 -37.71
N LEU J 837 7.53 -69.97 -36.79
CA LEU J 837 7.93 -68.57 -36.68
C LEU J 837 9.37 -68.41 -36.19
N PRO J 838 9.80 -69.07 -35.11
CA PRO J 838 11.16 -68.79 -34.59
C PRO J 838 12.27 -69.09 -35.58
N GLU J 839 12.29 -70.30 -36.15
CA GLU J 839 13.37 -70.66 -37.08
C GLU J 839 13.33 -69.79 -38.32
N LYS J 840 12.13 -69.53 -38.85
CA LYS J 840 12.02 -68.70 -40.04
C LYS J 840 12.55 -67.30 -39.79
N LEU J 841 12.16 -66.71 -38.66
CA LEU J 841 12.65 -65.39 -38.30
C LEU J 841 14.16 -65.41 -38.11
N ASN J 842 14.69 -66.46 -37.50
CA ASN J 842 16.14 -66.57 -37.32
C ASN J 842 16.86 -66.55 -38.66
N ARG J 843 16.42 -67.38 -39.60
CA ARG J 843 17.10 -67.44 -40.89
C ARG J 843 16.95 -66.13 -41.64
N PHE J 844 15.77 -65.52 -41.59
CA PHE J 844 15.56 -64.24 -42.28
C PHE J 844 16.47 -63.16 -41.72
N LEU J 845 16.56 -63.08 -40.39
CA LEU J 845 17.41 -62.08 -39.76
C LEU J 845 18.87 -62.32 -40.09
N ASP J 846 19.31 -63.58 -40.08
CA ASP J 846 20.69 -63.87 -40.41
C ASP J 846 21.01 -63.47 -41.85
N TYR J 847 20.12 -63.81 -42.78
CA TYR J 847 20.34 -63.45 -44.17
C TYR J 847 20.36 -61.94 -44.35
N LEU J 848 19.46 -61.22 -43.68
CA LEU J 848 19.47 -59.76 -43.74
C LEU J 848 20.77 -59.20 -43.18
N ASN J 849 21.27 -59.76 -42.09
CA ASN J 849 22.57 -59.34 -41.57
C ASN J 849 23.66 -59.55 -42.59
N ARG J 850 23.65 -60.68 -43.29
CA ARG J 850 24.67 -60.96 -44.29
C ARG J 850 24.51 -60.11 -45.54
N SER J 851 23.33 -59.55 -45.78
CA SER J 851 23.11 -58.70 -46.95
C SER J 851 23.93 -57.42 -46.83
N SER J 852 24.33 -56.88 -47.98
CA SER J 852 25.16 -55.68 -48.03
C SER J 852 24.60 -54.72 -49.07
N ASP J 853 24.93 -53.44 -48.90
CA ASP J 853 24.47 -52.38 -49.79
C ASP J 853 25.46 -52.07 -50.89
N ASP J 854 26.50 -52.89 -51.06
CA ASP J 854 27.57 -52.58 -52.02
C ASP J 854 27.01 -52.43 -53.44
N GLY J 855 25.94 -53.14 -53.76
CA GLY J 855 25.49 -53.19 -55.14
C GLY J 855 25.21 -51.83 -55.73
N VAL J 856 24.43 -51.01 -55.03
CA VAL J 856 24.03 -49.72 -55.57
C VAL J 856 25.22 -48.76 -55.61
N THR J 857 26.00 -48.68 -54.53
CA THR J 857 27.09 -47.73 -54.48
C THR J 857 28.10 -48.00 -55.60
N GLN J 858 28.36 -49.28 -55.90
CA GLN J 858 29.25 -49.60 -57.00
C GLN J 858 28.69 -49.12 -58.33
N LEU J 859 27.37 -49.27 -58.53
CA LEU J 859 26.77 -48.79 -59.77
C LEU J 859 26.91 -47.27 -59.90
N LEU J 860 26.64 -46.56 -58.82
CA LEU J 860 26.78 -45.10 -58.86
C LEU J 860 28.23 -44.71 -59.12
N SER J 861 29.18 -45.41 -58.50
CA SER J 861 30.58 -45.11 -58.73
C SER J 861 30.98 -45.36 -60.18
N HIS J 862 30.46 -46.44 -60.77
CA HIS J 862 30.73 -46.73 -62.18
C HIS J 862 30.16 -45.63 -63.08
N ILE J 863 28.95 -45.17 -62.75
CA ILE J 863 28.35 -44.07 -63.51
C ILE J 863 29.22 -42.83 -63.41
N GLU J 864 29.75 -42.55 -62.21
CA GLU J 864 30.64 -41.42 -62.04
C GLU J 864 31.90 -41.57 -62.89
N HIS J 865 32.46 -42.78 -62.95
CA HIS J 865 33.61 -43.01 -63.81
C HIS J 865 33.26 -42.75 -65.27
N GLU J 866 32.09 -43.20 -65.70
CA GLU J 866 31.68 -42.95 -67.09
C GLU J 866 31.58 -41.46 -67.37
N VAL J 867 30.98 -40.71 -66.45
CA VAL J 867 30.85 -39.27 -66.62
C VAL J 867 32.23 -38.63 -66.70
N LEU J 868 33.14 -39.06 -65.82
CA LEU J 868 34.49 -38.50 -65.83
C LEU J 868 35.22 -38.83 -67.13
N VAL J 869 35.00 -40.04 -67.66
CA VAL J 869 35.62 -40.42 -68.92
C VAL J 869 35.13 -39.52 -70.04
N ILE J 870 33.81 -39.28 -70.09
CA ILE J 870 33.28 -38.40 -71.12
C ILE J 870 33.85 -36.99 -70.95
N GLU J 871 33.97 -36.53 -69.71
CA GLU J 871 34.53 -35.20 -69.47
C GLU J 871 35.96 -35.10 -69.97
N GLU J 872 36.78 -36.11 -69.70
CA GLU J 872 38.18 -36.09 -70.15
C GLU J 872 38.26 -36.14 -71.67
N ARG J 873 37.41 -36.96 -72.30
CA ARG J 873 37.42 -37.04 -73.75
C ARG J 873 37.04 -35.69 -74.36
N LEU J 874 36.09 -34.99 -73.74
CA LEU J 874 35.79 -33.62 -74.17
C LEU J 874 36.96 -32.68 -73.88
N ASN J 875 37.72 -32.94 -72.81
CA ASN J 875 38.88 -32.11 -72.51
C ASN J 875 39.90 -32.18 -73.64
N GLU J 876 40.10 -33.38 -74.18
CA GLU J 876 40.98 -33.50 -75.34
C GLU J 876 40.53 -32.59 -76.48
N LEU J 877 39.22 -32.59 -76.78
CA LEU J 877 38.70 -31.74 -77.84
C LEU J 877 38.90 -30.27 -77.50
N ASN J 878 38.64 -29.88 -76.26
CA ASN J 878 38.86 -28.49 -75.86
C ASN J 878 40.31 -28.08 -76.13
N GLU J 879 41.25 -28.94 -75.79
CA GLU J 879 42.65 -28.64 -76.11
C GLU J 879 42.86 -28.50 -77.61
N THR J 880 42.24 -29.39 -78.40
CA THR J 880 42.35 -29.25 -79.85
C THR J 880 41.76 -27.92 -80.32
N MET J 881 40.67 -27.48 -79.68
CA MET J 881 39.93 -26.32 -80.16
C MET J 881 40.65 -25.02 -79.82
N PHE J 882 41.56 -25.05 -78.84
CA PHE J 882 42.30 -23.86 -78.47
C PHE J 882 43.18 -23.36 -79.62
N ARG J 883 43.53 -24.25 -80.55
CA ARG J 883 44.54 -23.90 -81.55
C ARG J 883 43.97 -22.99 -82.64
N VAL J 884 42.67 -23.05 -82.89
CA VAL J 884 42.08 -22.30 -84.00
C VAL J 884 41.41 -21.03 -83.45
N ASP J 885 41.09 -20.12 -84.37
CA ASP J 885 40.41 -18.88 -84.03
C ASP J 885 38.99 -18.93 -84.59
N PHE J 886 38.01 -18.99 -83.69
CA PHE J 886 36.61 -18.92 -84.10
C PHE J 886 36.26 -17.53 -84.62
N GLN J 887 36.94 -16.51 -84.13
CA GLN J 887 36.72 -15.13 -84.52
C GLN J 887 38.06 -14.41 -84.48
N PRO J 888 38.14 -13.11 -84.87
CA PRO J 888 39.43 -12.43 -84.91
C PRO J 888 40.34 -12.75 -83.73
N ASP J 889 39.83 -12.64 -82.51
CA ASP J 889 40.62 -12.95 -81.32
C ASP J 889 39.79 -13.73 -80.31
N ARG J 890 38.90 -14.60 -80.78
CA ARG J 890 38.13 -15.48 -79.91
C ARG J 890 38.36 -16.93 -80.32
N TYR J 891 38.63 -17.77 -79.32
CA TYR J 891 38.73 -19.21 -79.52
C TYR J 891 37.61 -19.90 -78.77
N LEU J 892 36.89 -20.77 -79.47
CA LEU J 892 35.71 -21.42 -78.93
C LEU J 892 36.11 -22.51 -77.93
N ARG J 893 35.14 -22.94 -77.14
CA ARG J 893 35.33 -24.02 -76.17
C ARG J 893 34.00 -24.64 -75.83
N LEU J 894 34.02 -25.92 -75.45
CA LEU J 894 32.84 -26.64 -75.00
C LEU J 894 32.90 -26.74 -73.48
N ASP J 895 31.84 -26.31 -72.81
CA ASP J 895 31.73 -26.42 -71.38
C ASP J 895 30.81 -27.59 -71.00
N THR J 896 30.57 -27.75 -69.70
CA THR J 896 29.67 -28.78 -69.21
C THR J 896 29.34 -28.51 -67.76
N LYS J 897 28.06 -28.65 -67.42
CA LYS J 897 27.58 -28.60 -66.06
C LYS J 897 27.07 -29.97 -65.65
N LYS J 898 26.90 -30.18 -64.35
CA LYS J 898 26.42 -31.46 -63.86
C LYS J 898 24.94 -31.37 -63.48
N VAL J 899 24.17 -32.35 -63.94
CA VAL J 899 22.72 -32.37 -63.74
C VAL J 899 22.42 -33.47 -62.73
N VAL J 900 22.09 -33.06 -61.51
CA VAL J 900 21.68 -33.99 -60.46
C VAL J 900 20.16 -34.09 -60.55
N HIS J 901 19.69 -35.05 -61.35
CA HIS J 901 18.26 -35.28 -61.46
C HIS J 901 17.68 -35.64 -60.10
N GLU J 902 16.42 -35.29 -59.89
CA GLU J 902 15.77 -35.55 -58.61
C GLU J 902 15.86 -37.02 -58.23
N SER J 903 15.88 -37.92 -59.23
CA SER J 903 15.94 -39.35 -58.92
C SER J 903 17.20 -39.69 -58.14
N LEU J 904 18.34 -39.13 -58.54
CA LEU J 904 19.58 -39.41 -57.83
C LEU J 904 19.53 -38.87 -56.40
N ARG J 905 18.96 -37.69 -56.20
CA ARG J 905 18.83 -37.16 -54.85
C ARG J 905 17.97 -38.07 -53.99
N THR J 906 16.85 -38.54 -54.54
CA THR J 906 15.98 -39.44 -53.79
C THR J 906 16.69 -40.75 -53.49
N LEU J 907 17.46 -41.27 -54.44
CA LEU J 907 18.19 -42.52 -54.20
C LEU J 907 19.23 -42.35 -53.10
N GLU J 908 19.94 -41.22 -53.11
CA GLU J 908 20.90 -40.94 -52.05
C GLU J 908 20.20 -40.84 -50.69
N LYS J 909 19.06 -40.17 -50.66
CA LYS J 909 18.30 -40.05 -49.41
C LYS J 909 17.87 -41.42 -48.91
N ALA J 910 17.39 -42.28 -49.82
CA ALA J 910 16.99 -43.62 -49.43
C ALA J 910 18.18 -44.42 -48.90
N GLN J 911 19.33 -44.31 -49.57
CA GLN J 911 20.52 -45.01 -49.10
C GLN J 911 20.93 -44.54 -47.72
N ARG J 912 20.89 -43.23 -47.48
CA ARG J 912 21.26 -42.70 -46.17
C ARG J 912 20.29 -43.18 -45.09
N GLN J 913 18.99 -43.11 -45.36
CA GLN J 913 18.01 -43.59 -44.38
C GLN J 913 18.17 -45.08 -44.14
N LEU J 914 18.56 -45.83 -45.17
CA LEU J 914 18.89 -47.24 -44.98
C LEU J 914 20.06 -47.40 -44.03
N ASN J 915 21.11 -46.62 -44.23
CA ASN J 915 22.25 -46.67 -43.31
C ASN J 915 21.80 -46.34 -41.90
N ALA J 916 20.78 -45.50 -41.75
CA ALA J 916 20.26 -45.17 -40.43
C ALA J 916 19.29 -46.23 -39.92
N ALA J 917 18.65 -46.97 -40.84
CA ALA J 917 17.60 -47.90 -40.45
C ALA J 917 18.15 -49.23 -39.93
N ARG J 918 19.36 -49.61 -40.34
CA ARG J 918 19.92 -50.88 -39.89
C ARG J 918 20.06 -50.95 -38.38
N PHE J 919 20.18 -49.81 -37.70
CA PHE J 919 20.53 -49.78 -36.28
C PHE J 919 19.33 -49.46 -35.40
N VAL J 920 18.11 -49.72 -35.87
CA VAL J 920 16.92 -49.73 -35.05
C VAL J 920 16.30 -51.12 -35.18
N ASP J 921 16.14 -51.80 -34.05
CA ASP J 921 15.83 -53.23 -34.03
C ASP J 921 14.35 -53.45 -33.84
N ASP J 922 13.69 -53.94 -34.88
CA ASP J 922 12.29 -54.37 -34.82
C ASP J 922 12.12 -55.67 -35.58
N ASN J 923 13.03 -56.63 -35.35
CA ASN J 923 13.12 -57.85 -36.14
C ASN J 923 13.62 -57.54 -37.55
N GLY J 924 14.37 -56.44 -37.69
CA GLY J 924 14.91 -56.04 -38.97
C GLY J 924 13.84 -55.63 -39.96
N GLU J 925 12.62 -55.37 -39.47
CA GLU J 925 11.54 -54.98 -40.35
C GLU J 925 11.80 -53.64 -41.00
N SER J 926 12.28 -52.66 -40.23
CA SER J 926 12.56 -51.34 -40.78
C SER J 926 13.68 -51.40 -41.80
N HIS J 927 14.73 -52.18 -41.52
CA HIS J 927 15.82 -52.32 -42.47
C HIS J 927 15.33 -52.91 -43.79
N TYR J 928 14.51 -53.95 -43.71
CA TYR J 928 13.98 -54.55 -44.93
C TYR J 928 13.07 -53.59 -45.68
N LYS J 929 12.26 -52.82 -44.95
CA LYS J 929 11.39 -51.86 -45.61
C LYS J 929 12.19 -50.79 -46.33
N ALA J 930 13.27 -50.32 -45.71
CA ALA J 930 14.14 -49.34 -46.35
C ALA J 930 14.81 -49.93 -47.59
N LEU J 931 15.29 -51.17 -47.49
CA LEU J 931 15.89 -51.80 -48.67
C LEU J 931 14.87 -51.97 -49.79
N GLN J 932 13.64 -52.34 -49.44
CA GLN J 932 12.59 -52.47 -50.45
C GLN J 932 12.31 -51.14 -51.12
N VAL J 933 12.22 -50.07 -50.33
CA VAL J 933 11.99 -48.74 -50.90
C VAL J 933 13.13 -48.39 -51.85
N LEU J 934 14.37 -48.65 -51.45
CA LEU J 934 15.51 -48.32 -52.29
C LEU J 934 15.49 -49.12 -53.59
N VAL J 935 15.15 -50.40 -53.51
CA VAL J 935 15.14 -51.25 -54.71
C VAL J 935 13.99 -50.86 -55.62
N ALA J 936 12.92 -50.31 -55.06
CA ALA J 936 11.76 -49.93 -55.86
C ALA J 936 12.12 -48.88 -56.90
N GLN J 937 12.93 -47.89 -56.51
CA GLN J 937 13.33 -46.86 -57.46
C GLN J 937 14.08 -47.47 -58.63
N LEU J 938 15.03 -48.36 -58.36
CA LEU J 938 15.79 -48.99 -59.42
C LEU J 938 14.88 -49.79 -60.34
N ARG J 939 13.96 -50.57 -59.76
CA ARG J 939 13.08 -51.39 -60.58
C ARG J 939 12.19 -50.52 -61.46
N ASP J 940 11.62 -49.46 -60.88
CA ASP J 940 10.75 -48.57 -61.65
C ASP J 940 11.53 -47.89 -62.77
N ALA J 941 12.75 -47.45 -62.49
CA ALA J 941 13.58 -46.86 -63.53
C ALA J 941 13.85 -47.85 -64.65
N CYS J 942 14.13 -49.11 -64.28
CA CYS J 942 14.33 -50.14 -65.29
C CYS J 942 13.09 -50.30 -66.16
N GLU J 943 11.91 -50.30 -65.54
CA GLU J 943 10.68 -50.48 -66.31
C GLU J 943 10.38 -49.29 -67.19
N ARG J 944 10.84 -48.09 -66.81
CA ARG J 944 10.57 -46.87 -67.56
C ARG J 944 11.87 -46.20 -68.03
N ASN J 945 12.79 -47.00 -68.58
CA ASN J 945 14.07 -46.46 -69.01
C ASN J 945 13.94 -45.41 -70.12
N ARG J 946 12.87 -45.47 -70.93
CA ARG J 946 12.76 -44.57 -72.06
C ARG J 946 12.44 -43.13 -71.64
N THR J 947 11.81 -42.93 -70.50
CA THR J 947 11.54 -41.59 -70.01
C THR J 947 12.83 -40.95 -69.50
N LEU J 948 12.97 -39.65 -69.76
CA LEU J 948 14.18 -38.95 -69.33
C LEU J 948 14.38 -39.00 -67.82
N GLY J 949 13.31 -39.21 -67.05
CA GLY J 949 13.45 -39.27 -65.62
C GLY J 949 14.43 -40.34 -65.17
N ALA J 950 14.36 -41.51 -65.78
CA ALA J 950 15.29 -42.59 -65.44
C ALA J 950 16.60 -42.46 -66.21
N LYS J 951 16.55 -41.83 -67.39
CA LYS J 951 17.76 -41.60 -68.15
C LYS J 951 18.75 -40.74 -67.37
N ALA J 952 18.22 -39.72 -66.69
CA ALA J 952 19.07 -38.84 -65.91
C ALA J 952 19.54 -39.45 -64.62
N LEU J 953 19.31 -40.75 -64.42
CA LEU J 953 19.81 -41.48 -63.26
C LEU J 953 20.69 -42.66 -63.64
N LEU J 954 20.36 -43.35 -64.73
CA LEU J 954 21.10 -44.55 -65.12
C LEU J 954 21.95 -44.36 -66.37
N ASP J 955 21.80 -43.25 -67.09
CA ASP J 955 22.55 -43.02 -68.32
C ASP J 955 23.65 -42.01 -68.10
N PRO J 956 24.93 -42.34 -68.33
CA PRO J 956 25.98 -41.33 -68.18
C PRO J 956 25.80 -40.13 -69.07
N ARG J 957 25.27 -40.32 -70.28
CA ARG J 957 25.17 -39.21 -71.23
C ARG J 957 24.24 -38.11 -70.74
N PHE J 958 23.31 -38.41 -69.84
CA PHE J 958 22.36 -37.42 -69.34
C PHE J 958 22.73 -36.85 -67.99
N ARG J 959 23.94 -37.14 -67.49
CA ARG J 959 24.37 -36.61 -66.21
C ARG J 959 25.04 -35.25 -66.33
N LEU J 960 25.13 -34.70 -67.53
CA LEU J 960 25.76 -33.40 -67.74
C LEU J 960 25.10 -32.70 -68.92
N GLU J 961 25.16 -31.37 -68.89
CA GLU J 961 24.50 -30.53 -69.89
C GLU J 961 25.53 -29.64 -70.57
N PHE J 962 25.53 -29.65 -71.89
CA PHE J 962 26.58 -29.04 -72.69
C PHE J 962 26.18 -27.64 -73.12
N ALA J 963 27.19 -26.81 -73.43
CA ALA J 963 26.96 -25.44 -73.84
C ALA J 963 28.21 -24.90 -74.53
N VAL J 964 28.06 -24.46 -75.77
CA VAL J 964 29.17 -23.85 -76.50
C VAL J 964 29.47 -22.50 -75.88
N SER J 965 30.75 -22.12 -75.84
CA SER J 965 31.19 -20.88 -75.22
C SER J 965 32.25 -20.22 -76.09
N VAL J 966 32.32 -18.89 -76.00
CA VAL J 966 33.32 -18.10 -76.71
C VAL J 966 34.28 -17.56 -75.67
N MET J 967 35.58 -17.81 -75.85
CA MET J 967 36.60 -17.37 -74.91
C MET J 967 37.45 -16.29 -75.57
N ASP J 968 37.74 -15.23 -74.82
CA ASP J 968 38.66 -14.19 -75.28
C ASP J 968 40.08 -14.73 -75.30
N ARG J 969 40.77 -14.53 -76.41
CA ARG J 969 42.13 -15.08 -76.56
C ARG J 969 43.07 -14.46 -75.53
N GLN J 970 42.99 -13.15 -75.33
CA GLN J 970 43.95 -12.47 -74.47
C GLN J 970 43.62 -12.66 -72.99
N SER J 971 42.47 -12.16 -72.56
CA SER J 971 42.09 -12.23 -71.15
C SER J 971 41.58 -13.59 -70.72
N GLY J 972 40.91 -14.32 -71.59
CA GLY J 972 40.30 -15.58 -71.23
C GLY J 972 38.90 -15.45 -70.66
N ASN J 973 38.36 -14.24 -70.58
CA ASN J 973 36.99 -14.06 -70.09
C ASN J 973 35.98 -14.52 -71.13
N VAL J 974 34.93 -15.19 -70.66
CA VAL J 974 33.88 -15.65 -71.55
C VAL J 974 33.05 -14.46 -72.00
N ILE J 975 32.62 -14.48 -73.26
CA ILE J 975 31.81 -13.42 -73.83
C ILE J 975 30.42 -13.91 -74.19
N GLU J 976 30.30 -15.13 -74.69
CA GLU J 976 29.06 -15.66 -75.21
C GLU J 976 28.92 -17.12 -74.80
N SER J 977 28.05 -17.40 -73.84
CA SER J 977 27.79 -18.75 -73.37
C SER J 977 26.68 -19.36 -74.21
N ARG J 978 26.93 -19.43 -75.51
CA ARG J 978 25.92 -19.87 -76.48
C ARG J 978 25.43 -21.26 -76.11
N THR J 979 24.15 -21.36 -75.76
CA THR J 979 23.55 -22.66 -75.47
C THR J 979 22.93 -23.30 -76.70
N GLY J 980 22.96 -22.63 -77.84
CA GLY J 980 22.32 -23.12 -79.04
C GLY J 980 22.65 -22.24 -80.24
N SER J 981 21.65 -21.91 -81.05
CA SER J 981 21.85 -20.90 -82.09
C SER J 981 20.66 -19.96 -82.19
N GLN J 982 19.77 -19.94 -81.20
CA GLN J 982 18.67 -18.99 -81.21
C GLN J 982 19.23 -17.58 -81.33
N GLY J 983 18.61 -16.79 -82.20
CA GLY J 983 19.21 -15.51 -82.52
C GLY J 983 20.30 -15.71 -83.56
N GLY J 984 21.32 -14.87 -83.47
CA GLY J 984 22.39 -14.92 -84.45
C GLY J 984 21.90 -14.50 -85.81
N SER J 985 22.82 -14.20 -86.72
CA SER J 985 22.47 -13.57 -87.98
C SER J 985 22.31 -14.54 -89.14
N GLY J 986 22.78 -15.78 -89.00
CA GLY J 986 22.92 -16.64 -90.16
C GLY J 986 24.25 -16.35 -90.79
N GLY J 987 25.03 -17.38 -91.08
CA GLY J 987 26.44 -17.19 -91.33
C GLY J 987 27.15 -17.12 -89.99
N GLU J 988 26.69 -16.21 -89.12
CA GLU J 988 27.02 -16.31 -87.71
C GLU J 988 26.39 -17.57 -87.10
N LYS J 989 25.21 -17.94 -87.58
CA LYS J 989 24.60 -19.21 -87.20
C LYS J 989 25.32 -20.38 -87.85
N GLU J 990 25.66 -20.23 -89.13
CA GLU J 990 26.30 -21.31 -89.87
C GLU J 990 27.66 -21.65 -89.27
N ILE J 991 28.44 -20.65 -88.88
CA ILE J 991 29.76 -20.93 -88.30
C ILE J 991 29.61 -21.67 -86.99
N ILE J 992 28.66 -21.28 -86.15
CA ILE J 992 28.42 -22.00 -84.91
C ILE J 992 28.11 -23.45 -85.22
N ALA J 993 27.17 -23.68 -86.13
CA ALA J 993 26.76 -25.05 -86.45
C ALA J 993 27.95 -25.85 -86.97
N SER J 994 28.70 -25.29 -87.91
CA SER J 994 29.80 -26.03 -88.52
C SER J 994 30.88 -26.34 -87.50
N TYR J 995 31.31 -25.34 -86.72
CA TYR J 995 32.33 -25.57 -85.72
C TYR J 995 31.91 -26.69 -84.77
N VAL J 996 30.71 -26.59 -84.19
CA VAL J 996 30.32 -27.55 -83.17
C VAL J 996 30.16 -28.94 -83.79
N LEU J 997 29.62 -29.01 -85.01
CA LEU J 997 29.37 -30.31 -85.61
C LEU J 997 30.67 -30.99 -86.02
N THR J 998 31.62 -30.21 -86.56
CA THR J 998 32.92 -30.79 -86.87
C THR J 998 33.62 -31.28 -85.62
N ALA J 999 33.52 -30.51 -84.53
CA ALA J 999 34.09 -30.97 -83.26
C ALA J 999 33.48 -32.29 -82.82
N SER J 1000 32.14 -32.37 -82.85
CA SER J 1000 31.49 -33.61 -82.44
C SER J 1000 31.83 -34.77 -83.38
N LEU J 1001 31.98 -34.48 -84.67
CA LEU J 1001 32.37 -35.52 -85.62
C LEU J 1001 33.76 -36.04 -85.32
N SER J 1002 34.70 -35.15 -85.01
CA SER J 1002 36.03 -35.60 -84.64
C SER J 1002 35.99 -36.44 -83.37
N TYR J 1003 35.16 -36.04 -82.40
CA TYR J 1003 34.96 -36.86 -81.20
C TYR J 1003 34.48 -38.26 -81.57
N ALA J 1004 33.39 -38.33 -82.35
CA ALA J 1004 32.77 -39.62 -82.62
C ALA J 1004 33.69 -40.53 -83.42
N LEU J 1005 34.34 -39.99 -84.46
CA LEU J 1005 35.14 -40.81 -85.36
C LEU J 1005 36.46 -41.25 -84.75
N CYS J 1006 36.92 -40.57 -83.69
CA CYS J 1006 38.20 -40.90 -83.08
C CYS J 1006 38.00 -41.89 -81.95
N PRO J 1007 38.75 -43.00 -81.91
CA PRO J 1007 38.79 -43.79 -80.67
C PRO J 1007 39.40 -42.99 -79.54
N ALA J 1008 39.25 -43.46 -78.30
CA ALA J 1008 39.79 -42.74 -77.16
C ALA J 1008 41.30 -42.63 -77.27
N GLY J 1009 41.82 -41.41 -77.08
CA GLY J 1009 43.24 -41.16 -77.09
C GLY J 1009 43.87 -41.06 -78.46
N SER J 1010 43.09 -41.13 -79.54
CA SER J 1010 43.64 -41.05 -80.88
C SER J 1010 43.50 -39.62 -81.41
N ARG J 1011 44.63 -39.03 -81.81
CA ARG J 1011 44.59 -37.67 -82.35
C ARG J 1011 44.06 -37.65 -83.78
N TYR J 1012 44.28 -38.71 -84.53
CA TYR J 1012 43.89 -38.78 -85.93
C TYR J 1012 42.75 -39.76 -86.11
N PRO J 1013 41.56 -39.30 -86.53
CA PRO J 1013 40.48 -40.27 -86.79
C PRO J 1013 40.83 -41.19 -87.94
N LEU J 1014 40.39 -42.44 -87.82
CA LEU J 1014 40.72 -43.42 -88.86
C LEU J 1014 39.95 -43.12 -90.15
N PHE J 1015 38.79 -42.47 -90.04
CA PHE J 1015 38.08 -41.92 -91.19
C PHE J 1015 38.19 -40.40 -91.09
N GLY J 1016 38.58 -39.76 -92.20
CA GLY J 1016 38.95 -38.36 -92.15
C GLY J 1016 38.14 -37.42 -93.03
N THR J 1017 37.25 -37.95 -93.86
CA THR J 1017 36.55 -37.14 -94.84
C THR J 1017 35.23 -36.61 -94.29
N ILE J 1018 34.87 -35.41 -94.72
CA ILE J 1018 33.61 -34.76 -94.34
C ILE J 1018 33.02 -34.13 -95.59
N ILE J 1019 31.69 -34.08 -95.67
CA ILE J 1019 30.98 -33.52 -96.81
C ILE J 1019 30.20 -32.30 -96.34
N LEU J 1020 30.16 -31.27 -97.17
CA LEU J 1020 29.50 -30.01 -96.83
C LEU J 1020 28.69 -29.53 -98.03
N ASP J 1021 27.42 -29.93 -98.10
CA ASP J 1021 26.54 -29.44 -99.15
C ASP J 1021 26.12 -28.00 -98.87
N GLU J 1022 25.94 -27.23 -99.94
CA GLU J 1022 25.60 -25.81 -99.84
C GLU J 1022 26.56 -25.10 -98.91
N ALA J 1023 27.83 -25.48 -98.99
CA ALA J 1023 28.84 -24.91 -98.12
C ALA J 1023 28.90 -23.41 -98.30
N PHE J 1024 28.93 -22.69 -97.17
CA PHE J 1024 29.07 -21.23 -97.15
C PHE J 1024 27.95 -20.54 -97.91
N SER J 1025 26.82 -21.23 -98.12
CA SER J 1025 25.74 -20.66 -98.92
C SER J 1025 25.20 -19.35 -98.34
N ARG J 1026 25.37 -19.14 -97.04
CA ARG J 1026 24.93 -17.90 -96.39
C ARG J 1026 25.98 -17.38 -95.43
N SER J 1027 27.25 -17.40 -95.84
CA SER J 1027 28.35 -16.90 -95.03
C SER J 1027 29.25 -16.04 -95.90
N SER J 1028 29.89 -15.05 -95.28
CA SER J 1028 30.82 -14.19 -95.99
C SER J 1028 32.17 -14.88 -96.14
N HIS J 1029 33.01 -14.31 -97.01
CA HIS J 1029 34.33 -14.90 -97.23
C HIS J 1029 35.11 -15.01 -95.94
N ALA J 1030 35.04 -13.97 -95.10
CA ALA J 1030 35.78 -13.98 -93.84
C ALA J 1030 35.34 -15.10 -92.92
N VAL J 1031 34.07 -15.50 -93.00
CA VAL J 1031 33.56 -16.54 -92.11
C VAL J 1031 33.89 -17.93 -92.66
N ALA J 1032 33.67 -18.13 -93.97
CA ALA J 1032 34.00 -19.40 -94.58
C ALA J 1032 35.48 -19.69 -94.48
N GLY J 1033 36.32 -18.66 -94.52
CA GLY J 1033 37.74 -18.86 -94.34
C GLY J 1033 38.06 -19.48 -93.00
N ARG J 1034 37.48 -18.95 -91.93
CA ARG J 1034 37.72 -19.51 -90.60
C ARG J 1034 37.06 -20.88 -90.46
N ILE J 1035 35.95 -21.12 -91.15
CA ILE J 1035 35.36 -22.46 -91.13
C ILE J 1035 36.33 -23.46 -91.73
N ILE J 1036 36.92 -23.12 -92.88
CA ILE J 1036 37.90 -24.01 -93.51
C ILE J 1036 39.12 -24.16 -92.62
N ALA J 1037 39.51 -23.09 -91.93
CA ALA J 1037 40.65 -23.18 -91.01
C ALA J 1037 40.37 -24.17 -89.89
N ALA J 1038 39.15 -24.13 -89.33
CA ALA J 1038 38.79 -25.09 -88.29
C ALA J 1038 38.77 -26.51 -88.84
N LEU J 1039 38.25 -26.69 -90.04
CA LEU J 1039 38.26 -28.02 -90.64
C LEU J 1039 39.68 -28.53 -90.79
N ARG J 1040 40.59 -27.66 -91.24
CA ARG J 1040 41.99 -28.04 -91.36
C ARG J 1040 42.58 -28.39 -89.99
N GLU J 1041 42.27 -27.59 -88.97
CA GLU J 1041 42.82 -27.85 -87.64
C GLU J 1041 42.37 -29.20 -87.11
N PHE J 1042 41.09 -29.54 -87.25
CA PHE J 1042 40.64 -30.87 -86.89
C PHE J 1042 41.26 -31.94 -87.76
N GLY J 1043 41.79 -31.58 -88.93
CA GLY J 1043 42.50 -32.51 -89.77
C GLY J 1043 41.66 -33.23 -90.80
N LEU J 1044 40.42 -32.82 -91.02
CA LEU J 1044 39.54 -33.51 -91.94
C LEU J 1044 39.74 -33.00 -93.37
N HIS J 1045 39.51 -33.89 -94.33
CA HIS J 1045 39.59 -33.54 -95.74
C HIS J 1045 38.18 -33.18 -96.21
N ALA J 1046 38.01 -31.93 -96.65
CA ALA J 1046 36.69 -31.35 -96.86
C ALA J 1046 36.28 -31.46 -98.33
N VAL J 1047 35.08 -31.96 -98.57
CA VAL J 1047 34.47 -31.98 -99.88
C VAL J 1047 33.38 -30.93 -99.89
N PHE J 1048 33.62 -29.82 -100.58
CA PHE J 1048 32.67 -28.71 -100.63
C PHE J 1048 31.79 -28.83 -101.86
N ILE J 1049 30.54 -28.40 -101.73
CA ILE J 1049 29.60 -28.29 -102.84
C ILE J 1049 29.06 -26.87 -102.85
N THR J 1050 29.02 -26.25 -104.03
CA THR J 1050 28.53 -24.89 -104.15
C THR J 1050 27.97 -24.67 -105.56
N PRO J 1051 26.89 -23.88 -105.70
CA PRO J 1051 26.40 -23.54 -107.04
C PRO J 1051 27.17 -22.39 -107.67
N ASN J 1052 28.47 -22.59 -107.84
CA ASN J 1052 29.36 -21.63 -108.48
C ASN J 1052 29.54 -20.36 -107.67
N LYS J 1053 29.25 -20.41 -106.36
CA LYS J 1053 29.35 -19.26 -105.48
C LYS J 1053 30.63 -19.31 -104.67
N GLU J 1054 31.09 -18.13 -104.25
CA GLU J 1054 32.31 -18.03 -103.45
C GLU J 1054 33.44 -18.82 -104.10
N MET J 1055 33.51 -18.78 -105.44
CA MET J 1055 34.43 -19.65 -106.16
C MET J 1055 35.86 -19.18 -105.95
N ARG J 1056 36.05 -17.85 -105.78
CA ARG J 1056 37.37 -17.33 -105.45
C ARG J 1056 37.89 -17.91 -104.14
N LEU J 1057 37.00 -18.28 -103.22
CA LEU J 1057 37.42 -18.79 -101.92
C LEU J 1057 37.94 -20.22 -102.04
N LEU J 1058 37.18 -21.10 -102.67
CA LEU J 1058 37.64 -22.48 -102.84
C LEU J 1058 38.92 -22.51 -103.66
N ARG J 1059 39.10 -21.52 -104.53
CA ARG J 1059 40.32 -21.44 -105.34
C ARG J 1059 41.56 -21.42 -104.46
N ASP J 1060 41.45 -20.87 -103.25
CA ASP J 1060 42.58 -20.75 -102.35
C ASP J 1060 42.77 -21.97 -101.47
N HIS J 1061 41.72 -22.77 -101.23
CA HIS J 1061 41.80 -23.85 -100.26
C HIS J 1061 41.40 -25.21 -100.84
N THR J 1062 41.43 -25.36 -102.16
CA THR J 1062 41.20 -26.65 -102.81
C THR J 1062 42.15 -26.78 -103.99
N ARG J 1063 42.32 -28.03 -104.45
CA ARG J 1063 43.24 -28.33 -105.54
C ARG J 1063 42.61 -29.14 -106.66
N SER J 1064 41.28 -29.29 -106.68
CA SER J 1064 40.61 -29.97 -107.77
C SER J 1064 39.13 -29.61 -107.74
N ALA J 1065 38.49 -29.72 -108.90
CA ALA J 1065 37.08 -29.42 -109.03
C ALA J 1065 36.42 -30.41 -109.96
N ILE J 1066 35.18 -30.77 -109.64
CA ILE J 1066 34.37 -31.68 -110.44
C ILE J 1066 33.17 -30.91 -110.96
N VAL J 1067 33.14 -30.65 -112.25
CA VAL J 1067 32.06 -29.89 -112.86
C VAL J 1067 30.89 -30.83 -113.14
N VAL J 1068 29.68 -30.38 -112.82
CA VAL J 1068 28.46 -31.13 -113.07
C VAL J 1068 27.49 -30.19 -113.78
N HIS J 1069 26.71 -30.76 -114.70
CA HIS J 1069 25.81 -29.97 -115.54
C HIS J 1069 24.68 -30.88 -116.02
N ARG J 1070 23.64 -30.26 -116.58
CA ARG J 1070 22.47 -30.98 -117.06
C ARG J 1070 22.12 -30.55 -118.47
N ARG J 1071 21.81 -31.52 -119.31
CA ARG J 1071 21.19 -31.27 -120.62
C ARG J 1071 20.07 -32.27 -120.81
N GLY J 1072 18.88 -31.77 -121.14
CA GLY J 1072 17.73 -32.66 -121.28
C GLY J 1072 17.48 -33.43 -120.01
N GLN J 1073 17.21 -34.73 -120.15
CA GLN J 1073 16.99 -35.62 -119.02
C GLN J 1073 18.25 -36.38 -118.61
N ASN J 1074 19.43 -35.84 -118.90
CA ASN J 1074 20.68 -36.54 -118.65
C ASN J 1074 21.71 -35.59 -118.06
N SER J 1075 22.71 -36.17 -117.41
CA SER J 1075 23.80 -35.42 -116.79
C SER J 1075 25.05 -36.28 -116.69
N ASN J 1076 26.18 -35.61 -116.45
CA ASN J 1076 27.46 -36.29 -116.32
C ASN J 1076 28.38 -35.40 -115.48
N MET J 1077 29.67 -35.74 -115.49
CA MET J 1077 30.66 -34.97 -114.77
C MET J 1077 31.98 -35.00 -115.53
N ALA J 1078 32.85 -34.04 -115.21
CA ALA J 1078 34.20 -33.99 -115.75
C ALA J 1078 35.13 -33.54 -114.64
N SER J 1079 36.38 -34.00 -114.70
CA SER J 1079 37.32 -33.75 -113.61
C SER J 1079 38.31 -32.66 -114.01
N LEU J 1080 38.69 -31.86 -113.02
CA LEU J 1080 39.64 -30.78 -113.20
C LEU J 1080 40.56 -30.74 -112.00
N SER J 1081 41.73 -30.14 -112.19
CA SER J 1081 42.72 -30.03 -111.13
C SER J 1081 43.61 -28.82 -111.38
N TRP J 1082 44.29 -28.39 -110.33
CA TRP J 1082 45.28 -27.33 -110.44
C TRP J 1082 46.25 -27.45 -109.27
N GLU J 1083 47.39 -26.80 -109.40
CA GLU J 1083 48.43 -26.86 -108.38
C GLU J 1083 49.30 -25.62 -108.45
N GLU J 1084 50.18 -25.49 -107.46
CA GLU J 1084 51.07 -24.34 -107.39
C GLU J 1084 52.43 -24.71 -107.99
N LEU J 1085 52.90 -23.89 -108.93
CA LEU J 1085 54.19 -24.10 -109.59
C LEU J 1085 55.33 -23.73 -108.64
N GLU J 1086 55.43 -24.47 -107.54
CA GLU J 1086 56.20 -24.04 -106.39
C GLU J 1086 57.70 -23.97 -106.67
N ARG J 1087 58.16 -24.51 -107.79
CA ARG J 1087 59.60 -24.53 -108.05
C ARG J 1087 60.21 -23.14 -107.93
N HIS J 1088 59.59 -22.15 -108.57
CA HIS J 1088 60.08 -20.78 -108.48
C HIS J 1088 59.11 -19.83 -109.16
N TYR J 1089 58.93 -18.65 -108.57
CA TYR J 1089 58.28 -17.54 -109.29
C TYR J 1089 59.02 -17.23 -110.58
N GLN J 1090 60.34 -17.10 -110.50
CA GLN J 1090 61.18 -16.80 -111.63
C GLN J 1090 62.59 -17.25 -111.30
N ARG J 1091 63.28 -17.83 -112.27
CA ARG J 1091 64.53 -18.52 -111.99
C ARG J 1091 65.63 -17.52 -111.65
N ARG J 1092 66.18 -17.65 -110.45
CA ARG J 1092 67.36 -16.89 -110.03
C ARG J 1092 67.14 -15.38 -110.20
N GLY J 1093 65.94 -14.91 -109.88
CA GLY J 1093 65.66 -13.49 -109.97
C GLY J 1093 66.06 -12.72 -108.72
N ASN J 1094 66.02 -11.40 -108.83
CA ASN J 1094 66.33 -10.51 -107.72
C ASN J 1094 65.04 -10.25 -106.96
N ALA J 1095 64.84 -11.01 -105.88
CA ALA J 1095 63.63 -10.89 -105.08
C ALA J 1095 63.80 -11.58 -103.72
#